data_7BV9
#
_entry.id   7BV9
#
_entity_poly.entity_id   1
_entity_poly.type   'polypeptide(L)'
_entity_poly.pdbx_seq_one_letter_code
;LPEQVAPESRNRIRVRQDLASLPAELINQIGNRCHPKLYDEGDPSEKLELVTGTNVYITRAQLMNCHVSAGTRHKVLLRR
LLASFFDRNTLANSCGTGIRSSTNDPRRKPLDSRVLHAVKYYCQNFAPNFKESEMNAIAADMCTNARRVVRKSWMPKVKV
LKAE
;
_entity_poly.pdbx_strand_id   A
#
# COMPACT_ATOMS: atom_id res chain seq x y z
N LEU A 1 -3.34 13.40 -18.55
CA LEU A 1 -3.05 12.12 -17.83
C LEU A 1 -3.17 12.34 -16.32
N PRO A 2 -4.23 11.84 -15.65
CA PRO A 2 -4.39 11.98 -14.20
C PRO A 2 -3.35 11.15 -13.43
N GLU A 3 -2.79 11.73 -12.37
CA GLU A 3 -1.66 11.18 -11.60
C GLU A 3 -1.75 11.54 -10.09
N GLN A 4 -1.13 10.73 -9.23
CA GLN A 4 -0.94 11.01 -7.81
C GLN A 4 0.32 11.85 -7.56
N VAL A 5 0.29 12.72 -6.53
CA VAL A 5 1.40 13.63 -6.17
C VAL A 5 2.32 12.99 -5.13
N ALA A 6 3.63 13.13 -5.29
CA ALA A 6 4.65 12.59 -4.38
C ALA A 6 4.72 13.35 -3.03
N PRO A 7 5.09 12.68 -1.92
CA PRO A 7 5.13 13.31 -0.59
C PRO A 7 6.36 14.19 -0.35
N GLU A 8 7.45 13.99 -1.11
CA GLU A 8 8.73 14.71 -1.01
C GLU A 8 9.34 14.76 0.41
N SER A 9 9.05 13.75 1.23
CA SER A 9 9.40 13.66 2.67
C SER A 9 10.73 12.97 2.98
N ARG A 10 11.48 12.55 1.94
CA ARG A 10 12.71 11.74 2.02
C ARG A 10 13.86 12.31 1.16
N ASN A 11 15.05 11.74 1.33
CA ASN A 11 16.24 12.03 0.52
C ASN A 11 16.04 11.58 -0.96
N ARG A 12 16.92 12.05 -1.86
CA ARG A 12 16.87 11.81 -3.31
C ARG A 12 17.39 10.42 -3.71
N ILE A 13 16.65 9.38 -3.34
CA ILE A 13 16.95 7.96 -3.63
C ILE A 13 16.99 7.71 -5.15
N ARG A 14 17.99 6.97 -5.63
CA ARG A 14 18.16 6.64 -7.06
C ARG A 14 17.15 5.59 -7.51
N VAL A 15 16.22 6.00 -8.37
CA VAL A 15 15.07 5.21 -8.86
C VAL A 15 14.76 5.46 -10.35
N ARG A 16 15.75 5.98 -11.10
CA ARG A 16 15.62 6.47 -12.49
C ARG A 16 15.63 5.35 -13.54
N GLN A 17 14.69 4.42 -13.41
CA GLN A 17 14.38 3.37 -14.39
C GLN A 17 13.64 3.92 -15.64
N ASP A 18 13.31 3.03 -16.58
CA ASP A 18 12.41 3.31 -17.72
C ASP A 18 10.93 3.46 -17.28
N LEU A 19 10.00 3.39 -18.25
CA LEU A 19 8.56 3.64 -18.08
C LEU A 19 7.89 2.73 -17.04
N ALA A 20 8.43 1.52 -16.86
CA ALA A 20 7.94 0.45 -15.99
C ALA A 20 9.08 -0.51 -15.58
N SER A 21 8.72 -1.76 -15.30
CA SER A 21 9.58 -2.94 -15.10
C SER A 21 10.25 -3.02 -13.72
N LEU A 22 9.67 -3.87 -12.89
CA LEU A 22 10.22 -4.30 -11.61
C LEU A 22 11.55 -5.07 -11.83
N PRO A 23 12.51 -5.00 -10.89
CA PRO A 23 13.79 -5.68 -11.05
C PRO A 23 13.66 -7.20 -10.89
N ALA A 24 14.63 -7.95 -11.43
CA ALA A 24 14.59 -9.41 -11.54
C ALA A 24 14.40 -10.09 -10.17
N GLU A 25 14.97 -9.50 -9.12
CA GLU A 25 14.79 -9.91 -7.72
C GLU A 25 13.34 -9.94 -7.21
N LEU A 26 12.40 -9.16 -7.76
CA LEU A 26 10.98 -9.21 -7.40
C LEU A 26 10.24 -10.21 -8.28
N ILE A 27 10.63 -10.24 -9.56
CA ILE A 27 10.22 -11.24 -10.55
C ILE A 27 10.50 -12.66 -10.03
N ASN A 28 11.57 -12.84 -9.24
CA ASN A 28 11.94 -14.13 -8.64
C ASN A 28 10.95 -14.59 -7.54
N GLN A 29 10.06 -13.72 -7.06
CA GLN A 29 9.19 -13.94 -5.91
C GLN A 29 7.71 -13.96 -6.30
N ILE A 30 7.35 -13.20 -7.35
CA ILE A 30 6.00 -13.17 -7.91
C ILE A 30 5.78 -14.31 -8.92
N GLY A 31 6.48 -14.31 -10.06
CA GLY A 31 6.52 -15.39 -11.06
C GLY A 31 5.19 -15.83 -11.71
N ASN A 32 4.05 -15.28 -11.27
CA ASN A 32 2.69 -15.70 -11.61
C ASN A 32 1.83 -14.54 -12.18
N ARG A 33 2.50 -13.48 -12.68
CA ARG A 33 1.89 -12.27 -13.27
C ARG A 33 1.00 -11.52 -12.29
N CYS A 34 1.62 -11.11 -11.18
CA CYS A 34 1.06 -10.20 -10.18
C CYS A 34 0.95 -8.78 -10.76
N HIS A 35 -0.17 -8.49 -11.44
CA HIS A 35 -0.46 -7.23 -12.13
C HIS A 35 0.63 -6.83 -13.16
N PRO A 36 0.69 -7.49 -14.33
CA PRO A 36 1.79 -7.38 -15.30
C PRO A 36 1.96 -6.00 -15.97
N LYS A 37 1.10 -5.03 -15.67
CA LYS A 37 1.27 -3.60 -16.02
C LYS A 37 2.51 -2.97 -15.40
N LEU A 38 3.02 -3.57 -14.33
CA LEU A 38 4.29 -3.24 -13.71
C LEU A 38 5.49 -3.87 -14.44
N TYR A 39 5.25 -4.73 -15.43
CA TYR A 39 6.26 -5.23 -16.36
C TYR A 39 6.11 -4.58 -17.75
N ASP A 40 4.88 -4.20 -18.13
CA ASP A 40 4.56 -3.62 -19.44
C ASP A 40 4.85 -2.11 -19.51
N GLU A 41 5.56 -1.70 -20.55
CA GLU A 41 5.90 -0.28 -20.77
C GLU A 41 4.65 0.58 -21.08
N GLY A 42 4.42 1.59 -20.25
CA GLY A 42 3.39 2.62 -20.41
C GLY A 42 3.97 4.00 -20.10
N ASP A 43 3.62 4.56 -18.94
CA ASP A 43 4.25 5.76 -18.38
C ASP A 43 4.27 5.68 -16.83
N PRO A 44 5.26 6.25 -16.12
CA PRO A 44 5.30 6.23 -14.66
C PRO A 44 4.14 6.99 -13.99
N SER A 45 3.62 8.04 -14.61
CA SER A 45 2.50 8.85 -14.09
C SER A 45 1.12 8.28 -14.41
N GLU A 46 1.03 7.24 -15.24
CA GLU A 46 -0.23 6.58 -15.61
C GLU A 46 -0.86 5.83 -14.42
N LYS A 47 -2.15 6.07 -14.13
CA LYS A 47 -2.91 5.28 -13.17
C LYS A 47 -3.27 3.89 -13.72
N LEU A 48 -3.23 2.89 -12.83
CA LEU A 48 -3.48 1.48 -13.09
C LEU A 48 -4.57 0.98 -12.14
N GLU A 49 -5.55 0.23 -12.65
CA GLU A 49 -6.56 -0.41 -11.82
C GLU A 49 -5.93 -1.56 -11.01
N LEU A 50 -5.91 -1.44 -9.68
CA LEU A 50 -5.24 -2.40 -8.79
C LEU A 50 -5.85 -3.81 -8.88
N VAL A 51 -7.18 -3.88 -8.91
CA VAL A 51 -7.98 -5.11 -8.98
C VAL A 51 -9.16 -4.87 -9.93
N THR A 52 -9.37 -5.77 -10.89
CA THR A 52 -10.41 -5.63 -11.91
C THR A 52 -11.81 -5.47 -11.29
N GLY A 53 -12.63 -4.58 -11.88
CA GLY A 53 -13.99 -4.27 -11.45
C GLY A 53 -14.12 -3.43 -10.17
N THR A 54 -13.08 -3.35 -9.32
CA THR A 54 -13.11 -2.50 -8.12
C THR A 54 -13.05 -1.00 -8.46
N ASN A 55 -12.52 -0.65 -9.64
CA ASN A 55 -12.26 0.72 -10.10
C ASN A 55 -11.37 1.52 -9.10
N VAL A 56 -10.41 0.85 -8.46
CA VAL A 56 -9.44 1.43 -7.52
C VAL A 56 -8.12 1.66 -8.25
N TYR A 57 -7.76 2.93 -8.48
CA TYR A 57 -6.64 3.33 -9.34
C TYR A 57 -5.45 3.92 -8.58
N ILE A 58 -4.25 3.36 -8.80
CA ILE A 58 -2.96 3.81 -8.26
C ILE A 58 -1.98 4.13 -9.39
N THR A 59 -1.20 5.21 -9.25
CA THR A 59 -0.17 5.61 -10.23
C THR A 59 0.95 4.57 -10.32
N ARG A 60 1.42 4.22 -11.53
CA ARG A 60 2.48 3.21 -11.76
C ARG A 60 3.72 3.47 -10.90
N ALA A 61 4.20 4.71 -10.83
CA ALA A 61 5.35 5.10 -10.01
C ALA A 61 5.13 4.87 -8.50
N GLN A 62 3.90 4.95 -8.01
CA GLN A 62 3.55 4.66 -6.62
C GLN A 62 3.50 3.14 -6.35
N LEU A 63 3.04 2.34 -7.33
CA LEU A 63 3.11 0.87 -7.22
C LEU A 63 4.55 0.35 -7.35
N MET A 64 5.35 0.97 -8.23
CA MET A 64 6.80 0.74 -8.33
C MET A 64 7.48 1.01 -6.98
N ASN A 65 7.19 2.17 -6.36
CA ASN A 65 7.70 2.52 -5.04
C ASN A 65 7.27 1.50 -3.96
N CYS A 66 5.99 1.12 -3.90
CA CYS A 66 5.50 0.08 -3.00
C CYS A 66 6.30 -1.23 -3.18
N HIS A 67 6.53 -1.66 -4.42
CA HIS A 67 7.24 -2.91 -4.73
C HIS A 67 8.73 -2.88 -4.41
N VAL A 68 9.47 -1.78 -4.64
CA VAL A 68 10.91 -1.73 -4.30
C VAL A 68 11.14 -1.60 -2.79
N SER A 69 10.23 -0.94 -2.08
CA SER A 69 10.29 -0.66 -0.64
C SER A 69 9.89 -1.86 0.23
N ALA A 70 8.99 -2.70 -0.28
CA ALA A 70 8.41 -3.85 0.40
C ALA A 70 8.76 -5.19 -0.29
N GLY A 71 9.73 -5.18 -1.21
CA GLY A 71 10.02 -6.29 -2.13
C GLY A 71 10.21 -7.70 -1.53
N THR A 72 10.49 -7.82 -0.23
CA THR A 72 10.60 -9.09 0.52
C THR A 72 9.71 -9.19 1.76
N ARG A 73 8.88 -8.17 2.02
CA ARG A 73 7.99 -8.07 3.20
C ARG A 73 6.53 -7.77 2.82
N HIS A 74 5.65 -8.77 2.84
CA HIS A 74 4.26 -8.62 2.37
C HIS A 74 3.38 -7.72 3.28
N LYS A 75 3.70 -7.61 4.58
CA LYS A 75 3.01 -6.69 5.49
C LYS A 75 3.49 -5.24 5.38
N VAL A 76 4.71 -5.01 4.88
CA VAL A 76 5.17 -3.68 4.47
C VAL A 76 4.41 -3.26 3.22
N LEU A 77 4.24 -4.17 2.24
CA LEU A 77 3.49 -3.88 1.02
C LEU A 77 2.05 -3.44 1.35
N LEU A 78 1.38 -4.16 2.26
CA LEU A 78 0.06 -3.78 2.75
C LEU A 78 0.05 -2.34 3.32
N ARG A 79 0.96 -2.00 4.23
CA ARG A 79 1.10 -0.64 4.81
C ARG A 79 1.31 0.43 3.73
N ARG A 80 2.30 0.23 2.85
CA ARG A 80 2.66 1.14 1.74
C ARG A 80 1.47 1.37 0.80
N LEU A 81 0.81 0.29 0.37
CA LEU A 81 -0.29 0.33 -0.58
C LEU A 81 -1.57 0.94 0.01
N LEU A 82 -1.88 0.69 1.28
CA LEU A 82 -3.02 1.29 1.97
C LEU A 82 -2.85 2.80 2.17
N ALA A 83 -1.68 3.21 2.65
CA ALA A 83 -1.29 4.62 2.77
C ALA A 83 -1.22 5.35 1.41
N SER A 84 -1.16 4.63 0.29
CA SER A 84 -1.25 5.18 -1.08
C SER A 84 -2.69 5.46 -1.54
N PHE A 85 -3.70 5.13 -0.72
CA PHE A 85 -5.11 5.52 -0.93
C PHE A 85 -5.64 6.37 0.24
N PHE A 86 -5.41 5.96 1.49
CA PHE A 86 -5.76 6.73 2.70
C PHE A 86 -4.69 7.79 3.01
N ASP A 87 -4.55 8.75 2.09
CA ASP A 87 -3.57 9.85 2.16
C ASP A 87 -4.03 10.99 3.10
N ARG A 88 -5.35 11.12 3.29
CA ARG A 88 -6.00 12.17 4.08
C ARG A 88 -6.29 11.69 5.51
N ASN A 89 -6.97 12.50 6.31
CA ASN A 89 -7.28 12.21 7.72
C ASN A 89 -8.40 11.16 7.92
N THR A 90 -8.86 10.49 6.86
CA THR A 90 -9.84 9.39 6.91
C THR A 90 -9.44 8.28 7.88
N LEU A 91 -8.20 7.78 7.79
CA LEU A 91 -7.66 6.73 8.67
C LEU A 91 -7.21 7.27 10.05
N ALA A 92 -7.03 8.58 10.18
CA ALA A 92 -6.76 9.24 11.46
C ALA A 92 -8.04 9.38 12.32
N ASN A 93 -9.19 9.63 11.68
CA ASN A 93 -10.50 9.69 12.32
C ASN A 93 -11.07 8.30 12.61
N SER A 94 -11.11 7.41 11.60
CA SER A 94 -11.82 6.13 11.65
C SER A 94 -10.92 4.94 12.00
N CYS A 95 -11.42 4.03 12.82
CA CYS A 95 -10.70 2.92 13.46
C CYS A 95 -10.32 1.73 12.53
N GLY A 96 -9.94 2.01 11.28
CA GLY A 96 -9.60 1.02 10.27
C GLY A 96 -10.78 0.22 9.70
N THR A 97 -10.46 -0.85 8.99
CA THR A 97 -11.41 -1.77 8.36
C THR A 97 -12.35 -2.42 9.38
N GLY A 98 -13.61 -2.58 8.97
CA GLY A 98 -14.75 -2.98 9.82
C GLY A 98 -15.56 -1.77 10.31
N ILE A 99 -14.94 -0.57 10.34
CA ILE A 99 -15.56 0.75 10.57
C ILE A 99 -16.58 0.77 11.72
N ARG A 100 -16.11 0.31 12.87
CA ARG A 100 -16.82 0.21 14.15
C ARG A 100 -16.18 1.12 15.21
N SER A 101 -17.01 1.79 16.01
CA SER A 101 -16.57 2.79 16.98
C SER A 101 -15.77 2.21 18.17
N SER A 102 -14.76 2.97 18.62
CA SER A 102 -13.95 2.71 19.80
C SER A 102 -14.51 3.28 21.11
N THR A 103 -15.54 4.15 21.01
CA THR A 103 -16.26 4.79 22.13
C THR A 103 -17.77 4.84 21.85
N ASN A 104 -18.56 5.19 22.86
CA ASN A 104 -20.03 5.34 22.75
C ASN A 104 -20.47 6.73 22.21
N ASP A 105 -19.58 7.45 21.50
CA ASP A 105 -19.82 8.81 20.99
C ASP A 105 -19.34 8.94 19.52
N PRO A 106 -20.15 9.52 18.59
CA PRO A 106 -19.85 9.53 17.16
C PRO A 106 -18.83 10.64 16.79
N ARG A 107 -17.60 10.21 16.44
CA ARG A 107 -16.47 11.09 16.05
C ARG A 107 -15.75 10.67 14.76
N ARG A 108 -16.29 9.64 14.10
CA ARG A 108 -15.68 8.89 12.97
C ARG A 108 -16.37 9.20 11.63
N LYS A 109 -15.68 8.88 10.53
CA LYS A 109 -16.02 9.26 9.14
C LYS A 109 -16.18 8.04 8.22
N PRO A 110 -16.84 8.16 7.05
CA PRO A 110 -16.92 7.08 6.07
C PRO A 110 -15.54 6.71 5.50
N LEU A 111 -14.99 5.56 5.95
CA LEU A 111 -13.77 4.95 5.40
C LEU A 111 -14.11 4.21 4.10
N ASP A 112 -13.26 4.26 3.08
CA ASP A 112 -13.52 3.63 1.78
C ASP A 112 -13.11 2.15 1.77
N SER A 113 -14.04 1.29 2.19
CA SER A 113 -13.86 -0.16 2.28
C SER A 113 -13.59 -0.84 0.93
N ARG A 114 -13.85 -0.13 -0.18
CA ARG A 114 -13.58 -0.58 -1.55
C ARG A 114 -12.09 -0.63 -1.88
N VAL A 115 -11.27 0.27 -1.29
CA VAL A 115 -9.81 0.23 -1.50
C VAL A 115 -9.16 -0.80 -0.59
N LEU A 116 -9.67 -0.98 0.63
CA LEU A 116 -9.32 -2.07 1.54
C LEU A 116 -9.56 -3.44 0.91
N HIS A 117 -10.73 -3.66 0.29
CA HIS A 117 -11.03 -4.90 -0.43
C HIS A 117 -9.95 -5.21 -1.46
N ALA A 118 -9.67 -4.28 -2.39
CA ALA A 118 -8.64 -4.46 -3.40
C ALA A 118 -7.23 -4.66 -2.80
N VAL A 119 -6.77 -3.80 -1.89
CA VAL A 119 -5.45 -3.89 -1.24
C VAL A 119 -5.23 -5.20 -0.48
N LYS A 120 -6.20 -5.63 0.35
CA LYS A 120 -6.06 -6.86 1.16
C LYS A 120 -5.98 -8.09 0.27
N TYR A 121 -6.90 -8.20 -0.69
CA TYR A 121 -6.88 -9.26 -1.71
C TYR A 121 -5.58 -9.26 -2.55
N TYR A 122 -5.19 -8.10 -3.10
CA TYR A 122 -3.99 -7.95 -3.91
C TYR A 122 -2.70 -8.33 -3.16
N CYS A 123 -2.63 -7.99 -1.87
CA CYS A 123 -1.53 -8.41 -0.98
C CYS A 123 -1.58 -9.92 -0.66
N GLN A 124 -2.76 -10.53 -0.65
CA GLN A 124 -2.94 -11.97 -0.54
C GLN A 124 -2.57 -12.71 -1.85
N ASN A 125 -2.67 -12.06 -3.02
CA ASN A 125 -2.13 -12.58 -4.27
C ASN A 125 -0.59 -12.58 -4.29
N PHE A 126 0.02 -11.57 -3.68
CA PHE A 126 1.46 -11.50 -3.43
C PHE A 126 1.95 -12.46 -2.32
N ALA A 127 1.05 -12.92 -1.44
CA ALA A 127 1.35 -13.82 -0.31
C ALA A 127 0.12 -14.70 0.04
N PRO A 128 -0.05 -15.89 -0.57
CA PRO A 128 -1.20 -16.77 -0.30
C PRO A 128 -1.38 -17.16 1.18
N ASN A 129 -0.27 -17.21 1.92
CA ASN A 129 -0.22 -17.47 3.36
C ASN A 129 -0.52 -16.24 4.26
N PHE A 130 -0.62 -15.02 3.71
CA PHE A 130 -0.87 -13.78 4.45
C PHE A 130 -2.37 -13.62 4.70
N LYS A 131 -2.80 -13.98 5.91
CA LYS A 131 -4.23 -14.03 6.30
C LYS A 131 -4.81 -12.62 6.49
N GLU A 132 -6.14 -12.50 6.35
CA GLU A 132 -6.83 -11.22 6.54
C GLU A 132 -6.80 -10.77 8.01
N SER A 133 -6.62 -11.70 8.96
CA SER A 133 -6.48 -11.40 10.39
C SER A 133 -5.18 -10.64 10.71
N GLU A 134 -4.13 -10.73 9.87
CA GLU A 134 -2.99 -9.81 9.99
C GLU A 134 -3.39 -8.44 9.44
N MET A 135 -4.02 -8.43 8.27
CA MET A 135 -4.30 -7.22 7.49
C MET A 135 -5.28 -6.28 8.21
N ASN A 136 -6.27 -6.83 8.91
CA ASN A 136 -7.28 -6.08 9.64
C ASN A 136 -6.72 -5.44 10.92
N ALA A 137 -5.72 -6.06 11.55
CA ALA A 137 -4.95 -5.45 12.64
C ALA A 137 -4.02 -4.34 12.11
N ILE A 138 -3.27 -4.61 11.04
CA ILE A 138 -2.35 -3.65 10.41
C ILE A 138 -3.06 -2.37 9.93
N ALA A 139 -4.20 -2.50 9.24
CA ALA A 139 -4.97 -1.33 8.78
C ALA A 139 -5.45 -0.42 9.93
N ALA A 140 -5.80 -0.98 11.09
CA ALA A 140 -6.17 -0.21 12.28
C ALA A 140 -4.95 0.36 13.04
N ASP A 141 -3.79 -0.31 12.94
CA ASP A 141 -2.51 0.10 13.55
C ASP A 141 -1.83 1.25 12.79
N MET A 142 -1.45 1.02 11.53
CA MET A 142 -0.70 1.91 10.63
C MET A 142 0.47 2.70 11.27
N CYS A 143 1.23 2.06 12.18
CA CYS A 143 2.39 2.64 12.86
C CYS A 143 3.58 1.66 12.86
N THR A 144 4.78 2.19 12.55
CA THR A 144 6.05 1.44 12.51
C THR A 144 7.20 2.21 13.18
N ASN A 145 8.18 1.45 13.69
CA ASN A 145 9.30 1.98 14.48
C ASN A 145 10.57 2.28 13.64
N ALA A 146 10.67 1.68 12.44
CA ALA A 146 11.80 1.83 11.51
C ALA A 146 11.37 1.66 10.04
N ARG A 147 12.20 2.14 9.11
CA ARG A 147 11.97 2.09 7.65
C ARG A 147 11.97 0.67 7.06
N ARG A 148 13.00 -0.10 7.42
CA ARG A 148 13.29 -1.50 7.03
C ARG A 148 13.31 -1.80 5.51
N VAL A 149 13.64 -0.79 4.71
CA VAL A 149 13.79 -0.89 3.23
C VAL A 149 15.13 -1.47 2.76
N VAL A 150 16.06 -1.74 3.70
CA VAL A 150 17.43 -2.19 3.44
C VAL A 150 17.52 -3.70 3.17
N ARG A 151 16.77 -4.16 2.15
CA ARG A 151 16.64 -5.57 1.74
C ARG A 151 17.98 -6.20 1.33
N LYS A 152 18.85 -5.41 0.69
CA LYS A 152 20.27 -5.69 0.38
C LYS A 152 20.55 -7.09 -0.19
N SER A 153 19.74 -7.53 -1.15
CA SER A 153 19.93 -8.78 -1.90
C SER A 153 20.83 -8.57 -3.14
N TRP A 154 21.23 -9.66 -3.79
CA TRP A 154 22.12 -9.66 -4.96
C TRP A 154 21.74 -10.72 -6.02
N MET A 155 21.59 -11.99 -5.61
CA MET A 155 21.24 -13.13 -6.47
C MET A 155 22.02 -13.16 -7.81
N PRO A 156 23.34 -13.38 -7.78
CA PRO A 156 24.18 -13.39 -8.99
C PRO A 156 23.77 -14.52 -9.96
N LYS A 157 23.86 -14.22 -11.27
CA LYS A 157 23.53 -15.12 -12.40
C LYS A 157 22.10 -15.71 -12.38
N VAL A 158 21.15 -15.05 -11.71
CA VAL A 158 19.74 -15.49 -11.62
C VAL A 158 18.91 -15.19 -12.89
N LYS A 159 19.43 -14.34 -13.79
CA LYS A 159 18.74 -13.85 -15.00
C LYS A 159 18.55 -14.93 -16.08
N VAL A 160 19.44 -15.94 -16.15
CA VAL A 160 19.31 -17.09 -17.06
C VAL A 160 18.33 -18.13 -16.50
N LEU A 161 17.52 -18.73 -17.38
CA LEU A 161 16.42 -19.65 -17.04
C LEU A 161 16.28 -20.78 -18.08
N LYS A 162 15.75 -21.93 -17.66
CA LYS A 162 15.46 -23.10 -18.52
C LYS A 162 14.49 -22.74 -19.65
N ALA A 163 14.70 -23.30 -20.85
CA ALA A 163 13.78 -23.19 -21.98
C ALA A 163 12.45 -23.94 -21.75
N GLU A 164 11.39 -23.51 -22.44
CA GLU A 164 10.02 -24.08 -22.39
C GLU A 164 9.45 -24.33 -23.79
N LEU A 1 21.71 -31.61 5.05
CA LEU A 1 20.87 -30.38 4.95
C LEU A 1 21.52 -29.40 3.96
N PRO A 2 20.77 -28.87 2.96
CA PRO A 2 21.30 -27.91 1.99
C PRO A 2 21.50 -26.51 2.61
N GLU A 3 22.32 -25.69 1.94
CA GLU A 3 22.59 -24.29 2.32
C GLU A 3 21.60 -23.29 1.69
N GLN A 4 21.52 -22.08 2.25
CA GLN A 4 20.64 -20.98 1.82
C GLN A 4 21.46 -19.73 1.42
N VAL A 5 20.85 -18.81 0.67
CA VAL A 5 21.48 -17.55 0.24
C VAL A 5 21.81 -16.63 1.45
N ALA A 6 22.98 -15.98 1.41
CA ALA A 6 23.46 -15.12 2.49
C ALA A 6 22.77 -13.73 2.52
N PRO A 7 22.58 -13.12 3.71
CA PRO A 7 21.98 -11.79 3.84
C PRO A 7 22.92 -10.65 3.38
N GLU A 8 24.22 -10.92 3.24
CA GLU A 8 25.25 -9.97 2.79
C GLU A 8 25.45 -9.93 1.26
N SER A 9 24.52 -10.53 0.51
CA SER A 9 24.49 -10.49 -0.97
C SER A 9 24.17 -9.09 -1.49
N ARG A 10 24.81 -8.68 -2.61
CA ARG A 10 24.70 -7.33 -3.19
C ARG A 10 23.52 -7.21 -4.15
N ASN A 11 22.68 -6.19 -3.94
CA ASN A 11 21.47 -5.93 -4.73
C ASN A 11 21.77 -5.17 -6.04
N ARG A 12 20.74 -5.00 -6.88
CA ARG A 12 20.69 -4.12 -8.07
C ARG A 12 19.49 -3.16 -7.95
N ILE A 13 19.68 -1.91 -8.34
CA ILE A 13 18.74 -0.80 -8.13
C ILE A 13 18.47 -0.08 -9.46
N ARG A 14 17.21 0.35 -9.68
CA ARG A 14 16.78 1.21 -10.80
C ARG A 14 17.16 2.68 -10.53
N VAL A 15 18.47 2.91 -10.44
CA VAL A 15 19.12 4.17 -9.98
C VAL A 15 19.22 5.25 -11.07
N ARG A 16 18.99 4.89 -12.35
CA ARG A 16 18.89 5.80 -13.49
C ARG A 16 17.44 5.94 -13.97
N GLN A 17 17.18 6.87 -14.88
CA GLN A 17 15.85 7.14 -15.43
C GLN A 17 15.25 5.90 -16.11
N ASP A 18 13.99 5.59 -15.80
CA ASP A 18 13.21 4.46 -16.33
C ASP A 18 11.74 4.85 -16.56
N LEU A 19 11.13 4.24 -17.59
CA LEU A 19 9.68 4.33 -17.85
C LEU A 19 8.91 3.37 -16.92
N ALA A 20 9.32 2.10 -16.96
CA ALA A 20 8.92 1.04 -16.05
C ALA A 20 10.05 -0.01 -15.89
N SER A 21 9.69 -1.20 -15.39
CA SER A 21 10.56 -2.33 -15.03
C SER A 21 11.34 -2.15 -13.72
N LEU A 22 11.31 -3.21 -12.91
CA LEU A 22 11.92 -3.36 -11.59
C LEU A 22 13.24 -4.18 -11.73
N PRO A 23 14.07 -4.35 -10.69
CA PRO A 23 15.30 -5.13 -10.83
C PRO A 23 15.01 -6.64 -10.85
N ALA A 24 15.90 -7.39 -11.50
CA ALA A 24 15.72 -8.81 -11.82
C ALA A 24 15.50 -9.68 -10.58
N GLU A 25 16.12 -9.30 -9.46
CA GLU A 25 15.93 -9.90 -8.14
C GLU A 25 14.52 -9.86 -7.58
N LEU A 26 13.66 -8.89 -7.96
CA LEU A 26 12.24 -8.89 -7.59
C LEU A 26 11.43 -9.75 -8.56
N ILE A 27 11.75 -9.62 -9.84
CA ILE A 27 11.23 -10.43 -10.95
C ILE A 27 11.42 -11.94 -10.66
N ASN A 28 12.48 -12.30 -9.94
CA ASN A 28 12.76 -13.69 -9.55
C ASN A 28 11.76 -14.23 -8.49
N GLN A 29 11.00 -13.35 -7.83
CA GLN A 29 10.11 -13.66 -6.71
C GLN A 29 8.62 -13.46 -7.06
N ILE A 30 8.33 -12.49 -7.93
CA ILE A 30 6.96 -12.02 -8.22
C ILE A 30 6.49 -12.36 -9.64
N GLY A 31 7.40 -12.39 -10.61
CA GLY A 31 7.12 -12.76 -12.01
C GLY A 31 5.95 -12.01 -12.63
N ASN A 32 4.85 -12.72 -12.91
CA ASN A 32 3.61 -12.18 -13.49
C ASN A 32 2.42 -12.11 -12.49
N ARG A 33 2.68 -12.22 -11.18
CA ARG A 33 1.65 -12.21 -10.12
C ARG A 33 1.04 -10.81 -9.89
N CYS A 34 1.83 -9.77 -10.12
CA CYS A 34 1.46 -8.35 -10.00
C CYS A 34 0.84 -7.81 -11.31
N HIS A 35 0.47 -6.52 -11.33
CA HIS A 35 0.01 -5.86 -12.56
C HIS A 35 1.15 -5.84 -13.62
N PRO A 36 0.88 -5.96 -14.94
CA PRO A 36 1.94 -6.13 -15.96
C PRO A 36 2.68 -4.83 -16.32
N LYS A 37 2.01 -3.68 -16.13
CA LYS A 37 2.53 -2.32 -16.38
C LYS A 37 3.74 -1.92 -15.54
N LEU A 38 3.98 -2.66 -14.46
CA LEU A 38 5.21 -2.57 -13.66
C LEU A 38 6.45 -3.00 -14.45
N TYR A 39 6.28 -3.69 -15.58
CA TYR A 39 7.37 -4.18 -16.46
C TYR A 39 7.23 -3.67 -17.91
N ASP A 40 6.01 -3.32 -18.34
CA ASP A 40 5.71 -2.81 -19.68
C ASP A 40 6.06 -1.33 -19.83
N GLU A 41 6.84 -0.99 -20.86
CA GLU A 41 7.31 0.37 -21.12
C GLU A 41 6.15 1.33 -21.46
N GLY A 42 5.93 2.33 -20.59
CA GLY A 42 4.94 3.39 -20.76
C GLY A 42 5.05 4.49 -19.70
N ASP A 43 4.12 5.45 -19.69
CA ASP A 43 4.15 6.63 -18.82
C ASP A 43 4.10 6.26 -17.33
N PRO A 44 5.12 6.62 -16.50
CA PRO A 44 5.12 6.33 -15.06
C PRO A 44 3.97 7.01 -14.29
N SER A 45 3.38 8.06 -14.85
CA SER A 45 2.21 8.78 -14.31
C SER A 45 0.87 8.11 -14.63
N GLU A 46 0.82 7.07 -15.48
CA GLU A 46 -0.42 6.36 -15.82
C GLU A 46 -1.01 5.60 -14.61
N LYS A 47 -2.35 5.46 -14.55
CA LYS A 47 -3.06 4.73 -13.49
C LYS A 47 -3.28 3.25 -13.85
N LEU A 48 -3.18 2.38 -12.85
CA LEU A 48 -3.25 0.92 -12.98
C LEU A 48 -4.43 0.37 -12.19
N GLU A 49 -5.20 -0.54 -12.79
CA GLU A 49 -6.42 -1.12 -12.23
C GLU A 49 -6.08 -2.17 -11.14
N LEU A 50 -6.09 -1.75 -9.87
CA LEU A 50 -5.59 -2.57 -8.76
C LEU A 50 -6.40 -3.86 -8.58
N VAL A 51 -7.74 -3.75 -8.56
CA VAL A 51 -8.69 -4.87 -8.65
C VAL A 51 -9.87 -4.46 -9.54
N THR A 52 -10.09 -5.20 -10.63
CA THR A 52 -11.13 -4.95 -11.65
C THR A 52 -12.52 -4.74 -11.05
N GLY A 53 -12.96 -5.68 -10.21
CA GLY A 53 -14.27 -5.69 -9.55
C GLY A 53 -14.57 -4.50 -8.63
N THR A 54 -13.54 -3.73 -8.24
CA THR A 54 -13.66 -2.54 -7.36
C THR A 54 -13.59 -1.22 -8.11
N ASN A 55 -13.05 -1.22 -9.34
CA ASN A 55 -12.73 -0.03 -10.14
C ASN A 55 -11.85 0.99 -9.37
N VAL A 56 -10.78 0.48 -8.75
CA VAL A 56 -9.79 1.22 -7.96
C VAL A 56 -8.49 1.30 -8.74
N TYR A 57 -7.87 2.48 -8.75
CA TYR A 57 -6.72 2.80 -9.60
C TYR A 57 -5.60 3.51 -8.84
N ILE A 58 -4.37 3.04 -9.01
CA ILE A 58 -3.13 3.59 -8.42
C ILE A 58 -2.10 3.94 -9.51
N THR A 59 -1.35 5.03 -9.33
CA THR A 59 -0.27 5.46 -10.23
C THR A 59 0.82 4.38 -10.37
N ARG A 60 1.29 4.10 -11.59
CA ARG A 60 2.34 3.09 -11.87
C ARG A 60 3.58 3.31 -11.02
N ALA A 61 4.12 4.52 -11.00
CA ALA A 61 5.28 4.88 -10.19
C ALA A 61 5.08 4.59 -8.68
N GLN A 62 3.85 4.74 -8.16
CA GLN A 62 3.55 4.45 -6.75
C GLN A 62 3.42 2.94 -6.46
N LEU A 63 2.85 2.16 -7.38
CA LEU A 63 2.74 0.71 -7.22
C LEU A 63 4.14 0.06 -7.36
N MET A 64 4.96 0.56 -8.28
CA MET A 64 6.39 0.23 -8.39
C MET A 64 7.16 0.58 -7.11
N ASN A 65 6.92 1.78 -6.56
CA ASN A 65 7.50 2.22 -5.28
C ASN A 65 7.14 1.27 -4.13
N CYS A 66 5.88 0.85 -4.03
CA CYS A 66 5.44 -0.18 -3.08
C CYS A 66 6.25 -1.48 -3.24
N HIS A 67 6.46 -1.96 -4.47
CA HIS A 67 7.19 -3.21 -4.73
C HIS A 67 8.72 -3.13 -4.53
N VAL A 68 9.39 -1.99 -4.70
CA VAL A 68 10.83 -1.89 -4.35
C VAL A 68 11.05 -1.75 -2.84
N SER A 69 10.06 -1.21 -2.14
CA SER A 69 10.07 -1.03 -0.67
C SER A 69 9.80 -2.34 0.09
N ALA A 70 8.78 -3.09 -0.36
CA ALA A 70 8.22 -4.24 0.34
C ALA A 70 8.35 -5.58 -0.40
N GLY A 71 9.00 -5.61 -1.56
CA GLY A 71 9.00 -6.76 -2.49
C GLY A 71 9.45 -8.13 -1.92
N THR A 72 10.25 -8.14 -0.85
CA THR A 72 10.71 -9.36 -0.15
C THR A 72 9.85 -9.78 1.06
N ARG A 73 8.77 -9.04 1.33
CA ARG A 73 7.81 -9.21 2.44
C ARG A 73 6.35 -9.12 1.93
N HIS A 74 5.38 -9.00 2.85
CA HIS A 74 3.95 -8.81 2.52
C HIS A 74 3.22 -7.86 3.48
N LYS A 75 3.44 -7.96 4.80
CA LYS A 75 2.77 -7.09 5.79
C LYS A 75 3.15 -5.61 5.67
N VAL A 76 4.36 -5.32 5.21
CA VAL A 76 4.80 -3.95 4.86
C VAL A 76 4.35 -3.53 3.46
N LEU A 77 4.07 -4.46 2.55
CA LEU A 77 3.44 -4.17 1.25
C LEU A 77 2.01 -3.68 1.48
N LEU A 78 1.28 -4.31 2.42
CA LEU A 78 -0.05 -3.85 2.84
C LEU A 78 0.00 -2.40 3.35
N ARG A 79 0.98 -2.06 4.21
CA ARG A 79 1.16 -0.71 4.77
C ARG A 79 1.46 0.31 3.67
N ARG A 80 2.42 0.00 2.79
CA ARG A 80 2.79 0.79 1.61
C ARG A 80 1.59 1.06 0.69
N LEU A 81 0.87 0.02 0.28
CA LEU A 81 -0.23 0.12 -0.69
C LEU A 81 -1.47 0.80 -0.09
N LEU A 82 -1.78 0.60 1.20
CA LEU A 82 -2.88 1.25 1.90
C LEU A 82 -2.65 2.75 2.09
N ALA A 83 -1.47 3.12 2.59
CA ALA A 83 -1.01 4.51 2.69
C ALA A 83 -0.87 5.24 1.34
N SER A 84 -0.95 4.51 0.21
CA SER A 84 -0.97 5.08 -1.15
C SER A 84 -2.38 5.51 -1.60
N PHE A 85 -3.45 5.15 -0.87
CA PHE A 85 -4.83 5.60 -1.12
C PHE A 85 -5.34 6.59 -0.07
N PHE A 86 -5.08 6.35 1.23
CA PHE A 86 -5.60 7.17 2.33
C PHE A 86 -4.64 8.30 2.77
N ASP A 87 -5.18 9.24 3.56
CA ASP A 87 -4.50 10.41 4.12
C ASP A 87 -4.73 10.52 5.64
N ARG A 88 -3.87 11.25 6.37
CA ARG A 88 -3.97 11.51 7.81
C ARG A 88 -5.27 12.19 8.29
N ASN A 89 -6.09 12.71 7.37
CA ASN A 89 -7.44 13.23 7.68
C ASN A 89 -8.48 12.09 7.93
N THR A 90 -8.15 10.86 7.53
CA THR A 90 -8.90 9.63 7.78
C THR A 90 -7.97 8.55 8.38
N LEU A 91 -8.45 7.30 8.47
CA LEU A 91 -7.79 6.08 9.00
C LEU A 91 -7.39 6.09 10.49
N ALA A 92 -6.94 7.23 11.02
CA ALA A 92 -6.74 7.49 12.44
C ALA A 92 -8.04 8.04 13.08
N ASN A 93 -8.76 8.89 12.33
CA ASN A 93 -10.08 9.43 12.69
C ASN A 93 -11.23 8.44 12.40
N SER A 94 -11.01 7.50 11.48
CA SER A 94 -11.95 6.46 11.07
C SER A 94 -11.67 5.14 11.76
N CYS A 95 -12.71 4.42 12.21
CA CYS A 95 -12.58 3.19 13.01
C CYS A 95 -12.29 1.94 12.18
N GLY A 96 -11.23 1.96 11.35
CA GLY A 96 -10.68 0.79 10.65
C GLY A 96 -11.63 0.04 9.71
N THR A 97 -11.41 -1.28 9.61
CA THR A 97 -12.09 -2.21 8.69
C THR A 97 -12.48 -3.52 9.43
N GLY A 98 -13.07 -4.48 8.71
CA GLY A 98 -13.64 -5.72 9.27
C GLY A 98 -15.16 -5.61 9.44
N ILE A 99 -15.85 -5.09 8.41
CA ILE A 99 -17.27 -4.74 8.41
C ILE A 99 -18.10 -5.65 7.47
N ARG A 100 -19.42 -5.53 7.54
CA ARG A 100 -20.39 -6.38 6.80
C ARG A 100 -21.19 -5.63 5.73
N SER A 101 -21.41 -4.33 5.90
CA SER A 101 -22.10 -3.45 4.94
C SER A 101 -21.85 -1.96 5.26
N SER A 102 -21.96 -1.10 4.25
CA SER A 102 -21.90 0.36 4.39
C SER A 102 -23.24 0.98 4.86
N THR A 103 -24.33 0.21 4.86
CA THR A 103 -25.67 0.64 5.34
C THR A 103 -25.76 0.87 6.86
N ASN A 104 -24.67 0.63 7.60
CA ASN A 104 -24.53 1.00 9.01
C ASN A 104 -24.56 2.54 9.24
N ASP A 105 -24.17 3.33 8.22
CA ASP A 105 -24.25 4.80 8.18
C ASP A 105 -23.73 5.51 9.47
N PRO A 106 -22.44 5.32 9.83
CA PRO A 106 -21.84 5.85 11.04
C PRO A 106 -21.70 7.38 11.02
N ARG A 107 -21.46 7.93 12.22
CA ARG A 107 -21.26 9.38 12.46
C ARG A 107 -19.94 9.93 11.90
N ARG A 108 -18.93 9.07 11.74
CA ARG A 108 -17.60 9.35 11.16
C ARG A 108 -17.33 8.50 9.91
N LYS A 109 -16.10 7.99 9.77
CA LYS A 109 -15.65 7.07 8.71
C LYS A 109 -15.80 7.57 7.26
N PRO A 110 -15.15 8.69 6.88
CA PRO A 110 -14.99 9.09 5.47
C PRO A 110 -14.09 8.13 4.68
N LEU A 111 -13.40 7.20 5.38
CA LEU A 111 -12.61 6.08 4.83
C LEU A 111 -13.39 5.26 3.79
N ASP A 112 -12.75 4.93 2.67
CA ASP A 112 -13.38 4.25 1.54
C ASP A 112 -13.12 2.73 1.54
N SER A 113 -14.18 1.93 1.74
CA SER A 113 -14.11 0.48 1.90
C SER A 113 -13.71 -0.26 0.62
N ARG A 114 -13.80 0.37 -0.56
CA ARG A 114 -13.48 -0.26 -1.84
C ARG A 114 -11.98 -0.44 -2.06
N VAL A 115 -11.16 0.47 -1.51
CA VAL A 115 -9.70 0.39 -1.64
C VAL A 115 -9.11 -0.55 -0.59
N LEU A 116 -9.73 -0.61 0.60
CA LEU A 116 -9.46 -1.62 1.63
C LEU A 116 -9.68 -3.03 1.08
N HIS A 117 -10.83 -3.29 0.46
CA HIS A 117 -11.11 -4.58 -0.19
C HIS A 117 -10.05 -4.91 -1.24
N ALA A 118 -9.73 -3.97 -2.15
CA ALA A 118 -8.81 -4.22 -3.24
C ALA A 118 -7.36 -4.47 -2.77
N VAL A 119 -6.80 -3.60 -1.91
CA VAL A 119 -5.46 -3.74 -1.31
C VAL A 119 -5.34 -5.04 -0.53
N LYS A 120 -6.32 -5.37 0.34
CA LYS A 120 -6.26 -6.58 1.17
C LYS A 120 -6.28 -7.84 0.32
N TYR A 121 -7.22 -7.96 -0.62
CA TYR A 121 -7.26 -9.07 -1.58
C TYR A 121 -5.98 -9.16 -2.43
N TYR A 122 -5.54 -8.07 -3.05
CA TYR A 122 -4.34 -8.04 -3.88
C TYR A 122 -3.07 -8.47 -3.11
N CYS A 123 -2.94 -8.06 -1.85
CA CYS A 123 -1.84 -8.48 -0.97
C CYS A 123 -1.98 -9.94 -0.51
N GLN A 124 -3.22 -10.42 -0.31
CA GLN A 124 -3.50 -11.83 -0.04
C GLN A 124 -3.16 -12.74 -1.24
N ASN A 125 -3.34 -12.25 -2.46
CA ASN A 125 -2.96 -12.94 -3.69
C ASN A 125 -1.44 -12.98 -3.91
N PHE A 126 -0.74 -11.92 -3.51
CA PHE A 126 0.72 -11.85 -3.54
C PHE A 126 1.41 -12.78 -2.53
N ALA A 127 0.73 -13.12 -1.43
CA ALA A 127 1.29 -13.84 -0.28
C ALA A 127 0.87 -15.34 -0.21
N PRO A 128 1.63 -16.20 0.51
CA PRO A 128 1.29 -17.62 0.66
C PRO A 128 0.24 -17.90 1.75
N ASN A 129 0.21 -17.11 2.85
CA ASN A 129 -0.61 -17.40 4.04
C ASN A 129 -1.03 -16.12 4.82
N PHE A 130 -1.17 -14.98 4.14
CA PHE A 130 -1.44 -13.68 4.76
C PHE A 130 -2.95 -13.48 5.03
N LYS A 131 -3.37 -13.77 6.26
CA LYS A 131 -4.79 -13.72 6.68
C LYS A 131 -5.31 -12.30 6.82
N GLU A 132 -6.63 -12.13 6.68
CA GLU A 132 -7.28 -10.82 6.82
C GLU A 132 -7.28 -10.32 8.27
N SER A 133 -7.13 -11.22 9.24
CA SER A 133 -6.97 -10.88 10.66
C SER A 133 -5.66 -10.14 10.96
N GLU A 134 -4.62 -10.29 10.14
CA GLU A 134 -3.43 -9.42 10.21
C GLU A 134 -3.78 -8.06 9.60
N MET A 135 -4.37 -8.09 8.40
CA MET A 135 -4.67 -6.90 7.59
C MET A 135 -5.56 -5.88 8.30
N ASN A 136 -6.61 -6.36 8.98
CA ASN A 136 -7.56 -5.51 9.70
C ASN A 136 -6.92 -4.84 10.93
N ALA A 137 -5.95 -5.50 11.58
CA ALA A 137 -5.17 -4.93 12.68
C ALA A 137 -4.10 -3.95 12.18
N ILE A 138 -3.46 -4.22 11.05
CA ILE A 138 -2.50 -3.31 10.39
C ILE A 138 -3.18 -2.02 9.96
N ALA A 139 -4.34 -2.09 9.29
CA ALA A 139 -5.12 -0.92 8.92
C ALA A 139 -5.55 -0.07 10.14
N ALA A 140 -5.89 -0.72 11.28
CA ALA A 140 -6.21 -0.03 12.53
C ALA A 140 -4.97 0.58 13.22
N ASP A 141 -3.76 0.09 12.92
CA ASP A 141 -2.48 0.60 13.42
C ASP A 141 -1.97 1.80 12.60
N MET A 142 -1.52 1.53 11.36
CA MET A 142 -0.86 2.48 10.44
C MET A 142 0.15 3.45 11.11
N CYS A 143 0.93 2.96 12.08
CA CYS A 143 1.86 3.73 12.90
C CYS A 143 3.33 3.34 12.63
N THR A 144 4.20 3.35 13.64
CA THR A 144 5.61 2.89 13.54
C THR A 144 5.73 1.38 13.31
N ASN A 145 6.83 0.98 12.67
CA ASN A 145 7.10 -0.41 12.28
C ASN A 145 7.88 -1.25 13.33
N ALA A 146 8.68 -0.58 14.16
CA ALA A 146 9.58 -1.22 15.13
C ALA A 146 8.87 -1.71 16.41
N ARG A 147 9.49 -2.67 17.10
CA ARG A 147 9.03 -3.26 18.38
C ARG A 147 9.87 -2.80 19.58
N ARG A 148 9.38 -3.07 20.80
CA ARG A 148 10.03 -2.74 22.08
C ARG A 148 9.66 -3.78 23.14
N VAL A 149 10.65 -4.54 23.61
CA VAL A 149 10.50 -5.61 24.62
C VAL A 149 10.71 -5.16 26.07
N VAL A 150 11.32 -3.98 26.29
CA VAL A 150 11.47 -3.33 27.62
C VAL A 150 10.90 -1.91 27.54
N ARG A 151 9.79 -1.67 28.26
CA ARG A 151 9.02 -0.41 28.17
C ARG A 151 9.53 0.69 29.10
N LYS A 152 9.97 0.32 30.32
CA LYS A 152 10.55 1.19 31.37
C LYS A 152 9.83 2.55 31.51
N SER A 153 8.49 2.51 31.52
CA SER A 153 7.59 3.66 31.41
C SER A 153 7.78 4.74 32.46
N TRP A 154 8.25 5.91 32.01
CA TRP A 154 8.31 7.17 32.75
C TRP A 154 8.23 8.33 31.75
N MET A 155 7.24 9.21 31.92
CA MET A 155 6.98 10.35 31.02
C MET A 155 6.72 11.64 31.82
N PRO A 156 7.67 12.59 31.89
CA PRO A 156 7.45 13.93 32.42
C PRO A 156 6.66 14.80 31.43
N LYS A 157 6.27 16.02 31.84
CA LYS A 157 5.62 17.01 30.96
C LYS A 157 6.55 17.39 29.79
N VAL A 158 6.04 17.28 28.56
CA VAL A 158 6.80 17.51 27.32
C VAL A 158 6.76 18.99 26.87
N LYS A 159 7.79 19.42 26.14
CA LYS A 159 7.89 20.77 25.54
C LYS A 159 6.99 20.92 24.30
N VAL A 160 6.58 22.16 24.02
CA VAL A 160 5.80 22.54 22.81
C VAL A 160 6.08 24.00 22.42
N LEU A 161 6.15 24.28 21.11
CA LEU A 161 6.34 25.61 20.55
C LEU A 161 5.01 26.28 20.16
N LYS A 162 4.90 27.60 20.36
CA LYS A 162 3.69 28.40 20.05
C LYS A 162 3.80 29.20 18.74
N ALA A 163 5.00 29.32 18.18
CA ALA A 163 5.31 29.96 16.89
C ALA A 163 6.54 29.29 16.22
N GLU A 164 6.68 29.47 14.91
CA GLU A 164 7.79 28.95 14.08
C GLU A 164 8.25 29.97 13.02
N LEU A 1 23.82 30.85 -56.00
CA LEU A 1 23.07 31.18 -54.75
C LEU A 1 23.82 30.61 -53.53
N PRO A 2 24.07 31.42 -52.47
CA PRO A 2 24.73 30.95 -51.24
C PRO A 2 23.95 29.86 -50.48
N GLU A 3 24.66 29.08 -49.67
CA GLU A 3 24.10 28.03 -48.79
C GLU A 3 24.83 27.94 -47.44
N GLN A 4 24.15 27.44 -46.41
CA GLN A 4 24.68 27.31 -45.04
C GLN A 4 25.16 25.88 -44.74
N VAL A 5 26.09 25.74 -43.78
CA VAL A 5 26.66 24.47 -43.30
C VAL A 5 26.88 24.50 -41.78
N ALA A 6 26.80 23.35 -41.11
CA ALA A 6 27.04 23.24 -39.67
C ALA A 6 28.53 23.45 -39.30
N PRO A 7 28.84 24.08 -38.15
CA PRO A 7 30.21 24.38 -37.74
C PRO A 7 30.97 23.16 -37.17
N GLU A 8 30.25 22.16 -36.66
CA GLU A 8 30.79 20.95 -36.03
C GLU A 8 29.90 19.73 -36.35
N SER A 9 30.53 18.55 -36.42
CA SER A 9 29.89 17.25 -36.70
C SER A 9 29.97 16.26 -35.52
N ARG A 10 30.23 16.76 -34.31
CA ARG A 10 30.45 15.99 -33.08
C ARG A 10 29.17 15.32 -32.57
N ASN A 11 29.31 14.12 -31.99
CA ASN A 11 28.23 13.30 -31.41
C ASN A 11 28.23 13.31 -29.86
N ARG A 12 27.18 12.73 -29.26
CA ARG A 12 27.00 12.59 -27.80
C ARG A 12 26.50 11.20 -27.40
N ILE A 13 26.74 10.81 -26.15
CA ILE A 13 26.45 9.47 -25.61
C ILE A 13 25.06 9.42 -24.94
N ARG A 14 24.37 8.28 -25.05
CA ARG A 14 23.03 8.04 -24.49
C ARG A 14 23.05 7.96 -22.95
N VAL A 15 22.03 8.53 -22.30
CA VAL A 15 21.92 8.62 -20.82
C VAL A 15 20.52 8.27 -20.27
N ARG A 16 19.54 8.02 -21.15
CA ARG A 16 18.14 7.69 -20.78
C ARG A 16 18.01 6.27 -20.19
N GLN A 17 16.91 6.05 -19.45
CA GLN A 17 16.55 4.78 -18.81
C GLN A 17 15.06 4.41 -19.03
N ASP A 18 14.68 3.17 -18.70
CA ASP A 18 13.33 2.65 -18.88
C ASP A 18 12.28 3.36 -18.00
N LEU A 19 11.06 3.51 -18.53
CA LEU A 19 9.93 4.20 -17.88
C LEU A 19 9.27 3.34 -16.78
N ALA A 20 9.22 2.04 -17.03
CA ALA A 20 8.50 1.05 -16.21
C ALA A 20 9.17 -0.33 -16.29
N SER A 21 10.03 -0.64 -15.32
CA SER A 21 10.66 -1.95 -15.14
C SER A 21 11.41 -2.06 -13.82
N LEU A 22 11.32 -3.23 -13.21
CA LEU A 22 11.87 -3.61 -11.92
C LEU A 22 13.16 -4.45 -12.08
N PRO A 23 13.93 -4.66 -11.00
CA PRO A 23 15.20 -5.38 -11.08
C PRO A 23 14.98 -6.89 -11.21
N ALA A 24 15.95 -7.59 -11.81
CA ALA A 24 15.85 -9.02 -12.12
C ALA A 24 15.60 -9.88 -10.85
N GLU A 25 16.13 -9.46 -9.71
CA GLU A 25 15.93 -10.08 -8.40
C GLU A 25 14.51 -9.98 -7.85
N LEU A 26 13.72 -8.97 -8.21
CA LEU A 26 12.28 -8.87 -7.94
C LEU A 26 11.50 -9.75 -8.91
N ILE A 27 11.87 -9.68 -10.19
CA ILE A 27 11.31 -10.52 -11.26
C ILE A 27 11.46 -12.01 -10.94
N ASN A 28 12.54 -12.40 -10.24
CA ASN A 28 12.79 -13.80 -9.88
C ASN A 28 11.80 -14.35 -8.83
N GLN A 29 11.07 -13.47 -8.12
CA GLN A 29 10.20 -13.83 -6.99
C GLN A 29 8.73 -14.05 -7.41
N ILE A 30 8.32 -13.41 -8.50
CA ILE A 30 6.93 -13.30 -8.96
C ILE A 30 6.74 -13.52 -10.46
N GLY A 31 7.64 -13.01 -11.31
CA GLY A 31 7.45 -12.96 -12.76
C GLY A 31 6.42 -11.89 -13.17
N ASN A 32 5.90 -11.97 -14.39
CA ASN A 32 4.86 -11.07 -14.89
C ASN A 32 3.44 -11.34 -14.32
N ARG A 33 3.28 -12.33 -13.42
CA ARG A 33 2.00 -12.78 -12.88
C ARG A 33 1.36 -11.75 -11.93
N CYS A 34 2.17 -11.05 -11.15
CA CYS A 34 1.74 -9.99 -10.24
C CYS A 34 1.73 -8.64 -10.98
N HIS A 35 0.54 -8.23 -11.44
CA HIS A 35 0.26 -6.92 -12.05
C HIS A 35 1.19 -6.55 -13.23
N PRO A 36 1.03 -7.15 -14.44
CA PRO A 36 1.99 -7.08 -15.55
C PRO A 36 2.35 -5.67 -16.08
N LYS A 37 1.54 -4.63 -15.81
CA LYS A 37 1.86 -3.22 -16.14
C LYS A 37 3.15 -2.71 -15.50
N LEU A 38 3.59 -3.34 -14.42
CA LEU A 38 4.89 -3.09 -13.78
C LEU A 38 6.10 -3.52 -14.63
N TYR A 39 5.88 -4.23 -15.74
CA TYR A 39 6.91 -4.71 -16.66
C TYR A 39 6.64 -4.29 -18.13
N ASP A 40 5.40 -3.88 -18.43
CA ASP A 40 4.97 -3.34 -19.73
C ASP A 40 5.42 -1.88 -19.91
N GLU A 41 5.92 -1.54 -21.11
CA GLU A 41 6.31 -0.17 -21.45
C GLU A 41 5.11 0.80 -21.35
N GLY A 42 5.24 1.83 -20.51
CA GLY A 42 4.22 2.84 -20.26
C GLY A 42 4.81 4.15 -19.72
N ASP A 43 4.16 4.75 -18.71
CA ASP A 43 4.61 6.00 -18.07
C ASP A 43 4.44 5.92 -16.54
N PRO A 44 5.29 6.59 -15.72
CA PRO A 44 5.17 6.58 -14.25
C PRO A 44 3.86 7.17 -13.71
N SER A 45 3.20 8.06 -14.46
CA SER A 45 1.97 8.75 -14.05
C SER A 45 0.69 8.11 -14.61
N GLU A 46 0.78 6.96 -15.29
CA GLU A 46 -0.38 6.15 -15.69
C GLU A 46 -1.08 5.58 -14.45
N LYS A 47 -2.41 5.74 -14.32
CA LYS A 47 -3.21 5.06 -13.30
C LYS A 47 -3.56 3.64 -13.75
N LEU A 48 -3.50 2.69 -12.81
CA LEU A 48 -3.60 1.26 -13.04
C LEU A 48 -4.73 0.68 -12.17
N GLU A 49 -5.62 -0.12 -12.73
CA GLU A 49 -6.70 -0.75 -11.94
C GLU A 49 -6.12 -1.88 -11.07
N LEU A 50 -6.08 -1.64 -9.75
CA LEU A 50 -5.41 -2.49 -8.77
C LEU A 50 -6.04 -3.89 -8.70
N VAL A 51 -7.37 -3.96 -8.71
CA VAL A 51 -8.15 -5.20 -8.87
C VAL A 51 -9.28 -4.99 -9.87
N THR A 52 -9.33 -5.85 -10.89
CA THR A 52 -10.32 -5.83 -11.98
C THR A 52 -11.77 -5.84 -11.48
N GLY A 53 -12.52 -4.79 -11.79
CA GLY A 53 -13.94 -4.65 -11.49
C GLY A 53 -14.23 -3.82 -10.24
N THR A 54 -13.23 -3.63 -9.36
CA THR A 54 -13.35 -2.72 -8.20
C THR A 54 -13.29 -1.25 -8.60
N ASN A 55 -12.74 -0.95 -9.79
CA ASN A 55 -12.48 0.41 -10.27
C ASN A 55 -11.66 1.25 -9.26
N VAL A 56 -10.67 0.60 -8.64
CA VAL A 56 -9.70 1.21 -7.72
C VAL A 56 -8.40 1.43 -8.47
N TYR A 57 -8.02 2.69 -8.70
CA TYR A 57 -6.89 3.06 -9.54
C TYR A 57 -5.71 3.65 -8.74
N ILE A 58 -4.52 3.09 -8.95
CA ILE A 58 -3.26 3.55 -8.35
C ILE A 58 -2.23 3.97 -9.41
N THR A 59 -1.49 5.04 -9.16
CA THR A 59 -0.40 5.53 -10.02
C THR A 59 0.73 4.50 -10.12
N ARG A 60 1.25 4.23 -11.33
CA ARG A 60 2.37 3.28 -11.54
C ARG A 60 3.55 3.57 -10.62
N ALA A 61 4.00 4.82 -10.53
CA ALA A 61 5.12 5.21 -9.67
C ALA A 61 4.90 4.82 -8.19
N GLN A 62 3.66 4.89 -7.69
CA GLN A 62 3.32 4.49 -6.32
C GLN A 62 3.26 2.97 -6.15
N LEU A 63 2.74 2.24 -7.14
CA LEU A 63 2.68 0.77 -7.08
C LEU A 63 4.08 0.16 -7.24
N MET A 64 4.94 0.73 -8.10
CA MET A 64 6.37 0.40 -8.18
C MET A 64 7.08 0.67 -6.85
N ASN A 65 6.83 1.83 -6.24
CA ASN A 65 7.38 2.17 -4.92
C ASN A 65 6.96 1.14 -3.84
N CYS A 66 5.68 0.74 -3.79
CA CYS A 66 5.22 -0.35 -2.94
C CYS A 66 5.99 -1.66 -3.22
N HIS A 67 6.14 -2.05 -4.49
CA HIS A 67 6.81 -3.29 -4.89
C HIS A 67 8.34 -3.30 -4.67
N VAL A 68 9.05 -2.16 -4.63
CA VAL A 68 10.49 -2.13 -4.26
C VAL A 68 10.71 -2.03 -2.75
N SER A 69 9.80 -1.35 -2.04
CA SER A 69 9.91 -1.11 -0.58
C SER A 69 9.44 -2.29 0.27
N ALA A 70 8.47 -3.06 -0.24
CA ALA A 70 7.91 -4.26 0.39
C ALA A 70 8.17 -5.54 -0.43
N GLY A 71 9.04 -5.49 -1.44
CA GLY A 71 9.22 -6.57 -2.44
C GLY A 71 9.62 -7.94 -1.89
N THR A 72 10.37 -7.99 -0.78
CA THR A 72 10.77 -9.24 -0.08
C THR A 72 9.96 -9.51 1.19
N ARG A 73 8.89 -8.73 1.41
CA ARG A 73 8.06 -8.70 2.63
C ARG A 73 6.57 -8.88 2.30
N HIS A 74 5.68 -8.73 3.30
CA HIS A 74 4.23 -8.77 3.12
C HIS A 74 3.48 -7.73 3.99
N LYS A 75 3.72 -7.68 5.30
CA LYS A 75 2.97 -6.81 6.23
C LYS A 75 3.32 -5.31 6.15
N VAL A 76 4.41 -4.96 5.48
CA VAL A 76 4.75 -3.57 5.10
C VAL A 76 4.07 -3.17 3.78
N LEU A 77 3.83 -4.11 2.86
CA LEU A 77 3.00 -3.86 1.66
C LEU A 77 1.58 -3.43 2.08
N LEU A 78 1.07 -4.04 3.15
CA LEU A 78 -0.21 -3.72 3.79
C LEU A 78 -0.24 -2.35 4.52
N ARG A 79 0.91 -1.67 4.69
CA ARG A 79 0.99 -0.27 5.12
C ARG A 79 1.17 0.67 3.93
N ARG A 80 2.12 0.35 3.04
CA ARG A 80 2.44 1.07 1.80
C ARG A 80 1.21 1.25 0.88
N LEU A 81 0.50 0.16 0.59
CA LEU A 81 -0.69 0.14 -0.27
C LEU A 81 -1.99 0.59 0.44
N LEU A 82 -1.96 0.83 1.75
CA LEU A 82 -3.03 1.50 2.52
C LEU A 82 -2.83 3.03 2.43
N ALA A 83 -1.62 3.49 2.77
CA ALA A 83 -1.21 4.90 2.75
C ALA A 83 -1.13 5.54 1.34
N SER A 84 -1.24 4.75 0.27
CA SER A 84 -1.32 5.23 -1.11
C SER A 84 -2.71 5.78 -1.48
N PHE A 85 -3.76 5.35 -0.79
CA PHE A 85 -5.13 5.83 -0.96
C PHE A 85 -5.58 6.76 0.18
N PHE A 86 -5.28 6.40 1.44
CA PHE A 86 -5.74 7.13 2.62
C PHE A 86 -4.68 8.13 3.11
N ASP A 87 -5.02 9.42 3.09
CA ASP A 87 -4.16 10.57 3.41
C ASP A 87 -4.97 11.70 4.08
N ARG A 88 -4.35 12.83 4.43
CA ARG A 88 -4.96 14.01 5.06
C ARG A 88 -5.81 13.65 6.30
N ASN A 89 -5.17 12.96 7.24
CA ASN A 89 -5.72 12.35 8.46
C ASN A 89 -6.72 11.19 8.25
N THR A 90 -7.11 10.82 7.02
CA THR A 90 -7.89 9.58 6.77
C THR A 90 -7.12 8.35 7.26
N LEU A 91 -7.82 7.29 7.69
CA LEU A 91 -7.33 6.09 8.39
C LEU A 91 -6.79 6.36 9.82
N ALA A 92 -6.14 7.49 10.06
CA ALA A 92 -5.76 7.98 11.40
C ALA A 92 -6.95 8.58 12.16
N ASN A 93 -7.95 9.10 11.45
CA ASN A 93 -9.24 9.54 11.96
C ASN A 93 -10.20 8.35 12.15
N SER A 94 -10.22 7.44 11.18
CA SER A 94 -11.14 6.31 11.05
C SER A 94 -10.96 5.25 12.16
N CYS A 95 -11.90 4.32 12.27
CA CYS A 95 -11.81 3.12 13.12
C CYS A 95 -11.08 1.95 12.42
N GLY A 96 -10.02 2.25 11.65
CA GLY A 96 -9.41 1.30 10.73
C GLY A 96 -10.42 0.83 9.67
N THR A 97 -10.24 -0.39 9.17
CA THR A 97 -11.21 -1.07 8.27
C THR A 97 -12.61 -1.26 8.88
N GLY A 98 -12.75 -1.14 10.22
CA GLY A 98 -14.03 -1.17 10.94
C GLY A 98 -13.98 -1.84 12.32
N ILE A 99 -12.80 -1.99 12.93
CA ILE A 99 -12.58 -2.75 14.18
C ILE A 99 -11.89 -1.92 15.27
N ARG A 100 -12.71 -1.37 16.18
CA ARG A 100 -12.32 -0.71 17.44
C ARG A 100 -13.29 -1.07 18.55
N SER A 101 -12.76 -1.31 19.75
CA SER A 101 -13.57 -1.63 20.95
C SER A 101 -14.22 -0.37 21.54
N SER A 102 -15.54 -0.23 21.34
CA SER A 102 -16.33 0.95 21.74
C SER A 102 -17.69 0.56 22.34
N THR A 103 -18.20 1.39 23.25
CA THR A 103 -19.50 1.20 23.95
C THR A 103 -20.60 2.15 23.45
N ASN A 104 -20.30 2.99 22.45
CA ASN A 104 -21.20 3.94 21.81
C ASN A 104 -21.04 3.89 20.27
N ASP A 105 -21.99 4.47 19.52
CA ASP A 105 -21.99 4.53 18.06
C ASP A 105 -20.75 5.31 17.52
N PRO A 106 -19.97 4.75 16.57
CA PRO A 106 -18.72 5.35 16.11
C PRO A 106 -18.95 6.64 15.32
N ARG A 107 -18.42 7.74 15.85
CA ARG A 107 -18.40 9.09 15.22
C ARG A 107 -17.56 9.16 13.95
N ARG A 108 -16.57 8.27 13.79
CA ARG A 108 -15.58 8.28 12.69
C ARG A 108 -16.20 7.81 11.37
N LYS A 109 -15.71 8.36 10.25
CA LYS A 109 -16.38 8.26 8.94
C LYS A 109 -15.59 8.44 7.60
N PRO A 110 -14.36 8.99 7.51
CA PRO A 110 -13.79 9.40 6.21
C PRO A 110 -13.25 8.28 5.29
N LEU A 111 -13.27 7.01 5.72
CA LEU A 111 -12.66 5.89 4.99
C LEU A 111 -13.50 5.40 3.79
N ASP A 112 -12.84 4.77 2.81
CA ASP A 112 -13.44 4.30 1.55
C ASP A 112 -13.18 2.79 1.36
N SER A 113 -14.17 1.96 1.70
CA SER A 113 -14.06 0.49 1.82
C SER A 113 -13.77 -0.27 0.53
N ARG A 114 -13.96 0.37 -0.63
CA ARG A 114 -13.65 -0.21 -1.95
C ARG A 114 -12.15 -0.44 -2.15
N VAL A 115 -11.29 0.39 -1.55
CA VAL A 115 -9.83 0.25 -1.73
C VAL A 115 -9.26 -0.79 -0.78
N LEU A 116 -9.81 -0.90 0.43
CA LEU A 116 -9.52 -1.98 1.38
C LEU A 116 -9.80 -3.36 0.78
N HIS A 117 -10.96 -3.54 0.13
CA HIS A 117 -11.30 -4.79 -0.57
C HIS A 117 -10.22 -5.18 -1.59
N ALA A 118 -9.88 -4.29 -2.52
CA ALA A 118 -8.85 -4.54 -3.53
C ALA A 118 -7.47 -4.80 -2.91
N VAL A 119 -6.96 -3.91 -2.06
CA VAL A 119 -5.63 -4.00 -1.43
C VAL A 119 -5.44 -5.27 -0.59
N LYS A 120 -6.40 -5.63 0.28
CA LYS A 120 -6.26 -6.81 1.15
C LYS A 120 -6.22 -8.10 0.32
N TYR A 121 -7.13 -8.24 -0.64
CA TYR A 121 -7.12 -9.35 -1.61
C TYR A 121 -5.81 -9.39 -2.41
N TYR A 122 -5.41 -8.27 -3.01
CA TYR A 122 -4.19 -8.15 -3.82
C TYR A 122 -2.91 -8.49 -3.02
N CYS A 123 -2.85 -8.08 -1.74
CA CYS A 123 -1.78 -8.45 -0.82
C CYS A 123 -1.82 -9.95 -0.47
N GLN A 124 -3.00 -10.57 -0.39
CA GLN A 124 -3.13 -12.02 -0.24
C GLN A 124 -2.67 -12.79 -1.49
N ASN A 125 -2.81 -12.20 -2.69
CA ASN A 125 -2.21 -12.75 -3.92
C ASN A 125 -0.67 -12.67 -3.92
N PHE A 126 -0.09 -11.74 -3.17
CA PHE A 126 1.35 -11.62 -2.94
C PHE A 126 1.84 -12.43 -1.71
N ALA A 127 0.91 -12.86 -0.85
CA ALA A 127 1.16 -13.63 0.38
C ALA A 127 0.03 -14.65 0.63
N PRO A 128 0.00 -15.78 -0.09
CA PRO A 128 -1.15 -16.71 -0.10
C PRO A 128 -1.40 -17.45 1.23
N ASN A 129 -0.46 -17.35 2.18
CA ASN A 129 -0.57 -17.86 3.55
C ASN A 129 -0.94 -16.77 4.59
N PHE A 130 -0.94 -15.48 4.23
CA PHE A 130 -1.19 -14.37 5.15
C PHE A 130 -2.70 -14.09 5.32
N LYS A 131 -3.13 -14.01 6.59
CA LYS A 131 -4.55 -13.92 6.97
C LYS A 131 -5.10 -12.49 6.99
N GLU A 132 -6.41 -12.35 6.80
CA GLU A 132 -7.06 -11.02 6.80
C GLU A 132 -7.13 -10.41 8.20
N SER A 133 -7.11 -11.22 9.27
CA SER A 133 -7.08 -10.75 10.66
C SER A 133 -5.85 -9.88 10.95
N GLU A 134 -4.69 -10.21 10.35
CA GLU A 134 -3.50 -9.35 10.40
C GLU A 134 -3.69 -8.09 9.55
N MET A 135 -4.19 -8.21 8.31
CA MET A 135 -4.46 -7.09 7.41
C MET A 135 -5.37 -6.02 8.06
N ASN A 136 -6.42 -6.48 8.74
CA ASN A 136 -7.40 -5.64 9.42
C ASN A 136 -6.81 -4.97 10.67
N ALA A 137 -5.95 -5.67 11.42
CA ALA A 137 -5.23 -5.11 12.56
C ALA A 137 -4.18 -4.07 12.12
N ILE A 138 -3.50 -4.29 10.98
CA ILE A 138 -2.57 -3.32 10.39
C ILE A 138 -3.32 -2.05 9.94
N ALA A 139 -4.46 -2.18 9.25
CA ALA A 139 -5.31 -1.03 8.91
C ALA A 139 -5.82 -0.26 10.15
N ALA A 140 -6.13 -0.97 11.24
CA ALA A 140 -6.51 -0.37 12.52
C ALA A 140 -5.35 0.29 13.30
N ASP A 141 -4.11 -0.07 13.00
CA ASP A 141 -2.88 0.50 13.59
C ASP A 141 -2.36 1.71 12.78
N MET A 142 -1.98 1.45 11.52
CA MET A 142 -1.32 2.28 10.51
C MET A 142 0.00 2.97 10.90
N CYS A 143 0.04 3.64 12.05
CA CYS A 143 1.20 4.37 12.59
C CYS A 143 0.96 4.77 14.07
N THR A 144 2.07 4.97 14.82
CA THR A 144 2.14 5.42 16.25
C THR A 144 1.49 4.51 17.29
N ASN A 145 1.98 4.63 18.54
CA ASN A 145 1.52 3.84 19.70
C ASN A 145 0.38 4.49 20.51
N ALA A 146 0.27 5.82 20.45
CA ALA A 146 -0.73 6.64 21.13
C ALA A 146 -1.25 7.80 20.25
N ARG A 147 -2.42 8.34 20.58
CA ARG A 147 -3.14 9.38 19.80
C ARG A 147 -3.72 10.48 20.70
N ARG A 148 -4.10 11.59 20.07
CA ARG A 148 -4.89 12.69 20.66
C ARG A 148 -6.38 12.38 20.48
N VAL A 149 -6.93 11.79 21.54
CA VAL A 149 -8.38 11.49 21.70
C VAL A 149 -9.11 12.44 22.67
N VAL A 150 -8.38 13.31 23.38
CA VAL A 150 -8.92 14.27 24.38
C VAL A 150 -8.25 15.64 24.30
N ARG A 151 -8.96 16.68 24.77
CA ARG A 151 -8.53 18.09 24.85
C ARG A 151 -8.70 18.66 26.27
N LYS A 152 -7.94 19.71 26.60
CA LYS A 152 -8.01 20.45 27.89
C LYS A 152 -9.09 21.54 27.86
N SER A 153 -9.77 21.73 28.99
CA SER A 153 -10.76 22.80 29.21
C SER A 153 -10.17 23.97 30.01
N TRP A 154 -10.53 25.19 29.59
CA TRP A 154 -10.23 26.44 30.28
C TRP A 154 -11.32 27.49 30.00
N MET A 155 -12.08 27.83 31.03
CA MET A 155 -13.15 28.85 31.01
C MET A 155 -12.87 29.94 32.05
N PRO A 156 -12.29 31.09 31.67
CA PRO A 156 -12.03 32.22 32.57
C PRO A 156 -13.31 33.02 32.91
N LYS A 157 -13.25 33.85 33.96
CA LYS A 157 -14.31 34.81 34.31
C LYS A 157 -14.33 35.98 33.31
N VAL A 158 -15.53 36.49 33.01
CA VAL A 158 -15.78 37.56 32.02
C VAL A 158 -16.67 38.67 32.59
N LYS A 159 -16.68 39.84 31.92
CA LYS A 159 -17.49 41.04 32.26
C LYS A 159 -17.31 41.53 33.71
N VAL A 160 -16.08 41.42 34.23
CA VAL A 160 -15.69 41.86 35.58
C VAL A 160 -15.68 43.40 35.68
N LEU A 161 -16.15 43.94 36.81
CA LEU A 161 -16.23 45.38 37.09
C LEU A 161 -15.52 45.72 38.42
N LYS A 162 -14.60 46.68 38.39
CA LYS A 162 -13.83 47.14 39.57
C LYS A 162 -14.57 48.15 40.46
N ALA A 163 -15.52 48.90 39.86
CA ALA A 163 -16.28 49.99 40.49
C ALA A 163 -15.40 51.08 41.16
N GLU A 164 -14.22 51.38 40.57
CA GLU A 164 -13.29 52.42 41.02
C GLU A 164 -13.75 53.87 40.73
N LEU A 1 16.78 10.42 -17.26
CA LEU A 1 16.41 11.53 -18.18
C LEU A 1 15.13 11.16 -18.94
N PRO A 2 14.32 12.14 -19.39
CA PRO A 2 13.16 11.90 -20.24
C PRO A 2 13.60 11.44 -21.65
N GLU A 3 13.08 10.30 -22.12
CA GLU A 3 13.53 9.66 -23.37
C GLU A 3 12.61 9.92 -24.58
N GLN A 4 11.32 10.22 -24.36
CA GLN A 4 10.30 10.38 -25.40
C GLN A 4 9.18 11.34 -24.95
N VAL A 5 8.55 12.02 -25.92
CA VAL A 5 7.36 12.88 -25.73
C VAL A 5 6.34 12.64 -26.85
N ALA A 6 5.04 12.76 -26.53
CA ALA A 6 3.94 12.66 -27.49
C ALA A 6 3.91 13.87 -28.47
N PRO A 7 3.41 13.73 -29.71
CA PRO A 7 3.44 14.79 -30.73
C PRO A 7 2.58 16.02 -30.38
N GLU A 8 1.59 15.86 -29.50
CA GLU A 8 0.73 16.95 -29.00
C GLU A 8 1.19 17.53 -27.64
N SER A 9 2.42 17.19 -27.22
CA SER A 9 3.08 17.61 -25.99
C SER A 9 4.51 18.09 -26.25
N ARG A 10 5.11 18.83 -25.31
CA ARG A 10 6.49 19.34 -25.38
C ARG A 10 7.26 19.07 -24.08
N ASN A 11 8.58 18.93 -24.18
CA ASN A 11 9.47 18.51 -23.09
C ASN A 11 10.81 19.29 -23.10
N ARG A 12 11.45 19.35 -21.93
CA ARG A 12 12.81 19.89 -21.69
C ARG A 12 13.62 18.90 -20.85
N ILE A 13 14.88 18.67 -21.22
CA ILE A 13 15.74 17.67 -20.57
C ILE A 13 16.16 18.13 -19.17
N ARG A 14 16.01 17.25 -18.18
CA ARG A 14 16.32 17.46 -16.75
C ARG A 14 16.99 16.22 -16.15
N VAL A 15 17.70 16.38 -15.02
CA VAL A 15 18.59 15.37 -14.41
C VAL A 15 17.82 14.33 -13.56
N ARG A 16 16.57 14.03 -13.95
CA ARG A 16 15.76 12.93 -13.43
C ARG A 16 16.39 11.56 -13.72
N GLN A 17 16.04 10.55 -12.94
CA GLN A 17 16.51 9.17 -13.09
C GLN A 17 15.80 8.44 -14.25
N ASP A 18 15.95 7.13 -14.32
CA ASP A 18 15.19 6.23 -15.22
C ASP A 18 13.68 6.21 -14.90
N LEU A 19 12.86 5.90 -15.90
CA LEU A 19 11.39 5.98 -15.82
C LEU A 19 10.77 4.79 -15.06
N ALA A 20 10.96 3.59 -15.61
CA ALA A 20 10.30 2.35 -15.15
C ALA A 20 11.19 1.09 -15.33
N SER A 21 10.60 -0.09 -15.11
CA SER A 21 11.21 -1.42 -15.02
C SER A 21 11.93 -1.72 -13.69
N LEU A 22 11.40 -2.70 -12.96
CA LEU A 22 11.97 -3.28 -11.75
C LEU A 22 13.10 -4.26 -12.06
N PRO A 23 14.05 -4.50 -11.13
CA PRO A 23 15.21 -5.35 -11.40
C PRO A 23 14.84 -6.85 -11.36
N ALA A 24 15.65 -7.67 -12.05
CA ALA A 24 15.37 -9.08 -12.31
C ALA A 24 15.14 -9.90 -11.03
N GLU A 25 15.80 -9.50 -9.94
CA GLU A 25 15.67 -10.09 -8.61
C GLU A 25 14.30 -9.91 -7.94
N LEU A 26 13.51 -8.90 -8.31
CA LEU A 26 12.10 -8.80 -7.89
C LEU A 26 11.21 -9.65 -8.79
N ILE A 27 11.48 -9.56 -10.09
CA ILE A 27 10.83 -10.35 -11.15
C ILE A 27 10.94 -11.84 -10.84
N ASN A 28 12.04 -12.29 -10.22
CA ASN A 28 12.26 -13.71 -9.89
C ASN A 28 11.31 -14.22 -8.78
N GLN A 29 10.65 -13.32 -8.05
CA GLN A 29 9.81 -13.64 -6.88
C GLN A 29 8.30 -13.63 -7.19
N ILE A 30 7.91 -13.02 -8.31
CA ILE A 30 6.52 -12.70 -8.67
C ILE A 30 6.13 -12.98 -10.14
N GLY A 31 7.06 -12.79 -11.08
CA GLY A 31 6.79 -12.90 -12.52
C GLY A 31 5.65 -11.98 -13.00
N ASN A 32 4.85 -12.45 -13.97
CA ASN A 32 3.77 -11.65 -14.59
C ASN A 32 2.53 -11.40 -13.68
N ARG A 33 2.52 -11.90 -12.44
CA ARG A 33 1.34 -11.83 -11.55
C ARG A 33 1.06 -10.43 -10.99
N CYS A 34 2.09 -9.59 -10.85
CA CYS A 34 2.02 -8.27 -10.23
C CYS A 34 1.95 -7.12 -11.24
N HIS A 35 0.99 -7.19 -12.18
CA HIS A 35 0.66 -6.14 -13.15
C HIS A 35 1.89 -5.65 -13.98
N PRO A 36 2.33 -6.39 -15.02
CA PRO A 36 3.62 -6.21 -15.74
C PRO A 36 3.91 -4.82 -16.35
N LYS A 37 3.00 -3.86 -16.25
CA LYS A 37 3.23 -2.43 -16.54
C LYS A 37 4.37 -1.83 -15.70
N LEU A 38 4.63 -2.39 -14.52
CA LEU A 38 5.83 -2.10 -13.69
C LEU A 38 7.15 -2.49 -14.39
N TYR A 39 7.10 -3.35 -15.42
CA TYR A 39 8.25 -3.83 -16.20
C TYR A 39 8.32 -3.17 -17.59
N ASP A 40 7.20 -2.66 -18.10
CA ASP A 40 7.09 -1.91 -19.35
C ASP A 40 7.65 -0.49 -19.20
N GLU A 41 8.42 -0.03 -20.19
CA GLU A 41 8.87 1.36 -20.29
C GLU A 41 7.75 2.27 -20.81
N GLY A 42 7.31 3.23 -19.99
CA GLY A 42 6.16 4.10 -20.27
C GLY A 42 6.15 5.38 -19.43
N ASP A 43 4.96 5.82 -19.01
CA ASP A 43 4.73 7.04 -18.24
C ASP A 43 4.42 6.71 -16.76
N PRO A 44 5.34 6.96 -15.80
CA PRO A 44 5.13 6.65 -14.39
C PRO A 44 3.98 7.42 -13.73
N SER A 45 3.50 8.52 -14.32
CA SER A 45 2.36 9.30 -13.82
C SER A 45 0.98 8.73 -14.22
N GLU A 46 0.92 7.70 -15.08
CA GLU A 46 -0.31 7.02 -15.46
C GLU A 46 -0.90 6.17 -14.31
N LYS A 47 -2.22 5.98 -14.26
CA LYS A 47 -2.89 5.11 -13.30
C LYS A 47 -2.99 3.65 -13.77
N LEU A 48 -2.95 2.72 -12.82
CA LEU A 48 -3.08 1.27 -13.00
C LEU A 48 -4.21 0.73 -12.09
N GLU A 49 -5.09 -0.14 -12.62
CA GLU A 49 -6.13 -0.78 -11.81
C GLU A 49 -5.53 -1.90 -10.94
N LEU A 50 -5.59 -1.76 -9.62
CA LEU A 50 -5.00 -2.71 -8.68
C LEU A 50 -5.65 -4.11 -8.77
N VAL A 51 -6.99 -4.16 -8.82
CA VAL A 51 -7.79 -5.40 -8.89
C VAL A 51 -8.94 -5.18 -9.87
N THR A 52 -9.10 -6.09 -10.84
CA THR A 52 -10.12 -5.99 -11.89
C THR A 52 -11.53 -5.86 -11.32
N GLY A 53 -12.33 -4.96 -11.89
CA GLY A 53 -13.73 -4.72 -11.51
C GLY A 53 -13.93 -3.81 -10.29
N THR A 54 -12.95 -3.72 -9.39
CA THR A 54 -13.02 -2.83 -8.21
C THR A 54 -12.93 -1.35 -8.58
N ASN A 55 -12.39 -1.03 -9.76
CA ASN A 55 -12.11 0.33 -10.23
C ASN A 55 -11.24 1.12 -9.22
N VAL A 56 -10.28 0.44 -8.59
CA VAL A 56 -9.31 1.03 -7.66
C VAL A 56 -8.00 1.31 -8.40
N TYR A 57 -7.68 2.59 -8.58
CA TYR A 57 -6.56 3.04 -9.40
C TYR A 57 -5.44 3.67 -8.58
N ILE A 58 -4.21 3.18 -8.78
CA ILE A 58 -2.98 3.69 -8.18
C ILE A 58 -2.00 4.17 -9.25
N THR A 59 -1.27 5.26 -8.99
CA THR A 59 -0.23 5.79 -9.87
C THR A 59 0.87 4.76 -10.07
N ARG A 60 1.33 4.55 -11.32
CA ARG A 60 2.34 3.57 -11.71
C ARG A 60 3.65 3.73 -10.92
N ALA A 61 4.15 4.96 -10.78
CA ALA A 61 5.28 5.29 -9.92
C ALA A 61 5.09 4.87 -8.44
N GLN A 62 3.87 4.98 -7.90
CA GLN A 62 3.56 4.62 -6.52
C GLN A 62 3.45 3.10 -6.32
N LEU A 63 2.92 2.37 -7.30
CA LEU A 63 2.87 0.92 -7.25
C LEU A 63 4.28 0.32 -7.43
N MET A 64 5.12 0.92 -8.28
CA MET A 64 6.56 0.59 -8.35
C MET A 64 7.25 0.85 -7.00
N ASN A 65 7.01 2.01 -6.38
CA ASN A 65 7.55 2.37 -5.07
C ASN A 65 7.15 1.36 -3.98
N CYS A 66 5.87 0.95 -3.94
CA CYS A 66 5.40 -0.13 -3.07
C CYS A 66 6.17 -1.43 -3.30
N HIS A 67 6.37 -1.84 -4.55
CA HIS A 67 7.04 -3.11 -4.89
C HIS A 67 8.56 -3.12 -4.74
N VAL A 68 9.28 -1.99 -4.78
CA VAL A 68 10.72 -1.96 -4.42
C VAL A 68 10.94 -1.94 -2.91
N SER A 69 10.03 -1.31 -2.17
CA SER A 69 10.08 -1.20 -0.71
C SER A 69 9.68 -2.51 -0.03
N ALA A 70 8.62 -3.16 -0.55
CA ALA A 70 8.10 -4.45 -0.13
C ALA A 70 8.55 -5.62 -1.02
N GLY A 71 9.72 -5.50 -1.65
CA GLY A 71 10.26 -6.47 -2.62
C GLY A 71 10.50 -7.89 -2.09
N THR A 72 10.40 -8.10 -0.77
CA THR A 72 10.51 -9.41 -0.10
C THR A 72 9.40 -9.69 0.93
N ARG A 73 9.01 -8.70 1.75
CA ARG A 73 7.99 -8.85 2.82
C ARG A 73 6.59 -8.41 2.37
N HIS A 74 5.59 -9.26 2.56
CA HIS A 74 4.20 -8.99 2.20
C HIS A 74 3.46 -8.08 3.20
N LYS A 75 3.90 -8.05 4.47
CA LYS A 75 3.33 -7.17 5.51
C LYS A 75 3.69 -5.70 5.27
N VAL A 76 4.90 -5.46 4.73
CA VAL A 76 5.34 -4.16 4.23
C VAL A 76 4.46 -3.73 3.05
N LEU A 77 4.16 -4.61 2.10
CA LEU A 77 3.31 -4.29 0.94
C LEU A 77 1.94 -3.78 1.38
N LEU A 78 1.27 -4.49 2.31
CA LEU A 78 -0.02 -4.06 2.84
C LEU A 78 0.05 -2.62 3.40
N ARG A 79 1.03 -2.35 4.27
CA ARG A 79 1.26 -1.01 4.86
C ARG A 79 1.49 0.06 3.79
N ARG A 80 2.44 -0.16 2.87
CA ARG A 80 2.77 0.76 1.76
C ARG A 80 1.57 1.05 0.85
N LEU A 81 0.88 0.01 0.41
CA LEU A 81 -0.21 0.09 -0.56
C LEU A 81 -1.48 0.72 0.04
N LEU A 82 -1.79 0.44 1.31
CA LEU A 82 -2.91 1.05 2.03
C LEU A 82 -2.65 2.55 2.30
N ALA A 83 -1.44 2.90 2.75
CA ALA A 83 -0.96 4.27 2.86
C ALA A 83 -0.84 5.02 1.50
N SER A 84 -1.00 4.32 0.37
CA SER A 84 -1.07 4.91 -0.97
C SER A 84 -2.50 5.26 -1.42
N PHE A 85 -3.53 4.91 -0.63
CA PHE A 85 -4.91 5.33 -0.86
C PHE A 85 -5.46 6.22 0.27
N PHE A 86 -5.15 5.94 1.53
CA PHE A 86 -5.52 6.79 2.68
C PHE A 86 -4.32 7.55 3.27
N ASP A 87 -4.61 8.65 3.96
CA ASP A 87 -3.67 9.35 4.83
C ASP A 87 -3.97 9.00 6.30
N ARG A 88 -2.97 9.08 7.19
CA ARG A 88 -3.16 8.81 8.63
C ARG A 88 -4.20 9.73 9.28
N ASN A 89 -4.36 10.96 8.79
CA ASN A 89 -5.38 11.91 9.27
C ASN A 89 -6.80 11.54 8.81
N THR A 90 -6.94 10.76 7.73
CA THR A 90 -8.20 10.15 7.30
C THR A 90 -8.46 8.89 8.12
N LEU A 91 -7.55 7.92 8.05
CA LEU A 91 -7.73 6.56 8.58
C LEU A 91 -7.83 6.49 10.11
N ALA A 92 -7.09 7.32 10.85
CA ALA A 92 -7.21 7.39 12.32
C ALA A 92 -8.61 7.87 12.78
N ASN A 93 -9.20 8.82 12.06
CA ASN A 93 -10.52 9.41 12.32
C ASN A 93 -11.70 8.61 11.72
N SER A 94 -11.41 7.72 10.77
CA SER A 94 -12.42 6.96 10.01
C SER A 94 -12.66 5.54 10.55
N CYS A 95 -13.71 4.90 10.05
CA CYS A 95 -14.12 3.55 10.39
C CYS A 95 -13.30 2.50 9.62
N GLY A 96 -12.10 2.18 10.14
CA GLY A 96 -11.26 1.06 9.72
C GLY A 96 -12.01 -0.29 9.68
N THR A 97 -11.52 -1.21 8.85
CA THR A 97 -12.23 -2.46 8.51
C THR A 97 -12.41 -3.44 9.68
N GLY A 98 -13.32 -4.38 9.49
CA GLY A 98 -13.79 -5.37 10.48
C GLY A 98 -15.13 -6.03 10.12
N ILE A 99 -15.92 -5.38 9.23
CA ILE A 99 -17.18 -5.86 8.63
C ILE A 99 -18.16 -6.45 9.66
N ARG A 100 -18.34 -5.67 10.72
CA ARG A 100 -19.12 -5.96 11.95
C ARG A 100 -19.92 -4.73 12.40
N SER A 101 -21.13 -4.97 12.90
CA SER A 101 -22.04 -3.93 13.43
C SER A 101 -21.51 -3.25 14.70
N SER A 102 -21.96 -2.01 14.95
CA SER A 102 -21.68 -1.23 16.17
C SER A 102 -22.98 -0.69 16.79
N THR A 103 -23.10 -0.77 18.12
CA THR A 103 -24.30 -0.37 18.88
C THR A 103 -24.13 0.94 19.64
N ASN A 104 -22.93 1.20 20.17
CA ASN A 104 -22.57 2.43 20.90
C ASN A 104 -22.24 3.63 19.98
N ASP A 105 -21.96 3.38 18.69
CA ASP A 105 -21.46 4.31 17.67
C ASP A 105 -20.16 5.05 18.04
N PRO A 106 -18.99 4.68 17.46
CA PRO A 106 -17.70 5.35 17.69
C PRO A 106 -17.58 6.73 17.01
N ARG A 107 -18.59 7.14 16.23
CA ARG A 107 -18.79 8.47 15.59
C ARG A 107 -17.78 8.84 14.50
N ARG A 108 -16.97 7.85 14.12
CA ARG A 108 -15.99 7.81 13.06
C ARG A 108 -16.55 8.16 11.68
N LYS A 109 -15.67 8.70 10.84
CA LYS A 109 -15.95 9.13 9.47
C LYS A 109 -16.01 7.93 8.49
N PRO A 110 -16.73 8.03 7.37
CA PRO A 110 -16.81 6.94 6.39
C PRO A 110 -15.47 6.72 5.68
N LEU A 111 -14.97 5.48 5.69
CA LEU A 111 -13.75 5.05 4.99
C LEU A 111 -14.10 4.40 3.65
N ASP A 112 -13.25 4.56 2.64
CA ASP A 112 -13.56 4.13 1.26
C ASP A 112 -13.17 2.65 1.03
N SER A 113 -14.05 1.76 1.47
CA SER A 113 -13.85 0.31 1.61
C SER A 113 -13.58 -0.45 0.31
N ARG A 114 -13.72 0.20 -0.85
CA ARG A 114 -13.31 -0.36 -2.16
C ARG A 114 -11.79 -0.55 -2.22
N VAL A 115 -11.01 0.33 -1.59
CA VAL A 115 -9.54 0.24 -1.63
C VAL A 115 -9.03 -0.79 -0.64
N LEU A 116 -9.66 -0.90 0.54
CA LEU A 116 -9.41 -1.97 1.51
C LEU A 116 -9.63 -3.35 0.89
N HIS A 117 -10.76 -3.55 0.20
CA HIS A 117 -11.07 -4.81 -0.49
C HIS A 117 -9.96 -5.19 -1.48
N ALA A 118 -9.63 -4.30 -2.44
CA ALA A 118 -8.58 -4.56 -3.42
C ALA A 118 -7.20 -4.81 -2.78
N VAL A 119 -6.73 -3.92 -1.89
CA VAL A 119 -5.42 -4.04 -1.20
C VAL A 119 -5.30 -5.33 -0.39
N LYS A 120 -6.27 -5.65 0.49
CA LYS A 120 -6.14 -6.81 1.38
C LYS A 120 -6.17 -8.13 0.59
N TYR A 121 -7.03 -8.22 -0.42
CA TYR A 121 -7.04 -9.33 -1.38
C TYR A 121 -5.72 -9.45 -2.16
N TYR A 122 -5.27 -8.37 -2.79
CA TYR A 122 -4.06 -8.33 -3.59
C TYR A 122 -2.81 -8.71 -2.78
N CYS A 123 -2.73 -8.26 -1.52
CA CYS A 123 -1.66 -8.61 -0.59
C CYS A 123 -1.74 -10.07 -0.09
N GLN A 124 -2.96 -10.62 0.07
CA GLN A 124 -3.16 -12.04 0.37
C GLN A 124 -2.75 -12.93 -0.81
N ASN A 125 -2.97 -12.48 -2.05
CA ASN A 125 -2.57 -13.17 -3.28
C ASN A 125 -1.04 -13.14 -3.51
N PHE A 126 -0.40 -12.04 -3.10
CA PHE A 126 1.06 -11.86 -3.12
C PHE A 126 1.81 -12.72 -2.07
N ALA A 127 1.12 -13.16 -1.02
CA ALA A 127 1.71 -13.83 0.15
C ALA A 127 1.48 -15.36 0.20
N PRO A 128 2.33 -16.12 0.92
CA PRO A 128 2.14 -17.57 1.11
C PRO A 128 1.18 -17.93 2.25
N ASN A 129 1.11 -17.12 3.33
CA ASN A 129 0.39 -17.48 4.57
C ASN A 129 -0.14 -16.25 5.36
N PHE A 130 -0.43 -15.13 4.69
CA PHE A 130 -0.86 -13.88 5.33
C PHE A 130 -2.34 -13.92 5.71
N LYS A 131 -2.66 -13.70 6.99
CA LYS A 131 -4.03 -13.76 7.53
C LYS A 131 -4.75 -12.42 7.50
N GLU A 132 -6.08 -12.46 7.48
CA GLU A 132 -6.90 -11.24 7.50
C GLU A 132 -6.93 -10.56 8.88
N SER A 133 -6.68 -11.32 9.96
CA SER A 133 -6.57 -10.77 11.32
C SER A 133 -5.45 -9.73 11.46
N GLU A 134 -4.37 -9.86 10.66
CA GLU A 134 -3.34 -8.82 10.54
C GLU A 134 -3.82 -7.65 9.68
N MET A 135 -4.44 -7.93 8.53
CA MET A 135 -4.95 -6.90 7.61
C MET A 135 -5.95 -5.95 8.28
N ASN A 136 -6.86 -6.52 9.08
CA ASN A 136 -7.88 -5.77 9.82
C ASN A 136 -7.28 -4.97 10.99
N ALA A 137 -6.20 -5.48 11.62
CA ALA A 137 -5.48 -4.78 12.69
C ALA A 137 -4.56 -3.65 12.17
N ILE A 138 -3.97 -3.82 10.98
CA ILE A 138 -3.07 -2.83 10.35
C ILE A 138 -3.86 -1.65 9.80
N ALA A 139 -5.00 -1.91 9.15
CA ALA A 139 -5.96 -0.85 8.78
C ALA A 139 -6.51 -0.05 9.99
N ALA A 140 -6.48 -0.62 11.20
CA ALA A 140 -6.81 0.06 12.46
C ALA A 140 -5.59 0.74 13.16
N ASP A 141 -4.36 0.52 12.67
CA ASP A 141 -3.10 0.97 13.27
C ASP A 141 -2.40 2.07 12.42
N MET A 142 -1.92 1.71 11.22
CA MET A 142 -1.10 2.54 10.31
C MET A 142 -0.04 3.41 11.01
N CYS A 143 0.66 2.84 11.99
CA CYS A 143 1.66 3.51 12.84
C CYS A 143 2.85 2.56 13.10
N THR A 144 3.65 2.83 14.13
CA THR A 144 4.73 1.95 14.62
C THR A 144 4.57 1.60 16.09
N ASN A 145 5.02 0.38 16.45
CA ASN A 145 4.89 -0.18 17.80
C ASN A 145 6.26 -0.65 18.36
N ALA A 146 7.15 -1.17 17.50
CA ALA A 146 8.57 -1.48 17.73
C ALA A 146 9.00 -2.40 18.90
N ARG A 147 8.08 -2.83 19.79
CA ARG A 147 8.40 -3.61 21.00
C ARG A 147 7.37 -4.68 21.37
N ARG A 148 7.87 -5.70 22.08
CA ARG A 148 7.10 -6.81 22.69
C ARG A 148 7.16 -6.89 24.23
N VAL A 149 7.69 -5.86 24.89
CA VAL A 149 7.82 -5.77 26.37
C VAL A 149 6.72 -4.93 27.04
N VAL A 150 5.81 -4.34 26.26
CA VAL A 150 4.77 -3.39 26.72
C VAL A 150 3.44 -4.08 27.11
N ARG A 151 3.39 -5.41 26.98
CA ARG A 151 2.23 -6.29 27.29
C ARG A 151 1.86 -6.28 28.78
N LYS A 152 0.57 -6.54 29.07
CA LYS A 152 -0.06 -6.40 30.40
C LYS A 152 -0.99 -7.58 30.71
N SER A 153 -1.35 -7.73 31.99
CA SER A 153 -2.25 -8.78 32.51
C SER A 153 -3.26 -8.23 33.53
N TRP A 154 -4.26 -9.05 33.90
CA TRP A 154 -5.30 -8.69 34.87
C TRP A 154 -4.74 -8.44 36.29
N MET A 155 -3.70 -9.19 36.69
CA MET A 155 -3.00 -9.09 37.98
C MET A 155 -3.95 -9.01 39.21
N PRO A 156 -4.81 -10.02 39.43
CA PRO A 156 -5.76 -10.03 40.56
C PRO A 156 -5.03 -10.07 41.92
N LYS A 157 -5.54 -9.30 42.89
CA LYS A 157 -4.95 -9.14 44.23
C LYS A 157 -6.01 -8.78 45.29
N VAL A 158 -5.69 -9.03 46.56
CA VAL A 158 -6.50 -8.64 47.73
C VAL A 158 -6.35 -7.15 48.06
N LYS A 159 -7.35 -6.60 48.78
CA LYS A 159 -7.40 -5.20 49.24
C LYS A 159 -8.16 -5.06 50.57
N VAL A 160 -7.94 -3.94 51.28
CA VAL A 160 -8.57 -3.61 52.57
C VAL A 160 -9.12 -2.18 52.50
N LEU A 161 -10.34 -1.97 53.02
CA LEU A 161 -11.07 -0.69 52.96
C LEU A 161 -10.66 0.28 54.09
N LYS A 162 -9.35 0.49 54.26
CA LYS A 162 -8.70 1.33 55.29
C LYS A 162 -9.12 0.97 56.73
N ALA A 163 -9.45 -0.30 56.97
CA ALA A 163 -9.86 -0.84 58.28
C ALA A 163 -8.68 -1.15 59.24
N GLU A 164 -7.45 -1.10 58.74
CA GLU A 164 -6.18 -1.33 59.47
C GLU A 164 -5.06 -0.38 59.01
N LEU A 1 -5.20 9.46 -37.19
CA LEU A 1 -3.92 10.12 -36.79
C LEU A 1 -2.83 9.06 -36.58
N PRO A 2 -1.60 9.23 -37.12
CA PRO A 2 -0.49 8.29 -36.93
C PRO A 2 -0.06 8.12 -35.47
N GLU A 3 0.58 6.99 -35.16
CA GLU A 3 1.14 6.69 -33.83
C GLU A 3 2.47 7.44 -33.57
N GLN A 4 2.78 7.69 -32.30
CA GLN A 4 4.01 8.36 -31.83
C GLN A 4 5.13 7.38 -31.45
N VAL A 5 5.03 6.13 -31.89
CA VAL A 5 5.98 5.02 -31.60
C VAL A 5 7.36 5.23 -32.24
N ALA A 6 8.41 4.72 -31.59
CA ALA A 6 9.80 4.72 -32.07
C ALA A 6 10.43 3.31 -31.94
N PRO A 7 11.38 2.93 -32.83
CA PRO A 7 11.92 1.57 -32.87
C PRO A 7 12.97 1.27 -31.78
N GLU A 8 13.63 2.30 -31.24
CA GLU A 8 14.74 2.19 -30.28
C GLU A 8 14.73 3.37 -29.29
N SER A 9 15.19 3.12 -28.06
CA SER A 9 15.34 4.10 -26.98
C SER A 9 16.59 4.99 -27.15
N ARG A 10 16.62 5.80 -28.22
CA ARG A 10 17.77 6.62 -28.63
C ARG A 10 18.00 7.90 -27.80
N ASN A 11 17.15 8.18 -26.81
CA ASN A 11 17.31 9.27 -25.85
C ASN A 11 18.46 9.00 -24.86
N ARG A 12 18.88 10.02 -24.10
CA ARG A 12 19.93 9.93 -23.07
C ARG A 12 19.42 9.18 -21.83
N ILE A 13 19.69 7.88 -21.77
CA ILE A 13 19.33 7.00 -20.64
C ILE A 13 20.28 7.26 -19.45
N ARG A 14 19.74 7.26 -18.22
CA ARG A 14 20.49 7.47 -16.97
C ARG A 14 20.98 6.16 -16.35
N VAL A 15 21.99 6.23 -15.48
CA VAL A 15 22.55 5.08 -14.75
C VAL A 15 21.55 4.53 -13.72
N ARG A 16 20.79 5.41 -13.06
CA ARG A 16 19.71 5.10 -12.12
C ARG A 16 18.30 5.25 -12.71
N GLN A 17 17.32 4.58 -12.07
CA GLN A 17 15.88 4.59 -12.37
C GLN A 17 15.48 4.17 -13.81
N ASP A 18 14.16 4.07 -14.04
CA ASP A 18 13.53 3.85 -15.34
C ASP A 18 12.15 4.56 -15.37
N LEU A 19 11.58 4.78 -16.56
CA LEU A 19 10.23 5.29 -16.74
C LEU A 19 9.19 4.29 -16.20
N ALA A 20 9.33 3.02 -16.59
CA ALA A 20 8.56 1.89 -16.10
C ALA A 20 9.25 0.54 -16.37
N SER A 21 10.11 0.10 -15.45
CA SER A 21 10.73 -1.23 -15.43
C SER A 21 11.48 -1.51 -14.13
N LEU A 22 11.34 -2.75 -13.66
CA LEU A 22 11.91 -3.28 -12.43
C LEU A 22 13.12 -4.20 -12.68
N PRO A 23 13.95 -4.46 -11.65
CA PRO A 23 15.12 -5.30 -11.81
C PRO A 23 14.75 -6.79 -11.84
N ALA A 24 15.59 -7.59 -12.48
CA ALA A 24 15.34 -9.00 -12.78
C ALA A 24 15.04 -9.83 -11.53
N GLU A 25 15.63 -9.45 -10.39
CA GLU A 25 15.43 -10.05 -9.07
C GLU A 25 14.01 -9.89 -8.50
N LEU A 26 13.22 -8.88 -8.89
CA LEU A 26 11.80 -8.79 -8.55
C LEU A 26 10.98 -9.64 -9.51
N ILE A 27 11.32 -9.52 -10.80
CA ILE A 27 10.75 -10.30 -11.91
C ILE A 27 10.86 -11.81 -11.63
N ASN A 28 11.92 -12.26 -10.95
CA ASN A 28 12.13 -13.67 -10.63
C ASN A 28 11.13 -14.20 -9.58
N GLN A 29 10.44 -13.32 -8.86
CA GLN A 29 9.53 -13.67 -7.74
C GLN A 29 8.05 -13.67 -8.15
N ILE A 30 7.72 -13.00 -9.25
CA ILE A 30 6.34 -12.71 -9.68
C ILE A 30 6.06 -13.02 -11.16
N GLY A 31 6.98 -12.71 -12.07
CA GLY A 31 6.75 -12.81 -13.52
C GLY A 31 5.46 -12.09 -13.96
N ASN A 32 4.64 -12.76 -14.79
CA ASN A 32 3.39 -12.23 -15.33
C ASN A 32 2.19 -12.24 -14.35
N ARG A 33 2.36 -12.63 -13.07
CA ARG A 33 1.26 -12.66 -12.09
C ARG A 33 0.88 -11.27 -11.53
N CYS A 34 1.84 -10.34 -11.54
CA CYS A 34 1.63 -8.91 -11.26
C CYS A 34 1.34 -8.13 -12.55
N HIS A 35 0.90 -6.87 -12.42
CA HIS A 35 0.38 -6.07 -13.54
C HIS A 35 1.49 -5.81 -14.59
N PRO A 36 1.28 -6.10 -15.90
CA PRO A 36 2.36 -6.05 -16.91
C PRO A 36 2.78 -4.62 -17.30
N LYS A 37 1.97 -3.61 -16.97
CA LYS A 37 2.28 -2.17 -17.08
C LYS A 37 3.50 -1.73 -16.28
N LEU A 38 3.91 -2.55 -15.32
CA LEU A 38 5.14 -2.38 -14.54
C LEU A 38 6.42 -2.81 -15.32
N TYR A 39 6.25 -3.43 -16.48
CA TYR A 39 7.34 -3.79 -17.41
C TYR A 39 7.16 -3.13 -18.80
N ASP A 40 5.94 -2.67 -19.13
CA ASP A 40 5.64 -1.98 -20.39
C ASP A 40 6.09 -0.51 -20.36
N GLU A 41 6.71 -0.03 -21.44
CA GLU A 41 7.17 1.36 -21.54
C GLU A 41 6.01 2.37 -21.47
N GLY A 42 6.10 3.28 -20.50
CA GLY A 42 5.16 4.37 -20.24
C GLY A 42 5.59 5.23 -19.05
N ASP A 43 4.93 6.36 -18.83
CA ASP A 43 5.33 7.36 -17.81
C ASP A 43 5.02 6.93 -16.36
N PRO A 44 5.76 7.43 -15.34
CA PRO A 44 5.56 7.05 -13.94
C PRO A 44 4.20 7.49 -13.36
N SER A 45 3.58 8.54 -13.92
CA SER A 45 2.35 9.16 -13.40
C SER A 45 1.05 8.46 -13.85
N GLU A 46 1.12 7.52 -14.80
CA GLU A 46 -0.03 6.74 -15.28
C GLU A 46 -0.66 5.93 -14.12
N LYS A 47 -2.00 6.03 -13.93
CA LYS A 47 -2.73 5.24 -12.93
C LYS A 47 -3.09 3.85 -13.47
N LEU A 48 -3.01 2.85 -12.60
CA LEU A 48 -3.14 1.42 -12.90
C LEU A 48 -4.22 0.80 -12.01
N GLU A 49 -5.11 -0.02 -12.57
CA GLU A 49 -6.15 -0.70 -11.78
C GLU A 49 -5.51 -1.82 -10.94
N LEU A 50 -5.56 -1.68 -9.61
CA LEU A 50 -4.91 -2.62 -8.69
C LEU A 50 -5.52 -4.04 -8.77
N VAL A 51 -6.85 -4.12 -8.84
CA VAL A 51 -7.63 -5.36 -8.93
C VAL A 51 -8.77 -5.16 -9.92
N THR A 52 -8.90 -6.06 -10.90
CA THR A 52 -9.90 -5.96 -11.97
C THR A 52 -11.33 -5.86 -11.41
N GLY A 53 -12.12 -4.95 -11.97
CA GLY A 53 -13.53 -4.76 -11.62
C GLY A 53 -13.75 -3.86 -10.40
N THR A 54 -12.78 -3.75 -9.48
CA THR A 54 -12.90 -2.86 -8.29
C THR A 54 -12.84 -1.38 -8.66
N ASN A 55 -12.29 -1.04 -9.83
CA ASN A 55 -12.03 0.33 -10.28
C ASN A 55 -11.21 1.15 -9.26
N VAL A 56 -10.26 0.49 -8.59
CA VAL A 56 -9.32 1.08 -7.63
C VAL A 56 -7.98 1.34 -8.33
N TYR A 57 -7.62 2.60 -8.53
CA TYR A 57 -6.46 3.01 -9.32
C TYR A 57 -5.33 3.59 -8.47
N ILE A 58 -4.11 3.10 -8.69
CA ILE A 58 -2.86 3.56 -8.05
C ILE A 58 -1.86 4.06 -9.09
N THR A 59 -1.12 5.12 -8.76
CA THR A 59 -0.04 5.67 -9.60
C THR A 59 1.06 4.61 -9.83
N ARG A 60 1.51 4.41 -11.08
CA ARG A 60 2.57 3.44 -11.41
C ARG A 60 3.82 3.63 -10.57
N ALA A 61 4.29 4.87 -10.40
CA ALA A 61 5.42 5.20 -9.53
C ALA A 61 5.25 4.69 -8.08
N GLN A 62 4.03 4.70 -7.54
CA GLN A 62 3.76 4.22 -6.18
C GLN A 62 3.63 2.69 -6.11
N LEU A 63 3.10 2.03 -7.14
CA LEU A 63 3.06 0.57 -7.16
C LEU A 63 4.47 0.00 -7.36
N MET A 64 5.32 0.67 -8.17
CA MET A 64 6.75 0.39 -8.27
C MET A 64 7.47 0.61 -6.93
N ASN A 65 7.19 1.72 -6.24
CA ASN A 65 7.71 2.01 -4.90
C ASN A 65 7.37 0.88 -3.91
N CYS A 66 6.11 0.43 -3.88
CA CYS A 66 5.68 -0.73 -3.08
C CYS A 66 6.47 -2.00 -3.45
N HIS A 67 6.73 -2.27 -4.74
CA HIS A 67 7.49 -3.43 -5.17
C HIS A 67 8.99 -3.38 -4.82
N VAL A 68 9.65 -2.22 -4.90
CA VAL A 68 11.09 -2.11 -4.53
C VAL A 68 11.31 -2.08 -3.02
N SER A 69 10.34 -1.54 -2.27
CA SER A 69 10.44 -1.30 -0.82
C SER A 69 9.95 -2.47 0.04
N ALA A 70 8.96 -3.23 -0.45
CA ALA A 70 8.36 -4.37 0.23
C ALA A 70 8.47 -5.68 -0.57
N GLY A 71 9.32 -5.73 -1.60
CA GLY A 71 9.39 -6.83 -2.57
C GLY A 71 9.56 -8.25 -2.00
N THR A 72 10.12 -8.37 -0.79
CA THR A 72 10.29 -9.66 -0.06
C THR A 72 9.47 -9.77 1.23
N ARG A 73 8.69 -8.73 1.60
CA ARG A 73 7.84 -8.68 2.81
C ARG A 73 6.42 -8.21 2.50
N HIS A 74 5.50 -9.14 2.31
CA HIS A 74 4.06 -8.90 2.09
C HIS A 74 3.40 -8.04 3.20
N LYS A 75 3.88 -8.17 4.45
CA LYS A 75 3.39 -7.42 5.62
C LYS A 75 3.91 -5.98 5.68
N VAL A 76 4.88 -5.62 4.83
CA VAL A 76 5.33 -4.25 4.56
C VAL A 76 4.49 -3.68 3.42
N LEU A 77 4.28 -4.46 2.36
CA LEU A 77 3.51 -4.06 1.18
C LEU A 77 2.08 -3.68 1.58
N LEU A 78 1.49 -4.43 2.51
CA LEU A 78 0.19 -4.15 3.13
C LEU A 78 0.07 -2.72 3.69
N ARG A 79 1.09 -2.24 4.43
CA ARG A 79 1.16 -0.86 4.93
C ARG A 79 1.47 0.15 3.83
N ARG A 80 2.52 -0.09 3.04
CA ARG A 80 2.94 0.73 1.89
C ARG A 80 1.79 1.06 0.93
N LEU A 81 0.99 0.05 0.55
CA LEU A 81 -0.10 0.18 -0.41
C LEU A 81 -1.33 0.89 0.18
N LEU A 82 -1.76 0.52 1.39
CA LEU A 82 -2.88 1.16 2.10
C LEU A 82 -2.67 2.67 2.27
N ALA A 83 -1.46 3.10 2.65
CA ALA A 83 -1.05 4.49 2.79
C ALA A 83 -1.09 5.32 1.48
N SER A 84 -1.27 4.69 0.31
CA SER A 84 -1.44 5.40 -0.97
C SER A 84 -2.89 5.81 -1.26
N PHE A 85 -3.87 5.21 -0.58
CA PHE A 85 -5.30 5.46 -0.81
C PHE A 85 -5.95 6.33 0.27
N PHE A 86 -5.62 6.10 1.55
CA PHE A 86 -6.14 6.88 2.68
C PHE A 86 -5.09 7.81 3.32
N ASP A 87 -5.54 8.96 3.82
CA ASP A 87 -4.78 9.86 4.68
C ASP A 87 -5.27 9.74 6.14
N ARG A 88 -4.46 10.21 7.10
CA ARG A 88 -4.79 10.37 8.53
C ARG A 88 -6.18 10.98 8.76
N ASN A 89 -6.55 12.01 8.00
CA ASN A 89 -7.83 12.72 8.13
C ASN A 89 -9.04 11.90 7.64
N THR A 90 -8.81 10.73 7.04
CA THR A 90 -9.82 9.74 6.64
C THR A 90 -9.74 8.47 7.49
N LEU A 91 -8.56 7.85 7.62
CA LEU A 91 -8.42 6.53 8.26
C LEU A 91 -8.40 6.60 9.79
N ALA A 92 -7.78 7.62 10.39
CA ALA A 92 -7.86 7.85 11.85
C ALA A 92 -9.25 8.38 12.24
N ASN A 93 -9.82 9.23 11.39
CA ASN A 93 -11.18 9.76 11.50
C ASN A 93 -12.27 8.66 11.43
N SER A 94 -11.99 7.55 10.72
CA SER A 94 -12.83 6.34 10.66
C SER A 94 -12.51 5.30 11.76
N CYS A 95 -11.46 5.53 12.57
CA CYS A 95 -10.88 4.59 13.54
C CYS A 95 -10.46 3.24 12.90
N GLY A 96 -9.83 3.29 11.72
CA GLY A 96 -9.46 2.11 10.92
C GLY A 96 -10.64 1.49 10.16
N THR A 97 -10.46 0.24 9.70
CA THR A 97 -11.55 -0.57 9.11
C THR A 97 -12.50 -1.15 10.18
N GLY A 98 -13.60 -1.74 9.73
CA GLY A 98 -14.65 -2.36 10.57
C GLY A 98 -16.09 -2.13 10.09
N ILE A 99 -16.28 -1.76 8.82
CA ILE A 99 -17.56 -1.42 8.20
C ILE A 99 -17.95 -2.40 7.08
N ARG A 100 -19.11 -2.19 6.45
CA ARG A 100 -19.64 -2.96 5.31
C ARG A 100 -19.79 -2.08 4.07
N SER A 101 -20.05 -2.69 2.92
CA SER A 101 -20.31 -2.00 1.63
C SER A 101 -21.48 -1.00 1.67
N SER A 102 -22.49 -1.23 2.52
CA SER A 102 -23.70 -0.40 2.63
C SER A 102 -24.00 0.12 4.05
N THR A 103 -23.14 -0.19 5.04
CA THR A 103 -23.38 0.13 6.47
C THR A 103 -22.08 0.55 7.17
N ASN A 104 -22.11 1.63 7.94
CA ASN A 104 -20.98 2.19 8.68
C ASN A 104 -21.36 2.59 10.12
N ASP A 105 -20.35 2.84 10.96
CA ASP A 105 -20.53 3.42 12.30
C ASP A 105 -21.12 4.84 12.21
N PRO A 106 -22.13 5.20 13.04
CA PRO A 106 -22.84 6.49 12.94
C PRO A 106 -22.21 7.64 13.76
N ARG A 107 -21.16 7.36 14.53
CA ARG A 107 -20.44 8.31 15.40
C ARG A 107 -19.24 8.92 14.67
N ARG A 108 -18.53 8.08 13.92
CA ARG A 108 -17.46 8.43 12.96
C ARG A 108 -18.06 8.69 11.56
N LYS A 109 -17.19 8.80 10.55
CA LYS A 109 -17.54 8.96 9.12
C LYS A 109 -17.25 7.67 8.33
N PRO A 110 -17.93 7.43 7.20
CA PRO A 110 -17.68 6.25 6.36
C PRO A 110 -16.28 6.26 5.71
N LEU A 111 -15.73 5.07 5.50
CA LEU A 111 -14.45 4.80 4.83
C LEU A 111 -14.70 4.19 3.43
N ASP A 112 -13.80 4.39 2.47
CA ASP A 112 -13.97 3.91 1.10
C ASP A 112 -13.49 2.46 0.94
N SER A 113 -14.31 1.54 1.47
CA SER A 113 -13.99 0.12 1.68
C SER A 113 -13.69 -0.70 0.42
N ARG A 114 -13.93 -0.13 -0.78
CA ARG A 114 -13.53 -0.73 -2.05
C ARG A 114 -12.01 -0.82 -2.19
N VAL A 115 -11.26 0.13 -1.59
CA VAL A 115 -9.79 0.12 -1.68
C VAL A 115 -9.19 -0.87 -0.68
N LEU A 116 -9.80 -1.01 0.51
CA LEU A 116 -9.48 -2.08 1.47
C LEU A 116 -9.66 -3.46 0.84
N HIS A 117 -10.78 -3.69 0.14
CA HIS A 117 -11.01 -4.95 -0.59
C HIS A 117 -9.86 -5.26 -1.57
N ALA A 118 -9.56 -4.34 -2.51
CA ALA A 118 -8.48 -4.54 -3.47
C ALA A 118 -7.10 -4.72 -2.81
N VAL A 119 -6.71 -3.84 -1.86
CA VAL A 119 -5.43 -3.90 -1.13
C VAL A 119 -5.29 -5.21 -0.36
N LYS A 120 -6.28 -5.58 0.47
CA LYS A 120 -6.16 -6.74 1.38
C LYS A 120 -6.11 -8.05 0.59
N TYR A 121 -6.92 -8.18 -0.46
CA TYR A 121 -6.86 -9.28 -1.42
C TYR A 121 -5.51 -9.34 -2.15
N TYR A 122 -5.07 -8.24 -2.76
CA TYR A 122 -3.79 -8.17 -3.48
C TYR A 122 -2.60 -8.53 -2.56
N CYS A 123 -2.64 -8.11 -1.30
CA CYS A 123 -1.59 -8.42 -0.32
C CYS A 123 -1.64 -9.87 0.14
N GLN A 124 -2.84 -10.46 0.27
CA GLN A 124 -3.00 -11.90 0.54
C GLN A 124 -2.51 -12.76 -0.63
N ASN A 125 -2.60 -12.25 -1.86
CA ASN A 125 -2.08 -12.89 -3.08
C ASN A 125 -0.57 -12.70 -3.28
N PHE A 126 0.03 -11.69 -2.66
CA PHE A 126 1.49 -11.50 -2.61
C PHE A 126 2.14 -12.24 -1.41
N ALA A 127 1.33 -12.58 -0.40
CA ALA A 127 1.71 -13.36 0.77
C ALA A 127 1.61 -14.89 0.54
N PRO A 128 2.30 -15.73 1.36
CA PRO A 128 2.10 -17.17 1.36
C PRO A 128 0.80 -17.59 2.09
N ASN A 129 0.53 -17.02 3.27
CA ASN A 129 -0.62 -17.39 4.13
C ASN A 129 -1.01 -16.30 5.16
N PHE A 130 -0.79 -15.01 4.85
CA PHE A 130 -1.05 -13.92 5.82
C PHE A 130 -2.55 -13.66 6.00
N LYS A 131 -3.03 -13.65 7.26
CA LYS A 131 -4.47 -13.63 7.60
C LYS A 131 -5.11 -12.25 7.53
N GLU A 132 -6.44 -12.21 7.42
CA GLU A 132 -7.20 -10.96 7.38
C GLU A 132 -7.30 -10.28 8.75
N SER A 133 -7.17 -11.02 9.85
CA SER A 133 -7.21 -10.48 11.21
C SER A 133 -6.01 -9.56 11.50
N GLU A 134 -4.86 -9.83 10.88
CA GLU A 134 -3.71 -8.93 10.90
C GLU A 134 -3.97 -7.68 10.05
N MET A 135 -4.51 -7.83 8.84
CA MET A 135 -4.87 -6.72 7.95
C MET A 135 -5.85 -5.73 8.61
N ASN A 136 -6.87 -6.27 9.28
CA ASN A 136 -7.90 -5.49 9.98
C ASN A 136 -7.35 -4.78 11.24
N ALA A 137 -6.34 -5.35 11.91
CA ALA A 137 -5.63 -4.71 13.00
C ALA A 137 -4.69 -3.59 12.49
N ILE A 138 -3.88 -3.87 11.46
CA ILE A 138 -2.92 -2.92 10.85
C ILE A 138 -3.63 -1.67 10.34
N ALA A 139 -4.76 -1.81 9.67
CA ALA A 139 -5.57 -0.68 9.21
C ALA A 139 -6.02 0.29 10.32
N ALA A 140 -6.03 -0.13 11.59
CA ALA A 140 -6.21 0.75 12.75
C ALA A 140 -4.87 1.16 13.40
N ASP A 141 -3.91 0.23 13.50
CA ASP A 141 -2.58 0.42 14.12
C ASP A 141 -1.73 1.52 13.44
N MET A 142 -1.93 1.73 12.14
CA MET A 142 -1.28 2.82 11.37
C MET A 142 -1.77 4.23 11.77
N CYS A 143 -2.88 4.34 12.51
CA CYS A 143 -3.54 5.59 12.87
C CYS A 143 -3.70 5.81 14.38
N THR A 144 -4.11 4.78 15.13
CA THR A 144 -4.45 4.86 16.56
C THR A 144 -3.86 3.72 17.39
N ASN A 145 -3.52 4.01 18.64
CA ASN A 145 -2.91 3.07 19.60
C ASN A 145 -3.26 3.32 21.08
N ALA A 146 -3.64 4.56 21.44
CA ALA A 146 -3.82 5.08 22.80
C ALA A 146 -2.55 5.09 23.69
N ARG A 147 -2.50 6.03 24.64
CA ARG A 147 -1.40 6.23 25.61
C ARG A 147 -1.86 6.96 26.88
N ARG A 148 -0.95 7.10 27.85
CA ARG A 148 -1.16 7.74 29.16
C ARG A 148 0.02 8.63 29.62
N VAL A 149 0.79 9.15 28.66
CA VAL A 149 2.03 9.92 28.89
C VAL A 149 1.83 11.45 29.01
N VAL A 150 0.60 11.93 28.84
CA VAL A 150 0.25 13.37 28.82
C VAL A 150 -0.04 13.97 30.22
N ARG A 151 0.05 13.16 31.28
CA ARG A 151 -0.09 13.56 32.69
C ARG A 151 1.04 14.50 33.15
N LYS A 152 0.78 15.27 34.21
CA LYS A 152 1.74 16.21 34.83
C LYS A 152 2.91 15.50 35.51
N SER A 153 4.03 16.22 35.68
CA SER A 153 5.27 15.74 36.32
C SER A 153 5.92 16.84 37.18
N TRP A 154 6.69 16.43 38.19
CA TRP A 154 7.52 17.33 39.01
C TRP A 154 8.65 17.98 38.20
N MET A 155 9.21 17.24 37.23
CA MET A 155 10.27 17.69 36.29
C MET A 155 11.42 18.48 36.97
N PRO A 156 12.16 17.88 37.94
CA PRO A 156 13.20 18.56 38.70
C PRO A 156 14.40 18.99 37.83
N LYS A 157 15.06 20.09 38.23
CA LYS A 157 16.24 20.66 37.56
C LYS A 157 17.54 20.00 38.01
N VAL A 158 18.55 20.01 37.14
CA VAL A 158 19.89 19.41 37.37
C VAL A 158 20.91 20.39 38.02
N LYS A 159 20.54 21.66 38.18
CA LYS A 159 21.38 22.74 38.72
C LYS A 159 20.59 23.71 39.61
N VAL A 160 21.31 24.44 40.47
CA VAL A 160 20.78 25.40 41.45
C VAL A 160 21.31 26.82 41.23
N LEU A 161 20.57 27.83 41.69
CA LEU A 161 20.95 29.24 41.64
C LEU A 161 21.95 29.59 42.77
N LYS A 162 22.88 30.52 42.50
CA LYS A 162 23.85 31.07 43.47
C LYS A 162 23.98 32.59 43.30
N ALA A 163 24.14 33.32 44.41
CA ALA A 163 24.30 34.77 44.44
C ALA A 163 25.71 35.25 44.00
N GLU A 164 25.81 36.50 43.56
CA GLU A 164 27.06 37.17 43.13
C GLU A 164 27.09 38.66 43.56
N LEU A 1 7.05 9.59 33.69
CA LEU A 1 7.51 10.60 32.71
C LEU A 1 8.04 9.91 31.44
N PRO A 2 7.27 9.92 30.32
CA PRO A 2 7.70 9.30 29.06
C PRO A 2 8.85 10.09 28.38
N GLU A 3 9.67 9.39 27.59
CA GLU A 3 10.85 9.92 26.90
C GLU A 3 10.79 9.80 25.37
N GLN A 4 9.75 9.14 24.83
CA GLN A 4 9.59 8.82 23.40
C GLN A 4 9.02 10.01 22.58
N VAL A 5 9.64 11.19 22.73
CA VAL A 5 9.26 12.44 22.05
C VAL A 5 9.71 12.47 20.58
N ALA A 6 8.85 13.03 19.71
CA ALA A 6 8.99 13.13 18.25
C ALA A 6 9.02 11.79 17.47
N PRO A 7 8.53 11.75 16.21
CA PRO A 7 8.54 10.54 15.37
C PRO A 7 9.88 10.29 14.66
N GLU A 8 10.75 11.31 14.56
CA GLU A 8 12.07 11.29 13.91
C GLU A 8 12.04 10.80 12.44
N SER A 9 10.96 11.11 11.71
CA SER A 9 10.72 10.70 10.32
C SER A 9 11.74 11.28 9.33
N ARG A 10 12.05 10.53 8.27
CA ARG A 10 12.94 10.91 7.15
C ARG A 10 12.32 10.54 5.78
N ASN A 11 12.76 11.20 4.72
CA ASN A 11 12.32 10.97 3.35
C ASN A 11 13.01 9.77 2.67
N ARG A 12 12.46 9.34 1.53
CA ARG A 12 12.94 8.20 0.71
C ARG A 12 13.50 8.70 -0.63
N ILE A 13 14.81 8.55 -0.83
CA ILE A 13 15.53 8.89 -2.06
C ILE A 13 15.61 7.64 -2.97
N ARG A 14 15.43 7.81 -4.29
CA ARG A 14 15.51 6.72 -5.28
C ARG A 14 16.96 6.36 -5.65
N VAL A 15 17.17 5.12 -6.12
CA VAL A 15 18.45 4.63 -6.68
C VAL A 15 18.43 4.58 -8.21
N ARG A 16 17.25 4.32 -8.81
CA ARG A 16 17.01 4.15 -10.24
C ARG A 16 15.69 4.77 -10.67
N GLN A 17 15.57 5.17 -11.94
CA GLN A 17 14.36 5.69 -12.56
C GLN A 17 14.18 5.11 -13.98
N ASP A 18 12.99 4.61 -14.27
CA ASP A 18 12.57 4.04 -15.56
C ASP A 18 11.08 4.34 -15.85
N LEU A 19 10.63 4.12 -17.08
CA LEU A 19 9.23 4.26 -17.48
C LEU A 19 8.34 3.19 -16.80
N ALA A 20 8.83 1.96 -16.82
CA ALA A 20 8.27 0.76 -16.18
C ALA A 20 9.37 -0.29 -15.89
N SER A 21 8.97 -1.53 -15.57
CA SER A 21 9.80 -2.67 -15.18
C SER A 21 10.41 -2.58 -13.77
N LEU A 22 10.51 -3.75 -13.12
CA LEU A 22 11.02 -3.97 -11.77
C LEU A 22 12.34 -4.77 -11.81
N PRO A 23 13.14 -4.80 -10.72
CA PRO A 23 14.36 -5.61 -10.69
C PRO A 23 14.05 -7.12 -10.54
N ALA A 24 15.01 -7.95 -10.94
CA ALA A 24 14.86 -9.40 -11.07
C ALA A 24 14.43 -10.08 -9.75
N GLU A 25 14.90 -9.55 -8.62
CA GLU A 25 14.52 -9.94 -7.27
C GLU A 25 13.03 -9.83 -6.95
N LEU A 26 12.26 -8.93 -7.58
CA LEU A 26 10.80 -8.86 -7.42
C LEU A 26 10.11 -9.80 -8.40
N ILE A 27 10.66 -9.88 -9.61
CA ILE A 27 10.27 -10.85 -10.65
C ILE A 27 10.39 -12.29 -10.12
N ASN A 28 11.31 -12.56 -9.19
CA ASN A 28 11.47 -13.87 -8.57
C ASN A 28 10.30 -14.25 -7.62
N GLN A 29 9.41 -13.29 -7.31
CA GLN A 29 8.30 -13.42 -6.37
C GLN A 29 6.92 -13.40 -7.06
N ILE A 30 6.85 -12.74 -8.23
CA ILE A 30 5.59 -12.42 -8.97
C ILE A 30 5.58 -12.89 -10.43
N GLY A 31 6.75 -13.08 -11.04
CA GLY A 31 6.93 -13.45 -12.45
C GLY A 31 6.30 -12.39 -13.37
N ASN A 32 5.35 -12.82 -14.20
CA ASN A 32 4.52 -11.95 -15.04
C ASN A 32 3.04 -11.93 -14.61
N ARG A 33 2.72 -12.41 -13.39
CA ARG A 33 1.34 -12.73 -12.98
C ARG A 33 0.64 -11.74 -12.05
N CYS A 34 1.36 -11.08 -11.14
CA CYS A 34 0.73 -10.30 -10.07
C CYS A 34 0.08 -9.00 -10.60
N HIS A 35 0.79 -8.23 -11.43
CA HIS A 35 0.31 -6.98 -11.99
C HIS A 35 0.96 -6.65 -13.37
N PRO A 36 0.55 -7.31 -14.48
CA PRO A 36 1.23 -7.27 -15.79
C PRO A 36 1.73 -5.89 -16.30
N LYS A 37 1.02 -4.80 -16.01
CA LYS A 37 1.42 -3.41 -16.35
C LYS A 37 2.75 -2.95 -15.78
N LEU A 38 3.19 -3.58 -14.70
CA LEU A 38 4.48 -3.30 -14.06
C LEU A 38 5.66 -3.93 -14.81
N TYR A 39 5.38 -4.77 -15.81
CA TYR A 39 6.38 -5.41 -16.68
C TYR A 39 6.15 -5.05 -18.16
N ASP A 40 4.98 -4.54 -18.53
CA ASP A 40 4.68 -4.02 -19.87
C ASP A 40 5.35 -2.65 -20.11
N GLU A 41 5.43 -2.20 -21.35
CA GLU A 41 5.82 -0.83 -21.67
C GLU A 41 4.70 0.17 -21.29
N GLY A 42 5.08 1.29 -20.69
CA GLY A 42 4.17 2.35 -20.27
C GLY A 42 4.89 3.65 -19.92
N ASP A 43 4.39 4.37 -18.90
CA ASP A 43 5.02 5.56 -18.32
C ASP A 43 4.75 5.67 -16.81
N PRO A 44 5.53 6.47 -16.04
CA PRO A 44 5.41 6.52 -14.58
C PRO A 44 4.07 7.08 -14.07
N SER A 45 3.35 7.86 -14.88
CA SER A 45 2.15 8.62 -14.49
C SER A 45 0.83 7.92 -14.86
N GLU A 46 0.85 6.83 -15.64
CA GLU A 46 -0.34 6.01 -15.92
C GLU A 46 -0.98 5.47 -14.62
N LYS A 47 -2.29 5.69 -14.41
CA LYS A 47 -3.03 5.04 -13.32
C LYS A 47 -3.47 3.63 -13.74
N LEU A 48 -3.35 2.69 -12.82
CA LEU A 48 -3.49 1.25 -13.06
C LEU A 48 -4.58 0.68 -12.13
N GLU A 49 -5.50 -0.15 -12.66
CA GLU A 49 -6.54 -0.76 -11.83
C GLU A 49 -5.94 -1.87 -10.93
N LEU A 50 -5.92 -1.61 -9.64
CA LEU A 50 -5.24 -2.44 -8.64
C LEU A 50 -5.85 -3.85 -8.55
N VAL A 51 -7.19 -3.95 -8.59
CA VAL A 51 -7.95 -5.20 -8.74
C VAL A 51 -9.08 -4.99 -9.74
N THR A 52 -9.15 -5.85 -10.76
CA THR A 52 -10.15 -5.82 -11.84
C THR A 52 -11.59 -5.84 -11.32
N GLY A 53 -12.35 -4.79 -11.61
CA GLY A 53 -13.77 -4.63 -11.27
C GLY A 53 -14.01 -3.79 -10.01
N THR A 54 -13.00 -3.61 -9.15
CA THR A 54 -13.09 -2.72 -7.99
C THR A 54 -13.05 -1.24 -8.39
N ASN A 55 -12.54 -0.94 -9.59
CA ASN A 55 -12.33 0.43 -10.09
C ASN A 55 -11.46 1.30 -9.16
N VAL A 56 -10.45 0.67 -8.54
CA VAL A 56 -9.45 1.30 -7.66
C VAL A 56 -8.17 1.54 -8.46
N TYR A 57 -7.80 2.80 -8.70
CA TYR A 57 -6.69 3.17 -9.58
C TYR A 57 -5.52 3.82 -8.84
N ILE A 58 -4.30 3.31 -9.06
CA ILE A 58 -3.03 3.83 -8.50
C ILE A 58 -2.00 4.10 -9.59
N THR A 59 -1.25 5.20 -9.45
CA THR A 59 -0.18 5.62 -10.36
C THR A 59 0.96 4.59 -10.42
N ARG A 60 1.49 4.25 -11.60
CA ARG A 60 2.57 3.25 -11.77
C ARG A 60 3.76 3.55 -10.85
N ALA A 61 4.26 4.79 -10.83
CA ALA A 61 5.37 5.19 -9.98
C ALA A 61 5.13 4.90 -8.48
N GLN A 62 3.89 5.04 -8.00
CA GLN A 62 3.52 4.76 -6.62
C GLN A 62 3.38 3.26 -6.34
N LEU A 63 2.87 2.48 -7.28
CA LEU A 63 2.74 1.02 -7.15
C LEU A 63 4.13 0.37 -7.16
N MET A 64 5.00 0.79 -8.07
CA MET A 64 6.42 0.42 -8.10
C MET A 64 7.13 0.81 -6.80
N ASN A 65 6.92 2.03 -6.31
CA ASN A 65 7.46 2.48 -5.03
C ASN A 65 7.03 1.57 -3.86
N CYS A 66 5.74 1.22 -3.75
CA CYS A 66 5.25 0.27 -2.76
C CYS A 66 6.00 -1.07 -2.83
N HIS A 67 6.20 -1.61 -4.04
CA HIS A 67 6.91 -2.88 -4.27
C HIS A 67 8.41 -2.82 -3.91
N VAL A 68 9.15 -1.77 -4.29
CA VAL A 68 10.61 -1.71 -3.97
C VAL A 68 10.86 -1.41 -2.49
N SER A 69 9.94 -0.69 -1.85
CA SER A 69 10.03 -0.27 -0.44
C SER A 69 9.65 -1.37 0.55
N ALA A 70 8.75 -2.28 0.16
CA ALA A 70 8.45 -3.50 0.91
C ALA A 70 9.46 -4.62 0.57
N GLY A 71 9.92 -4.67 -0.68
CA GLY A 71 10.96 -5.55 -1.25
C GLY A 71 10.64 -7.05 -1.30
N THR A 72 10.07 -7.57 -0.21
CA THR A 72 9.68 -8.98 0.04
C THR A 72 8.50 -9.07 1.01
N ARG A 73 8.44 -8.20 2.02
CA ARG A 73 7.51 -8.25 3.15
C ARG A 73 6.10 -7.77 2.76
N HIS A 74 5.19 -8.71 2.55
CA HIS A 74 3.74 -8.44 2.39
C HIS A 74 3.14 -7.65 3.58
N LYS A 75 3.71 -7.79 4.79
CA LYS A 75 3.32 -7.06 6.01
C LYS A 75 3.72 -5.57 5.98
N VAL A 76 4.61 -5.21 5.05
CA VAL A 76 5.00 -3.83 4.69
C VAL A 76 4.24 -3.36 3.46
N LEU A 77 4.08 -4.19 2.43
CA LEU A 77 3.31 -3.86 1.23
C LEU A 77 1.85 -3.50 1.57
N LEU A 78 1.24 -4.22 2.53
CA LEU A 78 -0.08 -3.91 3.09
C LEU A 78 -0.18 -2.48 3.65
N ARG A 79 0.88 -1.97 4.30
CA ARG A 79 0.92 -0.60 4.83
C ARG A 79 1.16 0.43 3.73
N ARG A 80 2.20 0.21 2.92
CA ARG A 80 2.63 1.08 1.81
C ARG A 80 1.48 1.36 0.83
N LEU A 81 0.78 0.32 0.39
CA LEU A 81 -0.26 0.40 -0.63
C LEU A 81 -1.56 1.03 -0.08
N LEU A 82 -1.94 0.75 1.17
CA LEU A 82 -3.08 1.38 1.85
C LEU A 82 -2.92 2.90 1.98
N ALA A 83 -1.75 3.34 2.48
CA ALA A 83 -1.37 4.75 2.56
C ALA A 83 -1.20 5.44 1.19
N SER A 84 -1.21 4.69 0.09
CA SER A 84 -1.21 5.22 -1.29
C SER A 84 -2.62 5.49 -1.85
N PHE A 85 -3.68 5.08 -1.14
CA PHE A 85 -5.07 5.38 -1.48
C PHE A 85 -5.73 6.39 -0.51
N PHE A 86 -5.53 6.24 0.80
CA PHE A 86 -6.13 7.14 1.79
C PHE A 86 -5.34 8.45 1.96
N ASP A 87 -6.06 9.57 1.98
CA ASP A 87 -5.54 10.90 2.30
C ASP A 87 -5.24 11.07 3.81
N ARG A 88 -4.48 12.10 4.19
CA ARG A 88 -4.15 12.41 5.60
C ARG A 88 -5.35 12.65 6.52
N ASN A 89 -6.55 12.97 6.01
CA ASN A 89 -7.77 13.09 6.82
C ASN A 89 -8.37 11.72 7.18
N THR A 90 -8.52 10.84 6.18
CA THR A 90 -8.86 9.42 6.35
C THR A 90 -7.81 8.68 7.19
N LEU A 91 -8.23 7.61 7.89
CA LEU A 91 -7.42 6.70 8.72
C LEU A 91 -6.70 7.33 9.95
N ALA A 92 -6.44 8.64 9.94
CA ALA A 92 -5.99 9.40 11.10
C ALA A 92 -7.16 9.68 12.07
N ASN A 93 -8.37 9.88 11.53
CA ASN A 93 -9.61 10.11 12.28
C ASN A 93 -10.52 8.86 12.35
N SER A 94 -10.39 7.94 11.39
CA SER A 94 -11.15 6.68 11.32
C SER A 94 -10.33 5.50 11.84
N CYS A 95 -10.89 4.69 12.74
CA CYS A 95 -10.20 3.59 13.45
C CYS A 95 -10.00 2.29 12.63
N GLY A 96 -9.66 2.43 11.34
CA GLY A 96 -9.43 1.32 10.41
C GLY A 96 -10.68 0.49 10.07
N THR A 97 -10.48 -0.66 9.43
CA THR A 97 -11.55 -1.61 9.08
C THR A 97 -12.02 -2.43 10.29
N GLY A 98 -11.10 -2.82 11.18
CA GLY A 98 -11.36 -3.78 12.27
C GLY A 98 -12.20 -3.26 13.44
N ILE A 99 -12.20 -1.94 13.68
CA ILE A 99 -12.97 -1.28 14.76
C ILE A 99 -14.02 -0.35 14.14
N ARG A 100 -15.29 -0.59 14.46
CA ARG A 100 -16.47 0.11 13.89
C ARG A 100 -17.54 0.50 14.92
N SER A 101 -17.33 0.14 16.20
CA SER A 101 -18.25 0.37 17.32
C SER A 101 -18.56 1.87 17.58
N SER A 102 -19.71 2.15 18.19
CA SER A 102 -20.21 3.48 18.57
C SER A 102 -20.32 4.48 17.40
N THR A 103 -21.53 4.64 16.86
CA THR A 103 -21.83 5.49 15.69
C THR A 103 -22.55 6.80 16.04
N ASN A 104 -22.85 7.06 17.32
CA ASN A 104 -23.40 8.32 17.80
C ASN A 104 -22.31 9.42 17.88
N ASP A 105 -22.68 10.68 17.63
CA ASP A 105 -21.78 11.85 17.54
C ASP A 105 -20.47 11.56 16.74
N PRO A 106 -20.58 11.13 15.47
CA PRO A 106 -19.47 10.62 14.67
C PRO A 106 -18.45 11.71 14.32
N ARG A 107 -17.17 11.37 14.53
CA ARG A 107 -15.98 12.18 14.20
C ARG A 107 -15.06 11.55 13.14
N ARG A 108 -15.44 10.38 12.63
CA ARG A 108 -14.76 9.62 11.57
C ARG A 108 -14.88 10.32 10.21
N LYS A 109 -14.00 9.92 9.29
CA LYS A 109 -13.92 10.33 7.87
C LYS A 109 -14.28 9.17 6.92
N PRO A 110 -14.68 9.43 5.66
CA PRO A 110 -15.17 8.39 4.75
C PRO A 110 -14.05 7.48 4.22
N LEU A 111 -13.62 6.52 5.05
CA LEU A 111 -12.65 5.48 4.70
C LEU A 111 -13.24 4.51 3.68
N ASP A 112 -12.52 4.25 2.58
CA ASP A 112 -13.04 3.47 1.45
C ASP A 112 -12.73 1.96 1.58
N SER A 113 -13.79 1.18 1.62
CA SER A 113 -13.83 -0.28 1.85
C SER A 113 -13.52 -1.08 0.58
N ARG A 114 -13.71 -0.51 -0.61
CA ARG A 114 -13.35 -1.16 -1.88
C ARG A 114 -11.83 -1.12 -2.10
N VAL A 115 -11.20 -0.11 -1.50
CA VAL A 115 -9.76 0.13 -1.45
C VAL A 115 -9.11 -0.88 -0.49
N LEU A 116 -9.66 -1.02 0.71
CA LEU A 116 -9.28 -2.07 1.67
C LEU A 116 -9.42 -3.47 1.06
N HIS A 117 -10.55 -3.78 0.42
CA HIS A 117 -10.76 -5.06 -0.26
C HIS A 117 -9.67 -5.34 -1.31
N ALA A 118 -9.47 -4.43 -2.27
CA ALA A 118 -8.48 -4.58 -3.33
C ALA A 118 -7.05 -4.72 -2.78
N VAL A 119 -6.59 -3.81 -1.91
CA VAL A 119 -5.24 -3.85 -1.30
C VAL A 119 -4.99 -5.17 -0.57
N LYS A 120 -5.93 -5.62 0.28
CA LYS A 120 -5.77 -6.84 1.10
C LYS A 120 -5.69 -8.09 0.23
N TYR A 121 -6.63 -8.26 -0.70
CA TYR A 121 -6.63 -9.35 -1.67
C TYR A 121 -5.36 -9.35 -2.54
N TYR A 122 -5.00 -8.20 -3.12
CA TYR A 122 -3.82 -8.05 -3.96
C TYR A 122 -2.52 -8.40 -3.20
N CYS A 123 -2.42 -8.00 -1.93
CA CYS A 123 -1.31 -8.38 -1.05
C CYS A 123 -1.33 -9.87 -0.68
N GLN A 124 -2.50 -10.50 -0.59
CA GLN A 124 -2.65 -11.94 -0.41
C GLN A 124 -2.14 -12.73 -1.64
N ASN A 125 -2.18 -12.13 -2.84
CA ASN A 125 -1.59 -12.69 -4.06
C ASN A 125 -0.05 -12.55 -4.10
N PHE A 126 0.47 -11.46 -3.54
CA PHE A 126 1.91 -11.26 -3.33
C PHE A 126 2.50 -12.12 -2.19
N ALA A 127 1.66 -12.55 -1.25
CA ALA A 127 2.02 -13.36 -0.08
C ALA A 127 1.92 -14.89 -0.36
N PRO A 128 2.58 -15.75 0.43
CA PRO A 128 2.45 -17.20 0.30
C PRO A 128 1.11 -17.73 0.82
N ASN A 129 0.69 -17.32 2.03
CA ASN A 129 -0.55 -17.78 2.68
C ASN A 129 -1.06 -16.80 3.78
N PHE A 130 -0.80 -15.50 3.63
CA PHE A 130 -1.04 -14.53 4.72
C PHE A 130 -2.53 -14.20 4.93
N LYS A 131 -3.00 -14.32 6.17
CA LYS A 131 -4.42 -14.24 6.55
C LYS A 131 -4.97 -12.81 6.64
N GLU A 132 -6.28 -12.65 6.50
CA GLU A 132 -6.93 -11.34 6.64
C GLU A 132 -6.99 -10.86 8.10
N SER A 133 -6.94 -11.77 9.08
CA SER A 133 -6.87 -11.42 10.51
C SER A 133 -5.63 -10.60 10.86
N GLU A 134 -4.52 -10.77 10.12
CA GLU A 134 -3.35 -9.88 10.22
C GLU A 134 -3.63 -8.56 9.49
N MET A 135 -4.15 -8.62 8.26
CA MET A 135 -4.42 -7.45 7.40
C MET A 135 -5.36 -6.42 8.06
N ASN A 136 -6.44 -6.90 8.70
CA ASN A 136 -7.43 -6.07 9.38
C ASN A 136 -6.84 -5.38 10.63
N ALA A 137 -5.89 -6.04 11.31
CA ALA A 137 -5.14 -5.47 12.43
C ALA A 137 -4.05 -4.49 11.97
N ILE A 138 -3.37 -4.77 10.85
CA ILE A 138 -2.40 -3.87 10.20
C ILE A 138 -3.07 -2.55 9.79
N ALA A 139 -4.23 -2.60 9.14
CA ALA A 139 -4.98 -1.39 8.78
C ALA A 139 -5.35 -0.55 10.04
N ALA A 140 -5.70 -1.19 11.16
CA ALA A 140 -5.96 -0.50 12.43
C ALA A 140 -4.67 0.03 13.11
N ASP A 141 -3.54 -0.66 12.98
CA ASP A 141 -2.23 -0.24 13.52
C ASP A 141 -1.73 1.08 12.90
N MET A 142 -2.14 1.40 11.67
CA MET A 142 -1.78 2.65 10.99
C MET A 142 -2.53 3.91 11.50
N CYS A 143 -3.46 3.77 12.46
CA CYS A 143 -4.19 4.90 13.04
C CYS A 143 -3.28 5.88 13.83
N THR A 144 -2.22 5.37 14.47
CA THR A 144 -1.27 6.13 15.29
C THR A 144 0.19 5.88 14.90
N ASN A 145 1.07 6.86 15.22
CA ASN A 145 2.51 6.78 14.95
C ASN A 145 3.30 5.96 16.00
N ALA A 146 2.81 5.92 17.24
CA ALA A 146 3.44 5.22 18.36
C ALA A 146 3.15 3.70 18.39
N ARG A 147 4.02 2.94 19.07
CA ARG A 147 3.90 1.47 19.23
C ARG A 147 2.83 1.06 20.26
N ARG A 148 2.55 -0.26 20.30
CA ARG A 148 1.77 -0.94 21.33
C ARG A 148 2.38 -2.32 21.61
N VAL A 149 2.84 -2.51 22.85
CA VAL A 149 3.40 -3.76 23.38
C VAL A 149 2.70 -4.23 24.68
N VAL A 150 1.42 -3.87 24.85
CA VAL A 150 0.63 -4.10 26.08
C VAL A 150 -0.76 -4.70 25.79
N ARG A 151 -1.18 -5.68 26.62
CA ARG A 151 -2.48 -6.36 26.56
C ARG A 151 -3.58 -5.56 27.28
N LYS A 152 -4.83 -5.72 26.82
CA LYS A 152 -6.05 -5.06 27.35
C LYS A 152 -7.24 -6.03 27.40
N SER A 153 -8.19 -5.77 28.28
CA SER A 153 -9.46 -6.51 28.39
C SER A 153 -10.46 -6.09 27.31
N TRP A 154 -11.33 -7.02 26.93
CA TRP A 154 -12.49 -6.79 26.05
C TRP A 154 -13.78 -6.41 26.81
N MET A 155 -13.71 -6.38 28.15
CA MET A 155 -14.81 -6.11 29.08
C MET A 155 -16.01 -7.08 28.88
N PRO A 156 -15.87 -8.37 29.26
CA PRO A 156 -16.97 -9.34 29.20
C PRO A 156 -18.17 -8.92 30.07
N LYS A 157 -19.39 -9.30 29.61
CA LYS A 157 -20.69 -8.91 30.20
C LYS A 157 -21.52 -10.13 30.62
N VAL A 158 -22.56 -9.90 31.41
CA VAL A 158 -23.58 -10.89 31.82
C VAL A 158 -25.00 -10.43 31.50
N LYS A 159 -25.91 -11.38 31.23
CA LYS A 159 -27.31 -11.11 30.85
C LYS A 159 -28.24 -11.08 32.07
N VAL A 160 -29.17 -10.11 32.08
CA VAL A 160 -30.22 -9.93 33.08
C VAL A 160 -31.59 -9.91 32.40
N LEU A 161 -32.20 -11.09 32.25
CA LEU A 161 -33.44 -11.32 31.48
C LEU A 161 -34.30 -12.42 32.14
N LYS A 162 -35.62 -12.31 32.00
CA LYS A 162 -36.63 -13.30 32.43
C LYS A 162 -37.58 -13.67 31.28
N ALA A 163 -38.16 -14.87 31.35
CA ALA A 163 -39.13 -15.37 30.36
C ALA A 163 -40.54 -14.75 30.52
N GLU A 164 -41.33 -14.78 29.43
CA GLU A 164 -42.71 -14.28 29.31
C GLU A 164 -42.90 -12.82 29.83
N LEU A 1 46.36 -3.57 -15.23
CA LEU A 1 45.14 -4.35 -14.86
C LEU A 1 43.94 -3.88 -15.70
N PRO A 2 43.08 -4.78 -16.22
CA PRO A 2 41.91 -4.41 -17.04
C PRO A 2 40.82 -3.62 -16.31
N GLU A 3 40.79 -3.65 -14.98
CA GLU A 3 39.86 -2.93 -14.11
C GLU A 3 40.58 -2.03 -13.09
N GLN A 4 39.85 -1.08 -12.50
CA GLN A 4 40.36 -0.10 -11.53
C GLN A 4 39.31 0.22 -10.44
N VAL A 5 39.78 0.54 -9.23
CA VAL A 5 38.95 0.93 -8.07
C VAL A 5 39.37 2.32 -7.58
N ALA A 6 38.40 3.15 -7.18
CA ALA A 6 38.64 4.53 -6.75
C ALA A 6 39.38 4.63 -5.39
N PRO A 7 40.21 5.67 -5.16
CA PRO A 7 40.94 5.86 -3.91
C PRO A 7 40.08 6.38 -2.75
N GLU A 8 38.89 6.93 -3.03
CA GLU A 8 37.96 7.48 -2.05
C GLU A 8 37.19 6.37 -1.32
N SER A 9 37.40 6.34 -0.01
CA SER A 9 36.77 5.41 0.95
C SER A 9 35.35 5.82 1.40
N ARG A 10 34.86 6.98 0.95
CA ARG A 10 33.53 7.53 1.26
C ARG A 10 32.39 6.77 0.55
N ASN A 11 31.18 6.86 1.09
CA ASN A 11 29.95 6.28 0.53
C ASN A 11 28.80 7.31 0.48
N ARG A 12 27.85 7.10 -0.44
CA ARG A 12 26.62 7.91 -0.62
C ARG A 12 25.47 7.07 -1.18
N ILE A 13 24.24 7.53 -1.00
CA ILE A 13 23.01 6.86 -1.48
C ILE A 13 22.67 7.30 -2.91
N ARG A 14 22.22 6.37 -3.75
CA ARG A 14 21.86 6.61 -5.16
C ARG A 14 20.59 7.45 -5.34
N VAL A 15 20.47 8.14 -6.48
CA VAL A 15 19.36 9.06 -6.82
C VAL A 15 18.73 8.77 -8.20
N ARG A 16 19.13 7.68 -8.87
CA ARG A 16 18.63 7.28 -10.20
C ARG A 16 17.17 6.80 -10.16
N GLN A 17 16.46 6.98 -11.28
CA GLN A 17 15.05 6.61 -11.48
C GLN A 17 14.83 5.95 -12.86
N ASP A 18 13.72 5.22 -13.00
CA ASP A 18 13.31 4.52 -14.23
C ASP A 18 11.84 4.80 -14.59
N LEU A 19 11.48 4.62 -15.87
CA LEU A 19 10.12 4.87 -16.38
C LEU A 19 9.12 3.83 -15.86
N ALA A 20 9.40 2.55 -16.14
CA ALA A 20 8.66 1.41 -15.62
C ALA A 20 9.51 0.12 -15.67
N SER A 21 10.10 -0.25 -14.53
CA SER A 21 10.78 -1.54 -14.29
C SER A 21 11.38 -1.64 -12.89
N LEU A 22 11.36 -2.88 -12.40
CA LEU A 22 11.86 -3.34 -11.11
C LEU A 22 13.23 -4.03 -11.26
N PRO A 23 13.94 -4.30 -10.14
CA PRO A 23 15.25 -4.96 -10.17
C PRO A 23 15.12 -6.46 -10.44
N ALA A 24 16.16 -7.07 -11.00
CA ALA A 24 16.15 -8.49 -11.42
C ALA A 24 15.85 -9.46 -10.26
N GLU A 25 16.26 -9.10 -9.04
CA GLU A 25 15.97 -9.80 -7.79
C GLU A 25 14.50 -9.78 -7.36
N LEU A 26 13.72 -8.77 -7.71
CA LEU A 26 12.26 -8.75 -7.57
C LEU A 26 11.63 -9.56 -8.70
N ILE A 27 12.11 -9.34 -9.92
CA ILE A 27 11.67 -10.07 -11.13
C ILE A 27 11.82 -11.59 -10.94
N ASN A 28 12.83 -12.05 -10.19
CA ASN A 28 13.01 -13.47 -9.87
C ASN A 28 11.82 -14.06 -9.09
N GLN A 29 11.05 -13.23 -8.38
CA GLN A 29 9.98 -13.61 -7.45
C GLN A 29 8.57 -13.43 -8.03
N ILE A 30 8.40 -12.41 -8.88
CA ILE A 30 7.10 -11.89 -9.37
C ILE A 30 7.07 -11.56 -10.87
N GLY A 31 8.23 -11.40 -11.51
CA GLY A 31 8.40 -11.04 -12.92
C GLY A 31 7.57 -11.91 -13.86
N ASN A 32 6.88 -11.25 -14.81
CA ASN A 32 5.88 -11.80 -15.73
C ASN A 32 4.78 -12.70 -15.10
N ARG A 33 4.57 -12.63 -13.78
CA ARG A 33 3.59 -13.45 -13.02
C ARG A 33 2.60 -12.60 -12.23
N CYS A 34 3.06 -11.51 -11.61
CA CYS A 34 2.24 -10.51 -10.92
C CYS A 34 2.18 -9.21 -11.75
N HIS A 35 0.97 -8.78 -12.14
CA HIS A 35 0.66 -7.48 -12.75
C HIS A 35 1.66 -7.00 -13.84
N PRO A 36 1.65 -7.60 -15.05
CA PRO A 36 2.70 -7.43 -16.08
C PRO A 36 2.99 -6.00 -16.58
N LYS A 37 2.10 -5.03 -16.37
CA LYS A 37 2.35 -3.58 -16.60
C LYS A 37 3.56 -3.02 -15.86
N LEU A 38 3.99 -3.72 -14.81
CA LEU A 38 5.18 -3.38 -14.02
C LEU A 38 6.51 -3.82 -14.67
N TYR A 39 6.43 -4.49 -15.83
CA TYR A 39 7.58 -4.85 -16.68
C TYR A 39 7.43 -4.28 -18.11
N ASP A 40 6.21 -3.87 -18.49
CA ASP A 40 5.95 -3.12 -19.72
C ASP A 40 6.57 -1.72 -19.66
N GLU A 41 7.38 -1.38 -20.66
CA GLU A 41 7.96 -0.04 -20.79
C GLU A 41 6.89 1.00 -21.19
N GLY A 42 6.76 2.06 -20.38
CA GLY A 42 5.73 3.08 -20.56
C GLY A 42 5.75 4.18 -19.50
N ASP A 43 4.72 5.02 -19.50
CA ASP A 43 4.60 6.22 -18.66
C ASP A 43 4.56 5.88 -17.14
N PRO A 44 5.50 6.38 -16.30
CA PRO A 44 5.41 6.24 -14.84
C PRO A 44 4.10 6.78 -14.25
N SER A 45 3.50 7.80 -14.87
CA SER A 45 2.23 8.41 -14.45
C SER A 45 0.97 7.68 -14.96
N GLU A 46 1.10 6.51 -15.62
CA GLU A 46 -0.04 5.69 -16.04
C GLU A 46 -0.72 5.06 -14.81
N LYS A 47 -2.04 5.24 -14.64
CA LYS A 47 -2.81 4.58 -13.59
C LYS A 47 -3.11 3.11 -13.95
N LEU A 48 -3.11 2.25 -12.95
CA LEU A 48 -3.32 0.81 -13.04
C LEU A 48 -4.47 0.42 -12.11
N GLU A 49 -5.43 -0.39 -12.58
CA GLU A 49 -6.51 -0.90 -11.73
C GLU A 49 -5.98 -1.99 -10.81
N LEU A 50 -6.00 -1.76 -9.49
CA LEU A 50 -5.45 -2.69 -8.50
C LEU A 50 -6.17 -4.05 -8.50
N VAL A 51 -7.51 -4.03 -8.59
CA VAL A 51 -8.37 -5.21 -8.70
C VAL A 51 -9.49 -4.95 -9.70
N THR A 52 -9.61 -5.82 -10.70
CA THR A 52 -10.60 -5.75 -11.77
C THR A 52 -12.03 -5.64 -11.26
N GLY A 53 -12.71 -4.53 -11.58
CA GLY A 53 -14.12 -4.27 -11.27
C GLY A 53 -14.31 -3.39 -10.03
N THR A 54 -13.30 -3.27 -9.16
CA THR A 54 -13.34 -2.32 -8.03
C THR A 54 -13.21 -0.87 -8.49
N ASN A 55 -12.64 -0.64 -9.69
CA ASN A 55 -12.31 0.68 -10.24
C ASN A 55 -11.41 1.49 -9.28
N VAL A 56 -10.51 0.81 -8.56
CA VAL A 56 -9.52 1.42 -7.66
C VAL A 56 -8.19 1.53 -8.41
N TYR A 57 -7.76 2.75 -8.72
CA TYR A 57 -6.59 3.02 -9.55
C TYR A 57 -5.42 3.60 -8.75
N ILE A 58 -4.24 3.02 -8.95
CA ILE A 58 -2.96 3.50 -8.40
C ILE A 58 -1.97 3.81 -9.54
N THR A 59 -1.21 4.89 -9.39
CA THR A 59 -0.16 5.30 -10.34
C THR A 59 0.95 4.25 -10.42
N ARG A 60 1.43 3.88 -11.62
CA ARG A 60 2.47 2.87 -11.80
C ARG A 60 3.73 3.17 -10.97
N ALA A 61 4.23 4.40 -10.99
CA ALA A 61 5.36 4.82 -10.15
C ALA A 61 5.12 4.58 -8.64
N GLN A 62 3.89 4.76 -8.15
CA GLN A 62 3.54 4.50 -6.75
C GLN A 62 3.42 3.00 -6.44
N LEU A 63 2.91 2.19 -7.39
CA LEU A 63 2.83 0.74 -7.23
C LEU A 63 4.24 0.12 -7.24
N MET A 64 5.11 0.58 -8.13
CA MET A 64 6.55 0.25 -8.13
C MET A 64 7.22 0.64 -6.81
N ASN A 65 6.95 1.86 -6.32
CA ASN A 65 7.46 2.31 -5.01
C ASN A 65 7.00 1.38 -3.87
N CYS A 66 5.72 1.01 -3.85
CA CYS A 66 5.19 0.01 -2.90
C CYS A 66 5.96 -1.31 -2.95
N HIS A 67 6.26 -1.84 -4.14
CA HIS A 67 7.02 -3.09 -4.30
C HIS A 67 8.48 -2.99 -3.85
N VAL A 68 9.21 -1.90 -4.13
CA VAL A 68 10.62 -1.78 -3.73
C VAL A 68 10.76 -1.45 -2.24
N SER A 69 9.76 -0.75 -1.69
CA SER A 69 9.68 -0.40 -0.27
C SER A 69 9.26 -1.60 0.60
N ALA A 70 8.26 -2.37 0.15
CA ALA A 70 7.87 -3.63 0.79
C ALA A 70 8.88 -4.76 0.58
N GLY A 71 9.70 -4.71 -0.48
CA GLY A 71 10.73 -5.71 -0.76
C GLY A 71 10.19 -7.15 -0.81
N THR A 72 9.01 -7.31 -1.42
CA THR A 72 8.18 -8.53 -1.51
C THR A 72 7.59 -9.06 -0.19
N ARG A 73 7.76 -8.33 0.93
CA ARG A 73 7.03 -8.62 2.18
C ARG A 73 5.58 -8.14 2.06
N HIS A 74 4.65 -9.07 1.85
CA HIS A 74 3.21 -8.79 1.77
C HIS A 74 2.64 -8.14 3.05
N LYS A 75 3.25 -8.39 4.22
CA LYS A 75 2.92 -7.70 5.49
C LYS A 75 3.20 -6.19 5.42
N VAL A 76 4.10 -5.78 4.53
CA VAL A 76 4.47 -4.37 4.28
C VAL A 76 3.68 -3.78 3.10
N LEU A 77 3.35 -4.57 2.07
CA LEU A 77 2.43 -4.13 1.00
C LEU A 77 1.05 -3.74 1.56
N LEU A 78 0.56 -4.47 2.56
CA LEU A 78 -0.70 -4.22 3.28
C LEU A 78 -0.78 -2.83 3.97
N ARG A 79 0.35 -2.13 4.12
CA ARG A 79 0.44 -0.74 4.59
C ARG A 79 0.99 0.24 3.54
N ARG A 80 1.92 -0.19 2.68
CA ARG A 80 2.44 0.60 1.54
C ARG A 80 1.35 0.99 0.54
N LEU A 81 0.60 0.01 0.00
CA LEU A 81 -0.56 0.33 -0.85
C LEU A 81 -1.63 1.14 -0.10
N LEU A 82 -1.86 0.84 1.19
CA LEU A 82 -2.89 1.51 1.98
C LEU A 82 -2.61 3.02 2.16
N ALA A 83 -1.38 3.35 2.55
CA ALA A 83 -0.84 4.70 2.60
C ALA A 83 -0.76 5.42 1.23
N SER A 84 -1.01 4.71 0.12
CA SER A 84 -1.14 5.27 -1.23
C SER A 84 -2.59 5.65 -1.59
N PHE A 85 -3.57 5.31 -0.74
CA PHE A 85 -4.98 5.72 -0.89
C PHE A 85 -5.48 6.58 0.29
N PHE A 86 -5.09 6.26 1.52
CA PHE A 86 -5.43 7.01 2.74
C PHE A 86 -4.26 7.90 3.20
N ASP A 87 -4.54 8.86 4.08
CA ASP A 87 -3.56 9.70 4.77
C ASP A 87 -3.60 9.47 6.30
N ARG A 88 -2.58 9.95 7.03
CA ARG A 88 -2.54 10.03 8.50
C ARG A 88 -3.80 10.67 9.07
N ASN A 89 -4.35 11.69 8.41
CA ASN A 89 -5.57 12.38 8.82
C ASN A 89 -6.84 11.54 8.55
N THR A 90 -6.80 10.57 7.64
CA THR A 90 -7.90 9.61 7.39
C THR A 90 -7.94 8.55 8.49
N LEU A 91 -6.79 7.97 8.84
CA LEU A 91 -6.67 7.01 9.95
C LEU A 91 -6.87 7.66 11.34
N ALA A 92 -6.71 8.99 11.46
CA ALA A 92 -7.04 9.75 12.67
C ALA A 92 -8.51 10.24 12.72
N ASN A 93 -9.24 10.22 11.59
CA ASN A 93 -10.68 10.47 11.53
C ASN A 93 -11.48 9.18 11.79
N SER A 94 -11.10 8.09 11.12
CA SER A 94 -11.56 6.73 11.38
C SER A 94 -10.84 6.10 12.59
N CYS A 95 -11.00 4.78 12.77
CA CYS A 95 -10.24 3.94 13.70
C CYS A 95 -9.61 2.72 12.97
N GLY A 96 -9.34 2.84 11.66
CA GLY A 96 -9.00 1.72 10.79
C GLY A 96 -10.25 1.04 10.21
N THR A 97 -10.09 -0.16 9.66
CA THR A 97 -11.15 -0.90 8.96
C THR A 97 -12.24 -1.46 9.88
N GLY A 98 -13.43 -1.62 9.31
CA GLY A 98 -14.61 -2.26 9.91
C GLY A 98 -15.10 -3.51 9.13
N ILE A 99 -14.25 -4.13 8.31
CA ILE A 99 -14.63 -5.20 7.36
C ILE A 99 -14.82 -6.59 8.03
N ARG A 100 -14.41 -6.67 9.29
CA ARG A 100 -14.66 -7.80 10.22
C ARG A 100 -15.15 -7.31 11.60
N SER A 101 -15.75 -8.24 12.35
CA SER A 101 -16.50 -8.02 13.60
C SER A 101 -17.79 -7.19 13.44
N SER A 102 -18.69 -7.32 14.41
CA SER A 102 -20.05 -6.74 14.41
C SER A 102 -20.58 -6.36 15.81
N THR A 103 -19.75 -6.44 16.85
CA THR A 103 -20.12 -6.21 18.26
C THR A 103 -19.19 -5.18 18.91
N ASN A 104 -19.77 -4.22 19.65
CA ASN A 104 -19.07 -3.16 20.39
C ASN A 104 -18.04 -2.37 19.55
N ASP A 105 -18.39 -2.05 18.30
CA ASP A 105 -17.53 -1.30 17.37
C ASP A 105 -17.37 0.18 17.78
N PRO A 106 -16.23 0.83 17.46
CA PRO A 106 -16.00 2.24 17.82
C PRO A 106 -16.93 3.23 17.09
N ARG A 107 -17.00 4.45 17.65
CA ARG A 107 -17.79 5.58 17.13
C ARG A 107 -17.26 6.16 15.81
N ARG A 108 -15.97 5.98 15.51
CA ARG A 108 -15.30 6.47 14.29
C ARG A 108 -15.61 5.60 13.07
N LYS A 109 -15.73 6.24 11.91
CA LYS A 109 -16.24 5.64 10.64
C LYS A 109 -15.54 6.03 9.32
N PRO A 110 -15.05 7.28 9.09
CA PRO A 110 -14.62 7.74 7.74
C PRO A 110 -13.35 7.10 7.12
N LEU A 111 -13.48 5.89 6.58
CA LEU A 111 -12.48 5.17 5.78
C LEU A 111 -13.14 4.48 4.59
N ASP A 112 -12.49 4.44 3.42
CA ASP A 112 -13.10 3.95 2.17
C ASP A 112 -12.85 2.45 1.96
N SER A 113 -13.89 1.63 2.16
CA SER A 113 -13.82 0.17 2.23
C SER A 113 -13.46 -0.51 0.90
N ARG A 114 -13.62 0.18 -0.23
CA ARG A 114 -13.33 -0.35 -1.57
C ARG A 114 -11.84 -0.51 -1.84
N VAL A 115 -11.01 0.37 -1.25
CA VAL A 115 -9.55 0.31 -1.42
C VAL A 115 -8.94 -0.70 -0.43
N LEU A 116 -9.50 -0.79 0.78
CA LEU A 116 -9.19 -1.86 1.75
C LEU A 116 -9.47 -3.24 1.14
N HIS A 117 -10.64 -3.42 0.51
CA HIS A 117 -11.00 -4.65 -0.20
C HIS A 117 -9.97 -5.01 -1.28
N ALA A 118 -9.69 -4.11 -2.23
CA ALA A 118 -8.71 -4.36 -3.29
C ALA A 118 -7.29 -4.65 -2.75
N VAL A 119 -6.73 -3.82 -1.86
CA VAL A 119 -5.41 -4.03 -1.22
C VAL A 119 -5.36 -5.34 -0.45
N LYS A 120 -6.32 -5.65 0.43
CA LYS A 120 -6.25 -6.86 1.27
C LYS A 120 -6.34 -8.11 0.41
N TYR A 121 -7.27 -8.16 -0.54
CA TYR A 121 -7.40 -9.25 -1.51
C TYR A 121 -6.14 -9.41 -2.37
N TYR A 122 -5.65 -8.34 -2.99
CA TYR A 122 -4.45 -8.37 -3.82
C TYR A 122 -3.22 -8.86 -3.02
N CYS A 123 -3.10 -8.45 -1.75
CA CYS A 123 -2.03 -8.90 -0.86
C CYS A 123 -2.20 -10.37 -0.45
N GLN A 124 -3.45 -10.85 -0.28
CA GLN A 124 -3.76 -12.25 -0.01
C GLN A 124 -3.39 -13.17 -1.19
N ASN A 125 -3.41 -12.64 -2.42
CA ASN A 125 -2.96 -13.34 -3.62
C ASN A 125 -1.44 -13.27 -3.83
N PHE A 126 -0.81 -12.15 -3.45
CA PHE A 126 0.64 -12.00 -3.41
C PHE A 126 1.32 -12.84 -2.31
N ALA A 127 0.58 -13.15 -1.23
CA ALA A 127 1.04 -13.92 -0.08
C ALA A 127 0.87 -15.45 -0.27
N PRO A 128 1.66 -16.29 0.43
CA PRO A 128 1.49 -17.74 0.40
C PRO A 128 0.33 -18.23 1.28
N ASN A 129 0.21 -17.72 2.52
CA ASN A 129 -0.80 -18.16 3.50
C ASN A 129 -1.09 -17.09 4.60
N PHE A 130 -0.97 -15.79 4.29
CA PHE A 130 -1.12 -14.71 5.26
C PHE A 130 -2.60 -14.51 5.68
N LYS A 131 -2.85 -14.45 6.99
CA LYS A 131 -4.22 -14.36 7.55
C LYS A 131 -4.86 -12.98 7.40
N GLU A 132 -6.19 -12.94 7.41
CA GLU A 132 -6.94 -11.69 7.20
C GLU A 132 -7.12 -10.86 8.47
N SER A 133 -7.04 -11.48 9.65
CA SER A 133 -7.01 -10.77 10.94
C SER A 133 -5.82 -9.83 11.07
N GLU A 134 -4.66 -10.18 10.48
CA GLU A 134 -3.50 -9.29 10.38
C GLU A 134 -3.76 -8.14 9.38
N MET A 135 -4.49 -8.38 8.29
CA MET A 135 -4.85 -7.32 7.33
C MET A 135 -5.77 -6.26 7.96
N ASN A 136 -6.65 -6.69 8.86
CA ASN A 136 -7.48 -5.80 9.68
C ASN A 136 -6.63 -5.03 10.71
N ALA A 137 -5.72 -5.72 11.41
CA ALA A 137 -4.90 -5.12 12.46
C ALA A 137 -3.87 -4.11 11.91
N ILE A 138 -3.27 -4.36 10.74
CA ILE A 138 -2.36 -3.42 10.06
C ILE A 138 -3.06 -2.11 9.72
N ALA A 139 -4.27 -2.15 9.16
CA ALA A 139 -5.03 -0.93 8.84
C ALA A 139 -5.44 -0.14 10.10
N ALA A 140 -5.74 -0.81 11.21
CA ALA A 140 -5.96 -0.18 12.52
C ALA A 140 -4.67 0.33 13.19
N ASP A 141 -3.49 -0.18 12.79
CA ASP A 141 -2.17 0.26 13.26
C ASP A 141 -1.67 1.48 12.49
N MET A 142 -1.18 1.28 11.25
CA MET A 142 -0.53 2.28 10.40
C MET A 142 0.51 3.19 11.11
N CYS A 143 1.20 2.69 12.14
CA CYS A 143 2.13 3.41 13.01
C CYS A 143 3.40 2.59 13.27
N THR A 144 4.36 3.19 13.99
CA THR A 144 5.54 2.51 14.55
C THR A 144 5.21 1.73 15.82
N ASN A 145 5.94 0.62 16.05
CA ASN A 145 5.72 -0.30 17.17
C ASN A 145 6.97 -0.51 18.05
N ALA A 146 8.17 -0.52 17.46
CA ALA A 146 9.50 -0.51 18.11
C ALA A 146 9.85 -1.64 19.12
N ARG A 147 8.92 -2.56 19.40
CA ARG A 147 9.02 -3.65 20.40
C ARG A 147 8.41 -4.96 19.88
N ARG A 148 8.58 -6.06 20.63
CA ARG A 148 8.05 -7.41 20.34
C ARG A 148 6.53 -7.51 20.60
N VAL A 149 5.76 -6.70 19.87
CA VAL A 149 4.28 -6.63 19.91
C VAL A 149 3.62 -6.92 18.56
N VAL A 150 4.43 -7.04 17.48
CA VAL A 150 4.02 -7.40 16.11
C VAL A 150 5.02 -8.39 15.50
N ARG A 151 4.59 -9.19 14.51
CA ARG A 151 5.45 -10.16 13.82
C ARG A 151 6.48 -9.50 12.90
N LYS A 152 7.63 -10.14 12.70
CA LYS A 152 8.71 -9.72 11.80
C LYS A 152 8.70 -10.54 10.50
N SER A 153 8.96 -9.89 9.37
CA SER A 153 9.15 -10.52 8.05
C SER A 153 10.53 -10.14 7.49
N TRP A 154 11.49 -11.06 7.59
CA TRP A 154 12.86 -10.81 7.14
C TRP A 154 13.49 -12.06 6.49
N MET A 155 13.76 -11.93 5.19
CA MET A 155 14.55 -12.85 4.38
C MET A 155 15.53 -12.01 3.52
N PRO A 156 16.86 -12.07 3.76
CA PRO A 156 17.83 -11.29 3.01
C PRO A 156 18.00 -11.82 1.57
N LYS A 157 17.80 -10.94 0.58
CA LYS A 157 18.02 -11.17 -0.85
C LYS A 157 18.63 -9.92 -1.50
N VAL A 158 19.80 -10.06 -2.11
CA VAL A 158 20.53 -8.99 -2.83
C VAL A 158 21.26 -9.59 -4.05
N LYS A 159 21.12 -8.98 -5.22
CA LYS A 159 21.89 -9.28 -6.44
C LYS A 159 22.95 -8.20 -6.72
N VAL A 160 24.10 -8.59 -7.25
CA VAL A 160 25.13 -7.69 -7.78
C VAL A 160 24.81 -7.20 -9.20
N LEU A 161 25.02 -5.91 -9.45
CA LEU A 161 24.80 -5.22 -10.74
C LEU A 161 26.10 -4.55 -11.22
N LYS A 162 26.26 -4.44 -12.55
CA LYS A 162 27.40 -3.77 -13.22
C LYS A 162 27.12 -2.31 -13.64
N ALA A 163 25.90 -1.82 -13.40
CA ALA A 163 25.47 -0.46 -13.74
C ALA A 163 26.12 0.63 -12.84
N GLU A 164 26.18 1.86 -13.34
CA GLU A 164 26.75 3.05 -12.67
C GLU A 164 25.96 4.33 -13.01
N LEU A 1 47.87 27.64 2.17
CA LEU A 1 46.38 27.66 2.05
C LEU A 1 45.73 26.59 2.94
N PRO A 2 44.45 26.76 3.34
CA PRO A 2 43.72 25.80 4.18
C PRO A 2 43.56 24.42 3.54
N GLU A 3 43.48 23.37 4.35
CA GLU A 3 43.18 22.00 3.90
C GLU A 3 41.74 21.87 3.40
N GLN A 4 41.56 21.27 2.22
CA GLN A 4 40.30 21.22 1.46
C GLN A 4 40.10 19.87 0.77
N VAL A 5 38.83 19.52 0.51
CA VAL A 5 38.40 18.29 -0.19
C VAL A 5 37.18 18.56 -1.08
N ALA A 6 37.01 17.77 -2.16
CA ALA A 6 35.91 17.87 -3.12
C ALA A 6 35.41 16.48 -3.58
N PRO A 7 34.16 16.34 -4.05
CA PRO A 7 33.61 15.07 -4.56
C PRO A 7 34.42 14.41 -5.68
N GLU A 8 35.20 15.18 -6.45
CA GLU A 8 36.06 14.71 -7.55
C GLU A 8 37.39 14.05 -7.10
N SER A 9 37.55 13.80 -5.80
CA SER A 9 38.69 13.09 -5.22
C SER A 9 38.67 11.58 -5.50
N ARG A 10 37.53 11.04 -5.97
CA ARG A 10 37.32 9.64 -6.39
C ARG A 10 36.43 9.58 -7.63
N ASN A 11 36.45 8.45 -8.34
CA ASN A 11 35.50 8.14 -9.41
C ASN A 11 34.09 7.87 -8.85
N ARG A 12 33.05 8.31 -9.56
CA ARG A 12 31.64 8.21 -9.15
C ARG A 12 30.78 7.51 -10.19
N ILE A 13 30.08 6.45 -9.78
CA ILE A 13 29.20 5.63 -10.64
C ILE A 13 27.81 6.30 -10.75
N ARG A 14 27.24 6.30 -11.96
CA ARG A 14 25.91 6.87 -12.26
C ARG A 14 24.79 5.89 -11.90
N VAL A 15 23.64 6.42 -11.45
CA VAL A 15 22.51 5.64 -10.90
C VAL A 15 21.20 6.06 -11.59
N ARG A 16 21.17 5.96 -12.93
CA ARG A 16 20.00 6.21 -13.79
C ARG A 16 19.26 4.91 -14.13
N GLN A 17 17.95 5.02 -14.33
CA GLN A 17 17.03 3.90 -14.59
C GLN A 17 15.99 4.22 -15.68
N ASP A 18 15.36 3.19 -16.24
CA ASP A 18 14.26 3.29 -17.23
C ASP A 18 12.93 3.76 -16.59
N LEU A 19 11.95 4.11 -17.43
CA LEU A 19 10.64 4.62 -17.02
C LEU A 19 9.86 3.64 -16.13
N ALA A 20 9.93 2.36 -16.49
CA ALA A 20 9.25 1.25 -15.82
C ALA A 20 10.05 -0.07 -15.91
N SER A 21 9.47 -1.15 -15.36
CA SER A 21 10.06 -2.48 -15.13
C SER A 21 11.17 -2.56 -14.09
N LEU A 22 11.16 -3.69 -13.37
CA LEU A 22 11.99 -4.01 -12.21
C LEU A 22 13.12 -4.98 -12.57
N PRO A 23 14.14 -5.11 -11.69
CA PRO A 23 15.27 -6.01 -11.96
C PRO A 23 14.87 -7.47 -11.73
N ALA A 24 15.57 -8.37 -12.43
CA ALA A 24 15.25 -9.80 -12.49
C ALA A 24 15.22 -10.45 -11.10
N GLU A 25 16.02 -9.95 -10.17
CA GLU A 25 16.09 -10.37 -8.77
C GLU A 25 14.84 -10.10 -7.94
N LEU A 26 13.97 -9.15 -8.29
CA LEU A 26 12.64 -9.01 -7.67
C LEU A 26 11.65 -9.95 -8.34
N ILE A 27 11.72 -10.00 -9.67
CA ILE A 27 10.93 -10.88 -10.55
C ILE A 27 11.12 -12.35 -10.13
N ASN A 28 12.30 -12.73 -9.62
CA ASN A 28 12.58 -14.09 -9.15
C ASN A 28 11.81 -14.45 -7.86
N GLN A 29 11.27 -13.45 -7.15
CA GLN A 29 10.61 -13.61 -5.84
C GLN A 29 9.08 -13.43 -5.93
N ILE A 30 8.61 -12.66 -6.92
CA ILE A 30 7.21 -12.20 -7.02
C ILE A 30 6.52 -12.57 -8.35
N GLY A 31 7.25 -12.51 -9.47
CA GLY A 31 6.77 -12.90 -10.81
C GLY A 31 5.38 -12.36 -11.16
N ASN A 32 4.49 -13.29 -11.53
CA ASN A 32 3.10 -13.00 -11.93
C ASN A 32 2.10 -12.73 -10.77
N ARG A 33 2.56 -12.60 -9.51
CA ARG A 33 1.66 -12.31 -8.38
C ARG A 33 1.17 -10.86 -8.34
N CYS A 34 1.97 -9.95 -8.92
CA CYS A 34 1.72 -8.51 -8.99
C CYS A 34 0.87 -8.12 -10.22
N HIS A 35 0.45 -6.86 -10.29
CA HIS A 35 -0.17 -6.30 -11.50
C HIS A 35 0.87 -6.28 -12.65
N PRO A 36 0.48 -6.46 -13.93
CA PRO A 36 1.47 -6.67 -15.02
C PRO A 36 2.11 -5.39 -15.55
N LYS A 37 1.39 -4.25 -15.50
CA LYS A 37 1.83 -2.92 -15.98
C LYS A 37 3.10 -2.38 -15.31
N LEU A 38 3.42 -2.88 -14.14
CA LEU A 38 4.69 -2.64 -13.43
C LEU A 38 5.91 -3.07 -14.26
N TYR A 39 5.73 -4.00 -15.20
CA TYR A 39 6.75 -4.53 -16.11
C TYR A 39 6.63 -3.99 -17.55
N ASP A 40 5.47 -3.42 -17.90
CA ASP A 40 5.20 -2.74 -19.18
C ASP A 40 5.99 -1.42 -19.30
N GLU A 41 6.72 -1.26 -20.39
CA GLU A 41 7.38 0.01 -20.74
C GLU A 41 6.36 1.05 -21.21
N GLY A 42 6.27 2.17 -20.47
CA GLY A 42 5.26 3.21 -20.70
C GLY A 42 5.36 4.37 -19.70
N ASP A 43 4.34 5.21 -19.67
CA ASP A 43 4.28 6.42 -18.85
C ASP A 43 4.19 6.09 -17.33
N PRO A 44 5.14 6.51 -16.48
CA PRO A 44 5.12 6.21 -15.05
C PRO A 44 3.94 6.87 -14.30
N SER A 45 3.33 7.91 -14.86
CA SER A 45 2.13 8.58 -14.31
C SER A 45 0.80 7.89 -14.67
N GLU A 46 0.81 6.85 -15.53
CA GLU A 46 -0.38 6.07 -15.90
C GLU A 46 -1.00 5.40 -14.65
N LYS A 47 -2.30 5.61 -14.39
CA LYS A 47 -3.03 4.95 -13.30
C LYS A 47 -3.37 3.50 -13.66
N LEU A 48 -3.35 2.63 -12.66
CA LEU A 48 -3.56 1.19 -12.76
C LEU A 48 -4.74 0.79 -11.86
N GLU A 49 -5.68 0.01 -12.37
CA GLU A 49 -6.77 -0.55 -11.55
C GLU A 49 -6.20 -1.67 -10.67
N LEU A 50 -6.18 -1.47 -9.35
CA LEU A 50 -5.53 -2.40 -8.42
C LEU A 50 -6.20 -3.79 -8.43
N VAL A 51 -7.53 -3.82 -8.46
CA VAL A 51 -8.35 -5.04 -8.55
C VAL A 51 -9.51 -4.80 -9.52
N THR A 52 -9.64 -5.67 -10.52
CA THR A 52 -10.65 -5.62 -11.57
C THR A 52 -12.09 -5.54 -11.03
N GLY A 53 -12.78 -4.45 -11.34
CA GLY A 53 -14.18 -4.21 -11.00
C GLY A 53 -14.36 -3.34 -9.74
N THR A 54 -13.33 -3.21 -8.90
CA THR A 54 -13.35 -2.27 -7.75
C THR A 54 -13.24 -0.81 -8.21
N ASN A 55 -12.70 -0.57 -9.42
CA ASN A 55 -12.43 0.77 -9.95
C ASN A 55 -11.56 1.62 -9.01
N VAL A 56 -10.59 0.99 -8.35
CA VAL A 56 -9.61 1.60 -7.44
C VAL A 56 -8.30 1.82 -8.21
N TYR A 57 -7.95 3.08 -8.46
CA TYR A 57 -6.82 3.45 -9.30
C TYR A 57 -5.66 4.06 -8.51
N ILE A 58 -4.45 3.51 -8.72
CA ILE A 58 -3.18 4.01 -8.17
C ILE A 58 -2.16 4.23 -9.30
N THR A 59 -1.36 5.29 -9.19
CA THR A 59 -0.30 5.65 -10.15
C THR A 59 0.74 4.54 -10.27
N ARG A 60 1.17 4.19 -11.50
CA ARG A 60 2.22 3.16 -11.73
C ARG A 60 3.47 3.44 -10.91
N ALA A 61 4.03 4.64 -10.96
CA ALA A 61 5.21 5.02 -10.15
C ALA A 61 5.03 4.73 -8.64
N GLN A 62 3.83 4.92 -8.10
CA GLN A 62 3.51 4.65 -6.70
C GLN A 62 3.39 3.14 -6.42
N LEU A 63 2.63 2.40 -7.23
CA LEU A 63 2.46 0.95 -7.10
C LEU A 63 3.81 0.22 -7.24
N MET A 64 4.69 0.70 -8.12
CA MET A 64 6.07 0.23 -8.27
C MET A 64 6.93 0.58 -7.05
N ASN A 65 6.83 1.82 -6.54
CA ASN A 65 7.53 2.22 -5.31
C ASN A 65 7.11 1.38 -4.09
N CYS A 66 5.86 0.92 -4.05
CA CYS A 66 5.40 -0.04 -3.05
C CYS A 66 6.07 -1.41 -3.24
N HIS A 67 6.15 -1.93 -4.48
CA HIS A 67 6.72 -3.25 -4.78
C HIS A 67 8.25 -3.36 -4.68
N VAL A 68 9.02 -2.28 -4.86
CA VAL A 68 10.49 -2.33 -4.64
C VAL A 68 10.83 -2.27 -3.15
N SER A 69 9.99 -1.58 -2.37
CA SER A 69 10.12 -1.44 -0.91
C SER A 69 9.59 -2.67 -0.14
N ALA A 70 8.59 -3.35 -0.70
CA ALA A 70 7.99 -4.58 -0.17
C ALA A 70 8.45 -5.86 -0.90
N GLY A 71 9.53 -5.79 -1.72
CA GLY A 71 9.96 -6.87 -2.62
C GLY A 71 10.33 -8.21 -1.95
N THR A 72 10.49 -8.23 -0.62
CA THR A 72 10.79 -9.43 0.19
C THR A 72 9.74 -9.75 1.27
N ARG A 73 8.82 -8.82 1.59
CA ARG A 73 7.79 -8.96 2.64
C ARG A 73 6.40 -8.54 2.15
N HIS A 74 5.42 -9.45 2.23
CA HIS A 74 4.02 -9.16 1.88
C HIS A 74 3.28 -8.32 2.96
N LYS A 75 3.73 -8.36 4.22
CA LYS A 75 3.20 -7.53 5.31
C LYS A 75 3.51 -6.04 5.13
N VAL A 76 4.59 -5.72 4.40
CA VAL A 76 5.00 -4.34 4.03
C VAL A 76 4.13 -3.80 2.91
N LEU A 77 3.83 -4.60 1.87
CA LEU A 77 3.04 -4.16 0.72
C LEU A 77 1.66 -3.60 1.14
N LEU A 78 1.04 -4.21 2.15
CA LEU A 78 -0.21 -3.73 2.77
C LEU A 78 -0.10 -2.27 3.18
N ARG A 79 0.82 -1.93 4.09
CA ARG A 79 0.97 -0.56 4.62
C ARG A 79 1.48 0.43 3.57
N ARG A 80 2.35 0.01 2.65
CA ARG A 80 2.83 0.84 1.52
C ARG A 80 1.69 1.28 0.60
N LEU A 81 0.83 0.34 0.17
CA LEU A 81 -0.38 0.66 -0.62
C LEU A 81 -1.38 1.48 0.20
N LEU A 82 -1.67 1.08 1.44
CA LEU A 82 -2.66 1.74 2.30
C LEU A 82 -2.34 3.24 2.53
N ALA A 83 -1.10 3.54 2.90
CA ALA A 83 -0.59 4.91 3.04
C ALA A 83 -0.52 5.70 1.71
N SER A 84 -0.72 5.05 0.56
CA SER A 84 -0.85 5.69 -0.76
C SER A 84 -2.30 6.04 -1.13
N PHE A 85 -3.30 5.49 -0.41
CA PHE A 85 -4.72 5.81 -0.62
C PHE A 85 -5.31 6.73 0.47
N PHE A 86 -4.97 6.49 1.74
CA PHE A 86 -5.55 7.20 2.89
C PHE A 86 -4.60 8.21 3.56
N ASP A 87 -5.17 9.06 4.42
CA ASP A 87 -4.46 9.95 5.35
C ASP A 87 -5.19 9.98 6.72
N ARG A 88 -4.56 10.60 7.72
CA ARG A 88 -5.00 10.73 9.13
C ARG A 88 -6.46 11.17 9.27
N ASN A 89 -6.91 12.09 8.41
CA ASN A 89 -8.26 12.67 8.46
C ASN A 89 -9.38 11.66 8.06
N THR A 90 -9.02 10.50 7.49
CA THR A 90 -9.95 9.45 7.10
C THR A 90 -9.65 8.09 7.75
N LEU A 91 -8.46 7.50 7.57
CA LEU A 91 -8.18 6.14 8.10
C LEU A 91 -7.94 6.14 9.62
N ALA A 92 -7.06 7.01 10.12
CA ALA A 92 -6.84 7.16 11.57
C ALA A 92 -8.13 7.63 12.28
N ASN A 93 -8.89 8.52 11.63
CA ASN A 93 -10.20 9.00 12.07
C ASN A 93 -11.22 7.84 12.23
N SER A 94 -11.33 6.92 11.27
CA SER A 94 -12.26 5.78 11.32
C SER A 94 -11.77 4.61 12.21
N CYS A 95 -10.46 4.41 12.32
CA CYS A 95 -9.78 3.37 13.12
C CYS A 95 -10.39 1.96 12.98
N GLY A 96 -10.49 1.45 11.75
CA GLY A 96 -10.97 0.08 11.47
C GLY A 96 -11.26 -0.20 9.99
N THR A 97 -11.61 -1.46 9.70
CA THR A 97 -12.02 -1.93 8.35
C THR A 97 -12.99 -3.14 8.39
N GLY A 98 -12.71 -4.13 9.24
CA GLY A 98 -13.45 -5.41 9.31
C GLY A 98 -14.25 -5.58 10.61
N ILE A 99 -14.67 -4.47 11.23
CA ILE A 99 -15.25 -4.42 12.57
C ILE A 99 -16.71 -3.94 12.57
N ARG A 100 -17.38 -4.11 13.71
CA ARG A 100 -18.83 -3.85 13.92
C ARG A 100 -19.21 -2.38 14.13
N SER A 101 -18.23 -1.49 14.25
CA SER A 101 -18.42 -0.10 14.69
C SER A 101 -19.34 0.74 13.78
N SER A 102 -19.42 0.41 12.49
CA SER A 102 -20.35 1.06 11.54
C SER A 102 -21.84 0.89 11.87
N THR A 103 -22.22 -0.10 12.70
CA THR A 103 -23.63 -0.37 13.08
C THR A 103 -23.87 -0.63 14.57
N ASN A 104 -22.81 -0.83 15.39
CA ASN A 104 -22.92 -1.10 16.83
C ASN A 104 -22.14 -0.14 17.74
N ASP A 105 -21.18 0.63 17.22
CA ASP A 105 -20.34 1.57 17.99
C ASP A 105 -19.95 2.81 17.14
N PRO A 106 -20.92 3.62 16.69
CA PRO A 106 -20.75 4.69 15.70
C PRO A 106 -20.11 5.99 16.25
N ARG A 107 -19.11 5.87 17.12
CA ARG A 107 -18.30 7.01 17.64
C ARG A 107 -17.47 7.65 16.53
N ARG A 108 -16.86 6.83 15.66
CA ARG A 108 -16.11 7.27 14.47
C ARG A 108 -16.99 7.33 13.21
N LYS A 109 -16.47 7.95 12.14
CA LYS A 109 -17.17 8.19 10.86
C LYS A 109 -16.85 7.13 9.79
N PRO A 110 -17.67 6.98 8.73
CA PRO A 110 -17.44 6.00 7.65
C PRO A 110 -16.14 6.22 6.86
N LEU A 111 -15.67 5.14 6.21
CA LEU A 111 -14.38 5.04 5.51
C LEU A 111 -14.55 4.61 4.04
N ASP A 112 -13.59 4.92 3.18
CA ASP A 112 -13.59 4.53 1.75
C ASP A 112 -13.04 3.12 1.52
N SER A 113 -13.67 2.15 2.18
CA SER A 113 -13.21 0.77 2.33
C SER A 113 -13.17 -0.06 1.04
N ARG A 114 -13.63 0.48 -0.09
CA ARG A 114 -13.43 -0.14 -1.42
C ARG A 114 -11.95 -0.32 -1.75
N VAL A 115 -11.09 0.56 -1.22
CA VAL A 115 -9.64 0.51 -1.49
C VAL A 115 -8.93 -0.46 -0.54
N LEU A 116 -9.37 -0.54 0.72
CA LEU A 116 -8.98 -1.56 1.70
C LEU A 116 -9.25 -2.96 1.17
N HIS A 117 -10.44 -3.20 0.61
CA HIS A 117 -10.80 -4.46 -0.04
C HIS A 117 -9.79 -4.84 -1.14
N ALA A 118 -9.55 -3.94 -2.11
CA ALA A 118 -8.58 -4.19 -3.17
C ALA A 118 -7.15 -4.43 -2.65
N VAL A 119 -6.59 -3.56 -1.79
CA VAL A 119 -5.26 -3.72 -1.18
C VAL A 119 -5.12 -5.03 -0.43
N LYS A 120 -6.04 -5.37 0.49
CA LYS A 120 -5.90 -6.56 1.34
C LYS A 120 -5.98 -7.85 0.53
N TYR A 121 -6.87 -7.90 -0.46
CA TYR A 121 -6.98 -9.02 -1.40
C TYR A 121 -5.74 -9.12 -2.32
N TYR A 122 -5.34 -8.01 -2.95
CA TYR A 122 -4.17 -7.98 -3.83
C TYR A 122 -2.88 -8.38 -3.09
N CYS A 123 -2.73 -7.99 -1.83
CA CYS A 123 -1.64 -8.42 -0.95
C CYS A 123 -1.74 -9.90 -0.54
N GLN A 124 -2.96 -10.45 -0.40
CA GLN A 124 -3.16 -11.89 -0.22
C GLN A 124 -2.73 -12.68 -1.46
N ASN A 125 -2.91 -12.11 -2.66
CA ASN A 125 -2.38 -12.67 -3.92
C ASN A 125 -0.85 -12.54 -4.05
N PHE A 126 -0.23 -11.59 -3.35
CA PHE A 126 1.22 -11.41 -3.27
C PHE A 126 1.89 -12.28 -2.20
N ALA A 127 1.10 -12.77 -1.24
CA ALA A 127 1.54 -13.63 -0.13
C ALA A 127 1.40 -15.14 -0.43
N PRO A 128 2.01 -16.03 0.39
CA PRO A 128 1.74 -17.47 0.32
C PRO A 128 0.34 -17.82 0.85
N ASN A 129 -0.02 -17.32 2.04
CA ASN A 129 -1.24 -17.65 2.77
C ASN A 129 -1.65 -16.61 3.85
N PHE A 130 -1.20 -15.35 3.74
CA PHE A 130 -1.33 -14.36 4.83
C PHE A 130 -2.80 -13.99 5.14
N LYS A 131 -3.17 -14.07 6.42
CA LYS A 131 -4.56 -13.96 6.89
C LYS A 131 -5.12 -12.54 6.86
N GLU A 132 -6.44 -12.41 6.80
CA GLU A 132 -7.11 -11.11 6.79
C GLU A 132 -7.12 -10.45 8.18
N SER A 133 -7.03 -11.24 9.27
CA SER A 133 -6.95 -10.72 10.65
C SER A 133 -5.72 -9.83 10.88
N GLU A 134 -4.60 -10.12 10.22
CA GLU A 134 -3.40 -9.27 10.22
C GLU A 134 -3.64 -7.99 9.42
N MET A 135 -4.21 -8.11 8.22
CA MET A 135 -4.54 -6.98 7.33
C MET A 135 -5.49 -5.97 8.02
N ASN A 136 -6.51 -6.49 8.71
CA ASN A 136 -7.49 -5.69 9.43
C ASN A 136 -6.90 -5.06 10.71
N ALA A 137 -5.95 -5.73 11.37
CA ALA A 137 -5.22 -5.19 12.51
C ALA A 137 -4.28 -4.05 12.08
N ILE A 138 -3.51 -4.20 11.01
CA ILE A 138 -2.63 -3.16 10.45
C ILE A 138 -3.42 -1.91 10.06
N ALA A 139 -4.59 -2.08 9.43
CA ALA A 139 -5.45 -0.95 9.07
C ALA A 139 -6.04 -0.22 10.31
N ALA A 140 -6.37 -0.94 11.39
CA ALA A 140 -6.81 -0.33 12.65
C ALA A 140 -5.65 0.35 13.42
N ASP A 141 -4.44 -0.20 13.36
CA ASP A 141 -3.22 0.27 14.05
C ASP A 141 -2.78 1.70 13.66
N MET A 142 -3.36 2.26 12.60
CA MET A 142 -3.21 3.67 12.21
C MET A 142 -3.66 4.67 13.31
N CYS A 143 -4.48 4.23 14.28
CA CYS A 143 -4.84 5.00 15.48
C CYS A 143 -5.21 4.06 16.67
N THR A 144 -5.81 4.63 17.72
CA THR A 144 -6.44 3.92 18.85
C THR A 144 -7.96 3.87 18.75
N ASN A 145 -8.55 2.73 19.14
CA ASN A 145 -10.00 2.50 19.01
C ASN A 145 -10.85 3.27 20.04
N ALA A 146 -10.28 3.58 21.20
CA ALA A 146 -10.81 4.48 22.23
C ALA A 146 -9.65 5.06 23.06
N ARG A 147 -9.70 6.37 23.36
CA ARG A 147 -8.66 7.10 24.14
C ARG A 147 -9.19 8.39 24.77
N ARG A 148 -8.30 9.12 25.46
CA ARG A 148 -8.59 10.39 26.16
C ARG A 148 -8.69 11.61 25.22
N VAL A 149 -9.75 11.64 24.40
CA VAL A 149 -10.15 12.81 23.57
C VAL A 149 -11.57 13.31 23.86
N VAL A 150 -12.44 12.49 24.44
CA VAL A 150 -13.79 12.83 24.98
C VAL A 150 -14.66 13.71 24.05
N ARG A 151 -14.61 13.45 22.74
CA ARG A 151 -15.28 14.24 21.69
C ARG A 151 -16.80 14.04 21.61
N LYS A 152 -17.34 12.96 22.18
CA LYS A 152 -18.78 12.64 22.22
C LYS A 152 -19.56 13.50 23.22
N SER A 153 -20.86 13.69 22.99
CA SER A 153 -21.77 14.52 23.79
C SER A 153 -23.12 13.83 24.02
N TRP A 154 -23.55 13.80 25.28
CA TRP A 154 -24.90 13.40 25.70
C TRP A 154 -25.35 14.22 26.90
N MET A 155 -26.42 14.98 26.72
CA MET A 155 -27.12 15.74 27.75
C MET A 155 -28.65 15.56 27.56
N PRO A 156 -29.34 14.83 28.46
CA PRO A 156 -30.80 14.60 28.36
C PRO A 156 -31.61 15.88 28.66
N LYS A 157 -32.83 15.94 28.11
CA LYS A 157 -33.80 17.02 28.37
C LYS A 157 -34.47 16.91 29.74
N VAL A 158 -35.03 18.02 30.23
CA VAL A 158 -35.86 18.07 31.46
C VAL A 158 -37.21 17.38 31.20
N LYS A 159 -37.69 16.56 32.15
CA LYS A 159 -38.95 15.82 32.04
C LYS A 159 -40.16 16.77 32.07
N VAL A 160 -41.13 16.52 31.19
CA VAL A 160 -42.38 17.29 31.03
C VAL A 160 -43.58 16.60 31.70
N LEU A 161 -44.64 17.37 31.98
CA LEU A 161 -45.91 16.86 32.50
C LEU A 161 -46.62 15.99 31.44
N LYS A 162 -47.14 14.82 31.84
CA LYS A 162 -47.84 13.87 30.96
C LYS A 162 -49.23 14.40 30.54
N ALA A 163 -49.59 14.19 29.27
CA ALA A 163 -50.94 14.43 28.75
C ALA A 163 -51.92 13.28 29.07
N GLU A 164 -53.19 13.61 29.33
CA GLU A 164 -54.28 12.67 29.69
C GLU A 164 -55.50 12.79 28.75
N LEU A 1 23.23 -19.05 9.15
CA LEU A 1 24.18 -17.90 9.29
C LEU A 1 23.70 -16.90 10.35
N PRO A 2 24.61 -16.24 11.10
CA PRO A 2 24.25 -15.21 12.09
C PRO A 2 23.75 -13.91 11.43
N GLU A 3 23.02 -13.11 12.20
CA GLU A 3 22.52 -11.79 11.76
C GLU A 3 23.63 -10.71 11.74
N GLN A 4 23.47 -9.70 10.88
CA GLN A 4 24.40 -8.57 10.75
C GLN A 4 24.04 -7.39 11.67
N VAL A 5 25.06 -6.66 12.14
CA VAL A 5 24.94 -5.50 13.05
C VAL A 5 25.89 -4.36 12.66
N ALA A 6 25.98 -4.11 11.35
CA ALA A 6 26.87 -3.11 10.75
C ALA A 6 26.42 -1.66 11.05
N PRO A 7 27.37 -0.71 11.23
CA PRO A 7 27.06 0.70 11.53
C PRO A 7 26.66 1.54 10.30
N GLU A 8 26.92 1.05 9.08
CA GLU A 8 26.76 1.78 7.82
C GLU A 8 25.28 1.94 7.43
N SER A 9 24.71 3.12 7.71
CA SER A 9 23.36 3.53 7.32
C SER A 9 23.33 4.04 5.87
N ARG A 10 23.58 3.14 4.91
CA ARG A 10 23.65 3.44 3.46
C ARG A 10 22.31 3.89 2.87
N ASN A 11 22.37 4.63 1.77
CA ASN A 11 21.22 5.15 1.01
C ASN A 11 21.36 4.84 -0.50
N ARG A 12 20.24 4.92 -1.24
CA ARG A 12 20.15 4.64 -2.69
C ARG A 12 20.95 5.62 -3.56
N ILE A 13 21.37 5.15 -4.74
CA ILE A 13 22.27 5.84 -5.67
C ILE A 13 21.66 5.90 -7.09
N ARG A 14 21.90 7.00 -7.82
CA ARG A 14 21.52 7.20 -9.24
C ARG A 14 20.05 6.87 -9.55
N VAL A 15 19.17 7.45 -8.73
CA VAL A 15 17.71 7.19 -8.72
C VAL A 15 17.00 7.66 -9.99
N ARG A 16 17.54 8.68 -10.67
CA ARG A 16 16.97 9.32 -11.88
C ARG A 16 17.26 8.50 -13.16
N GLN A 17 16.73 7.28 -13.22
CA GLN A 17 16.83 6.34 -14.34
C GLN A 17 15.46 5.72 -14.70
N ASP A 18 15.25 5.47 -16.00
CA ASP A 18 14.03 4.91 -16.60
C ASP A 18 12.73 5.72 -16.33
N LEU A 19 11.60 5.24 -16.84
CA LEU A 19 10.24 5.76 -16.63
C LEU A 19 9.42 4.80 -15.74
N ALA A 20 9.48 3.51 -16.07
CA ALA A 20 8.82 2.41 -15.37
C ALA A 20 9.50 1.06 -15.68
N SER A 21 10.25 0.52 -14.72
CA SER A 21 10.83 -0.83 -14.73
C SER A 21 11.38 -1.21 -13.36
N LEU A 22 11.20 -2.47 -12.94
CA LEU A 22 11.72 -3.03 -11.69
C LEU A 22 13.00 -3.87 -11.94
N PRO A 23 13.90 -4.00 -10.95
CA PRO A 23 15.15 -4.74 -11.13
C PRO A 23 14.93 -6.25 -11.16
N ALA A 24 15.87 -6.98 -11.78
CA ALA A 24 15.75 -8.41 -12.09
C ALA A 24 15.46 -9.27 -10.84
N GLU A 25 15.96 -8.84 -9.68
CA GLU A 25 15.75 -9.47 -8.37
C GLU A 25 14.31 -9.42 -7.86
N LEU A 26 13.46 -8.48 -8.28
CA LEU A 26 12.02 -8.50 -7.99
C LEU A 26 11.28 -9.35 -9.02
N ILE A 27 11.71 -9.23 -10.28
CA ILE A 27 11.25 -10.05 -11.42
C ILE A 27 11.43 -11.55 -11.10
N ASN A 28 12.45 -11.92 -10.33
CA ASN A 28 12.70 -13.30 -9.91
C ASN A 28 11.66 -13.84 -8.92
N GLN A 29 10.84 -12.97 -8.33
CA GLN A 29 9.86 -13.29 -7.26
C GLN A 29 8.40 -13.18 -7.74
N ILE A 30 8.15 -12.34 -8.75
CA ILE A 30 6.81 -11.99 -9.25
C ILE A 30 6.56 -12.46 -10.70
N GLY A 31 7.59 -12.51 -11.54
CA GLY A 31 7.59 -13.17 -12.86
C GLY A 31 6.42 -12.81 -13.79
N ASN A 32 6.22 -11.52 -14.02
CA ASN A 32 5.14 -10.91 -14.82
C ASN A 32 3.69 -11.17 -14.34
N ARG A 33 3.47 -11.86 -13.21
CA ARG A 33 2.12 -12.16 -12.66
C ARG A 33 1.43 -10.91 -12.10
N CYS A 34 2.19 -10.05 -11.44
CA CYS A 34 1.69 -8.84 -10.75
C CYS A 34 1.63 -7.65 -11.72
N HIS A 35 0.46 -7.44 -12.35
CA HIS A 35 0.13 -6.32 -13.25
C HIS A 35 1.26 -5.95 -14.25
N PRO A 36 1.42 -6.67 -15.38
CA PRO A 36 2.60 -6.61 -16.27
C PRO A 36 3.05 -5.22 -16.78
N LYS A 37 2.25 -4.18 -16.60
CA LYS A 37 2.62 -2.76 -16.78
C LYS A 37 3.88 -2.37 -16.04
N LEU A 38 4.14 -2.98 -14.88
CA LEU A 38 5.37 -2.79 -14.10
C LEU A 38 6.65 -3.26 -14.82
N TYR A 39 6.52 -3.98 -15.95
CA TYR A 39 7.62 -4.47 -16.80
C TYR A 39 7.50 -3.97 -18.26
N ASP A 40 6.32 -3.48 -18.69
CA ASP A 40 6.14 -2.75 -19.95
C ASP A 40 6.80 -1.36 -19.86
N GLU A 41 7.03 -0.70 -21.01
CA GLU A 41 7.40 0.72 -21.05
C GLU A 41 6.15 1.63 -20.91
N GLY A 42 6.35 2.90 -20.58
CA GLY A 42 5.27 3.90 -20.46
C GLY A 42 5.69 5.17 -19.73
N ASP A 43 4.76 5.72 -18.92
CA ASP A 43 4.96 6.94 -18.14
C ASP A 43 4.57 6.74 -16.65
N PRO A 44 5.21 7.44 -15.70
CA PRO A 44 5.05 7.17 -14.27
C PRO A 44 3.68 7.54 -13.69
N SER A 45 2.97 8.50 -14.29
CA SER A 45 1.69 9.06 -13.79
C SER A 45 0.45 8.22 -14.16
N GLU A 46 0.58 7.24 -15.05
CA GLU A 46 -0.52 6.42 -15.57
C GLU A 46 -1.23 5.61 -14.46
N LYS A 47 -2.53 5.34 -14.62
CA LYS A 47 -3.32 4.50 -13.70
C LYS A 47 -3.17 3.01 -14.03
N LEU A 48 -2.98 2.19 -13.00
CA LEU A 48 -3.02 0.73 -13.02
C LEU A 48 -4.16 0.26 -12.09
N GLU A 49 -4.96 -0.70 -12.55
CA GLU A 49 -6.13 -1.21 -11.84
C GLU A 49 -5.69 -2.27 -10.82
N LEU A 50 -5.80 -1.95 -9.52
CA LEU A 50 -5.36 -2.87 -8.46
C LEU A 50 -6.22 -4.15 -8.42
N VAL A 51 -7.54 -4.00 -8.38
CA VAL A 51 -8.52 -5.10 -8.40
C VAL A 51 -9.69 -4.74 -9.31
N THR A 52 -9.89 -5.56 -10.35
CA THR A 52 -10.93 -5.41 -11.39
C THR A 52 -12.33 -5.20 -10.82
N GLY A 53 -12.73 -6.09 -9.91
CA GLY A 53 -14.03 -6.09 -9.23
C GLY A 53 -14.35 -4.84 -8.39
N THR A 54 -13.33 -4.04 -8.05
CA THR A 54 -13.48 -2.81 -7.24
C THR A 54 -13.38 -1.52 -8.06
N ASN A 55 -12.79 -1.56 -9.25
CA ASN A 55 -12.40 -0.40 -10.06
C ASN A 55 -11.51 0.62 -9.32
N VAL A 56 -10.61 0.13 -8.45
CA VAL A 56 -9.67 0.95 -7.68
C VAL A 56 -8.33 1.01 -8.42
N TYR A 57 -7.92 2.22 -8.80
CA TYR A 57 -6.69 2.48 -9.55
C TYR A 57 -5.62 3.19 -8.71
N ILE A 58 -4.38 2.75 -8.87
CA ILE A 58 -3.15 3.31 -8.26
C ILE A 58 -2.19 3.77 -9.37
N THR A 59 -1.44 4.85 -9.12
CA THR A 59 -0.44 5.38 -10.05
C THR A 59 0.72 4.40 -10.28
N ARG A 60 1.19 4.28 -11.53
CA ARG A 60 2.18 3.29 -11.98
C ARG A 60 3.48 3.35 -11.19
N ALA A 61 4.01 4.56 -10.96
CA ALA A 61 5.20 4.78 -10.13
C ALA A 61 4.96 4.51 -8.62
N GLN A 62 3.72 4.57 -8.14
CA GLN A 62 3.40 4.29 -6.74
C GLN A 62 3.35 2.79 -6.45
N LEU A 63 2.86 1.97 -7.39
CA LEU A 63 3.00 0.51 -7.29
C LEU A 63 4.48 0.12 -7.25
N MET A 64 5.31 0.74 -8.10
CA MET A 64 6.76 0.55 -8.08
C MET A 64 7.37 0.93 -6.74
N ASN A 65 7.02 2.09 -6.18
CA ASN A 65 7.47 2.52 -4.86
C ASN A 65 7.05 1.56 -3.73
N CYS A 66 5.90 0.89 -3.86
CA CYS A 66 5.49 -0.20 -2.97
C CYS A 66 6.35 -1.46 -3.20
N HIS A 67 6.56 -1.89 -4.45
CA HIS A 67 7.27 -3.12 -4.78
C HIS A 67 8.79 -3.08 -4.50
N VAL A 68 9.45 -1.91 -4.54
CA VAL A 68 10.88 -1.78 -4.15
C VAL A 68 11.08 -1.83 -2.63
N SER A 69 10.03 -1.46 -1.88
CA SER A 69 10.05 -1.33 -0.41
C SER A 69 9.52 -2.57 0.33
N ALA A 70 8.54 -3.26 -0.28
CA ALA A 70 7.78 -4.36 0.32
C ALA A 70 7.72 -5.63 -0.55
N GLY A 71 8.29 -5.62 -1.76
CA GLY A 71 8.13 -6.71 -2.75
C GLY A 71 8.68 -8.09 -2.35
N THR A 72 9.49 -8.16 -1.29
CA THR A 72 10.00 -9.42 -0.69
C THR A 72 9.07 -9.99 0.41
N ARG A 73 8.10 -9.19 0.88
CA ARG A 73 7.24 -9.43 2.05
C ARG A 73 5.75 -9.23 1.71
N HIS A 74 4.90 -9.09 2.73
CA HIS A 74 3.46 -8.77 2.57
C HIS A 74 2.87 -7.99 3.77
N LYS A 75 3.36 -8.23 5.00
CA LYS A 75 2.92 -7.48 6.21
C LYS A 75 3.27 -5.98 6.16
N VAL A 76 4.32 -5.63 5.41
CA VAL A 76 4.68 -4.23 5.09
C VAL A 76 3.99 -3.71 3.82
N LEU A 77 3.71 -4.56 2.82
CA LEU A 77 2.91 -4.18 1.65
C LEU A 77 1.50 -3.71 2.05
N LEU A 78 0.92 -4.36 3.07
CA LEU A 78 -0.39 -4.05 3.64
C LEU A 78 -0.51 -2.68 4.33
N ARG A 79 0.62 -1.99 4.59
CA ARG A 79 0.65 -0.58 5.03
C ARG A 79 1.19 0.38 3.97
N ARG A 80 2.20 -0.01 3.17
CA ARG A 80 2.73 0.76 2.03
C ARG A 80 1.64 1.05 0.98
N LEU A 81 0.94 0.02 0.52
CA LEU A 81 -0.12 0.10 -0.47
C LEU A 81 -1.38 0.80 0.06
N LEU A 82 -1.64 0.71 1.38
CA LEU A 82 -2.73 1.40 2.06
C LEU A 82 -2.50 2.92 2.16
N ALA A 83 -1.30 3.30 2.61
CA ALA A 83 -0.81 4.69 2.58
C ALA A 83 -0.65 5.28 1.16
N SER A 84 -0.78 4.46 0.12
CA SER A 84 -0.86 4.90 -1.29
C SER A 84 -2.26 5.34 -1.73
N PHE A 85 -3.29 5.13 -0.90
CA PHE A 85 -4.66 5.62 -1.12
C PHE A 85 -5.10 6.67 -0.09
N PHE A 86 -4.88 6.42 1.21
CA PHE A 86 -5.33 7.33 2.28
C PHE A 86 -4.28 8.37 2.66
N ASP A 87 -4.66 9.64 2.68
CA ASP A 87 -3.86 10.74 3.23
C ASP A 87 -3.61 10.56 4.74
N ARG A 88 -2.57 11.20 5.31
CA ARG A 88 -2.23 11.13 6.75
C ARG A 88 -3.37 11.62 7.67
N ASN A 89 -4.27 12.47 7.16
CA ASN A 89 -5.47 12.95 7.86
C ASN A 89 -6.68 12.00 7.72
N THR A 90 -6.54 10.93 6.93
CA THR A 90 -7.54 9.87 6.64
C THR A 90 -7.05 8.53 7.23
N LEU A 91 -7.86 7.46 7.14
CA LEU A 91 -7.73 6.14 7.80
C LEU A 91 -7.83 6.20 9.33
N ALA A 92 -7.04 7.06 9.97
CA ALA A 92 -7.10 7.38 11.39
C ALA A 92 -8.31 8.25 11.79
N ASN A 93 -9.05 8.76 10.80
CA ASN A 93 -10.35 9.41 10.99
C ASN A 93 -11.49 8.41 11.31
N SER A 94 -11.22 7.11 11.11
CA SER A 94 -12.09 5.97 11.38
C SER A 94 -11.34 4.93 12.24
N CYS A 95 -11.97 3.78 12.52
CA CYS A 95 -11.38 2.67 13.29
C CYS A 95 -10.53 1.71 12.42
N GLY A 96 -9.97 2.17 11.29
CA GLY A 96 -9.36 1.30 10.29
C GLY A 96 -10.46 0.47 9.59
N THR A 97 -10.42 -0.85 9.77
CA THR A 97 -11.52 -1.76 9.37
C THR A 97 -11.65 -2.94 10.34
N GLY A 98 -12.83 -3.57 10.35
CA GLY A 98 -13.24 -4.64 11.26
C GLY A 98 -14.55 -4.30 12.00
N ILE A 99 -14.89 -3.01 12.05
CA ILE A 99 -16.11 -2.45 12.65
C ILE A 99 -16.74 -1.49 11.63
N ARG A 100 -17.91 -1.85 11.10
CA ARG A 100 -18.61 -1.14 10.01
C ARG A 100 -19.98 -0.61 10.42
N SER A 101 -20.79 -1.43 11.10
CA SER A 101 -22.17 -1.12 11.52
C SER A 101 -23.01 -0.54 10.37
N SER A 102 -23.49 0.71 10.49
CA SER A 102 -24.16 1.46 9.41
C SER A 102 -23.47 2.82 9.19
N THR A 103 -22.97 3.06 7.98
CA THR A 103 -22.12 4.21 7.59
C THR A 103 -20.82 4.33 8.42
N ASN A 104 -20.87 4.86 9.63
CA ASN A 104 -19.79 4.90 10.62
C ASN A 104 -20.36 5.09 12.05
N ASP A 105 -19.55 4.80 13.08
CA ASP A 105 -19.89 5.13 14.47
C ASP A 105 -19.97 6.66 14.68
N PRO A 106 -20.94 7.21 15.45
CA PRO A 106 -21.12 8.66 15.59
C PRO A 106 -19.96 9.46 16.19
N ARG A 107 -18.95 8.79 16.77
CA ARG A 107 -17.75 9.38 17.35
C ARG A 107 -16.66 9.68 16.31
N ARG A 108 -16.69 8.97 15.18
CA ARG A 108 -15.67 9.00 14.11
C ARG A 108 -16.23 9.51 12.77
N LYS A 109 -15.39 9.50 11.72
CA LYS A 109 -15.72 9.95 10.35
C LYS A 109 -15.69 8.76 9.36
N PRO A 110 -16.39 8.83 8.21
CA PRO A 110 -16.42 7.75 7.22
C PRO A 110 -15.08 7.58 6.47
N LEU A 111 -14.91 6.40 5.85
CA LEU A 111 -13.71 5.98 5.12
C LEU A 111 -14.06 5.38 3.74
N ASP A 112 -13.16 5.47 2.77
CA ASP A 112 -13.34 4.95 1.41
C ASP A 112 -12.95 3.47 1.32
N SER A 113 -13.70 2.63 2.03
CA SER A 113 -13.40 1.22 2.29
C SER A 113 -13.36 0.29 1.07
N ARG A 114 -13.68 0.81 -0.12
CA ARG A 114 -13.45 0.11 -1.40
C ARG A 114 -11.95 -0.14 -1.66
N VAL A 115 -11.06 0.70 -1.11
CA VAL A 115 -9.61 0.55 -1.30
C VAL A 115 -8.99 -0.41 -0.29
N LEU A 116 -9.53 -0.47 0.93
CA LEU A 116 -9.19 -1.47 1.95
C LEU A 116 -9.41 -2.89 1.42
N HIS A 117 -10.60 -3.15 0.83
CA HIS A 117 -10.92 -4.44 0.21
C HIS A 117 -9.89 -4.82 -0.86
N ALA A 118 -9.64 -3.93 -1.82
CA ALA A 118 -8.69 -4.21 -2.90
C ALA A 118 -7.27 -4.46 -2.38
N VAL A 119 -6.73 -3.61 -1.49
CA VAL A 119 -5.40 -3.78 -0.88
C VAL A 119 -5.29 -5.12 -0.14
N LYS A 120 -6.21 -5.46 0.76
CA LYS A 120 -6.07 -6.69 1.57
C LYS A 120 -6.19 -7.96 0.72
N TYR A 121 -7.16 -8.02 -0.20
CA TYR A 121 -7.27 -9.11 -1.17
C TYR A 121 -6.04 -9.22 -2.08
N TYR A 122 -5.59 -8.12 -2.68
CA TYR A 122 -4.40 -8.09 -3.54
C TYR A 122 -3.13 -8.56 -2.80
N CYS A 123 -3.00 -8.19 -1.52
CA CYS A 123 -1.89 -8.64 -0.67
C CYS A 123 -2.02 -10.12 -0.29
N GLN A 124 -3.24 -10.64 -0.09
CA GLN A 124 -3.48 -12.07 0.12
C GLN A 124 -3.12 -12.89 -1.13
N ASN A 125 -3.32 -12.32 -2.32
CA ASN A 125 -2.92 -12.89 -3.60
C ASN A 125 -1.41 -12.71 -3.91
N PHE A 126 -0.69 -11.91 -3.11
CA PHE A 126 0.76 -11.74 -3.13
C PHE A 126 1.48 -12.60 -2.06
N ALA A 127 0.74 -13.04 -1.04
CA ALA A 127 1.23 -13.79 0.12
C ALA A 127 1.04 -15.32 -0.05
N PRO A 128 1.80 -16.17 0.68
CA PRO A 128 1.65 -17.63 0.59
C PRO A 128 0.37 -18.14 1.29
N ASN A 129 0.07 -17.66 2.51
CA ASN A 129 -1.09 -18.10 3.31
C ASN A 129 -1.52 -17.07 4.39
N PHE A 130 -1.31 -15.76 4.15
CA PHE A 130 -1.46 -14.73 5.18
C PHE A 130 -2.94 -14.39 5.46
N LYS A 131 -3.33 -14.41 6.75
CA LYS A 131 -4.72 -14.28 7.21
C LYS A 131 -5.27 -12.85 7.11
N GLU A 132 -6.59 -12.72 7.06
CA GLU A 132 -7.25 -11.40 6.97
C GLU A 132 -7.29 -10.67 8.33
N SER A 133 -7.23 -11.39 9.44
CA SER A 133 -7.18 -10.80 10.80
C SER A 133 -5.96 -9.90 10.99
N GLU A 134 -4.81 -10.29 10.43
CA GLU A 134 -3.61 -9.45 10.36
C GLU A 134 -3.84 -8.21 9.48
N MET A 135 -4.43 -8.38 8.28
CA MET A 135 -4.71 -7.31 7.33
C MET A 135 -5.61 -6.22 7.93
N ASN A 136 -6.68 -6.63 8.62
CA ASN A 136 -7.61 -5.73 9.30
C ASN A 136 -6.97 -5.04 10.51
N ALA A 137 -6.05 -5.73 11.22
CA ALA A 137 -5.29 -5.15 12.33
C ALA A 137 -4.23 -4.14 11.86
N ILE A 138 -3.55 -4.37 10.74
CA ILE A 138 -2.61 -3.42 10.12
C ILE A 138 -3.30 -2.11 9.75
N ALA A 139 -4.49 -2.17 9.13
CA ALA A 139 -5.30 -1.00 8.84
C ALA A 139 -5.69 -0.18 10.09
N ALA A 140 -5.89 -0.82 11.24
CA ALA A 140 -6.13 -0.16 12.53
C ALA A 140 -4.84 0.33 13.22
N ASP A 141 -3.71 -0.35 13.02
CA ASP A 141 -2.38 0.01 13.54
C ASP A 141 -1.81 1.27 12.86
N MET A 142 -2.18 1.53 11.61
CA MET A 142 -1.87 2.75 10.83
C MET A 142 -2.66 4.00 11.29
N CYS A 143 -2.99 4.10 12.59
CA CYS A 143 -3.68 5.23 13.20
C CYS A 143 -2.74 6.44 13.44
N THR A 144 -2.37 7.14 12.37
CA THR A 144 -1.55 8.39 12.38
C THR A 144 -2.06 9.46 13.35
N ASN A 145 -3.38 9.53 13.50
CA ASN A 145 -4.20 10.41 14.32
C ASN A 145 -3.95 11.92 14.19
N ALA A 146 -4.88 12.56 13.48
CA ALA A 146 -4.98 14.01 13.29
C ALA A 146 -6.40 14.43 12.88
N ARG A 147 -6.70 15.74 12.92
CA ARG A 147 -7.94 16.32 12.37
C ARG A 147 -8.01 16.24 10.83
N ARG A 148 -9.16 16.59 10.25
CA ARG A 148 -9.47 16.40 8.81
C ARG A 148 -8.76 17.40 7.89
N VAL A 149 -9.36 18.58 7.67
CA VAL A 149 -9.02 19.69 6.73
C VAL A 149 -8.76 19.34 5.26
N VAL A 150 -8.50 18.08 4.92
CA VAL A 150 -8.24 17.57 3.56
C VAL A 150 -9.55 17.11 2.89
N ARG A 151 -9.83 17.63 1.69
CA ARG A 151 -11.05 17.42 0.92
C ARG A 151 -11.11 16.02 0.29
N LYS A 152 -12.32 15.59 -0.10
CA LYS A 152 -12.56 14.32 -0.81
C LYS A 152 -11.91 14.30 -2.21
N SER A 153 -11.48 13.13 -2.65
CA SER A 153 -10.97 12.88 -4.00
C SER A 153 -12.11 12.66 -4.99
N TRP A 154 -11.88 13.03 -6.25
CA TRP A 154 -12.74 12.72 -7.40
C TRP A 154 -12.41 11.35 -8.06
N MET A 155 -11.38 10.65 -7.55
CA MET A 155 -10.95 9.31 -7.95
C MET A 155 -10.74 9.14 -9.47
N PRO A 156 -9.72 9.81 -10.05
CA PRO A 156 -9.36 9.68 -11.48
C PRO A 156 -9.14 8.23 -11.92
N LYS A 157 -9.53 7.92 -13.17
CA LYS A 157 -9.46 6.59 -13.79
C LYS A 157 -9.12 6.70 -15.29
N VAL A 158 -8.26 5.81 -15.77
CA VAL A 158 -7.87 5.65 -17.18
C VAL A 158 -7.75 4.15 -17.48
N LYS A 159 -8.32 3.67 -18.59
CA LYS A 159 -8.32 2.24 -18.96
C LYS A 159 -6.90 1.68 -19.13
N VAL A 160 -6.70 0.42 -18.76
CA VAL A 160 -5.39 -0.26 -18.75
C VAL A 160 -5.50 -1.72 -19.18
N LEU A 161 -4.46 -2.23 -19.85
CA LEU A 161 -4.35 -3.63 -20.30
C LEU A 161 -3.43 -4.44 -19.37
N LYS A 162 -3.82 -5.70 -19.09
CA LYS A 162 -3.16 -6.65 -18.19
C LYS A 162 -3.34 -8.11 -18.63
N ALA A 163 -2.58 -9.01 -18.03
CA ALA A 163 -2.70 -10.47 -18.24
C ALA A 163 -3.94 -11.05 -17.51
N GLU A 164 -4.35 -12.27 -17.92
CA GLU A 164 -5.49 -13.03 -17.37
C GLU A 164 -5.16 -14.54 -17.27
N LEU A 1 40.94 -12.80 -36.54
CA LEU A 1 40.72 -11.72 -35.54
C LEU A 1 40.95 -12.24 -34.12
N PRO A 2 41.45 -11.40 -33.18
CA PRO A 2 41.66 -11.78 -31.78
C PRO A 2 40.34 -11.96 -31.01
N GLU A 3 40.38 -12.79 -29.95
CA GLU A 3 39.23 -13.14 -29.10
C GLU A 3 39.47 -12.81 -27.60
N GLN A 4 40.43 -11.92 -27.32
CA GLN A 4 40.83 -11.55 -25.95
C GLN A 4 39.78 -10.70 -25.23
N VAL A 5 39.62 -10.92 -23.92
CA VAL A 5 38.71 -10.20 -23.01
C VAL A 5 39.43 -9.92 -21.68
N ALA A 6 39.22 -8.75 -21.07
CA ALA A 6 39.87 -8.35 -19.82
C ALA A 6 39.41 -9.22 -18.62
N PRO A 7 40.31 -9.58 -17.69
CA PRO A 7 40.02 -10.48 -16.58
C PRO A 7 39.17 -9.84 -15.45
N GLU A 8 39.10 -8.50 -15.41
CA GLU A 8 38.38 -7.73 -14.39
C GLU A 8 36.92 -7.38 -14.73
N SER A 9 36.37 -7.99 -15.79
CA SER A 9 34.97 -7.83 -16.20
C SER A 9 34.01 -8.60 -15.28
N ARG A 10 32.84 -8.02 -15.01
CA ARG A 10 31.82 -8.49 -14.04
C ARG A 10 30.38 -8.31 -14.54
N ASN A 11 29.41 -8.95 -13.90
CA ASN A 11 27.99 -8.73 -14.18
C ASN A 11 27.62 -7.25 -13.96
N ARG A 12 27.03 -6.62 -14.98
CA ARG A 12 26.66 -5.19 -14.98
C ARG A 12 25.24 -4.96 -14.45
N ILE A 13 25.03 -3.81 -13.81
CA ILE A 13 23.77 -3.35 -13.20
C ILE A 13 23.41 -1.96 -13.74
N ARG A 14 22.11 -1.65 -13.91
CA ARG A 14 21.62 -0.32 -14.33
C ARG A 14 22.04 0.78 -13.35
N VAL A 15 22.71 1.83 -13.88
CA VAL A 15 23.19 2.99 -13.11
C VAL A 15 22.28 4.22 -13.30
N ARG A 16 21.78 4.45 -14.52
CA ARG A 16 20.90 5.58 -14.87
C ARG A 16 19.44 5.31 -14.46
N GLN A 17 18.70 6.39 -14.20
CA GLN A 17 17.27 6.35 -13.89
C GLN A 17 16.40 6.16 -15.15
N ASP A 18 15.18 5.65 -14.97
CA ASP A 18 14.16 5.47 -16.01
C ASP A 18 12.75 5.75 -15.44
N LEU A 19 11.74 5.87 -16.30
CA LEU A 19 10.35 6.13 -15.94
C LEU A 19 9.68 4.90 -15.30
N ALA A 20 10.06 3.71 -15.76
CA ALA A 20 9.54 2.42 -15.33
C ALA A 20 10.56 1.26 -15.50
N SER A 21 10.09 0.02 -15.38
CA SER A 21 10.85 -1.25 -15.28
C SER A 21 11.59 -1.45 -13.96
N LEU A 22 11.39 -2.64 -13.37
CA LEU A 22 12.01 -3.13 -12.14
C LEU A 22 13.30 -3.92 -12.48
N PRO A 23 14.26 -4.06 -11.53
CA PRO A 23 15.49 -4.80 -11.79
C PRO A 23 15.27 -6.32 -11.80
N ALA A 24 16.17 -7.05 -12.46
CA ALA A 24 16.05 -8.49 -12.74
C ALA A 24 15.84 -9.34 -11.47
N GLU A 25 16.40 -8.88 -10.35
CA GLU A 25 16.27 -9.47 -9.01
C GLU A 25 14.87 -9.41 -8.40
N LEU A 26 14.00 -8.45 -8.77
CA LEU A 26 12.57 -8.49 -8.39
C LEU A 26 11.78 -9.35 -9.37
N ILE A 27 12.15 -9.24 -10.64
CA ILE A 27 11.65 -10.10 -11.74
C ILE A 27 11.86 -11.58 -11.40
N ASN A 28 12.92 -11.93 -10.66
CA ASN A 28 13.19 -13.32 -10.23
C ASN A 28 12.18 -13.83 -9.17
N GLN A 29 11.36 -12.94 -8.60
CA GLN A 29 10.42 -13.22 -7.50
C GLN A 29 8.95 -13.10 -7.93
N ILE A 30 8.68 -12.29 -8.97
CA ILE A 30 7.32 -11.94 -9.44
C ILE A 30 7.06 -12.32 -10.90
N GLY A 31 8.08 -12.29 -11.76
CA GLY A 31 8.00 -12.63 -13.18
C GLY A 31 6.98 -11.77 -13.93
N ASN A 32 5.94 -12.40 -14.47
CA ASN A 32 4.79 -11.76 -15.12
C ASN A 32 3.46 -11.88 -14.32
N ARG A 33 3.53 -12.28 -13.03
CA ARG A 33 2.34 -12.52 -12.19
C ARG A 33 1.75 -11.23 -11.61
N CYS A 34 2.59 -10.24 -11.32
CA CYS A 34 2.19 -8.88 -10.94
C CYS A 34 1.80 -8.04 -12.18
N HIS A 35 1.30 -6.82 -11.95
CA HIS A 35 0.69 -6.01 -13.01
C HIS A 35 1.69 -5.71 -14.16
N PRO A 36 1.32 -5.75 -15.46
CA PRO A 36 2.31 -5.68 -16.55
C PRO A 36 2.96 -4.31 -16.75
N LYS A 37 2.19 -3.24 -16.47
CA LYS A 37 2.61 -1.83 -16.62
C LYS A 37 3.84 -1.40 -15.81
N LEU A 38 4.15 -2.16 -14.77
CA LEU A 38 5.39 -2.05 -13.98
C LEU A 38 6.67 -2.33 -14.81
N TYR A 39 6.53 -3.01 -15.96
CA TYR A 39 7.63 -3.34 -16.88
C TYR A 39 7.54 -2.56 -18.22
N ASP A 40 6.37 -2.00 -18.52
CA ASP A 40 6.08 -1.12 -19.67
C ASP A 40 6.75 0.26 -19.53
N GLU A 41 7.48 0.67 -20.55
CA GLU A 41 8.00 2.04 -20.66
C GLU A 41 6.88 3.02 -21.06
N GLY A 42 6.65 4.03 -20.23
CA GLY A 42 5.57 5.01 -20.39
C GLY A 42 5.51 6.05 -19.28
N ASP A 43 4.37 6.75 -19.17
CA ASP A 43 4.13 7.79 -18.18
C ASP A 43 4.15 7.23 -16.74
N PRO A 44 5.05 7.68 -15.83
CA PRO A 44 5.05 7.23 -14.44
C PRO A 44 3.75 7.60 -13.69
N SER A 45 3.05 8.65 -14.13
CA SER A 45 1.76 9.10 -13.58
C SER A 45 0.53 8.35 -14.14
N GLU A 46 0.71 7.34 -15.00
CA GLU A 46 -0.39 6.51 -15.50
C GLU A 46 -1.01 5.65 -14.37
N LYS A 47 -2.33 5.71 -14.18
CA LYS A 47 -3.04 4.94 -13.15
C LYS A 47 -3.39 3.51 -13.62
N LEU A 48 -3.34 2.56 -12.70
CA LEU A 48 -3.47 1.11 -12.94
C LEU A 48 -4.59 0.56 -12.06
N GLU A 49 -5.50 -0.26 -12.59
CA GLU A 49 -6.53 -0.90 -11.77
C GLU A 49 -5.91 -2.02 -10.91
N LEU A 50 -5.89 -1.84 -9.59
CA LEU A 50 -5.26 -2.77 -8.67
C LEU A 50 -5.91 -4.16 -8.68
N VAL A 51 -7.24 -4.21 -8.72
CA VAL A 51 -8.07 -5.43 -8.73
C VAL A 51 -9.24 -5.22 -9.69
N THR A 52 -9.44 -6.15 -10.62
CA THR A 52 -10.49 -6.05 -11.65
C THR A 52 -11.88 -5.89 -11.03
N GLY A 53 -12.69 -4.99 -11.60
CA GLY A 53 -14.08 -4.73 -11.21
C GLY A 53 -14.22 -3.78 -10.00
N THR A 54 -13.22 -3.70 -9.12
CA THR A 54 -13.25 -2.80 -7.94
C THR A 54 -13.17 -1.32 -8.34
N ASN A 55 -12.65 -1.02 -9.53
CA ASN A 55 -12.37 0.34 -10.02
C ASN A 55 -11.48 1.13 -9.04
N VAL A 56 -10.51 0.45 -8.42
CA VAL A 56 -9.50 1.03 -7.51
C VAL A 56 -8.20 1.25 -8.29
N TYR A 57 -7.84 2.51 -8.51
CA TYR A 57 -6.72 2.90 -9.36
C TYR A 57 -5.54 3.48 -8.57
N ILE A 58 -4.34 2.92 -8.79
CA ILE A 58 -3.07 3.35 -8.20
C ILE A 58 -2.08 3.78 -9.29
N THR A 59 -1.31 4.84 -9.05
CA THR A 59 -0.28 5.35 -9.96
C THR A 59 0.83 4.31 -10.19
N ARG A 60 1.30 4.14 -11.43
CA ARG A 60 2.37 3.18 -11.79
C ARG A 60 3.59 3.33 -10.90
N ALA A 61 4.14 4.54 -10.79
CA ALA A 61 5.28 4.83 -9.92
C ALA A 61 5.05 4.45 -8.44
N GLN A 62 3.81 4.50 -7.94
CA GLN A 62 3.48 4.13 -6.56
C GLN A 62 3.34 2.62 -6.34
N LEU A 63 2.79 1.88 -7.32
CA LEU A 63 2.70 0.42 -7.25
C LEU A 63 4.12 -0.18 -7.41
N MET A 64 4.93 0.40 -8.29
CA MET A 64 6.37 0.12 -8.39
C MET A 64 7.11 0.43 -7.08
N ASN A 65 6.83 1.59 -6.45
CA ASN A 65 7.40 1.94 -5.15
C ASN A 65 7.07 0.88 -4.08
N CYS A 66 5.81 0.44 -3.99
CA CYS A 66 5.41 -0.66 -3.10
C CYS A 66 6.19 -1.95 -3.40
N HIS A 67 6.45 -2.29 -4.67
CA HIS A 67 7.24 -3.46 -5.04
C HIS A 67 8.74 -3.36 -4.72
N VAL A 68 9.40 -2.21 -4.93
CA VAL A 68 10.85 -2.09 -4.61
C VAL A 68 11.10 -2.02 -3.11
N SER A 69 10.12 -1.53 -2.35
CA SER A 69 10.17 -1.38 -0.88
C SER A 69 9.82 -2.67 -0.13
N ALA A 70 8.77 -3.36 -0.56
CA ALA A 70 8.16 -4.49 0.15
C ALA A 70 8.08 -5.80 -0.65
N GLY A 71 8.65 -5.87 -1.87
CA GLY A 71 8.47 -7.00 -2.81
C GLY A 71 8.98 -8.37 -2.35
N THR A 72 9.73 -8.46 -1.25
CA THR A 72 10.16 -9.72 -0.61
C THR A 72 9.15 -10.22 0.42
N ARG A 73 8.59 -9.33 1.22
CA ARG A 73 7.69 -9.55 2.38
C ARG A 73 6.21 -9.34 2.01
N HIS A 74 5.34 -9.18 3.01
CA HIS A 74 3.91 -8.89 2.80
C HIS A 74 3.27 -8.03 3.91
N LYS A 75 3.71 -8.15 5.17
CA LYS A 75 3.19 -7.36 6.31
C LYS A 75 3.53 -5.87 6.20
N VAL A 76 4.62 -5.56 5.49
CA VAL A 76 5.03 -4.21 5.08
C VAL A 76 4.39 -3.79 3.74
N LEU A 77 4.16 -4.71 2.81
CA LEU A 77 3.47 -4.41 1.55
C LEU A 77 2.04 -3.90 1.80
N LEU A 78 1.34 -4.50 2.77
CA LEU A 78 0.00 -4.10 3.19
C LEU A 78 -0.04 -2.62 3.59
N ARG A 79 0.81 -2.18 4.53
CA ARG A 79 0.82 -0.78 5.00
C ARG A 79 1.32 0.19 3.95
N ARG A 80 2.29 -0.18 3.12
CA ARG A 80 2.72 0.61 1.96
C ARG A 80 1.56 0.88 0.99
N LEU A 81 0.82 -0.17 0.61
CA LEU A 81 -0.30 -0.07 -0.31
C LEU A 81 -1.54 0.62 0.29
N LEU A 82 -1.85 0.41 1.59
CA LEU A 82 -2.86 1.18 2.31
C LEU A 82 -2.55 2.69 2.31
N ALA A 83 -1.31 3.04 2.67
CA ALA A 83 -0.76 4.40 2.60
C ALA A 83 -0.68 5.00 1.17
N SER A 84 -1.01 4.22 0.13
CA SER A 84 -1.13 4.68 -1.26
C SER A 84 -2.57 5.10 -1.64
N PHE A 85 -3.54 4.90 -0.75
CA PHE A 85 -4.93 5.36 -0.90
C PHE A 85 -5.40 6.24 0.27
N PHE A 86 -5.06 5.87 1.51
CA PHE A 86 -5.30 6.67 2.72
C PHE A 86 -4.01 7.39 3.18
N ASP A 87 -4.16 8.37 4.07
CA ASP A 87 -3.05 9.03 4.77
C ASP A 87 -3.30 8.98 6.30
N ARG A 88 -2.31 9.39 7.10
CA ARG A 88 -2.37 9.48 8.57
C ARG A 88 -3.53 10.35 9.06
N ASN A 89 -3.87 11.41 8.33
CA ASN A 89 -5.02 12.28 8.62
C ASN A 89 -6.37 11.68 8.16
N THR A 90 -6.36 10.70 7.24
CA THR A 90 -7.55 9.92 6.88
C THR A 90 -7.87 8.92 8.00
N LEU A 91 -6.87 8.15 8.44
CA LEU A 91 -7.04 7.20 9.54
C LEU A 91 -7.28 7.87 10.91
N ALA A 92 -6.85 9.12 11.09
CA ALA A 92 -7.21 9.95 12.25
C ALA A 92 -8.66 10.50 12.20
N ASN A 93 -9.37 10.34 11.08
CA ASN A 93 -10.80 10.61 10.92
C ASN A 93 -11.65 9.33 10.91
N SER A 94 -11.07 8.16 10.62
CA SER A 94 -11.71 6.85 10.77
C SER A 94 -10.68 5.76 11.06
N CYS A 95 -10.80 5.11 12.22
CA CYS A 95 -9.79 4.20 12.79
C CYS A 95 -9.72 2.82 12.10
N GLY A 96 -9.45 2.80 10.80
CA GLY A 96 -9.41 1.59 9.96
C GLY A 96 -10.79 0.97 9.71
N THR A 97 -10.79 -0.29 9.27
CA THR A 97 -12.00 -1.07 8.98
C THR A 97 -12.73 -1.55 10.26
N GLY A 98 -13.90 -2.18 10.09
CA GLY A 98 -14.81 -2.58 11.18
C GLY A 98 -15.70 -1.46 11.72
N ILE A 99 -15.75 -0.31 11.05
CA ILE A 99 -16.68 0.84 11.23
C ILE A 99 -16.61 1.62 12.56
N ARG A 100 -15.98 1.04 13.55
CA ARG A 100 -15.90 1.49 14.96
C ARG A 100 -14.47 1.83 15.39
N SER A 101 -14.31 2.91 16.17
CA SER A 101 -13.06 3.27 16.85
C SER A 101 -12.83 2.46 18.14
N SER A 102 -11.60 2.50 18.66
CA SER A 102 -11.21 1.91 19.96
C SER A 102 -11.41 2.88 21.15
N THR A 103 -12.30 3.87 21.00
CA THR A 103 -12.48 5.03 21.90
C THR A 103 -13.95 5.24 22.29
N ASN A 104 -14.18 6.00 23.37
CA ASN A 104 -15.51 6.49 23.75
C ASN A 104 -16.02 7.57 22.78
N ASP A 105 -17.34 7.72 22.67
CA ASP A 105 -18.05 8.57 21.69
C ASP A 105 -17.53 8.39 20.23
N PRO A 106 -17.92 7.30 19.53
CA PRO A 106 -17.39 6.91 18.21
C PRO A 106 -17.79 7.82 17.01
N ARG A 107 -17.45 9.11 17.08
CA ARG A 107 -17.68 10.14 16.06
C ARG A 107 -16.91 9.89 14.75
N ARG A 108 -15.79 9.16 14.81
CA ARG A 108 -14.95 8.80 13.66
C ARG A 108 -15.63 7.81 12.72
N LYS A 109 -15.56 8.08 11.41
CA LYS A 109 -16.26 7.31 10.35
C LYS A 109 -15.74 7.42 8.89
N PRO A 110 -15.21 8.54 8.35
CA PRO A 110 -14.95 8.66 6.91
C PRO A 110 -13.73 7.84 6.42
N LEU A 111 -13.99 6.70 5.78
CA LEU A 111 -13.03 5.85 5.07
C LEU A 111 -13.66 5.20 3.82
N ASP A 112 -12.84 4.81 2.84
CA ASP A 112 -13.33 4.16 1.61
C ASP A 112 -13.16 2.64 1.65
N SER A 113 -14.26 1.91 1.81
CA SER A 113 -14.31 0.45 2.03
C SER A 113 -13.83 -0.36 0.83
N ARG A 114 -13.80 0.24 -0.37
CA ARG A 114 -13.47 -0.47 -1.62
C ARG A 114 -11.96 -0.65 -1.80
N VAL A 115 -11.16 0.28 -1.28
CA VAL A 115 -9.70 0.21 -1.38
C VAL A 115 -9.13 -0.73 -0.32
N LEU A 116 -9.76 -0.79 0.86
CA LEU A 116 -9.48 -1.82 1.89
C LEU A 116 -9.61 -3.22 1.30
N HIS A 117 -10.72 -3.49 0.60
CA HIS A 117 -10.95 -4.77 -0.10
C HIS A 117 -9.86 -5.06 -1.13
N ALA A 118 -9.66 -4.19 -2.14
CA ALA A 118 -8.68 -4.45 -3.19
C ALA A 118 -7.24 -4.59 -2.65
N VAL A 119 -6.84 -3.81 -1.64
CA VAL A 119 -5.52 -3.92 -0.99
C VAL A 119 -5.38 -5.23 -0.23
N LYS A 120 -6.31 -5.59 0.67
CA LYS A 120 -6.17 -6.80 1.49
C LYS A 120 -6.25 -8.08 0.66
N TYR A 121 -7.08 -8.09 -0.37
CA TYR A 121 -7.16 -9.20 -1.33
C TYR A 121 -5.90 -9.29 -2.21
N TYR A 122 -5.39 -8.18 -2.75
CA TYR A 122 -4.11 -8.17 -3.48
C TYR A 122 -2.96 -8.68 -2.58
N CYS A 123 -2.95 -8.32 -1.30
CA CYS A 123 -1.91 -8.75 -0.36
C CYS A 123 -2.04 -10.25 -0.02
N GLN A 124 -3.26 -10.79 0.06
CA GLN A 124 -3.51 -12.23 0.19
C GLN A 124 -3.14 -13.00 -1.09
N ASN A 125 -3.24 -12.37 -2.26
CA ASN A 125 -2.80 -12.95 -3.54
C ASN A 125 -1.27 -12.88 -3.74
N PHE A 126 -0.58 -12.00 -3.02
CA PHE A 126 0.88 -11.95 -2.96
C PHE A 126 1.46 -12.82 -1.83
N ALA A 127 0.63 -13.18 -0.85
CA ALA A 127 0.95 -14.05 0.29
C ALA A 127 -0.25 -14.94 0.68
N PRO A 128 -0.40 -16.14 0.10
CA PRO A 128 -1.53 -17.05 0.39
C PRO A 128 -1.66 -17.43 1.88
N ASN A 129 -0.53 -17.45 2.61
CA ASN A 129 -0.47 -17.72 4.04
C ASN A 129 -0.82 -16.51 4.94
N PHE A 130 -0.90 -15.28 4.38
CA PHE A 130 -1.21 -14.06 5.13
C PHE A 130 -2.73 -13.94 5.34
N LYS A 131 -3.13 -13.75 6.60
CA LYS A 131 -4.55 -13.84 7.03
C LYS A 131 -5.26 -12.49 7.07
N GLU A 132 -6.59 -12.51 6.91
CA GLU A 132 -7.38 -11.28 6.90
C GLU A 132 -7.51 -10.64 8.30
N SER A 133 -7.35 -11.44 9.37
CA SER A 133 -7.33 -10.95 10.76
C SER A 133 -6.12 -10.08 11.07
N GLU A 134 -5.00 -10.25 10.35
CA GLU A 134 -3.88 -9.31 10.37
C GLU A 134 -4.23 -8.06 9.55
N MET A 135 -4.78 -8.24 8.35
CA MET A 135 -5.04 -7.16 7.40
C MET A 135 -6.05 -6.13 7.93
N ASN A 136 -7.14 -6.60 8.55
CA ASN A 136 -8.16 -5.76 9.17
C ASN A 136 -7.63 -5.05 10.43
N ALA A 137 -6.65 -5.63 11.12
CA ALA A 137 -6.04 -5.07 12.33
C ALA A 137 -4.99 -3.99 12.01
N ILE A 138 -4.04 -4.26 11.10
CA ILE A 138 -2.96 -3.33 10.71
C ILE A 138 -3.53 -2.02 10.14
N ALA A 139 -4.64 -2.11 9.40
CA ALA A 139 -5.37 -0.95 8.88
C ALA A 139 -5.88 0.03 9.97
N ALA A 140 -6.13 -0.46 11.19
CA ALA A 140 -6.46 0.34 12.38
C ALA A 140 -5.23 0.65 13.25
N ASP A 141 -4.23 -0.23 13.32
CA ASP A 141 -3.02 -0.11 14.14
C ASP A 141 -2.06 1.00 13.69
N MET A 142 -2.24 1.48 12.45
CA MET A 142 -1.57 2.67 11.91
C MET A 142 -2.04 3.98 12.60
N CYS A 143 -3.18 3.95 13.30
CA CYS A 143 -3.74 5.09 14.04
C CYS A 143 -3.92 4.80 15.55
N THR A 144 -4.45 3.65 15.93
CA THR A 144 -4.82 3.32 17.31
C THR A 144 -3.66 2.86 18.19
N ASN A 145 -3.77 3.12 19.49
CA ASN A 145 -2.71 2.91 20.49
C ASN A 145 -2.89 1.63 21.36
N ALA A 146 -4.04 0.97 21.28
CA ALA A 146 -4.33 -0.26 22.03
C ALA A 146 -3.50 -1.46 21.54
N ARG A 147 -3.23 -2.42 22.45
CA ARG A 147 -2.48 -3.66 22.13
C ARG A 147 -3.27 -4.62 21.24
N ARG A 148 -2.54 -5.54 20.59
CA ARG A 148 -3.05 -6.49 19.58
C ARG A 148 -2.24 -7.79 19.65
N VAL A 149 -2.97 -8.87 19.94
CA VAL A 149 -2.46 -10.25 20.14
C VAL A 149 -2.98 -11.24 19.07
N VAL A 150 -3.07 -10.78 17.82
CA VAL A 150 -3.46 -11.61 16.65
C VAL A 150 -2.50 -12.80 16.47
N ARG A 151 -3.05 -13.96 16.04
CA ARG A 151 -2.29 -15.21 15.86
C ARG A 151 -1.18 -15.08 14.81
N LYS A 152 0.00 -15.62 15.11
CA LYS A 152 1.22 -15.54 14.28
C LYS A 152 2.06 -16.82 14.36
N SER A 153 2.90 -17.03 13.35
CA SER A 153 3.79 -18.19 13.18
C SER A 153 5.16 -17.78 12.63
N TRP A 154 6.18 -18.63 12.81
CA TRP A 154 7.52 -18.39 12.28
C TRP A 154 7.58 -18.73 10.78
N MET A 155 7.38 -17.69 9.96
CA MET A 155 7.49 -17.71 8.50
C MET A 155 8.76 -16.94 8.06
N PRO A 156 9.92 -17.61 7.89
CA PRO A 156 11.17 -16.96 7.52
C PRO A 156 11.17 -16.42 6.08
N LYS A 157 12.02 -15.43 5.81
CA LYS A 157 12.19 -14.76 4.50
C LYS A 157 13.66 -14.60 4.13
N VAL A 158 13.92 -14.54 2.81
CA VAL A 158 15.24 -14.38 2.19
C VAL A 158 15.12 -13.63 0.85
N LYS A 159 16.18 -12.95 0.42
CA LYS A 159 16.27 -12.20 -0.85
C LYS A 159 17.42 -12.73 -1.72
N VAL A 160 17.23 -12.74 -3.04
CA VAL A 160 18.27 -13.03 -4.04
C VAL A 160 19.34 -11.93 -4.12
N LEU A 161 20.54 -12.28 -4.58
CA LEU A 161 21.66 -11.36 -4.77
C LEU A 161 21.36 -10.29 -5.86
N LYS A 162 22.13 -9.18 -5.84
CA LYS A 162 21.96 -8.07 -6.78
C LYS A 162 22.12 -8.50 -8.25
N ALA A 163 21.31 -7.90 -9.13
CA ALA A 163 21.21 -8.29 -10.54
C ALA A 163 21.04 -7.06 -11.49
N GLU A 164 20.90 -7.33 -12.78
CA GLU A 164 20.81 -6.35 -13.88
C GLU A 164 19.72 -5.27 -13.68
N LEU A 1 31.08 13.01 -32.84
CA LEU A 1 31.25 11.54 -32.97
C LEU A 1 31.81 11.15 -34.35
N PRO A 2 31.08 11.27 -35.48
CA PRO A 2 31.63 11.00 -36.82
C PRO A 2 32.65 12.05 -37.25
N GLU A 3 33.47 11.73 -38.26
CA GLU A 3 34.46 12.64 -38.85
C GLU A 3 33.89 13.59 -39.92
N GLN A 4 32.64 13.36 -40.36
CA GLN A 4 31.90 14.24 -41.27
C GLN A 4 31.39 15.51 -40.57
N VAL A 5 31.07 16.55 -41.34
CA VAL A 5 30.61 17.87 -40.86
C VAL A 5 29.33 18.33 -41.58
N ALA A 6 28.43 18.99 -40.84
CA ALA A 6 27.18 19.57 -41.33
C ALA A 6 26.80 20.83 -40.51
N PRO A 7 26.07 21.80 -41.09
CA PRO A 7 25.69 23.04 -40.39
C PRO A 7 24.58 22.85 -39.35
N GLU A 8 23.76 21.80 -39.49
CA GLU A 8 22.64 21.42 -38.63
C GLU A 8 22.54 19.90 -38.52
N SER A 9 21.87 19.42 -37.46
CA SER A 9 21.59 18.00 -37.17
C SER A 9 20.16 17.79 -36.65
N ARG A 10 19.65 16.55 -36.73
CA ARG A 10 18.27 16.16 -36.37
C ARG A 10 18.15 15.21 -35.16
N ASN A 11 19.26 15.00 -34.44
CA ASN A 11 19.40 14.03 -33.35
C ASN A 11 20.21 14.62 -32.17
N ARG A 12 19.95 14.11 -30.95
CA ARG A 12 20.60 14.52 -29.69
C ARG A 12 20.70 13.36 -28.71
N ILE A 13 21.75 13.37 -27.88
CA ILE A 13 22.04 12.36 -26.84
C ILE A 13 21.69 12.94 -25.46
N ARG A 14 21.04 12.12 -24.61
CA ARG A 14 20.52 12.50 -23.27
C ARG A 14 20.84 11.47 -22.18
N VAL A 15 20.69 11.89 -20.92
CA VAL A 15 20.99 11.10 -19.70
C VAL A 15 19.79 10.99 -18.74
N ARG A 16 18.57 11.10 -19.29
CA ARG A 16 17.30 11.08 -18.54
C ARG A 16 16.98 9.69 -17.93
N GLN A 17 16.16 9.71 -16.87
CA GLN A 17 15.74 8.52 -16.12
C GLN A 17 14.85 7.56 -16.96
N ASP A 18 14.89 6.27 -16.63
CA ASP A 18 13.96 5.26 -17.14
C ASP A 18 12.52 5.49 -16.62
N LEU A 19 11.53 5.01 -17.38
CA LEU A 19 10.10 5.27 -17.14
C LEU A 19 9.40 4.17 -16.34
N ALA A 20 9.77 2.92 -16.62
CA ALA A 20 9.14 1.70 -16.10
C ALA A 20 10.10 0.49 -16.16
N SER A 21 9.62 -0.67 -15.71
CA SER A 21 10.33 -1.95 -15.55
C SER A 21 11.41 -1.97 -14.46
N LEU A 22 11.35 -3.04 -13.66
CA LEU A 22 12.12 -3.27 -12.44
C LEU A 22 13.30 -4.21 -12.67
N PRO A 23 14.28 -4.26 -11.74
CA PRO A 23 15.44 -5.12 -11.92
C PRO A 23 15.10 -6.59 -11.66
N ALA A 24 15.88 -7.49 -12.25
CA ALA A 24 15.63 -8.94 -12.27
C ALA A 24 15.49 -9.54 -10.86
N GLU A 25 16.19 -8.96 -9.88
CA GLU A 25 16.15 -9.32 -8.47
C GLU A 25 14.80 -9.08 -7.78
N LEU A 26 13.97 -8.13 -8.23
CA LEU A 26 12.58 -7.97 -7.74
C LEU A 26 11.63 -8.89 -8.49
N ILE A 27 11.87 -9.04 -9.79
CA ILE A 27 11.20 -10.02 -10.66
C ILE A 27 11.34 -11.44 -10.10
N ASN A 28 12.46 -11.76 -9.43
CA ASN A 28 12.69 -13.05 -8.78
C ASN A 28 11.81 -13.30 -7.53
N GLN A 29 11.15 -12.25 -7.02
CA GLN A 29 10.35 -12.25 -5.78
C GLN A 29 8.85 -12.24 -6.07
N ILE A 30 8.45 -11.66 -7.22
CA ILE A 30 7.05 -11.41 -7.59
C ILE A 30 6.63 -12.08 -8.91
N GLY A 31 7.46 -12.03 -9.96
CA GLY A 31 7.16 -12.60 -11.28
C GLY A 31 5.77 -12.21 -11.82
N ASN A 32 5.00 -13.20 -12.27
CA ASN A 32 3.64 -13.02 -12.80
C ASN A 32 2.55 -12.84 -11.71
N ARG A 33 2.91 -12.68 -10.43
CA ARG A 33 1.96 -12.45 -9.32
C ARG A 33 1.36 -11.03 -9.33
N CYS A 34 2.08 -10.08 -9.93
CA CYS A 34 1.73 -8.66 -10.03
C CYS A 34 1.28 -8.25 -11.45
N HIS A 35 0.75 -7.04 -11.57
CA HIS A 35 0.22 -6.49 -12.83
C HIS A 35 1.36 -6.31 -13.86
N PRO A 36 1.21 -6.76 -15.13
CA PRO A 36 2.34 -6.79 -16.08
C PRO A 36 2.73 -5.42 -16.65
N LYS A 37 1.89 -4.40 -16.47
CA LYS A 37 2.15 -3.00 -16.88
C LYS A 37 3.34 -2.36 -16.16
N LEU A 38 3.71 -2.94 -15.03
CA LEU A 38 4.94 -2.61 -14.31
C LEU A 38 6.21 -2.95 -15.11
N TYR A 39 6.15 -3.89 -16.05
CA TYR A 39 7.27 -4.31 -16.90
C TYR A 39 7.13 -3.79 -18.35
N ASP A 40 5.93 -3.36 -18.74
CA ASP A 40 5.61 -2.74 -20.03
C ASP A 40 6.19 -1.31 -20.12
N GLU A 41 6.75 -0.93 -21.27
CA GLU A 41 7.13 0.45 -21.51
C GLU A 41 5.90 1.38 -21.53
N GLY A 42 5.97 2.49 -20.79
CA GLY A 42 4.84 3.41 -20.60
C GLY A 42 5.22 4.68 -19.84
N ASP A 43 4.28 5.17 -19.01
CA ASP A 43 4.35 6.45 -18.29
C ASP A 43 4.28 6.23 -16.77
N PRO A 44 5.28 6.63 -15.96
CA PRO A 44 5.22 6.50 -14.50
C PRO A 44 4.01 7.20 -13.86
N SER A 45 3.44 8.22 -14.51
CA SER A 45 2.22 8.93 -14.04
C SER A 45 0.90 8.28 -14.45
N GLU A 46 0.90 7.24 -15.29
CA GLU A 46 -0.32 6.51 -15.71
C GLU A 46 -0.91 5.69 -14.55
N LYS A 47 -2.25 5.58 -14.50
CA LYS A 47 -2.97 4.76 -13.49
C LYS A 47 -3.20 3.32 -13.98
N LEU A 48 -3.10 2.37 -13.05
CA LEU A 48 -3.19 0.92 -13.26
C LEU A 48 -4.25 0.33 -12.32
N GLU A 49 -5.12 -0.56 -12.82
CA GLU A 49 -6.20 -1.14 -12.01
C GLU A 49 -5.65 -2.18 -11.01
N LEU A 50 -5.79 -1.89 -9.72
CA LEU A 50 -5.23 -2.71 -8.63
C LEU A 50 -5.89 -4.10 -8.54
N VAL A 51 -7.23 -4.15 -8.67
CA VAL A 51 -8.01 -5.40 -8.82
C VAL A 51 -9.06 -5.24 -9.92
N THR A 52 -9.03 -6.13 -10.89
CA THR A 52 -9.92 -6.17 -12.06
C THR A 52 -11.41 -6.15 -11.67
N GLY A 53 -12.12 -5.10 -12.09
CA GLY A 53 -13.57 -4.95 -11.93
C GLY A 53 -13.97 -4.08 -10.73
N THR A 54 -13.06 -3.88 -9.76
CA THR A 54 -13.28 -2.94 -8.64
C THR A 54 -13.18 -1.48 -9.09
N ASN A 55 -12.51 -1.21 -10.23
CA ASN A 55 -12.19 0.12 -10.73
C ASN A 55 -11.44 0.98 -9.68
N VAL A 56 -10.55 0.33 -8.92
CA VAL A 56 -9.65 0.96 -7.96
C VAL A 56 -8.27 1.11 -8.61
N TYR A 57 -7.84 2.34 -8.88
CA TYR A 57 -6.65 2.65 -9.68
C TYR A 57 -5.52 3.28 -8.87
N ILE A 58 -4.29 2.79 -9.08
CA ILE A 58 -3.05 3.31 -8.49
C ILE A 58 -2.05 3.76 -9.57
N THR A 59 -1.36 4.87 -9.34
CA THR A 59 -0.29 5.39 -10.22
C THR A 59 0.86 4.39 -10.35
N ARG A 60 1.39 4.16 -11.57
CA ARG A 60 2.49 3.21 -11.83
C ARG A 60 3.68 3.43 -10.89
N ALA A 61 4.18 4.67 -10.80
CA ALA A 61 5.29 5.04 -9.92
C ALA A 61 5.04 4.68 -8.44
N GLN A 62 3.78 4.77 -7.97
CA GLN A 62 3.43 4.44 -6.58
C GLN A 62 3.34 2.92 -6.35
N LEU A 63 2.85 2.15 -7.33
CA LEU A 63 2.83 0.69 -7.22
C LEU A 63 4.26 0.13 -7.32
N MET A 64 5.13 0.73 -8.14
CA MET A 64 6.57 0.47 -8.15
C MET A 64 7.20 0.78 -6.79
N ASN A 65 6.89 1.94 -6.20
CA ASN A 65 7.35 2.33 -4.86
C ASN A 65 6.93 1.31 -3.77
N CYS A 66 5.70 0.79 -3.83
CA CYS A 66 5.27 -0.33 -2.99
C CYS A 66 6.15 -1.58 -3.21
N HIS A 67 6.42 -2.00 -4.45
CA HIS A 67 7.14 -3.25 -4.74
C HIS A 67 8.67 -3.20 -4.50
N VAL A 68 9.33 -2.04 -4.60
CA VAL A 68 10.78 -1.94 -4.24
C VAL A 68 11.00 -2.07 -2.73
N SER A 69 9.97 -1.74 -1.96
CA SER A 69 9.94 -1.80 -0.48
C SER A 69 9.53 -3.18 0.05
N ALA A 70 8.53 -3.79 -0.58
CA ALA A 70 7.82 -4.96 -0.10
C ALA A 70 7.84 -6.16 -1.07
N GLY A 71 8.80 -6.20 -1.99
CA GLY A 71 8.95 -7.28 -3.00
C GLY A 71 8.84 -8.72 -2.45
N THR A 72 9.26 -8.93 -1.20
CA THR A 72 9.00 -10.17 -0.41
C THR A 72 7.96 -9.95 0.70
N ARG A 73 8.04 -8.81 1.41
CA ARG A 73 7.31 -8.52 2.65
C ARG A 73 5.84 -8.11 2.43
N HIS A 74 4.94 -9.08 2.30
CA HIS A 74 3.48 -8.87 2.22
C HIS A 74 2.90 -7.98 3.34
N LYS A 75 3.47 -7.99 4.56
CA LYS A 75 3.06 -7.14 5.69
C LYS A 75 3.47 -5.66 5.52
N VAL A 76 4.56 -5.42 4.78
CA VAL A 76 4.99 -4.09 4.33
C VAL A 76 4.12 -3.63 3.16
N LEU A 77 3.83 -4.54 2.22
CA LEU A 77 3.00 -4.24 1.04
C LEU A 77 1.61 -3.74 1.45
N LEU A 78 1.02 -4.35 2.49
CA LEU A 78 -0.24 -3.90 3.08
C LEU A 78 -0.18 -2.44 3.51
N ARG A 79 0.72 -2.07 4.43
CA ARG A 79 0.80 -0.68 4.93
C ARG A 79 1.24 0.32 3.86
N ARG A 80 2.16 -0.05 2.95
CA ARG A 80 2.52 0.76 1.78
C ARG A 80 1.33 1.04 0.86
N LEU A 81 0.61 0.00 0.42
CA LEU A 81 -0.49 0.11 -0.52
C LEU A 81 -1.74 0.77 0.09
N LEU A 82 -2.04 0.51 1.37
CA LEU A 82 -3.07 1.22 2.12
C LEU A 82 -2.78 2.73 2.19
N ALA A 83 -1.57 3.10 2.60
CA ALA A 83 -1.07 4.49 2.61
C ALA A 83 -0.98 5.13 1.19
N SER A 84 -1.15 4.35 0.13
CA SER A 84 -1.22 4.82 -1.26
C SER A 84 -2.63 5.16 -1.74
N PHE A 85 -3.67 4.80 -0.97
CA PHE A 85 -5.07 5.20 -1.19
C PHE A 85 -5.63 6.12 -0.09
N PHE A 86 -5.28 5.87 1.17
CA PHE A 86 -5.70 6.66 2.33
C PHE A 86 -4.52 7.48 2.90
N ASP A 87 -4.77 8.73 3.28
CA ASP A 87 -3.77 9.56 3.97
C ASP A 87 -3.67 9.23 5.48
N ARG A 88 -2.55 9.56 6.13
CA ARG A 88 -2.30 9.29 7.55
C ARG A 88 -3.25 10.00 8.52
N ASN A 89 -3.95 11.07 8.07
CA ASN A 89 -5.02 11.70 8.87
C ASN A 89 -6.33 10.89 8.87
N THR A 90 -6.46 9.92 7.96
CA THR A 90 -7.67 9.12 7.74
C THR A 90 -7.60 7.80 8.50
N LEU A 91 -6.66 6.91 8.17
CA LEU A 91 -6.59 5.55 8.77
C LEU A 91 -6.20 5.53 10.25
N ALA A 92 -5.42 6.51 10.72
CA ALA A 92 -5.03 6.62 12.13
C ALA A 92 -6.19 7.07 13.06
N ASN A 93 -7.32 7.48 12.48
CA ASN A 93 -8.51 7.96 13.18
C ASN A 93 -9.78 7.13 12.87
N SER A 94 -9.94 6.74 11.60
CA SER A 94 -11.15 6.11 11.05
C SER A 94 -11.02 4.60 10.97
N CYS A 95 -11.35 3.91 12.07
CA CYS A 95 -11.39 2.44 12.14
C CYS A 95 -12.66 1.91 11.43
N GLY A 96 -12.64 1.93 10.09
CA GLY A 96 -13.78 1.57 9.24
C GLY A 96 -13.80 0.10 8.76
N THR A 97 -12.63 -0.55 8.70
CA THR A 97 -12.50 -1.95 8.28
C THR A 97 -12.95 -2.93 9.38
N GLY A 98 -13.23 -4.18 8.99
CA GLY A 98 -13.58 -5.29 9.88
C GLY A 98 -15.02 -5.26 10.44
N ILE A 99 -15.73 -4.13 10.29
CA ILE A 99 -17.14 -3.90 10.68
C ILE A 99 -17.46 -4.41 12.10
N ARG A 100 -16.61 -3.97 13.02
CA ARG A 100 -16.60 -4.28 14.46
C ARG A 100 -16.24 -3.07 15.34
N SER A 101 -15.33 -2.22 14.87
CA SER A 101 -14.84 -0.99 15.54
C SER A 101 -15.87 0.16 15.51
N SER A 102 -17.04 -0.05 16.10
CA SER A 102 -18.14 0.93 16.18
C SER A 102 -17.92 1.95 17.31
N THR A 103 -18.45 3.17 17.14
CA THR A 103 -18.26 4.31 18.07
C THR A 103 -19.56 5.12 18.26
N ASN A 104 -19.83 5.56 19.49
CA ASN A 104 -20.88 6.52 19.78
C ASN A 104 -20.41 7.97 19.46
N ASP A 105 -21.32 8.82 18.98
CA ASP A 105 -21.03 10.18 18.47
C ASP A 105 -19.79 10.24 17.53
N PRO A 106 -19.81 9.55 16.38
CA PRO A 106 -18.66 9.36 15.51
C PRO A 106 -18.14 10.69 14.93
N ARG A 107 -16.91 11.05 15.33
CA ARG A 107 -16.17 12.23 14.84
C ARG A 107 -15.22 11.90 13.68
N ARG A 108 -14.80 10.64 13.56
CA ARG A 108 -13.95 10.10 12.49
C ARG A 108 -14.66 10.02 11.14
N LYS A 109 -13.86 9.93 10.07
CA LYS A 109 -14.25 10.10 8.67
C LYS A 109 -14.92 8.84 8.07
N PRO A 110 -15.77 8.98 7.04
CA PRO A 110 -16.30 7.85 6.28
C PRO A 110 -15.17 7.24 5.41
N LEU A 111 -14.69 6.05 5.78
CA LEU A 111 -13.61 5.35 5.11
C LEU A 111 -14.11 4.60 3.85
N ASP A 112 -13.31 4.54 2.79
CA ASP A 112 -13.68 3.92 1.51
C ASP A 112 -13.38 2.41 1.47
N SER A 113 -14.38 1.62 1.87
CA SER A 113 -14.29 0.16 1.99
C SER A 113 -14.03 -0.56 0.65
N ARG A 114 -14.26 0.13 -0.48
CA ARG A 114 -14.05 -0.42 -1.83
C ARG A 114 -12.57 -0.57 -2.19
N VAL A 115 -11.70 0.28 -1.63
CA VAL A 115 -10.26 0.21 -1.89
C VAL A 115 -9.58 -0.75 -0.91
N LEU A 116 -10.07 -0.83 0.33
CA LEU A 116 -9.72 -1.86 1.31
C LEU A 116 -9.97 -3.27 0.75
N HIS A 117 -11.12 -3.49 0.12
CA HIS A 117 -11.45 -4.77 -0.54
C HIS A 117 -10.37 -5.16 -1.55
N ALA A 118 -10.07 -4.31 -2.53
CA ALA A 118 -9.04 -4.56 -3.53
C ALA A 118 -7.65 -4.80 -2.90
N VAL A 119 -7.18 -3.88 -2.05
CA VAL A 119 -5.87 -3.95 -1.39
C VAL A 119 -5.70 -5.22 -0.53
N LYS A 120 -6.67 -5.55 0.33
CA LYS A 120 -6.55 -6.71 1.24
C LYS A 120 -6.57 -8.03 0.46
N TYR A 121 -7.49 -8.18 -0.51
CA TYR A 121 -7.53 -9.31 -1.43
C TYR A 121 -6.22 -9.45 -2.24
N TYR A 122 -5.77 -8.36 -2.86
CA TYR A 122 -4.54 -8.32 -3.65
C TYR A 122 -3.31 -8.71 -2.82
N CYS A 123 -3.25 -8.29 -1.55
CA CYS A 123 -2.18 -8.64 -0.63
C CYS A 123 -2.28 -10.09 -0.15
N GLN A 124 -3.50 -10.63 0.03
CA GLN A 124 -3.73 -12.05 0.33
C GLN A 124 -3.28 -12.95 -0.84
N ASN A 125 -3.43 -12.46 -2.08
CA ASN A 125 -2.95 -13.14 -3.29
C ASN A 125 -1.43 -12.96 -3.52
N PHE A 126 -0.80 -11.99 -2.86
CA PHE A 126 0.65 -11.81 -2.85
C PHE A 126 1.33 -12.61 -1.73
N ALA A 127 0.60 -12.92 -0.66
CA ALA A 127 1.12 -13.55 0.56
C ALA A 127 1.11 -15.11 0.51
N PRO A 128 2.06 -15.78 1.19
CA PRO A 128 2.05 -17.24 1.32
C PRO A 128 1.09 -17.74 2.42
N ASN A 129 0.98 -17.02 3.54
CA ASN A 129 0.17 -17.37 4.72
C ASN A 129 -0.12 -16.12 5.58
N PHE A 130 -1.11 -15.31 5.17
CA PHE A 130 -1.56 -14.10 5.87
C PHE A 130 -3.10 -14.00 5.91
N LYS A 131 -3.68 -13.72 7.07
CA LYS A 131 -5.14 -13.63 7.27
C LYS A 131 -5.69 -12.20 7.22
N GLU A 132 -7.02 -12.08 7.08
CA GLU A 132 -7.67 -10.76 7.02
C GLU A 132 -7.63 -10.01 8.34
N SER A 133 -7.59 -10.72 9.48
CA SER A 133 -7.43 -10.10 10.81
C SER A 133 -6.10 -9.34 10.93
N GLU A 134 -5.03 -9.81 10.27
CA GLU A 134 -3.75 -9.09 10.21
C GLU A 134 -3.86 -7.84 9.32
N MET A 135 -4.49 -7.97 8.14
CA MET A 135 -4.73 -6.87 7.20
C MET A 135 -5.56 -5.74 7.84
N ASN A 136 -6.60 -6.11 8.59
CA ASN A 136 -7.50 -5.17 9.26
C ASN A 136 -6.83 -4.49 10.47
N ALA A 137 -5.94 -5.20 11.18
CA ALA A 137 -5.11 -4.62 12.24
C ALA A 137 -4.08 -3.62 11.69
N ILE A 138 -3.38 -3.97 10.60
CA ILE A 138 -2.46 -3.08 9.89
C ILE A 138 -3.17 -1.81 9.38
N ALA A 139 -4.35 -1.96 8.75
CA ALA A 139 -5.15 -0.80 8.31
C ALA A 139 -5.57 0.14 9.45
N ALA A 140 -5.91 -0.39 10.63
CA ALA A 140 -6.19 0.41 11.82
C ALA A 140 -4.93 0.98 12.50
N ASP A 141 -3.73 0.60 12.03
CA ASP A 141 -2.42 1.05 12.50
C ASP A 141 -1.76 2.07 11.52
N MET A 142 -1.10 1.58 10.47
CA MET A 142 -0.34 2.29 9.43
C MET A 142 0.70 3.36 9.90
N CYS A 143 0.98 3.47 11.19
CA CYS A 143 1.87 4.46 11.81
C CYS A 143 3.11 3.81 12.46
N THR A 144 3.95 4.62 13.10
CA THR A 144 5.10 4.18 13.90
C THR A 144 4.67 3.53 15.22
N ASN A 145 5.43 2.52 15.66
CA ASN A 145 5.12 1.68 16.83
C ASN A 145 6.30 1.51 17.82
N ALA A 146 7.54 1.48 17.32
CA ALA A 146 8.75 1.28 18.13
C ALA A 146 9.97 2.05 17.57
N ARG A 147 10.88 2.45 18.47
CA ARG A 147 12.17 3.10 18.18
C ARG A 147 13.19 2.85 19.30
N ARG A 148 14.44 3.31 19.08
CA ARG A 148 15.57 3.15 20.02
C ARG A 148 16.02 4.46 20.66
N VAL A 149 16.25 5.50 19.85
CA VAL A 149 16.72 6.85 20.22
C VAL A 149 17.88 6.89 21.23
N VAL A 150 18.79 5.90 21.14
CA VAL A 150 19.89 5.70 22.10
C VAL A 150 21.08 6.61 21.79
N ARG A 151 21.70 7.17 22.84
CA ARG A 151 22.77 8.18 22.76
C ARG A 151 24.12 7.63 23.25
N LYS A 152 25.21 8.16 22.69
CA LYS A 152 26.62 7.88 23.05
C LYS A 152 27.44 9.17 23.09
N SER A 153 28.55 9.17 23.82
CA SER A 153 29.49 10.29 23.85
C SER A 153 30.26 10.41 22.54
N TRP A 154 30.32 11.62 21.99
CA TRP A 154 31.14 11.98 20.84
C TRP A 154 31.70 13.40 21.00
N MET A 155 33.02 13.48 21.22
CA MET A 155 33.79 14.73 21.27
C MET A 155 35.04 14.59 20.38
N PRO A 156 35.04 15.14 19.14
CA PRO A 156 36.16 15.01 18.22
C PRO A 156 37.39 15.81 18.67
N LYS A 157 38.59 15.32 18.34
CA LYS A 157 39.89 15.93 18.69
C LYS A 157 40.94 15.68 17.59
N VAL A 158 41.75 16.69 17.30
CA VAL A 158 42.91 16.64 16.40
C VAL A 158 43.99 17.63 16.85
N LYS A 159 45.26 17.27 16.69
CA LYS A 159 46.44 18.09 17.07
C LYS A 159 47.52 18.04 15.98
N VAL A 160 48.28 19.13 15.85
CA VAL A 160 49.43 19.27 14.93
C VAL A 160 50.45 20.26 15.50
N LEU A 161 51.75 20.01 15.25
CA LEU A 161 52.89 20.80 15.71
C LEU A 161 53.89 21.05 14.58
N LYS A 162 54.67 22.14 14.69
CA LYS A 162 55.76 22.49 13.75
C LYS A 162 57.03 21.66 13.99
N ALA A 163 57.91 21.62 13.00
CA ALA A 163 59.22 20.98 13.08
C ALA A 163 60.21 21.74 14.00
N GLU A 164 61.25 21.04 14.48
CA GLU A 164 62.31 21.55 15.37
C GLU A 164 63.72 21.21 14.88
N LEU A 1 0.93 -2.49 16.99
CA LEU A 1 0.37 -3.80 16.58
C LEU A 1 0.75 -4.88 17.61
N PRO A 2 -0.14 -5.82 17.99
CA PRO A 2 0.18 -6.89 18.96
C PRO A 2 1.11 -7.99 18.41
N GLU A 3 1.36 -8.03 17.10
CA GLU A 3 2.34 -8.92 16.45
C GLU A 3 3.42 -8.15 15.66
N GLN A 4 4.49 -8.84 15.30
CA GLN A 4 5.66 -8.30 14.60
C GLN A 4 5.33 -7.82 13.17
N VAL A 5 5.72 -6.59 12.84
CA VAL A 5 5.39 -5.89 11.58
C VAL A 5 6.43 -4.83 11.24
N ALA A 6 6.48 -4.38 9.97
CA ALA A 6 7.27 -3.22 9.58
C ALA A 6 6.77 -1.92 10.27
N PRO A 7 7.67 -1.11 10.86
CA PRO A 7 7.28 0.02 11.71
C PRO A 7 7.13 1.36 10.95
N GLU A 8 7.58 1.41 9.69
CA GLU A 8 7.75 2.61 8.85
C GLU A 8 6.44 3.24 8.31
N SER A 9 5.36 3.19 9.09
CA SER A 9 4.09 3.85 8.77
C SER A 9 4.27 5.33 8.48
N ARG A 10 3.63 5.82 7.39
CA ARG A 10 3.67 7.21 6.92
C ARG A 10 5.07 7.79 6.65
N ASN A 11 6.07 6.94 6.42
CA ASN A 11 7.42 7.31 5.96
C ASN A 11 7.87 6.37 4.84
N ARG A 12 7.85 6.89 3.60
CA ARG A 12 8.31 6.23 2.35
C ARG A 12 9.00 7.23 1.44
N ILE A 13 10.01 6.79 0.68
CA ILE A 13 10.94 7.63 -0.09
C ILE A 13 11.10 7.13 -1.53
N ARG A 14 11.25 8.07 -2.49
CA ARG A 14 11.66 7.82 -3.88
C ARG A 14 13.04 8.44 -4.14
N VAL A 15 13.90 7.75 -4.89
CA VAL A 15 15.26 8.20 -5.24
C VAL A 15 15.49 8.16 -6.76
N ARG A 16 15.19 7.02 -7.40
CA ARG A 16 15.15 6.82 -8.86
C ARG A 16 13.71 6.68 -9.35
N GLN A 17 13.46 7.03 -10.61
CA GLN A 17 12.19 6.80 -11.32
C GLN A 17 12.46 6.47 -12.80
N ASP A 18 11.60 5.65 -13.41
CA ASP A 18 11.64 5.28 -14.83
C ASP A 18 10.20 5.06 -15.37
N LEU A 19 10.04 4.72 -16.65
CA LEU A 19 8.73 4.53 -17.29
C LEU A 19 7.98 3.34 -16.68
N ALA A 20 8.64 2.17 -16.65
CA ALA A 20 8.19 0.90 -16.09
C ALA A 20 9.37 -0.09 -15.94
N SER A 21 9.05 -1.37 -15.70
CA SER A 21 9.96 -2.52 -15.60
C SER A 21 10.81 -2.56 -14.33
N LEU A 22 10.32 -3.34 -13.35
CA LEU A 22 10.98 -3.70 -12.10
C LEU A 22 12.31 -4.47 -12.35
N PRO A 23 13.25 -4.51 -11.37
CA PRO A 23 14.53 -5.21 -11.52
C PRO A 23 14.35 -6.73 -11.46
N ALA A 24 15.33 -7.48 -11.99
CA ALA A 24 15.22 -8.93 -12.15
C ALA A 24 15.02 -9.65 -10.80
N GLU A 25 15.59 -9.13 -9.72
CA GLU A 25 15.45 -9.63 -8.33
C GLU A 25 14.06 -9.48 -7.74
N LEU A 26 13.23 -8.53 -8.20
CA LEU A 26 11.80 -8.44 -7.87
C LEU A 26 10.99 -9.38 -8.77
N ILE A 27 11.39 -9.48 -10.04
CA ILE A 27 10.84 -10.47 -10.99
C ILE A 27 11.03 -11.91 -10.47
N ASN A 28 12.12 -12.22 -9.75
CA ASN A 28 12.37 -13.54 -9.16
C ASN A 28 11.26 -13.97 -8.17
N GLN A 29 10.50 -13.02 -7.61
CA GLN A 29 9.58 -13.22 -6.49
C GLN A 29 8.13 -13.44 -6.91
N ILE A 30 7.76 -12.91 -8.09
CA ILE A 30 6.37 -12.83 -8.60
C ILE A 30 6.23 -13.14 -10.09
N GLY A 31 7.22 -12.78 -10.92
CA GLY A 31 7.16 -12.87 -12.38
C GLY A 31 5.92 -12.19 -12.99
N ASN A 32 5.54 -12.63 -14.20
CA ASN A 32 4.41 -12.08 -14.96
C ASN A 32 3.01 -12.38 -14.36
N ARG A 33 2.92 -13.05 -13.20
CA ARG A 33 1.67 -13.41 -12.53
C ARG A 33 1.03 -12.25 -11.77
N CYS A 34 1.84 -11.30 -11.30
CA CYS A 34 1.40 -10.14 -10.53
C CYS A 34 1.47 -8.84 -11.34
N HIS A 35 0.32 -8.18 -11.51
CA HIS A 35 0.15 -6.82 -12.04
C HIS A 35 1.05 -6.45 -13.24
N PRO A 36 0.88 -7.07 -14.43
CA PRO A 36 1.82 -6.97 -15.56
C PRO A 36 2.08 -5.56 -16.12
N LYS A 37 1.26 -4.55 -15.80
CA LYS A 37 1.54 -3.12 -16.09
C LYS A 37 2.86 -2.61 -15.51
N LEU A 38 3.35 -3.26 -14.47
CA LEU A 38 4.66 -2.99 -13.86
C LEU A 38 5.84 -3.48 -14.72
N TYR A 39 5.57 -4.23 -15.80
CA TYR A 39 6.55 -4.66 -16.80
C TYR A 39 6.24 -4.10 -18.21
N ASP A 40 5.00 -3.67 -18.47
CA ASP A 40 4.55 -3.09 -19.73
C ASP A 40 5.02 -1.64 -19.88
N GLU A 41 5.55 -1.30 -21.05
CA GLU A 41 6.02 0.07 -21.34
C GLU A 41 4.86 1.09 -21.28
N GLY A 42 5.00 2.08 -20.40
CA GLY A 42 3.99 3.14 -20.18
C GLY A 42 4.61 4.43 -19.65
N ASP A 43 4.02 4.98 -18.59
CA ASP A 43 4.46 6.22 -17.93
C ASP A 43 4.43 6.08 -16.39
N PRO A 44 5.32 6.78 -15.65
CA PRO A 44 5.31 6.74 -14.18
C PRO A 44 4.03 7.32 -13.58
N SER A 45 3.41 8.28 -14.27
CA SER A 45 2.18 9.00 -13.90
C SER A 45 0.87 8.28 -14.27
N GLU A 46 0.92 7.16 -15.00
CA GLU A 46 -0.27 6.38 -15.37
C GLU A 46 -0.94 5.79 -14.12
N LYS A 47 -2.24 6.02 -13.91
CA LYS A 47 -3.02 5.34 -12.87
C LYS A 47 -3.46 3.96 -13.35
N LEU A 48 -3.36 2.97 -12.47
CA LEU A 48 -3.53 1.54 -12.77
C LEU A 48 -4.66 0.96 -11.90
N GLU A 49 -5.60 0.24 -12.49
CA GLU A 49 -6.67 -0.42 -11.72
C GLU A 49 -6.09 -1.62 -10.96
N LEU A 50 -6.03 -1.54 -9.63
CA LEU A 50 -5.39 -2.54 -8.79
C LEU A 50 -6.08 -3.92 -8.88
N VAL A 51 -7.41 -3.93 -8.91
CA VAL A 51 -8.27 -5.12 -9.02
C VAL A 51 -9.43 -4.80 -9.96
N THR A 52 -9.64 -5.64 -10.98
CA THR A 52 -10.67 -5.44 -12.00
C THR A 52 -12.07 -5.29 -11.40
N GLY A 53 -12.81 -4.29 -11.86
CA GLY A 53 -14.19 -4.02 -11.46
C GLY A 53 -14.31 -3.13 -10.20
N THR A 54 -13.31 -3.13 -9.33
CA THR A 54 -13.31 -2.28 -8.11
C THR A 54 -13.14 -0.79 -8.44
N ASN A 55 -12.58 -0.46 -9.61
CA ASN A 55 -12.24 0.89 -10.04
C ASN A 55 -11.35 1.63 -9.02
N VAL A 56 -10.42 0.91 -8.39
CA VAL A 56 -9.44 1.43 -7.42
C VAL A 56 -8.12 1.66 -8.12
N TYR A 57 -7.75 2.94 -8.31
CA TYR A 57 -6.63 3.35 -9.16
C TYR A 57 -5.44 3.91 -8.36
N ILE A 58 -4.25 3.38 -8.62
CA ILE A 58 -2.97 3.84 -8.05
C ILE A 58 -1.94 4.16 -9.15
N THR A 59 -1.18 5.23 -8.97
CA THR A 59 -0.11 5.68 -9.88
C THR A 59 1.00 4.63 -10.01
N ARG A 60 1.48 4.33 -11.23
CA ARG A 60 2.54 3.32 -11.47
C ARG A 60 3.75 3.55 -10.59
N ALA A 61 4.31 4.76 -10.56
CA ALA A 61 5.47 5.09 -9.73
C ALA A 61 5.25 4.80 -8.23
N GLN A 62 4.02 4.95 -7.72
CA GLN A 62 3.67 4.61 -6.34
C GLN A 62 3.56 3.10 -6.14
N LEU A 63 2.87 2.37 -7.03
CA LEU A 63 2.75 0.92 -6.98
C LEU A 63 4.14 0.24 -7.07
N MET A 64 5.01 0.74 -7.95
CA MET A 64 6.43 0.36 -8.01
C MET A 64 7.17 0.65 -6.71
N ASN A 65 7.03 1.86 -6.15
CA ASN A 65 7.63 2.21 -4.86
C ASN A 65 7.14 1.32 -3.70
N CYS A 66 5.88 0.86 -3.74
CA CYS A 66 5.37 -0.14 -2.79
C CYS A 66 6.09 -1.49 -2.95
N HIS A 67 6.23 -2.00 -4.18
CA HIS A 67 6.95 -3.25 -4.46
C HIS A 67 8.48 -3.16 -4.29
N VAL A 68 9.07 -1.95 -4.29
CA VAL A 68 10.48 -1.69 -4.05
C VAL A 68 10.75 -1.68 -2.54
N SER A 69 9.93 -0.94 -1.79
CA SER A 69 9.99 -0.88 -0.32
C SER A 69 9.65 -2.25 0.31
N ALA A 70 8.81 -3.04 -0.37
CA ALA A 70 8.50 -4.44 -0.10
C ALA A 70 9.26 -5.43 -1.01
N GLY A 71 10.48 -5.07 -1.41
CA GLY A 71 11.34 -5.82 -2.34
C GLY A 71 11.80 -7.21 -1.90
N THR A 72 11.33 -7.73 -0.75
CA THR A 72 11.51 -9.10 -0.25
C THR A 72 10.32 -9.63 0.56
N ARG A 73 9.74 -8.78 1.42
CA ARG A 73 8.73 -9.12 2.45
C ARG A 73 7.29 -8.77 2.03
N HIS A 74 6.29 -9.20 2.81
CA HIS A 74 4.87 -9.16 2.42
C HIS A 74 4.01 -8.20 3.27
N LYS A 75 4.13 -8.21 4.61
CA LYS A 75 3.42 -7.27 5.50
C LYS A 75 3.70 -5.81 5.13
N VAL A 76 4.92 -5.53 4.66
CA VAL A 76 5.36 -4.19 4.22
C VAL A 76 4.70 -3.75 2.91
N LEU A 77 4.33 -4.66 2.00
CA LEU A 77 3.55 -4.32 0.81
C LEU A 77 2.13 -3.92 1.22
N LEU A 78 1.53 -4.72 2.11
CA LEU A 78 0.22 -4.49 2.73
C LEU A 78 0.17 -3.16 3.50
N ARG A 79 1.26 -2.72 4.15
CA ARG A 79 1.37 -1.36 4.72
C ARG A 79 1.39 -0.29 3.63
N ARG A 80 2.39 -0.35 2.74
CA ARG A 80 2.69 0.65 1.70
C ARG A 80 1.52 0.92 0.76
N LEU A 81 0.88 -0.13 0.24
CA LEU A 81 -0.19 -0.02 -0.74
C LEU A 81 -1.47 0.58 -0.14
N LEU A 82 -1.78 0.25 1.11
CA LEU A 82 -2.91 0.81 1.85
C LEU A 82 -2.69 2.28 2.21
N ALA A 83 -1.48 2.61 2.69
CA ALA A 83 -0.98 3.97 2.89
C ALA A 83 -0.84 4.80 1.60
N SER A 84 -1.22 4.26 0.45
CA SER A 84 -1.29 4.94 -0.86
C SER A 84 -2.73 5.17 -1.36
N PHE A 85 -3.75 4.77 -0.59
CA PHE A 85 -5.17 5.08 -0.85
C PHE A 85 -5.80 5.94 0.24
N PHE A 86 -5.61 5.60 1.52
CA PHE A 86 -6.02 6.43 2.65
C PHE A 86 -4.86 7.35 3.10
N ASP A 87 -5.13 8.63 3.34
CA ASP A 87 -4.17 9.53 3.98
C ASP A 87 -4.15 9.31 5.51
N ARG A 88 -3.14 9.85 6.19
CA ARG A 88 -2.92 9.72 7.64
C ARG A 88 -4.10 10.22 8.47
N ASN A 89 -4.74 11.31 8.04
CA ASN A 89 -5.95 11.85 8.67
C ASN A 89 -7.24 11.14 8.21
N THR A 90 -7.28 10.54 7.01
CA THR A 90 -8.41 9.71 6.54
C THR A 90 -8.64 8.52 7.48
N LEU A 91 -7.58 7.73 7.74
CA LEU A 91 -7.66 6.56 8.61
C LEU A 91 -7.77 6.92 10.10
N ALA A 92 -7.14 8.04 10.53
CA ALA A 92 -7.24 8.50 11.92
C ALA A 92 -8.66 9.00 12.27
N ASN A 93 -9.34 9.67 11.34
CA ASN A 93 -10.75 10.07 11.47
C ASN A 93 -11.69 8.85 11.41
N SER A 94 -11.43 7.92 10.51
CA SER A 94 -12.33 6.81 10.18
C SER A 94 -11.63 5.46 10.26
N CYS A 95 -11.57 4.87 11.46
CA CYS A 95 -11.09 3.50 11.71
C CYS A 95 -12.14 2.49 11.22
N GLY A 96 -12.22 2.31 9.90
CA GLY A 96 -13.29 1.59 9.21
C GLY A 96 -13.14 0.07 9.11
N THR A 97 -11.96 -0.47 9.44
CA THR A 97 -11.75 -1.92 9.61
C THR A 97 -11.04 -2.22 10.95
N GLY A 98 -11.18 -3.45 11.46
CA GLY A 98 -10.52 -3.92 12.70
C GLY A 98 -11.08 -3.35 14.00
N ILE A 99 -12.28 -2.77 13.97
CA ILE A 99 -13.01 -2.20 15.13
C ILE A 99 -14.32 -2.99 15.34
N ARG A 100 -14.84 -2.98 16.58
CA ARG A 100 -15.99 -3.79 17.05
C ARG A 100 -17.27 -2.94 17.25
N SER A 101 -17.48 -1.96 16.37
CA SER A 101 -18.67 -1.08 16.32
C SER A 101 -18.99 -0.38 17.66
N SER A 102 -17.97 0.18 18.30
CA SER A 102 -18.06 0.75 19.66
C SER A 102 -18.95 2.01 19.73
N THR A 103 -19.74 2.13 20.79
CA THR A 103 -20.81 3.14 20.96
C THR A 103 -20.53 4.21 22.04
N ASN A 104 -19.33 4.20 22.64
CA ASN A 104 -18.98 5.09 23.75
C ASN A 104 -18.85 6.58 23.34
N ASP A 105 -18.30 6.86 22.15
CA ASP A 105 -18.13 8.20 21.60
C ASP A 105 -18.22 8.20 20.05
N PRO A 106 -19.44 8.00 19.48
CA PRO A 106 -19.67 7.72 18.07
C PRO A 106 -19.65 8.99 17.19
N ARG A 107 -18.45 9.56 17.00
CA ARG A 107 -18.22 10.78 16.17
C ARG A 107 -17.68 10.48 14.77
N ARG A 108 -17.12 9.28 14.58
CA ARG A 108 -16.43 8.82 13.36
C ARG A 108 -17.36 8.75 12.13
N LYS A 109 -16.74 8.81 10.95
CA LYS A 109 -17.38 8.74 9.63
C LYS A 109 -17.08 7.40 8.94
N PRO A 110 -17.78 7.05 7.84
CA PRO A 110 -17.44 5.89 7.02
C PRO A 110 -16.04 5.98 6.39
N LEU A 111 -15.46 4.81 6.10
CA LEU A 111 -14.23 4.63 5.32
C LEU A 111 -14.59 4.08 3.93
N ASP A 112 -13.76 4.33 2.91
CA ASP A 112 -14.00 3.83 1.54
C ASP A 112 -13.51 2.39 1.39
N SER A 113 -14.19 1.46 2.07
CA SER A 113 -13.76 0.07 2.26
C SER A 113 -13.64 -0.78 0.98
N ARG A 114 -14.06 -0.24 -0.16
CA ARG A 114 -13.78 -0.80 -1.49
C ARG A 114 -12.28 -0.78 -1.84
N VAL A 115 -11.45 0.05 -1.17
CA VAL A 115 -9.98 0.02 -1.38
C VAL A 115 -9.32 -1.03 -0.48
N LEU A 116 -9.86 -1.24 0.74
CA LEU A 116 -9.49 -2.37 1.59
C LEU A 116 -9.77 -3.68 0.86
N HIS A 117 -10.92 -3.82 0.19
CA HIS A 117 -11.26 -5.00 -0.61
C HIS A 117 -10.18 -5.31 -1.66
N ALA A 118 -9.83 -4.34 -2.52
CA ALA A 118 -8.79 -4.52 -3.52
C ALA A 118 -7.40 -4.82 -2.91
N VAL A 119 -6.90 -3.99 -1.98
CA VAL A 119 -5.59 -4.18 -1.32
C VAL A 119 -5.50 -5.50 -0.57
N LYS A 120 -6.50 -5.87 0.26
CA LYS A 120 -6.42 -7.09 1.09
C LYS A 120 -6.41 -8.36 0.24
N TYR A 121 -7.26 -8.41 -0.78
CA TYR A 121 -7.25 -9.47 -1.81
C TYR A 121 -5.90 -9.51 -2.56
N TYR A 122 -5.46 -8.39 -3.11
CA TYR A 122 -4.21 -8.28 -3.87
C TYR A 122 -2.97 -8.67 -3.05
N CYS A 123 -2.93 -8.30 -1.77
CA CYS A 123 -1.90 -8.71 -0.82
C CYS A 123 -1.99 -10.19 -0.45
N GLN A 124 -3.19 -10.77 -0.38
CA GLN A 124 -3.38 -12.22 -0.23
C GLN A 124 -2.96 -13.00 -1.49
N ASN A 125 -2.97 -12.39 -2.67
CA ASN A 125 -2.38 -12.98 -3.88
C ASN A 125 -0.84 -12.98 -3.83
N PHE A 126 -0.25 -11.94 -3.25
CA PHE A 126 1.18 -11.85 -2.95
C PHE A 126 1.61 -12.75 -1.76
N ALA A 127 0.67 -13.13 -0.89
CA ALA A 127 0.89 -13.96 0.31
C ALA A 127 -0.34 -14.87 0.59
N PRO A 128 -0.47 -16.04 -0.09
CA PRO A 128 -1.65 -16.92 0.00
C PRO A 128 -1.98 -17.39 1.42
N ASN A 129 -0.95 -17.56 2.26
CA ASN A 129 -1.08 -17.97 3.66
C ASN A 129 -1.47 -16.84 4.63
N PHE A 130 -1.44 -15.56 4.21
CA PHE A 130 -1.64 -14.43 5.13
C PHE A 130 -3.10 -14.13 5.43
N LYS A 131 -3.38 -13.86 6.71
CA LYS A 131 -4.74 -13.76 7.29
C LYS A 131 -5.28 -12.33 7.32
N GLU A 132 -6.60 -12.20 7.18
CA GLU A 132 -7.28 -10.90 7.18
C GLU A 132 -7.33 -10.25 8.56
N SER A 133 -7.28 -11.06 9.64
CA SER A 133 -7.18 -10.56 11.02
C SER A 133 -5.92 -9.72 11.26
N GLU A 134 -4.82 -10.01 10.53
CA GLU A 134 -3.65 -9.13 10.51
C GLU A 134 -3.87 -7.92 9.59
N MET A 135 -4.39 -8.12 8.36
CA MET A 135 -4.68 -7.03 7.41
C MET A 135 -5.53 -5.90 8.02
N ASN A 136 -6.58 -6.27 8.77
CA ASN A 136 -7.50 -5.33 9.40
C ASN A 136 -6.89 -4.61 10.61
N ALA A 137 -5.97 -5.24 11.34
CA ALA A 137 -5.27 -4.62 12.47
C ALA A 137 -4.11 -3.71 12.00
N ILE A 138 -3.38 -4.11 10.95
CA ILE A 138 -2.35 -3.31 10.28
C ILE A 138 -2.93 -2.01 9.72
N ALA A 139 -4.14 -2.09 9.13
CA ALA A 139 -4.88 -0.92 8.65
C ALA A 139 -5.11 0.14 9.74
N ALA A 140 -5.62 -0.24 10.92
CA ALA A 140 -5.82 0.69 12.03
C ALA A 140 -4.51 1.06 12.78
N ASP A 141 -3.42 0.31 12.58
CA ASP A 141 -2.07 0.65 13.05
C ASP A 141 -1.38 1.70 12.15
N MET A 142 -1.80 1.84 10.89
CA MET A 142 -1.30 2.82 9.89
C MET A 142 -1.77 4.28 10.16
N CYS A 143 -2.45 4.51 11.28
CA CYS A 143 -2.80 5.83 11.81
C CYS A 143 -2.49 5.99 13.31
N THR A 144 -1.48 5.27 13.81
CA THR A 144 -0.96 5.43 15.18
C THR A 144 -0.32 6.81 15.39
N ASN A 145 -0.38 7.32 16.62
CA ASN A 145 -0.04 8.71 16.95
C ASN A 145 1.47 9.02 17.00
N ALA A 146 2.32 8.00 17.14
CA ALA A 146 3.78 8.16 17.14
C ALA A 146 4.32 8.46 15.73
N ARG A 147 5.17 9.48 15.58
CA ARG A 147 5.84 9.78 14.29
C ARG A 147 6.95 8.77 13.98
N ARG A 148 7.29 8.65 12.70
CA ARG A 148 8.37 7.80 12.17
C ARG A 148 9.50 8.67 11.62
N VAL A 149 10.44 9.03 12.49
CA VAL A 149 11.60 9.91 12.20
C VAL A 149 12.77 9.21 11.48
N VAL A 150 12.56 7.99 10.98
CA VAL A 150 13.57 7.15 10.29
C VAL A 150 14.13 7.86 9.06
N ARG A 151 15.46 8.05 9.01
CA ARG A 151 16.19 8.71 7.91
C ARG A 151 16.66 7.75 6.81
N LYS A 152 16.70 6.45 7.10
CA LYS A 152 17.12 5.37 6.19
C LYS A 152 16.07 5.08 5.10
N SER A 153 16.52 4.55 3.97
CA SER A 153 15.70 4.13 2.82
C SER A 153 16.38 3.03 2.00
N TRP A 154 15.60 2.28 1.23
CA TRP A 154 16.10 1.34 0.21
C TRP A 154 15.29 1.48 -1.08
N MET A 155 15.89 2.16 -2.06
CA MET A 155 15.32 2.43 -3.37
C MET A 155 16.41 2.19 -4.45
N PRO A 156 16.47 0.99 -5.06
CA PRO A 156 17.58 0.56 -5.91
C PRO A 156 17.65 1.31 -7.25
N LYS A 157 18.85 1.35 -7.85
CA LYS A 157 19.10 1.94 -9.18
C LYS A 157 18.32 1.18 -10.27
N VAL A 158 17.67 1.93 -11.16
CA VAL A 158 16.88 1.39 -12.28
C VAL A 158 17.75 0.86 -13.42
N LYS A 159 17.32 -0.23 -14.07
CA LYS A 159 18.04 -0.88 -15.18
C LYS A 159 17.80 -0.19 -16.54
N VAL A 160 18.72 -0.40 -17.48
CA VAL A 160 18.70 0.18 -18.84
C VAL A 160 18.29 -0.88 -19.87
N LEU A 161 17.42 -0.52 -20.81
CA LEU A 161 16.93 -1.39 -21.88
C LEU A 161 17.84 -1.34 -23.13
N LYS A 162 17.84 -2.43 -23.92
CA LYS A 162 18.69 -2.59 -25.12
C LYS A 162 17.85 -3.19 -26.28
N ALA A 163 17.82 -2.46 -27.41
CA ALA A 163 17.02 -2.77 -28.61
C ALA A 163 15.51 -2.99 -28.33
N GLU A 164 14.77 -3.52 -29.32
CA GLU A 164 13.33 -3.82 -29.30
C GLU A 164 12.96 -5.14 -30.02
N LEU A 1 34.48 26.71 -33.01
CA LEU A 1 33.69 27.10 -31.80
C LEU A 1 34.32 28.30 -31.10
N PRO A 2 33.52 29.20 -30.50
CA PRO A 2 34.01 30.42 -29.85
C PRO A 2 34.71 30.15 -28.51
N GLU A 3 35.53 31.10 -28.05
CA GLU A 3 36.34 31.01 -26.83
C GLU A 3 35.51 30.90 -25.52
N GLN A 4 34.19 31.16 -25.59
CA GLN A 4 33.24 30.97 -24.49
C GLN A 4 33.02 29.47 -24.16
N VAL A 5 33.29 28.56 -25.10
CA VAL A 5 33.15 27.10 -24.89
C VAL A 5 34.32 26.56 -24.06
N ALA A 6 34.03 25.68 -23.10
CA ALA A 6 35.01 25.06 -22.20
C ALA A 6 36.03 24.16 -22.94
N PRO A 7 37.24 23.93 -22.39
CA PRO A 7 38.23 23.03 -22.98
C PRO A 7 37.75 21.56 -22.99
N GLU A 8 36.88 21.18 -22.05
CA GLU A 8 36.13 19.91 -22.05
C GLU A 8 34.90 19.97 -22.97
N SER A 9 35.09 20.42 -24.21
CA SER A 9 34.02 20.70 -25.17
C SER A 9 33.09 19.51 -25.39
N ARG A 10 31.77 19.77 -25.33
CA ARG A 10 30.66 18.80 -25.45
C ARG A 10 30.71 17.61 -24.48
N ASN A 11 31.42 17.72 -23.35
CA ASN A 11 31.37 16.74 -22.26
C ASN A 11 29.99 16.74 -21.57
N ARG A 12 29.54 15.56 -21.16
CA ARG A 12 28.24 15.33 -20.47
C ARG A 12 28.33 14.17 -19.47
N ILE A 13 27.73 14.33 -18.30
CA ILE A 13 27.62 13.31 -17.25
C ILE A 13 26.33 12.50 -17.43
N ARG A 14 26.39 11.19 -17.16
CA ARG A 14 25.24 10.26 -17.31
C ARG A 14 24.09 10.64 -16.36
N VAL A 15 22.88 10.75 -16.92
CA VAL A 15 21.65 11.15 -16.19
C VAL A 15 20.40 10.32 -16.56
N ARG A 16 20.43 9.57 -17.68
CA ARG A 16 19.28 8.82 -18.21
C ARG A 16 19.01 7.51 -17.47
N GLN A 17 17.74 7.13 -17.39
CA GLN A 17 17.24 5.90 -16.75
C GLN A 17 16.13 5.25 -17.59
N ASP A 18 15.79 3.99 -17.29
CA ASP A 18 14.64 3.28 -17.90
C ASP A 18 13.28 3.87 -17.47
N LEU A 19 12.22 3.57 -18.24
CA LEU A 19 10.87 4.08 -18.01
C LEU A 19 10.25 3.47 -16.75
N ALA A 20 10.05 2.14 -16.76
CA ALA A 20 9.46 1.37 -15.67
C ALA A 20 9.79 -0.13 -15.76
N SER A 21 10.63 -0.63 -14.85
CA SER A 21 10.88 -2.05 -14.59
C SER A 21 11.55 -2.27 -13.24
N LEU A 22 11.42 -3.50 -12.74
CA LEU A 22 11.90 -4.00 -11.45
C LEU A 22 13.18 -4.83 -11.62
N PRO A 23 13.92 -5.08 -10.52
CA PRO A 23 15.08 -5.97 -10.51
C PRO A 23 14.65 -7.45 -10.62
N ALA A 24 15.55 -8.32 -11.08
CA ALA A 24 15.25 -9.73 -11.33
C ALA A 24 14.76 -10.48 -10.06
N GLU A 25 15.27 -10.09 -8.90
CA GLU A 25 14.88 -10.59 -7.57
C GLU A 25 13.45 -10.24 -7.15
N LEU A 26 12.87 -9.15 -7.63
CA LEU A 26 11.44 -8.83 -7.48
C LEU A 26 10.61 -9.61 -8.50
N ILE A 27 11.09 -9.65 -9.74
CA ILE A 27 10.50 -10.45 -10.83
C ILE A 27 10.36 -11.92 -10.39
N ASN A 28 11.30 -12.44 -9.59
CA ASN A 28 11.29 -13.85 -9.14
C ASN A 28 10.14 -14.16 -8.16
N GLN A 29 9.52 -13.13 -7.56
CA GLN A 29 8.50 -13.27 -6.51
C GLN A 29 7.07 -13.24 -7.06
N ILE A 30 6.88 -12.52 -8.18
CA ILE A 30 5.57 -12.17 -8.74
C ILE A 30 5.40 -12.51 -10.22
N GLY A 31 6.39 -12.24 -11.07
CA GLY A 31 6.25 -12.32 -12.53
C GLY A 31 5.02 -11.57 -13.05
N ASN A 32 4.40 -12.09 -14.11
CA ASN A 32 3.28 -11.43 -14.81
C ASN A 32 1.91 -11.53 -14.09
N ARG A 33 1.82 -12.09 -12.88
CA ARG A 33 0.54 -12.19 -12.14
C ARG A 33 0.13 -10.88 -11.46
N CYS A 34 1.11 -10.03 -11.16
CA CYS A 34 0.96 -8.73 -10.49
C CYS A 34 1.00 -7.57 -11.50
N HIS A 35 -0.03 -7.48 -12.36
CA HIS A 35 -0.29 -6.35 -13.29
C HIS A 35 0.98 -5.92 -14.08
N PRO A 36 1.38 -6.66 -15.14
CA PRO A 36 2.67 -6.53 -15.84
C PRO A 36 3.03 -5.15 -16.42
N LYS A 37 2.14 -4.15 -16.31
CA LYS A 37 2.41 -2.73 -16.56
C LYS A 37 3.63 -2.20 -15.79
N LEU A 38 3.90 -2.77 -14.61
CA LEU A 38 5.13 -2.54 -13.82
C LEU A 38 6.43 -2.91 -14.57
N TYR A 39 6.36 -3.64 -15.69
CA TYR A 39 7.48 -4.03 -16.56
C TYR A 39 7.40 -3.36 -17.95
N ASP A 40 6.24 -2.82 -18.33
CA ASP A 40 5.97 -2.09 -19.58
C ASP A 40 6.64 -0.72 -19.59
N GLU A 41 7.34 -0.40 -20.69
CA GLU A 41 7.97 0.91 -20.94
C GLU A 41 6.98 2.00 -21.39
N GLY A 42 6.02 2.23 -20.51
CA GLY A 42 4.98 3.26 -20.59
C GLY A 42 5.44 4.61 -20.03
N ASP A 43 4.64 5.20 -19.14
CA ASP A 43 4.95 6.45 -18.43
C ASP A 43 4.73 6.30 -16.92
N PRO A 44 5.55 6.91 -16.03
CA PRO A 44 5.43 6.76 -14.58
C PRO A 44 4.12 7.30 -13.98
N SER A 45 3.43 8.21 -14.67
CA SER A 45 2.18 8.85 -14.20
C SER A 45 0.91 8.20 -14.77
N GLU A 46 1.03 7.08 -15.50
CA GLU A 46 -0.11 6.25 -15.91
C GLU A 46 -0.77 5.58 -14.69
N LYS A 47 -2.10 5.65 -14.56
CA LYS A 47 -2.84 4.96 -13.49
C LYS A 47 -3.11 3.49 -13.85
N LEU A 48 -3.00 2.62 -12.85
CA LEU A 48 -3.01 1.16 -12.98
C LEU A 48 -4.11 0.58 -12.09
N GLU A 49 -4.91 -0.36 -12.60
CA GLU A 49 -5.99 -0.98 -11.83
C GLU A 49 -5.43 -2.01 -10.83
N LEU A 50 -5.57 -1.72 -9.54
CA LEU A 50 -4.95 -2.52 -8.47
C LEU A 50 -5.51 -3.96 -8.43
N VAL A 51 -6.83 -4.13 -8.61
CA VAL A 51 -7.51 -5.41 -8.83
C VAL A 51 -8.56 -5.28 -9.92
N THR A 52 -8.48 -6.16 -10.92
CA THR A 52 -9.38 -6.21 -12.09
C THR A 52 -10.86 -6.31 -11.69
N GLY A 53 -11.65 -5.30 -12.07
CA GLY A 53 -13.09 -5.21 -11.85
C GLY A 53 -13.48 -4.35 -10.64
N THR A 54 -12.56 -4.08 -9.72
CA THR A 54 -12.80 -3.14 -8.60
C THR A 54 -12.76 -1.68 -9.07
N ASN A 55 -12.13 -1.40 -10.21
CA ASN A 55 -11.90 -0.06 -10.77
C ASN A 55 -11.21 0.90 -9.76
N VAL A 56 -10.27 0.35 -8.96
CA VAL A 56 -9.44 1.09 -8.01
C VAL A 56 -8.09 1.35 -8.67
N TYR A 57 -7.78 2.62 -8.97
CA TYR A 57 -6.61 3.01 -9.74
C TYR A 57 -5.55 3.73 -8.91
N ILE A 58 -4.29 3.26 -9.04
CA ILE A 58 -3.09 3.82 -8.39
C ILE A 58 -2.04 4.17 -9.45
N THR A 59 -1.32 5.27 -9.26
CA THR A 59 -0.24 5.73 -10.15
C THR A 59 0.87 4.68 -10.25
N ARG A 60 1.38 4.37 -11.46
CA ARG A 60 2.45 3.38 -11.69
C ARG A 60 3.64 3.61 -10.77
N ALA A 61 4.19 4.83 -10.73
CA ALA A 61 5.33 5.18 -9.89
C ALA A 61 5.09 4.85 -8.39
N GLN A 62 3.86 5.01 -7.91
CA GLN A 62 3.47 4.71 -6.53
C GLN A 62 3.34 3.19 -6.30
N LEU A 63 2.72 2.45 -7.22
CA LEU A 63 2.61 0.99 -7.15
C LEU A 63 4.00 0.32 -7.17
N MET A 64 4.89 0.77 -8.06
CA MET A 64 6.31 0.36 -8.10
C MET A 64 7.03 0.70 -6.78
N ASN A 65 6.83 1.91 -6.26
CA ASN A 65 7.39 2.32 -4.96
C ASN A 65 6.94 1.39 -3.81
N CYS A 66 5.64 1.05 -3.76
CA CYS A 66 5.11 0.08 -2.81
C CYS A 66 5.81 -1.29 -2.93
N HIS A 67 6.11 -1.76 -4.14
CA HIS A 67 6.78 -3.05 -4.37
C HIS A 67 8.29 -3.07 -4.11
N VAL A 68 9.03 -1.95 -4.24
CA VAL A 68 10.46 -1.92 -3.85
C VAL A 68 10.64 -1.74 -2.34
N SER A 69 9.72 -0.99 -1.71
CA SER A 69 9.66 -0.82 -0.25
C SER A 69 9.15 -2.10 0.46
N ALA A 70 8.45 -2.97 -0.27
CA ALA A 70 8.04 -4.31 0.13
C ALA A 70 8.87 -5.43 -0.57
N GLY A 71 10.04 -5.09 -1.11
CA GLY A 71 10.82 -5.96 -2.02
C GLY A 71 11.23 -7.34 -1.50
N THR A 72 11.21 -7.57 -0.19
CA THR A 72 11.47 -8.89 0.46
C THR A 72 10.57 -9.18 1.67
N ARG A 73 9.52 -8.36 1.87
CA ARG A 73 8.60 -8.42 3.03
C ARG A 73 7.14 -8.26 2.56
N HIS A 74 6.19 -9.03 3.10
CA HIS A 74 4.83 -9.09 2.54
C HIS A 74 3.78 -8.28 3.33
N LYS A 75 3.92 -8.14 4.66
CA LYS A 75 2.97 -7.38 5.50
C LYS A 75 3.18 -5.86 5.48
N VAL A 76 4.22 -5.39 4.80
CA VAL A 76 4.52 -3.96 4.54
C VAL A 76 3.83 -3.44 3.27
N LEU A 77 3.60 -4.29 2.26
CA LEU A 77 2.87 -3.91 1.04
C LEU A 77 1.46 -3.41 1.35
N LEU A 78 0.82 -4.00 2.39
CA LEU A 78 -0.44 -3.55 2.96
C LEU A 78 -0.36 -2.07 3.40
N ARG A 79 0.54 -1.73 4.34
CA ARG A 79 0.73 -0.36 4.84
C ARG A 79 1.01 0.62 3.69
N ARG A 80 1.92 0.26 2.78
CA ARG A 80 2.33 1.06 1.62
C ARG A 80 1.18 1.36 0.65
N LEU A 81 0.41 0.35 0.24
CA LEU A 81 -0.75 0.54 -0.64
C LEU A 81 -1.91 1.26 0.07
N LEU A 82 -2.19 0.95 1.34
CA LEU A 82 -3.20 1.65 2.14
C LEU A 82 -2.89 3.15 2.25
N ALA A 83 -1.66 3.49 2.62
CA ALA A 83 -1.12 4.85 2.65
C ALA A 83 -1.06 5.55 1.26
N SER A 84 -1.31 4.82 0.16
CA SER A 84 -1.40 5.35 -1.21
C SER A 84 -2.85 5.65 -1.65
N PHE A 85 -3.86 5.28 -0.85
CA PHE A 85 -5.27 5.63 -1.04
C PHE A 85 -5.84 6.50 0.10
N PHE A 86 -5.45 6.20 1.35
CA PHE A 86 -5.83 6.95 2.56
C PHE A 86 -4.66 7.76 3.13
N ASP A 87 -4.97 8.71 4.01
CA ASP A 87 -3.99 9.39 4.87
C ASP A 87 -4.08 8.83 6.30
N ARG A 88 -3.01 8.93 7.10
CA ARG A 88 -3.00 8.54 8.51
C ARG A 88 -4.09 9.25 9.32
N ASN A 89 -4.42 10.50 8.98
CA ASN A 89 -5.50 11.27 9.61
C ASN A 89 -6.87 10.65 9.28
N THR A 90 -7.14 10.37 7.99
CA THR A 90 -8.38 9.71 7.52
C THR A 90 -8.58 8.34 8.17
N LEU A 91 -7.56 7.49 8.18
CA LEU A 91 -7.66 6.10 8.63
C LEU A 91 -7.71 5.99 10.17
N ALA A 92 -7.12 6.94 10.90
CA ALA A 92 -7.27 7.05 12.35
C ALA A 92 -8.66 7.59 12.74
N ASN A 93 -9.21 8.55 12.01
CA ASN A 93 -10.61 9.02 12.20
C ASN A 93 -11.65 7.95 11.81
N SER A 94 -11.27 6.98 10.97
CA SER A 94 -12.07 5.79 10.65
C SER A 94 -11.85 4.61 11.61
N CYS A 95 -10.88 4.72 12.53
CA CYS A 95 -10.41 3.67 13.44
C CYS A 95 -10.09 2.35 12.70
N GLY A 96 -9.28 2.44 11.64
CA GLY A 96 -8.92 1.29 10.79
C GLY A 96 -10.00 0.97 9.75
N THR A 97 -10.12 -0.31 9.36
CA THR A 97 -10.94 -0.76 8.22
C THR A 97 -12.44 -0.51 8.37
N GLY A 98 -12.96 -0.62 9.60
CA GLY A 98 -14.40 -0.65 9.88
C GLY A 98 -15.09 -1.95 9.43
N ILE A 99 -14.32 -3.02 9.20
CA ILE A 99 -14.80 -4.35 8.74
C ILE A 99 -14.89 -5.37 9.90
N ARG A 100 -14.39 -4.95 11.06
CA ARG A 100 -14.52 -5.59 12.38
C ARG A 100 -15.53 -4.84 13.24
N SER A 101 -16.30 -5.57 14.06
CA SER A 101 -17.45 -5.05 14.83
C SER A 101 -18.52 -4.36 13.95
N SER A 102 -18.73 -4.90 12.74
CA SER A 102 -19.62 -4.36 11.70
C SER A 102 -21.11 -4.69 11.91
N THR A 103 -21.45 -5.44 12.96
CA THR A 103 -22.83 -5.76 13.40
C THR A 103 -23.59 -4.57 13.99
N ASN A 104 -22.96 -3.41 14.13
CA ASN A 104 -23.55 -2.14 14.60
C ASN A 104 -23.08 -0.95 13.73
N ASP A 105 -23.81 0.15 13.79
CA ASP A 105 -23.50 1.41 13.09
C ASP A 105 -22.15 2.02 13.55
N PRO A 106 -21.18 2.28 12.65
CA PRO A 106 -19.93 2.96 12.98
C PRO A 106 -20.19 4.41 13.43
N ARG A 107 -19.55 4.79 14.54
CA ARG A 107 -19.80 6.05 15.27
C ARG A 107 -18.74 7.14 15.06
N ARG A 108 -17.73 6.82 14.25
CA ARG A 108 -16.63 7.65 13.77
C ARG A 108 -16.79 7.98 12.28
N LYS A 109 -15.78 8.56 11.65
CA LYS A 109 -15.89 9.14 10.29
C LYS A 109 -15.85 8.07 9.15
N PRO A 110 -16.42 8.36 7.96
CA PRO A 110 -16.47 7.41 6.84
C PRO A 110 -15.11 7.14 6.18
N LEU A 111 -14.99 5.97 5.56
CA LEU A 111 -13.82 5.47 4.81
C LEU A 111 -14.23 5.00 3.40
N ASP A 112 -13.31 5.04 2.43
CA ASP A 112 -13.52 4.52 1.08
C ASP A 112 -13.16 3.04 1.00
N SER A 113 -13.99 2.22 1.64
CA SER A 113 -13.75 0.80 1.91
C SER A 113 -13.61 -0.09 0.68
N ARG A 114 -14.02 0.40 -0.50
CA ARG A 114 -13.81 -0.28 -1.80
C ARG A 114 -12.34 -0.55 -2.13
N VAL A 115 -11.40 0.20 -1.56
CA VAL A 115 -9.96 0.00 -1.83
C VAL A 115 -9.31 -1.06 -0.91
N LEU A 116 -9.86 -1.24 0.30
CA LEU A 116 -9.44 -2.27 1.25
C LEU A 116 -9.56 -3.66 0.63
N HIS A 117 -10.69 -3.94 -0.04
CA HIS A 117 -10.95 -5.19 -0.74
C HIS A 117 -9.84 -5.53 -1.75
N ALA A 118 -9.53 -4.61 -2.67
CA ALA A 118 -8.46 -4.79 -3.63
C ALA A 118 -7.08 -5.00 -2.98
N VAL A 119 -6.63 -4.06 -2.14
CA VAL A 119 -5.31 -4.11 -1.48
C VAL A 119 -5.12 -5.37 -0.65
N LYS A 120 -6.08 -5.76 0.21
CA LYS A 120 -5.91 -6.92 1.10
C LYS A 120 -5.81 -8.24 0.32
N TYR A 121 -6.67 -8.43 -0.68
CA TYR A 121 -6.61 -9.54 -1.63
C TYR A 121 -5.28 -9.55 -2.42
N TYR A 122 -4.89 -8.41 -2.98
CA TYR A 122 -3.71 -8.28 -3.84
C TYR A 122 -2.41 -8.53 -3.04
N CYS A 123 -2.37 -8.10 -1.78
CA CYS A 123 -1.30 -8.43 -0.84
C CYS A 123 -1.31 -9.92 -0.44
N GLN A 124 -2.47 -10.57 -0.36
CA GLN A 124 -2.55 -12.02 -0.16
C GLN A 124 -1.98 -12.81 -1.34
N ASN A 125 -2.00 -12.25 -2.56
CA ASN A 125 -1.32 -12.78 -3.75
C ASN A 125 0.20 -12.47 -3.77
N PHE A 126 0.66 -11.54 -2.95
CA PHE A 126 2.08 -11.23 -2.73
C PHE A 126 2.69 -12.01 -1.55
N ALA A 127 1.84 -12.52 -0.66
CA ALA A 127 2.21 -13.24 0.57
C ALA A 127 2.15 -14.78 0.40
N PRO A 128 2.83 -15.57 1.26
CA PRO A 128 2.80 -17.03 1.16
C PRO A 128 1.47 -17.65 1.64
N ASN A 129 0.98 -17.26 2.81
CA ASN A 129 -0.26 -17.76 3.42
C ASN A 129 -0.85 -16.79 4.47
N PHE A 130 -0.76 -15.47 4.23
CA PHE A 130 -1.05 -14.44 5.23
C PHE A 130 -2.55 -14.14 5.40
N LYS A 131 -3.02 -14.17 6.66
CA LYS A 131 -4.45 -14.07 7.04
C LYS A 131 -5.00 -12.64 6.94
N GLU A 132 -6.33 -12.51 6.84
CA GLU A 132 -6.99 -11.21 6.79
C GLU A 132 -7.10 -10.54 8.17
N SER A 133 -7.06 -11.31 9.26
CA SER A 133 -7.10 -10.75 10.62
C SER A 133 -5.86 -9.92 10.97
N GLU A 134 -4.72 -10.19 10.30
CA GLU A 134 -3.54 -9.32 10.34
C GLU A 134 -3.80 -8.07 9.50
N MET A 135 -4.33 -8.21 8.28
CA MET A 135 -4.61 -7.09 7.36
C MET A 135 -5.56 -6.04 7.95
N ASN A 136 -6.55 -6.46 8.74
CA ASN A 136 -7.47 -5.56 9.44
C ASN A 136 -6.80 -4.81 10.62
N ALA A 137 -5.80 -5.41 11.28
CA ALA A 137 -5.05 -4.78 12.37
C ALA A 137 -3.93 -3.86 11.85
N ILE A 138 -3.26 -4.24 10.76
CA ILE A 138 -2.21 -3.48 10.08
C ILE A 138 -2.72 -2.12 9.57
N ALA A 139 -3.98 -2.08 9.11
CA ALA A 139 -4.65 -0.82 8.75
C ALA A 139 -4.71 0.20 9.91
N ALA A 140 -4.84 -0.26 11.17
CA ALA A 140 -4.77 0.59 12.37
C ALA A 140 -3.33 0.84 12.87
N ASP A 141 -2.33 0.20 12.25
CA ASP A 141 -0.90 0.18 12.63
C ASP A 141 0.00 0.79 11.53
N MET A 142 -0.52 1.81 10.86
CA MET A 142 0.16 2.59 9.80
C MET A 142 1.27 3.52 10.35
N CYS A 143 1.40 3.66 11.66
CA CYS A 143 2.42 4.42 12.36
C CYS A 143 3.11 3.54 13.43
N THR A 144 4.34 3.91 13.78
CA THR A 144 5.24 3.16 14.68
C THR A 144 4.85 3.26 16.17
N ASN A 145 5.22 2.21 16.93
CA ASN A 145 4.89 2.04 18.35
C ASN A 145 6.09 2.23 19.31
N ALA A 146 7.31 2.31 18.79
CA ALA A 146 8.57 2.30 19.55
C ALA A 146 8.94 3.64 20.22
N ARG A 147 8.15 4.70 20.00
CA ARG A 147 8.35 6.06 20.57
C ARG A 147 7.05 6.61 21.17
N ARG A 148 7.18 7.50 22.15
CA ARG A 148 6.16 8.35 22.77
C ARG A 148 6.74 9.76 22.80
N VAL A 149 6.00 10.70 22.21
CA VAL A 149 6.41 12.10 21.99
C VAL A 149 5.84 13.10 23.03
N VAL A 150 5.01 12.62 23.96
CA VAL A 150 4.38 13.43 25.02
C VAL A 150 5.26 13.54 26.28
N ARG A 151 5.16 14.66 27.01
CA ARG A 151 5.90 14.95 28.23
C ARG A 151 5.13 14.56 29.51
N LYS A 152 5.85 14.25 30.59
CA LYS A 152 5.30 13.98 31.93
C LYS A 152 6.18 14.52 33.06
N SER A 153 7.50 14.27 33.00
CA SER A 153 8.49 14.71 34.00
C SER A 153 9.08 16.11 33.73
N TRP A 154 8.46 16.89 32.83
CA TRP A 154 8.88 18.24 32.46
C TRP A 154 8.39 19.26 33.48
N MET A 155 9.30 19.66 34.36
CA MET A 155 9.11 20.68 35.41
C MET A 155 9.84 21.99 35.03
N PRO A 156 9.15 22.97 34.40
CA PRO A 156 9.76 24.26 34.05
C PRO A 156 10.16 25.07 35.30
N LYS A 157 11.26 25.82 35.16
CA LYS A 157 11.95 26.53 36.26
C LYS A 157 12.67 27.80 35.78
N VAL A 158 13.10 28.63 36.73
CA VAL A 158 13.85 29.89 36.46
C VAL A 158 15.25 29.63 35.86
N LYS A 159 15.74 30.59 35.08
CA LYS A 159 17.04 30.55 34.36
C LYS A 159 17.67 31.94 34.23
N VAL A 160 18.93 31.98 33.79
CA VAL A 160 19.69 33.21 33.51
C VAL A 160 19.12 34.00 32.31
N LEU A 161 19.46 35.29 32.24
CA LEU A 161 19.05 36.20 31.15
C LEU A 161 19.66 35.81 29.78
N LYS A 162 18.98 36.22 28.70
CA LYS A 162 19.34 35.91 27.30
C LYS A 162 20.29 36.96 26.70
N ALA A 163 21.04 36.54 25.67
CA ALA A 163 21.91 37.41 24.88
C ALA A 163 21.17 38.26 23.81
N GLU A 164 19.89 37.95 23.55
CA GLU A 164 19.00 38.61 22.58
C GLU A 164 17.62 38.92 23.17
N LEU A 1 -2.62 19.68 -14.35
CA LEU A 1 -3.62 19.56 -13.26
C LEU A 1 -5.05 19.38 -13.81
N PRO A 2 -5.71 20.38 -14.45
CA PRO A 2 -7.07 20.20 -15.00
C PRO A 2 -7.10 19.27 -16.22
N GLU A 3 -8.23 18.60 -16.44
CA GLU A 3 -8.44 17.68 -17.58
C GLU A 3 -8.52 18.47 -18.91
N GLN A 4 -7.74 18.03 -19.90
CA GLN A 4 -7.50 18.73 -21.18
C GLN A 4 -7.43 17.72 -22.35
N VAL A 5 -7.74 18.18 -23.57
CA VAL A 5 -7.66 17.40 -24.82
C VAL A 5 -6.95 18.23 -25.90
N ALA A 6 -6.03 17.61 -26.65
CA ALA A 6 -5.24 18.23 -27.71
C ALA A 6 -4.87 17.20 -28.81
N PRO A 7 -4.60 17.64 -30.06
CA PRO A 7 -4.18 16.75 -31.15
C PRO A 7 -2.77 16.19 -31.00
N GLU A 8 -1.97 16.73 -30.07
CA GLU A 8 -0.59 16.29 -29.76
C GLU A 8 -0.52 15.15 -28.73
N SER A 9 -1.65 14.48 -28.47
CA SER A 9 -1.78 13.35 -27.54
C SER A 9 -1.21 12.02 -28.08
N ARG A 10 -0.96 11.93 -29.39
CA ARG A 10 -0.46 10.74 -30.11
C ARG A 10 0.95 10.35 -29.66
N ASN A 11 1.17 9.04 -29.47
CA ASN A 11 2.43 8.45 -29.00
C ASN A 11 2.62 7.02 -29.56
N ARG A 12 3.81 6.44 -29.39
CA ARG A 12 4.18 5.07 -29.80
C ARG A 12 4.68 4.24 -28.61
N ILE A 13 4.52 2.92 -28.69
CA ILE A 13 4.86 1.95 -27.63
C ILE A 13 6.22 1.30 -27.90
N ARG A 14 6.97 0.99 -26.82
CA ARG A 14 8.32 0.38 -26.84
C ARG A 14 8.40 -0.90 -26.00
N VAL A 15 9.44 -1.70 -26.23
CA VAL A 15 9.67 -3.01 -25.56
C VAL A 15 10.81 -2.93 -24.53
N ARG A 16 11.93 -2.28 -24.87
CA ARG A 16 13.14 -2.20 -24.02
C ARG A 16 12.98 -1.16 -22.91
N GLN A 17 13.49 -1.47 -21.72
CA GLN A 17 13.24 -0.73 -20.49
C GLN A 17 13.81 0.70 -20.52
N ASP A 18 12.94 1.69 -20.28
CA ASP A 18 13.30 3.11 -20.19
C ASP A 18 12.46 3.93 -19.20
N LEU A 19 11.27 3.42 -18.86
CA LEU A 19 10.29 4.04 -17.97
C LEU A 19 9.93 3.13 -16.78
N ALA A 20 9.73 1.85 -17.09
CA ALA A 20 9.17 0.84 -16.18
C ALA A 20 10.09 -0.38 -15.93
N SER A 21 9.51 -1.42 -15.33
CA SER A 21 10.14 -2.66 -14.85
C SER A 21 11.15 -2.55 -13.69
N LEU A 22 11.24 -3.66 -12.98
CA LEU A 22 11.94 -3.90 -11.72
C LEU A 22 13.16 -4.83 -11.93
N PRO A 23 14.04 -4.97 -10.92
CA PRO A 23 15.21 -5.83 -11.07
C PRO A 23 14.81 -7.31 -11.01
N ALA A 24 15.61 -8.14 -11.68
CA ALA A 24 15.31 -9.55 -11.92
C ALA A 24 15.08 -10.34 -10.62
N GLU A 25 15.78 -9.97 -9.55
CA GLU A 25 15.62 -10.49 -8.20
C GLU A 25 14.23 -10.31 -7.58
N LEU A 26 13.43 -9.30 -7.95
CA LEU A 26 12.03 -9.19 -7.53
C LEU A 26 11.15 -10.06 -8.42
N ILE A 27 11.42 -9.98 -9.73
CA ILE A 27 10.76 -10.78 -10.77
C ILE A 27 10.88 -12.28 -10.46
N ASN A 28 11.98 -12.71 -9.83
CA ASN A 28 12.20 -14.12 -9.48
C ASN A 28 11.26 -14.62 -8.37
N GLN A 29 10.61 -13.71 -7.63
CA GLN A 29 9.76 -14.01 -6.47
C GLN A 29 8.26 -14.07 -6.81
N ILE A 30 7.87 -13.43 -7.92
CA ILE A 30 6.47 -13.18 -8.31
C ILE A 30 6.15 -13.46 -9.79
N GLY A 31 7.02 -13.09 -10.73
CA GLY A 31 6.71 -13.09 -12.17
C GLY A 31 5.42 -12.34 -12.53
N ASN A 32 4.66 -12.84 -13.51
CA ASN A 32 3.41 -12.23 -13.99
C ASN A 32 2.20 -12.36 -13.04
N ARG A 33 2.38 -12.93 -11.83
CA ARG A 33 1.35 -13.05 -10.78
C ARG A 33 0.90 -11.70 -10.23
N CYS A 34 1.80 -10.71 -10.24
CA CYS A 34 1.64 -9.42 -9.58
C CYS A 34 1.58 -8.25 -10.59
N HIS A 35 0.48 -8.18 -11.36
CA HIS A 35 0.11 -7.04 -12.21
C HIS A 35 1.21 -6.55 -13.19
N PRO A 36 1.47 -7.28 -14.30
CA PRO A 36 2.63 -7.07 -15.19
C PRO A 36 2.74 -5.69 -15.87
N LYS A 37 1.76 -4.79 -15.72
CA LYS A 37 1.86 -3.36 -16.11
C LYS A 37 3.01 -2.60 -15.44
N LEU A 38 3.46 -3.10 -14.28
CA LEU A 38 4.69 -2.66 -13.61
C LEU A 38 5.96 -3.01 -14.41
N TYR A 39 5.88 -3.98 -15.32
CA TYR A 39 6.98 -4.42 -16.20
C TYR A 39 6.82 -3.88 -17.63
N ASP A 40 5.59 -3.59 -18.06
CA ASP A 40 5.26 -3.02 -19.37
C ASP A 40 5.67 -1.55 -19.47
N GLU A 41 6.37 -1.17 -20.54
CA GLU A 41 6.75 0.22 -20.76
C GLU A 41 5.54 1.12 -21.08
N GLY A 42 5.51 2.22 -20.35
CA GLY A 42 4.51 3.29 -20.46
C GLY A 42 4.74 4.38 -19.41
N ASP A 43 3.87 5.40 -19.40
CA ASP A 43 3.99 6.56 -18.52
C ASP A 43 3.91 6.17 -17.03
N PRO A 44 4.95 6.43 -16.20
CA PRO A 44 4.90 6.18 -14.76
C PRO A 44 3.84 7.00 -14.00
N SER A 45 3.39 8.13 -14.56
CA SER A 45 2.30 8.95 -13.99
C SER A 45 0.89 8.47 -14.36
N GLU A 46 0.75 7.48 -15.25
CA GLU A 46 -0.54 6.87 -15.58
C GLU A 46 -1.09 6.01 -14.42
N LYS A 47 -2.41 5.89 -14.30
CA LYS A 47 -3.08 5.05 -13.30
C LYS A 47 -3.25 3.59 -13.78
N LEU A 48 -3.21 2.66 -12.82
CA LEU A 48 -3.29 1.21 -12.99
C LEU A 48 -4.44 0.66 -12.12
N GLU A 49 -5.27 -0.22 -12.68
CA GLU A 49 -6.40 -0.83 -11.97
C GLU A 49 -5.90 -1.92 -11.00
N LEU A 50 -5.95 -1.65 -9.69
CA LEU A 50 -5.44 -2.59 -8.69
C LEU A 50 -6.25 -3.89 -8.66
N VAL A 51 -7.59 -3.79 -8.59
CA VAL A 51 -8.53 -4.92 -8.65
C VAL A 51 -9.76 -4.51 -9.47
N THR A 52 -10.02 -5.22 -10.56
CA THR A 52 -11.14 -4.99 -11.50
C THR A 52 -12.50 -4.91 -10.82
N GLY A 53 -12.80 -5.88 -9.94
CA GLY A 53 -14.04 -5.97 -9.16
C GLY A 53 -14.33 -4.77 -8.24
N THR A 54 -13.33 -3.93 -7.93
CA THR A 54 -13.47 -2.73 -7.09
C THR A 54 -13.48 -1.41 -7.88
N ASN A 55 -12.97 -1.42 -9.12
CA ASN A 55 -12.69 -0.23 -9.94
C ASN A 55 -11.78 0.81 -9.24
N VAL A 56 -10.82 0.34 -8.43
CA VAL A 56 -9.87 1.17 -7.69
C VAL A 56 -8.54 1.23 -8.44
N TYR A 57 -8.11 2.45 -8.75
CA TYR A 57 -6.87 2.74 -9.46
C TYR A 57 -5.81 3.42 -8.57
N ILE A 58 -4.54 3.22 -8.91
CA ILE A 58 -3.35 3.82 -8.28
C ILE A 58 -2.30 4.18 -9.34
N THR A 59 -1.55 5.26 -9.14
CA THR A 59 -0.47 5.70 -10.06
C THR A 59 0.61 4.61 -10.18
N ARG A 60 1.08 4.32 -11.41
CA ARG A 60 2.09 3.27 -11.67
C ARG A 60 3.34 3.46 -10.82
N ALA A 61 3.92 4.66 -10.83
CA ALA A 61 5.11 5.00 -10.03
C ALA A 61 4.92 4.74 -8.52
N GLN A 62 3.71 4.95 -7.98
CA GLN A 62 3.39 4.67 -6.58
C GLN A 62 3.32 3.16 -6.31
N LEU A 63 2.60 2.40 -7.16
CA LEU A 63 2.51 0.94 -7.05
C LEU A 63 3.90 0.27 -7.18
N MET A 64 4.76 0.80 -8.07
CA MET A 64 6.15 0.36 -8.24
C MET A 64 7.01 0.70 -7.03
N ASN A 65 6.89 1.92 -6.49
CA ASN A 65 7.57 2.32 -5.25
C ASN A 65 7.18 1.41 -4.07
N CYS A 66 5.90 1.08 -3.93
CA CYS A 66 5.43 0.07 -2.97
C CYS A 66 6.12 -1.29 -3.18
N HIS A 67 6.20 -1.79 -4.42
CA HIS A 67 6.80 -3.09 -4.74
C HIS A 67 8.34 -3.17 -4.63
N VAL A 68 9.09 -2.07 -4.77
CA VAL A 68 10.55 -2.08 -4.49
C VAL A 68 10.85 -1.98 -2.99
N SER A 69 9.98 -1.29 -2.25
CA SER A 69 10.11 -1.09 -0.79
C SER A 69 9.67 -2.32 0.02
N ALA A 70 8.69 -3.07 -0.49
CA ALA A 70 8.16 -4.30 0.10
C ALA A 70 8.59 -5.60 -0.61
N GLY A 71 9.45 -5.50 -1.63
CA GLY A 71 9.77 -6.58 -2.59
C GLY A 71 10.31 -7.91 -2.03
N THR A 72 10.78 -7.94 -0.78
CA THR A 72 11.34 -9.13 -0.10
C THR A 72 10.56 -9.54 1.16
N ARG A 73 9.39 -8.95 1.39
CA ARG A 73 8.46 -9.20 2.52
C ARG A 73 6.99 -9.27 2.01
N HIS A 74 6.01 -9.15 2.91
CA HIS A 74 4.57 -9.02 2.60
C HIS A 74 3.85 -8.04 3.55
N LYS A 75 4.14 -8.09 4.86
CA LYS A 75 3.49 -7.27 5.92
C LYS A 75 3.77 -5.76 5.84
N VAL A 76 4.69 -5.35 4.94
CA VAL A 76 4.99 -3.94 4.61
C VAL A 76 4.27 -3.45 3.36
N LEU A 77 3.95 -4.30 2.36
CA LEU A 77 3.08 -3.91 1.26
C LEU A 77 1.68 -3.50 1.77
N LEU A 78 1.21 -4.20 2.81
CA LEU A 78 -0.03 -3.92 3.55
C LEU A 78 0.00 -2.58 4.31
N ARG A 79 1.16 -1.92 4.43
CA ARG A 79 1.34 -0.57 4.96
C ARG A 79 1.56 0.46 3.85
N ARG A 80 2.48 0.18 2.92
CA ARG A 80 2.84 1.02 1.77
C ARG A 80 1.63 1.30 0.85
N LEU A 81 0.97 0.25 0.36
CA LEU A 81 -0.15 0.35 -0.56
C LEU A 81 -1.43 0.88 0.11
N LEU A 82 -1.58 0.65 1.42
CA LEU A 82 -2.67 1.13 2.26
C LEU A 82 -2.56 2.64 2.49
N ALA A 83 -1.37 3.13 2.89
CA ALA A 83 -1.07 4.56 3.01
C ALA A 83 -1.17 5.30 1.67
N SER A 84 -0.85 4.62 0.56
CA SER A 84 -1.04 5.15 -0.81
C SER A 84 -2.50 5.46 -1.17
N PHE A 85 -3.48 4.96 -0.41
CA PHE A 85 -4.89 5.36 -0.51
C PHE A 85 -5.33 6.28 0.63
N PHE A 86 -5.02 5.92 1.89
CA PHE A 86 -5.46 6.68 3.07
C PHE A 86 -4.36 7.60 3.60
N ASP A 87 -4.48 8.90 3.28
CA ASP A 87 -3.66 9.97 3.87
C ASP A 87 -4.03 10.20 5.35
N ARG A 88 -3.10 10.77 6.14
CA ARG A 88 -3.29 11.07 7.57
C ARG A 88 -4.47 12.01 7.91
N ASN A 89 -5.04 12.69 6.91
CA ASN A 89 -6.27 13.48 7.04
C ASN A 89 -7.54 12.60 7.18
N THR A 90 -7.46 11.28 6.91
CA THR A 90 -8.51 10.28 7.14
C THR A 90 -7.93 9.02 7.83
N LEU A 91 -8.72 7.94 7.92
CA LEU A 91 -8.45 6.65 8.60
C LEU A 91 -8.27 6.74 10.12
N ALA A 92 -7.69 7.82 10.66
CA ALA A 92 -7.66 8.14 12.09
C ALA A 92 -9.00 8.74 12.60
N ASN A 93 -9.90 9.12 11.68
CA ASN A 93 -11.30 9.47 11.97
C ASN A 93 -12.10 8.17 12.24
N SER A 94 -11.86 7.12 11.44
CA SER A 94 -12.32 5.76 11.70
C SER A 94 -11.51 5.12 12.84
N CYS A 95 -11.92 3.93 13.29
CA CYS A 95 -11.13 3.09 14.19
C CYS A 95 -10.04 2.31 13.44
N GLY A 96 -10.17 2.18 12.11
CA GLY A 96 -9.37 1.31 11.24
C GLY A 96 -10.30 0.67 10.20
N THR A 97 -10.48 -0.64 10.30
CA THR A 97 -11.48 -1.43 9.55
C THR A 97 -12.10 -2.52 10.45
N GLY A 98 -13.01 -3.34 9.92
CA GLY A 98 -13.72 -4.40 10.65
C GLY A 98 -14.87 -3.91 11.52
N ILE A 99 -15.38 -2.70 11.26
CA ILE A 99 -16.55 -2.12 11.94
C ILE A 99 -17.82 -2.67 11.29
N ARG A 100 -18.70 -3.29 12.10
CA ARG A 100 -19.88 -4.05 11.65
C ARG A 100 -21.18 -3.27 11.80
N SER A 101 -21.43 -2.71 13.00
CA SER A 101 -22.65 -2.02 13.43
C SER A 101 -23.96 -2.81 13.19
N SER A 102 -24.51 -3.40 14.24
CA SER A 102 -25.77 -4.18 14.19
C SER A 102 -27.03 -3.33 13.94
N THR A 103 -26.91 -2.00 14.04
CA THR A 103 -27.94 -1.00 13.67
C THR A 103 -27.63 -0.27 12.36
N ASN A 104 -26.49 -0.59 11.71
CA ASN A 104 -25.94 0.11 10.53
C ASN A 104 -25.83 1.64 10.73
N ASP A 105 -25.43 2.08 11.92
CA ASP A 105 -25.32 3.47 12.34
C ASP A 105 -24.15 3.70 13.33
N PRO A 106 -22.89 3.52 12.89
CA PRO A 106 -21.70 3.68 13.72
C PRO A 106 -21.46 5.15 14.10
N ARG A 107 -20.66 5.32 15.16
CA ARG A 107 -20.22 6.62 15.71
C ARG A 107 -19.29 7.39 14.77
N ARG A 108 -18.39 6.66 14.10
CA ARG A 108 -17.37 7.16 13.17
C ARG A 108 -17.94 7.42 11.77
N LYS A 109 -17.19 8.20 11.00
CA LYS A 109 -17.55 8.68 9.65
C LYS A 109 -17.33 7.60 8.58
N PRO A 110 -18.06 7.64 7.45
CA PRO A 110 -17.88 6.68 6.36
C PRO A 110 -16.49 6.78 5.73
N LEU A 111 -15.67 5.75 5.93
CA LEU A 111 -14.35 5.56 5.32
C LEU A 111 -14.51 5.16 3.83
N ASP A 112 -13.48 5.39 3.01
CA ASP A 112 -13.47 5.00 1.59
C ASP A 112 -13.13 3.52 1.41
N SER A 113 -13.90 2.66 2.08
CA SER A 113 -13.62 1.24 2.29
C SER A 113 -13.61 0.36 1.05
N ARG A 114 -14.02 0.89 -0.11
CA ARG A 114 -13.88 0.24 -1.43
C ARG A 114 -12.42 -0.08 -1.76
N VAL A 115 -11.45 0.66 -1.18
CA VAL A 115 -10.01 0.45 -1.47
C VAL A 115 -9.40 -0.65 -0.60
N LEU A 116 -9.88 -0.82 0.64
CA LEU A 116 -9.42 -1.84 1.59
C LEU A 116 -9.53 -3.25 1.01
N HIS A 117 -10.69 -3.59 0.43
CA HIS A 117 -10.88 -4.88 -0.24
C HIS A 117 -9.77 -5.15 -1.27
N ALA A 118 -9.44 -4.15 -2.11
CA ALA A 118 -8.46 -4.32 -3.16
C ALA A 118 -7.03 -4.51 -2.61
N VAL A 119 -6.52 -3.64 -1.72
CA VAL A 119 -5.19 -3.81 -1.10
C VAL A 119 -5.09 -5.12 -0.32
N LYS A 120 -6.07 -5.48 0.53
CA LYS A 120 -6.04 -6.75 1.29
C LYS A 120 -5.93 -7.97 0.37
N TYR A 121 -6.84 -8.10 -0.60
CA TYR A 121 -6.84 -9.19 -1.58
C TYR A 121 -5.53 -9.20 -2.41
N TYR A 122 -5.09 -8.05 -2.92
CA TYR A 122 -3.92 -7.95 -3.78
C TYR A 122 -2.62 -8.27 -3.01
N CYS A 123 -2.54 -7.89 -1.74
CA CYS A 123 -1.46 -8.30 -0.83
C CYS A 123 -1.51 -9.81 -0.50
N GLN A 124 -2.71 -10.39 -0.40
CA GLN A 124 -2.87 -11.85 -0.24
C GLN A 124 -2.38 -12.62 -1.49
N ASN A 125 -2.49 -12.02 -2.68
CA ASN A 125 -1.88 -12.54 -3.91
C ASN A 125 -0.35 -12.41 -3.93
N PHE A 126 0.18 -11.31 -3.41
CA PHE A 126 1.62 -11.12 -3.23
C PHE A 126 2.25 -12.00 -2.14
N ALA A 127 1.45 -12.48 -1.19
CA ALA A 127 1.87 -13.28 -0.04
C ALA A 127 1.81 -14.80 -0.32
N PRO A 128 2.57 -15.64 0.43
CA PRO A 128 2.53 -17.10 0.27
C PRO A 128 1.25 -17.72 0.87
N ASN A 129 0.89 -17.35 2.11
CA ASN A 129 -0.26 -17.91 2.84
C ASN A 129 -0.78 -16.97 3.98
N PHE A 130 -0.63 -15.65 3.81
CA PHE A 130 -0.88 -14.68 4.89
C PHE A 130 -2.36 -14.38 5.13
N LYS A 131 -2.80 -14.44 6.40
CA LYS A 131 -4.23 -14.33 6.80
C LYS A 131 -4.78 -12.91 6.67
N GLU A 132 -6.11 -12.78 6.53
CA GLU A 132 -6.76 -11.46 6.45
C GLU A 132 -6.91 -10.79 7.82
N SER A 133 -6.91 -11.55 8.93
CA SER A 133 -7.05 -10.98 10.28
C SER A 133 -5.85 -10.09 10.67
N GLU A 134 -4.66 -10.39 10.11
CA GLU A 134 -3.49 -9.51 10.19
C GLU A 134 -3.69 -8.25 9.34
N MET A 135 -4.18 -8.39 8.11
CA MET A 135 -4.44 -7.28 7.18
C MET A 135 -5.41 -6.23 7.75
N ASN A 136 -6.50 -6.69 8.38
CA ASN A 136 -7.47 -5.81 9.05
C ASN A 136 -6.87 -5.13 10.30
N ALA A 137 -5.95 -5.79 11.01
CA ALA A 137 -5.24 -5.20 12.15
C ALA A 137 -4.20 -4.15 11.73
N ILE A 138 -3.54 -4.33 10.58
CA ILE A 138 -2.58 -3.36 10.00
C ILE A 138 -3.27 -2.04 9.64
N ALA A 139 -4.45 -2.07 9.02
CA ALA A 139 -5.26 -0.86 8.80
C ALA A 139 -5.61 -0.10 10.10
N ALA A 140 -5.74 -0.82 11.22
CA ALA A 140 -5.94 -0.27 12.57
C ALA A 140 -4.63 0.09 13.32
N ASP A 141 -3.46 -0.18 12.73
CA ASP A 141 -2.12 0.15 13.23
C ASP A 141 -1.49 1.34 12.47
N MET A 142 -1.83 1.52 11.18
CA MET A 142 -1.31 2.59 10.32
C MET A 142 -1.91 3.98 10.63
N CYS A 143 -2.91 4.06 11.50
CA CYS A 143 -3.47 5.27 12.09
C CYS A 143 -3.86 5.00 13.54
N THR A 144 -3.87 6.04 14.38
CA THR A 144 -4.40 6.00 15.74
C THR A 144 -5.91 5.78 15.73
N ASN A 145 -6.41 4.98 16.68
CA ASN A 145 -7.79 4.48 16.67
C ASN A 145 -8.83 5.52 17.13
N ALA A 146 -8.39 6.56 17.85
CA ALA A 146 -9.17 7.74 18.21
C ALA A 146 -8.31 9.01 18.11
N ARG A 147 -8.87 10.08 17.55
CA ARG A 147 -8.20 11.36 17.25
C ARG A 147 -9.21 12.51 17.14
N ARG A 148 -8.75 13.75 17.29
CA ARG A 148 -9.56 14.97 17.07
C ARG A 148 -9.90 15.28 15.60
N VAL A 149 -9.41 14.46 14.66
CA VAL A 149 -9.62 14.59 13.21
C VAL A 149 -10.98 14.10 12.72
N VAL A 150 -11.83 13.57 13.62
CA VAL A 150 -13.21 13.12 13.36
C VAL A 150 -14.21 14.29 13.33
N ARG A 151 -13.83 15.34 12.58
CA ARG A 151 -14.47 16.66 12.45
C ARG A 151 -15.91 16.58 11.94
N LYS A 152 -16.79 17.47 12.42
CA LYS A 152 -18.19 17.58 11.96
C LYS A 152 -18.28 18.12 10.52
N SER A 153 -19.27 17.64 9.77
CA SER A 153 -19.60 18.08 8.40
C SER A 153 -21.02 18.66 8.33
N TRP A 154 -21.27 19.59 7.41
CA TRP A 154 -22.54 20.31 7.29
C TRP A 154 -23.69 19.39 6.81
N MET A 155 -23.46 18.63 5.73
CA MET A 155 -24.37 17.62 5.15
C MET A 155 -25.85 18.07 5.13
N PRO A 156 -26.20 19.10 4.34
CA PRO A 156 -27.54 19.69 4.29
C PRO A 156 -28.59 18.69 3.77
N LYS A 157 -29.74 18.65 4.45
CA LYS A 157 -30.84 17.68 4.25
C LYS A 157 -32.17 18.18 4.85
N VAL A 158 -33.27 17.53 4.46
CA VAL A 158 -34.64 17.78 4.97
C VAL A 158 -35.28 16.44 5.39
N LYS A 159 -36.02 16.44 6.50
CA LYS A 159 -36.71 15.27 7.06
C LYS A 159 -38.06 15.64 7.67
N VAL A 160 -39.07 14.79 7.47
CA VAL A 160 -40.43 14.88 7.99
C VAL A 160 -40.85 13.60 8.72
N LEU A 161 -41.86 13.69 9.59
CA LEU A 161 -42.43 12.52 10.28
C LEU A 161 -43.25 11.61 9.34
N LYS A 162 -43.41 10.34 9.75
CA LYS A 162 -44.18 9.31 9.03
C LYS A 162 -44.77 8.25 9.98
N ALA A 163 -45.67 7.41 9.47
CA ALA A 163 -46.14 6.21 10.16
C ALA A 163 -45.13 5.06 9.98
N GLU A 164 -44.87 4.28 11.03
CA GLU A 164 -43.93 3.15 11.06
C GLU A 164 -44.38 2.02 12.00
N LEU A 1 57.39 4.76 4.12
CA LEU A 1 56.14 4.61 4.91
C LEU A 1 54.95 4.33 3.97
N PRO A 2 54.09 3.32 4.25
CA PRO A 2 52.92 3.01 3.42
C PRO A 2 51.90 4.16 3.32
N GLU A 3 51.16 4.19 2.21
CA GLU A 3 50.09 5.16 1.92
C GLU A 3 48.68 4.58 2.18
N GLN A 4 47.69 5.47 2.34
CA GLN A 4 46.26 5.15 2.51
C GLN A 4 45.38 6.08 1.68
N VAL A 5 44.21 5.60 1.24
CA VAL A 5 43.23 6.35 0.42
C VAL A 5 41.79 5.94 0.76
N ALA A 6 40.85 6.88 0.64
CA ALA A 6 39.41 6.64 0.85
C ALA A 6 38.75 5.94 -0.36
N PRO A 7 37.67 5.14 -0.16
CA PRO A 7 36.97 4.46 -1.25
C PRO A 7 36.14 5.41 -2.13
N GLU A 8 35.71 6.56 -1.59
CA GLU A 8 35.03 7.65 -2.29
C GLU A 8 35.33 9.00 -1.60
N SER A 9 35.28 10.09 -2.36
CA SER A 9 35.56 11.45 -1.89
C SER A 9 34.35 12.12 -1.22
N ARG A 10 33.25 12.25 -1.96
CA ARG A 10 31.96 12.87 -1.55
C ARG A 10 30.76 12.14 -2.15
N ASN A 11 29.59 12.26 -1.51
CA ASN A 11 28.30 11.81 -2.03
C ASN A 11 27.87 12.69 -3.22
N ARG A 12 27.19 12.09 -4.20
CA ARG A 12 26.75 12.72 -5.47
C ARG A 12 25.51 12.05 -6.07
N ILE A 13 24.87 12.77 -6.99
CA ILE A 13 23.65 12.35 -7.71
C ILE A 13 24.03 11.90 -9.12
N ARG A 14 23.41 10.80 -9.60
CA ARG A 14 23.76 10.10 -10.85
C ARG A 14 22.56 9.92 -11.78
N VAL A 15 22.83 9.69 -13.07
CA VAL A 15 21.83 9.57 -14.16
C VAL A 15 21.38 8.11 -14.40
N ARG A 16 21.32 7.31 -13.33
CA ARG A 16 20.90 5.89 -13.33
C ARG A 16 19.38 5.72 -13.44
N GLN A 17 18.93 4.47 -13.60
CA GLN A 17 17.55 4.00 -13.75
C GLN A 17 16.80 4.61 -14.96
N ASP A 18 15.54 4.17 -15.16
CA ASP A 18 14.68 4.47 -16.31
C ASP A 18 13.24 4.84 -15.85
N LEU A 19 12.31 5.06 -16.78
CA LEU A 19 10.90 5.41 -16.50
C LEU A 19 10.19 4.30 -15.71
N ALA A 20 10.44 3.04 -16.10
CA ALA A 20 9.87 1.85 -15.49
C ALA A 20 10.82 0.63 -15.52
N SER A 21 10.31 -0.52 -15.05
CA SER A 21 11.00 -1.80 -14.83
C SER A 21 12.06 -1.82 -13.72
N LEU A 22 12.14 -2.99 -13.07
CA LEU A 22 12.89 -3.29 -11.84
C LEU A 22 14.11 -4.18 -12.12
N PRO A 23 15.04 -4.32 -11.15
CA PRO A 23 16.21 -5.17 -11.34
C PRO A 23 15.84 -6.65 -11.25
N ALA A 24 16.64 -7.49 -11.92
CA ALA A 24 16.37 -8.93 -12.12
C ALA A 24 16.18 -9.69 -10.80
N GLU A 25 16.84 -9.24 -9.74
CA GLU A 25 16.75 -9.77 -8.38
C GLU A 25 15.39 -9.58 -7.70
N LEU A 26 14.58 -8.57 -8.07
CA LEU A 26 13.18 -8.47 -7.62
C LEU A 26 12.31 -9.38 -8.49
N ILE A 27 12.54 -9.32 -9.80
CA ILE A 27 11.87 -10.14 -10.82
C ILE A 27 11.99 -11.63 -10.47
N ASN A 28 13.09 -12.05 -9.81
CA ASN A 28 13.29 -13.43 -9.37
C ASN A 28 12.35 -13.86 -8.21
N GLN A 29 11.69 -12.91 -7.55
CA GLN A 29 10.85 -13.11 -6.35
C GLN A 29 9.36 -12.89 -6.62
N ILE A 30 9.05 -11.93 -7.50
CA ILE A 30 7.71 -11.38 -7.75
C ILE A 30 7.30 -11.30 -9.22
N GLY A 31 8.23 -11.46 -10.16
CA GLY A 31 7.93 -11.62 -11.59
C GLY A 31 6.89 -12.72 -11.83
N ASN A 32 5.98 -12.49 -12.78
CA ASN A 32 4.79 -13.30 -13.09
C ASN A 32 3.82 -13.56 -11.89
N ARG A 33 3.98 -12.86 -10.76
CA ARG A 33 3.13 -12.95 -9.55
C ARG A 33 2.53 -11.59 -9.19
N CYS A 34 3.35 -10.54 -9.34
CA CYS A 34 2.99 -9.13 -9.28
C CYS A 34 2.18 -8.67 -10.52
N HIS A 35 1.61 -7.46 -10.46
CA HIS A 35 1.00 -6.80 -11.62
C HIS A 35 2.08 -6.52 -12.71
N PRO A 36 1.76 -6.54 -14.02
CA PRO A 36 2.79 -6.52 -15.07
C PRO A 36 3.27 -5.13 -15.50
N LYS A 37 2.45 -4.09 -15.33
CA LYS A 37 2.72 -2.70 -15.78
C LYS A 37 3.94 -2.03 -15.14
N LEU A 38 4.35 -2.57 -13.99
CA LEU A 38 5.60 -2.19 -13.32
C LEU A 38 6.84 -2.47 -14.20
N TYR A 39 6.73 -3.40 -15.16
CA TYR A 39 7.78 -3.78 -16.10
C TYR A 39 7.56 -3.22 -17.53
N ASP A 40 6.51 -2.41 -17.73
CA ASP A 40 6.10 -1.85 -19.02
C ASP A 40 6.71 -0.46 -19.27
N GLU A 41 7.39 -0.32 -20.40
CA GLU A 41 7.98 0.95 -20.87
C GLU A 41 6.88 1.96 -21.25
N GLY A 42 6.67 2.97 -20.41
CA GLY A 42 5.60 3.95 -20.57
C GLY A 42 5.61 5.04 -19.49
N ASP A 43 4.52 5.81 -19.43
CA ASP A 43 4.35 6.95 -18.53
C ASP A 43 4.32 6.52 -17.04
N PRO A 44 5.24 6.99 -16.17
CA PRO A 44 5.18 6.69 -14.73
C PRO A 44 3.89 7.19 -14.05
N SER A 45 3.26 8.21 -14.64
CA SER A 45 1.99 8.82 -14.19
C SER A 45 0.72 8.04 -14.59
N GLU A 46 0.83 6.98 -15.39
CA GLU A 46 -0.31 6.15 -15.83
C GLU A 46 -0.96 5.43 -14.64
N LYS A 47 -2.28 5.59 -14.45
CA LYS A 47 -3.05 4.83 -13.45
C LYS A 47 -3.31 3.39 -13.89
N LEU A 48 -3.31 2.48 -12.92
CA LEU A 48 -3.47 1.04 -13.08
C LEU A 48 -4.65 0.59 -12.21
N GLU A 49 -5.58 -0.21 -12.75
CA GLU A 49 -6.63 -0.81 -11.93
C GLU A 49 -6.03 -1.94 -11.08
N LEU A 50 -6.02 -1.78 -9.76
CA LEU A 50 -5.41 -2.74 -8.84
C LEU A 50 -6.11 -4.11 -8.88
N VAL A 51 -7.45 -4.11 -8.94
CA VAL A 51 -8.31 -5.29 -8.92
C VAL A 51 -9.49 -5.07 -9.86
N THR A 52 -9.74 -6.01 -10.77
CA THR A 52 -10.81 -5.93 -11.76
C THR A 52 -12.19 -5.73 -11.11
N GLY A 53 -13.00 -4.85 -11.68
CA GLY A 53 -14.38 -4.56 -11.24
C GLY A 53 -14.48 -3.59 -10.06
N THR A 54 -13.45 -3.49 -9.20
CA THR A 54 -13.43 -2.56 -8.06
C THR A 54 -13.31 -1.09 -8.51
N ASN A 55 -12.80 -0.85 -9.73
CA ASN A 55 -12.47 0.47 -10.26
C ASN A 55 -11.53 1.27 -9.33
N VAL A 56 -10.60 0.58 -8.66
CA VAL A 56 -9.61 1.16 -7.74
C VAL A 56 -8.31 1.37 -8.49
N TYR A 57 -7.95 2.64 -8.72
CA TYR A 57 -6.82 3.04 -9.56
C TYR A 57 -5.66 3.63 -8.76
N ILE A 58 -4.43 3.21 -9.09
CA ILE A 58 -3.18 3.67 -8.49
C ILE A 58 -2.13 3.96 -9.57
N THR A 59 -1.36 5.03 -9.38
CA THR A 59 -0.28 5.47 -10.28
C THR A 59 0.82 4.42 -10.39
N ARG A 60 1.32 4.13 -11.60
CA ARG A 60 2.42 3.15 -11.84
C ARG A 60 3.61 3.43 -10.92
N ALA A 61 4.12 4.65 -10.90
CA ALA A 61 5.24 5.06 -10.05
C ALA A 61 5.00 4.77 -8.55
N GLN A 62 3.77 4.87 -8.06
CA GLN A 62 3.42 4.55 -6.68
C GLN A 62 3.37 3.04 -6.42
N LEU A 63 2.71 2.26 -7.28
CA LEU A 63 2.66 0.81 -7.15
C LEU A 63 4.07 0.18 -7.27
N MET A 64 4.94 0.77 -8.12
CA MET A 64 6.37 0.45 -8.19
C MET A 64 7.09 0.79 -6.88
N ASN A 65 6.89 2.00 -6.34
CA ASN A 65 7.44 2.42 -5.04
C ASN A 65 7.00 1.50 -3.89
N CYS A 66 5.80 0.92 -3.96
CA CYS A 66 5.35 -0.12 -3.04
C CYS A 66 6.16 -1.42 -3.25
N HIS A 67 6.31 -1.89 -4.48
CA HIS A 67 6.96 -3.18 -4.78
C HIS A 67 8.50 -3.21 -4.67
N VAL A 68 9.21 -2.08 -4.77
CA VAL A 68 10.68 -2.05 -4.51
C VAL A 68 11.00 -2.12 -3.02
N SER A 69 10.03 -1.71 -2.20
CA SER A 69 10.08 -1.74 -0.74
C SER A 69 9.58 -3.07 -0.17
N ALA A 70 8.46 -3.56 -0.71
CA ALA A 70 7.76 -4.76 -0.25
C ALA A 70 8.11 -6.04 -1.01
N GLY A 71 9.00 -5.98 -2.00
CA GLY A 71 9.39 -7.11 -2.86
C GLY A 71 9.90 -8.37 -2.11
N THR A 72 10.33 -8.21 -0.85
CA THR A 72 10.73 -9.31 0.04
C THR A 72 9.72 -9.65 1.16
N ARG A 73 8.78 -8.75 1.50
CA ARG A 73 7.78 -8.90 2.59
C ARG A 73 6.38 -8.47 2.15
N HIS A 74 5.42 -9.40 2.19
CA HIS A 74 4.01 -9.14 1.84
C HIS A 74 3.26 -8.28 2.88
N LYS A 75 3.69 -8.30 4.16
CA LYS A 75 3.13 -7.47 5.23
C LYS A 75 3.51 -5.98 5.08
N VAL A 76 4.63 -5.71 4.40
CA VAL A 76 5.04 -4.34 4.01
C VAL A 76 4.22 -3.87 2.81
N LEU A 77 3.88 -4.75 1.86
CA LEU A 77 3.11 -4.42 0.66
C LEU A 77 1.72 -3.86 1.03
N LEU A 78 1.05 -4.57 1.94
CA LEU A 78 -0.21 -4.20 2.57
C LEU A 78 -0.17 -2.77 3.15
N ARG A 79 0.85 -2.46 3.96
CA ARG A 79 1.03 -1.12 4.57
C ARG A 79 1.33 -0.06 3.51
N ARG A 80 2.27 -0.32 2.59
CA ARG A 80 2.65 0.58 1.50
C ARG A 80 1.47 0.97 0.61
N LEU A 81 0.66 0.02 0.13
CA LEU A 81 -0.54 0.32 -0.65
C LEU A 81 -1.55 1.14 0.16
N LEU A 82 -1.89 0.70 1.38
CA LEU A 82 -2.88 1.37 2.23
C LEU A 82 -2.52 2.83 2.54
N ALA A 83 -1.25 3.08 2.89
CA ALA A 83 -0.70 4.42 3.08
C ALA A 83 -0.62 5.27 1.80
N SER A 84 -0.75 4.66 0.61
CA SER A 84 -0.79 5.37 -0.68
C SER A 84 -2.21 5.79 -1.09
N PHE A 85 -3.23 5.02 -0.70
CA PHE A 85 -4.63 5.31 -1.00
C PHE A 85 -5.25 6.35 -0.03
N PHE A 86 -4.95 6.26 1.26
CA PHE A 86 -5.49 7.16 2.29
C PHE A 86 -4.43 8.15 2.81
N ASP A 87 -4.74 9.45 2.75
CA ASP A 87 -3.85 10.55 3.21
C ASP A 87 -4.57 11.65 4.01
N ARG A 88 -5.88 11.85 3.75
CA ARG A 88 -6.78 12.84 4.41
C ARG A 88 -7.09 12.56 5.89
N ASN A 89 -6.16 11.97 6.64
CA ASN A 89 -6.26 11.54 8.05
C ASN A 89 -7.35 10.50 8.38
N THR A 90 -8.26 10.16 7.45
CA THR A 90 -9.40 9.24 7.67
C THR A 90 -8.98 7.85 8.15
N LEU A 91 -7.86 7.31 7.64
CA LEU A 91 -7.31 6.00 8.02
C LEU A 91 -6.81 6.00 9.48
N ALA A 92 -6.22 7.10 9.94
CA ALA A 92 -5.77 7.29 11.31
C ALA A 92 -6.93 7.55 12.30
N ASN A 93 -7.94 8.31 11.85
CA ASN A 93 -9.08 8.72 12.67
C ASN A 93 -10.15 7.61 12.84
N SER A 94 -10.52 6.94 11.75
CA SER A 94 -11.66 6.03 11.69
C SER A 94 -11.27 4.55 11.82
N CYS A 95 -12.04 3.79 12.61
CA CYS A 95 -12.00 2.33 12.71
C CYS A 95 -12.77 1.68 11.54
N GLY A 96 -12.51 2.17 10.31
CA GLY A 96 -13.31 1.89 9.11
C GLY A 96 -13.09 0.54 8.41
N THR A 97 -12.34 -0.40 9.00
CA THR A 97 -12.26 -1.78 8.49
C THR A 97 -12.32 -2.84 9.60
N GLY A 98 -12.69 -4.07 9.23
CA GLY A 98 -12.99 -5.17 10.17
C GLY A 98 -14.33 -5.00 10.92
N ILE A 99 -15.22 -4.12 10.42
CA ILE A 99 -16.52 -3.77 11.01
C ILE A 99 -17.62 -3.96 9.95
N ARG A 100 -18.83 -4.32 10.38
CA ARG A 100 -20.05 -4.40 9.53
C ARG A 100 -21.21 -3.52 10.05
N SER A 101 -21.13 -3.02 11.28
CA SER A 101 -22.05 -2.04 11.88
C SER A 101 -22.13 -0.72 11.08
N SER A 102 -23.25 -0.01 11.21
CA SER A 102 -23.50 1.30 10.59
C SER A 102 -24.35 2.20 11.51
N THR A 103 -24.24 3.52 11.35
CA THR A 103 -24.90 4.55 12.18
C THR A 103 -25.53 5.66 11.34
N ASN A 104 -26.51 6.37 11.90
CA ASN A 104 -27.17 7.52 11.27
C ASN A 104 -26.33 8.82 11.33
N ASP A 105 -25.34 8.89 12.20
CA ASP A 105 -24.44 10.05 12.37
C ASP A 105 -23.00 9.60 12.73
N PRO A 106 -22.12 9.41 11.73
CA PRO A 106 -20.71 9.14 11.91
C PRO A 106 -19.99 10.35 12.55
N ARG A 107 -19.29 10.10 13.66
CA ARG A 107 -18.47 11.10 14.38
C ARG A 107 -17.00 11.08 13.97
N ARG A 108 -16.56 9.92 13.47
CA ARG A 108 -15.31 9.62 12.80
C ARG A 108 -15.44 9.82 11.28
N LYS A 109 -14.31 9.92 10.58
CA LYS A 109 -14.27 10.25 9.15
C LYS A 109 -14.69 9.08 8.24
N PRO A 110 -15.26 9.33 7.05
CA PRO A 110 -15.64 8.28 6.11
C PRO A 110 -14.41 7.64 5.47
N LEU A 111 -14.26 6.32 5.64
CA LEU A 111 -13.22 5.50 5.01
C LEU A 111 -13.78 4.79 3.76
N ASP A 112 -12.97 4.65 2.69
CA ASP A 112 -13.45 4.05 1.43
C ASP A 112 -13.20 2.54 1.38
N SER A 113 -14.21 1.78 1.82
CA SER A 113 -14.15 0.32 2.08
C SER A 113 -13.85 -0.53 0.84
N ARG A 114 -13.93 0.07 -0.35
CA ARG A 114 -13.68 -0.55 -1.66
C ARG A 114 -12.20 -0.55 -2.05
N VAL A 115 -11.43 0.45 -1.62
CA VAL A 115 -9.97 0.43 -1.80
C VAL A 115 -9.32 -0.48 -0.76
N LEU A 116 -9.89 -0.51 0.46
CA LEU A 116 -9.57 -1.51 1.49
C LEU A 116 -9.79 -2.93 0.96
N HIS A 117 -10.96 -3.20 0.36
CA HIS A 117 -11.25 -4.49 -0.27
C HIS A 117 -10.19 -4.84 -1.32
N ALA A 118 -9.92 -3.97 -2.30
CA ALA A 118 -8.94 -4.24 -3.35
C ALA A 118 -7.53 -4.50 -2.79
N VAL A 119 -6.97 -3.64 -1.93
CA VAL A 119 -5.66 -3.83 -1.29
C VAL A 119 -5.60 -5.13 -0.48
N LYS A 120 -6.60 -5.41 0.38
CA LYS A 120 -6.60 -6.62 1.22
C LYS A 120 -6.67 -7.90 0.38
N TYR A 121 -7.61 -7.97 -0.57
CA TYR A 121 -7.71 -9.07 -1.52
C TYR A 121 -6.43 -9.26 -2.36
N TYR A 122 -5.90 -8.18 -2.94
CA TYR A 122 -4.66 -8.19 -3.74
C TYR A 122 -3.46 -8.69 -2.93
N CYS A 123 -3.33 -8.24 -1.68
CA CYS A 123 -2.26 -8.69 -0.78
C CYS A 123 -2.44 -10.14 -0.31
N GLN A 124 -3.67 -10.61 -0.13
CA GLN A 124 -3.96 -12.00 0.21
C GLN A 124 -3.80 -12.95 -0.99
N ASN A 125 -3.93 -12.43 -2.22
CA ASN A 125 -3.59 -13.17 -3.45
C ASN A 125 -2.08 -13.29 -3.67
N PHE A 126 -1.35 -12.24 -3.33
CA PHE A 126 0.11 -12.23 -3.26
C PHE A 126 0.69 -13.07 -2.10
N ALA A 127 -0.11 -13.29 -1.04
CA ALA A 127 0.25 -14.04 0.15
C ALA A 127 -0.92 -14.91 0.67
N PRO A 128 -1.18 -16.09 0.07
CA PRO A 128 -2.31 -16.96 0.46
C PRO A 128 -2.18 -17.57 1.87
N ASN A 129 -0.98 -17.54 2.46
CA ASN A 129 -0.73 -17.93 3.86
C ASN A 129 -1.12 -16.81 4.88
N PHE A 130 -1.29 -15.56 4.42
CA PHE A 130 -1.68 -14.42 5.27
C PHE A 130 -3.21 -14.34 5.45
N LYS A 131 -3.65 -13.68 6.52
CA LYS A 131 -5.08 -13.57 6.92
C LYS A 131 -5.60 -12.14 6.98
N GLU A 132 -6.92 -11.97 6.93
CA GLU A 132 -7.54 -10.64 7.00
C GLU A 132 -7.58 -10.08 8.44
N SER A 133 -7.51 -10.94 9.46
CA SER A 133 -7.48 -10.52 10.87
C SER A 133 -6.19 -9.76 11.22
N GLU A 134 -5.09 -10.03 10.50
CA GLU A 134 -3.87 -9.22 10.56
C GLU A 134 -4.11 -7.89 9.85
N MET A 135 -4.67 -7.91 8.63
CA MET A 135 -4.94 -6.71 7.81
C MET A 135 -5.82 -5.68 8.53
N ASN A 136 -6.89 -6.14 9.18
CA ASN A 136 -7.84 -5.28 9.89
C ASN A 136 -7.25 -4.67 11.18
N ALA A 137 -6.26 -5.33 11.80
CA ALA A 137 -5.47 -4.76 12.89
C ALA A 137 -4.44 -3.74 12.36
N ILE A 138 -3.68 -4.11 11.33
CA ILE A 138 -2.65 -3.29 10.67
C ILE A 138 -3.21 -1.95 10.17
N ALA A 139 -4.40 -1.97 9.56
CA ALA A 139 -5.09 -0.76 9.10
C ALA A 139 -5.34 0.28 10.22
N ALA A 140 -5.57 -0.16 11.46
CA ALA A 140 -5.75 0.71 12.63
C ALA A 140 -4.45 0.96 13.43
N ASP A 141 -3.46 0.08 13.30
CA ASP A 141 -2.10 0.19 13.87
C ASP A 141 -1.24 1.30 13.22
N MET A 142 -1.55 1.67 11.97
CA MET A 142 -0.72 2.54 11.13
C MET A 142 -0.41 3.94 11.73
N CYS A 143 -1.26 4.44 12.62
CA CYS A 143 -1.05 5.66 13.41
C CYS A 143 -1.42 5.42 14.88
N THR A 144 -0.68 6.06 15.79
CA THR A 144 -0.88 5.99 17.25
C THR A 144 -2.04 6.85 17.75
N ASN A 145 -2.49 6.58 18.97
CA ASN A 145 -3.64 7.26 19.62
C ASN A 145 -3.28 8.62 20.25
N ALA A 146 -2.00 8.96 20.36
CA ALA A 146 -1.50 10.22 20.94
C ALA A 146 -1.85 11.46 20.07
N ARG A 147 -1.87 12.64 20.71
CA ARG A 147 -2.18 13.94 20.09
C ARG A 147 -1.30 15.08 20.64
N ARG A 148 -1.41 16.26 20.03
CA ARG A 148 -0.85 17.53 20.53
C ARG A 148 -1.93 18.58 20.73
N VAL A 149 -2.36 19.25 19.65
CA VAL A 149 -3.32 20.38 19.61
C VAL A 149 -3.09 21.45 20.70
N VAL A 150 -1.82 21.81 20.92
CA VAL A 150 -1.37 22.81 21.92
C VAL A 150 -1.37 24.24 21.33
N ARG A 151 -1.37 25.25 22.21
CA ARG A 151 -1.35 26.69 21.86
C ARG A 151 -0.28 27.47 22.65
N LYS A 152 0.17 28.60 22.09
CA LYS A 152 1.18 29.50 22.69
C LYS A 152 0.59 30.49 23.69
N SER A 153 1.44 31.04 24.57
CA SER A 153 1.09 32.00 25.63
C SER A 153 1.38 33.47 25.25
N TRP A 154 1.36 33.77 23.96
CA TRP A 154 1.74 35.08 23.39
C TRP A 154 0.68 36.17 23.60
N MET A 155 0.85 36.90 24.71
CA MET A 155 0.12 38.11 25.08
C MET A 155 1.13 39.19 25.55
N PRO A 156 1.83 39.89 24.63
CA PRO A 156 2.78 40.95 24.96
C PRO A 156 2.11 42.15 25.67
N LYS A 157 2.80 42.71 26.67
CA LYS A 157 2.36 43.87 27.48
C LYS A 157 3.53 44.85 27.74
N VAL A 158 3.21 46.10 28.05
CA VAL A 158 4.18 47.19 28.33
C VAL A 158 3.66 48.13 29.42
N LYS A 159 4.58 48.72 30.21
CA LYS A 159 4.31 49.70 31.26
C LYS A 159 5.41 50.78 31.29
N VAL A 160 5.02 52.03 31.55
CA VAL A 160 5.92 53.20 31.64
C VAL A 160 5.56 54.04 32.88
N LEU A 161 6.57 54.49 33.63
CA LEU A 161 6.39 55.32 34.82
C LEU A 161 6.06 56.78 34.46
N LYS A 162 4.98 57.33 35.02
CA LYS A 162 4.57 58.74 34.86
C LYS A 162 5.38 59.67 35.78
N ALA A 163 5.69 60.87 35.29
CA ALA A 163 6.31 61.96 36.04
C ALA A 163 5.63 63.32 35.70
N GLU A 164 5.76 64.30 36.59
CA GLU A 164 5.19 65.66 36.46
C GLU A 164 6.11 66.74 37.07
N LEU A 1 -23.06 -2.34 -9.70
CA LEU A 1 -23.34 -0.88 -9.71
C LEU A 1 -22.02 -0.09 -9.75
N PRO A 2 -21.98 1.09 -10.42
CA PRO A 2 -20.78 1.93 -10.51
C PRO A 2 -20.46 2.64 -9.18
N GLU A 3 -19.23 3.17 -9.08
CA GLU A 3 -18.73 3.97 -7.95
C GLU A 3 -17.89 5.15 -8.45
N GLN A 4 -17.92 6.28 -7.73
CA GLN A 4 -17.22 7.51 -8.09
C GLN A 4 -15.71 7.42 -7.80
N VAL A 5 -14.89 7.78 -8.79
CA VAL A 5 -13.43 7.88 -8.72
C VAL A 5 -12.92 9.04 -9.59
N ALA A 6 -11.77 9.63 -9.24
CA ALA A 6 -11.17 10.73 -9.98
C ALA A 6 -10.70 10.31 -11.40
N PRO A 7 -10.73 11.22 -12.40
CA PRO A 7 -10.30 10.90 -13.76
C PRO A 7 -8.77 10.69 -13.87
N GLU A 8 -7.99 11.40 -13.05
CA GLU A 8 -6.53 11.31 -12.95
C GLU A 8 -6.10 10.51 -11.69
N SER A 9 -4.81 10.52 -11.39
CA SER A 9 -4.18 9.91 -10.20
C SER A 9 -3.01 10.76 -9.67
N ARG A 10 -2.47 10.39 -8.50
CA ARG A 10 -1.34 11.01 -7.79
C ARG A 10 -0.02 10.82 -8.55
N ASN A 11 0.13 11.59 -9.61
CA ASN A 11 1.20 11.52 -10.60
C ASN A 11 2.59 11.86 -10.02
N ARG A 12 3.60 11.12 -10.46
CA ARG A 12 5.03 11.27 -10.11
C ARG A 12 5.93 10.66 -11.20
N ILE A 13 7.04 11.32 -11.50
CA ILE A 13 7.98 10.96 -12.58
C ILE A 13 9.41 10.88 -12.04
N ARG A 14 10.18 9.87 -12.48
CA ARG A 14 11.61 9.70 -12.19
C ARG A 14 12.46 10.08 -13.40
N VAL A 15 13.43 10.98 -13.22
CA VAL A 15 14.19 11.61 -14.32
C VAL A 15 15.27 10.70 -14.91
N ARG A 16 15.96 9.91 -14.05
CA ARG A 16 17.11 9.05 -14.41
C ARG A 16 16.77 7.56 -14.38
N GLN A 17 15.57 7.22 -14.85
CA GLN A 17 15.01 5.86 -14.90
C GLN A 17 14.20 5.62 -16.20
N ASP A 18 13.87 4.35 -16.43
CA ASP A 18 12.96 3.90 -17.49
C ASP A 18 11.48 4.13 -17.12
N LEU A 19 10.59 4.12 -18.12
CA LEU A 19 9.17 4.44 -17.95
C LEU A 19 8.42 3.42 -17.09
N ALA A 20 8.68 2.14 -17.36
CA ALA A 20 8.08 1.00 -16.66
C ALA A 20 8.96 -0.27 -16.75
N SER A 21 9.73 -0.54 -15.69
CA SER A 21 10.50 -1.76 -15.49
C SER A 21 11.14 -1.87 -14.11
N LEU A 22 11.12 -3.11 -13.60
CA LEU A 22 11.70 -3.56 -12.36
C LEU A 22 13.03 -4.29 -12.61
N PRO A 23 13.85 -4.50 -11.56
CA PRO A 23 15.14 -5.16 -11.70
C PRO A 23 14.98 -6.67 -11.87
N ALA A 24 15.97 -7.32 -12.50
CA ALA A 24 15.94 -8.75 -12.82
C ALA A 24 15.74 -9.63 -11.58
N GLU A 25 16.29 -9.21 -10.44
CA GLU A 25 16.15 -9.87 -9.14
C GLU A 25 14.73 -9.83 -8.57
N LEU A 26 13.90 -8.83 -8.87
CA LEU A 26 12.46 -8.80 -8.56
C LEU A 26 11.70 -9.69 -9.54
N ILE A 27 12.04 -9.57 -10.83
CA ILE A 27 11.51 -10.41 -11.91
C ILE A 27 11.71 -11.91 -11.59
N ASN A 28 12.79 -12.28 -10.90
CA ASN A 28 13.08 -13.67 -10.52
C ASN A 28 12.10 -14.22 -9.45
N GLN A 29 11.34 -13.34 -8.77
CA GLN A 29 10.45 -13.68 -7.64
C GLN A 29 8.97 -13.74 -8.05
N ILE A 30 8.60 -13.00 -9.11
CA ILE A 30 7.20 -12.74 -9.53
C ILE A 30 6.90 -13.01 -11.00
N GLY A 31 7.89 -12.83 -11.89
CA GLY A 31 7.69 -12.90 -13.35
C GLY A 31 6.59 -11.96 -13.84
N ASN A 32 5.75 -12.42 -14.77
CA ASN A 32 4.61 -11.64 -15.29
C ASN A 32 3.37 -11.63 -14.36
N ARG A 33 3.41 -12.27 -13.18
CA ARG A 33 2.21 -12.52 -12.34
C ARG A 33 1.71 -11.28 -11.61
N CYS A 34 2.60 -10.41 -11.13
CA CYS A 34 2.26 -9.23 -10.34
C CYS A 34 1.89 -8.03 -11.23
N HIS A 35 0.65 -8.01 -11.74
CA HIS A 35 0.07 -6.92 -12.55
C HIS A 35 0.97 -6.52 -13.75
N PRO A 36 1.02 -7.32 -14.84
CA PRO A 36 2.02 -7.24 -15.93
C PRO A 36 2.28 -5.88 -16.60
N LYS A 37 1.43 -4.87 -16.42
CA LYS A 37 1.71 -3.47 -16.82
C LYS A 37 3.00 -2.88 -16.24
N LEU A 38 3.47 -3.45 -15.13
CA LEU A 38 4.78 -3.17 -14.54
C LEU A 38 5.98 -3.58 -15.41
N TYR A 39 5.77 -4.42 -16.43
CA TYR A 39 6.79 -4.91 -17.38
C TYR A 39 6.43 -4.55 -18.84
N ASP A 40 5.19 -4.17 -19.12
CA ASP A 40 4.67 -3.66 -20.40
C ASP A 40 5.19 -2.24 -20.69
N GLU A 41 5.03 -1.77 -21.93
CA GLU A 41 5.27 -0.36 -22.26
C GLU A 41 4.14 0.53 -21.71
N GLY A 42 4.52 1.68 -21.16
CA GLY A 42 3.59 2.68 -20.63
C GLY A 42 4.29 3.97 -20.16
N ASP A 43 3.73 4.62 -19.14
CA ASP A 43 4.23 5.85 -18.53
C ASP A 43 4.23 5.74 -16.99
N PRO A 44 5.16 6.38 -16.26
CA PRO A 44 5.21 6.28 -14.80
C PRO A 44 3.98 6.89 -14.09
N SER A 45 3.31 7.86 -14.69
CA SER A 45 2.12 8.52 -14.13
C SER A 45 0.78 8.01 -14.68
N GLU A 46 0.79 6.96 -15.52
CA GLU A 46 -0.42 6.25 -15.93
C GLU A 46 -1.01 5.45 -14.75
N LYS A 47 -2.35 5.36 -14.66
CA LYS A 47 -3.05 4.56 -13.65
C LYS A 47 -3.24 3.10 -14.06
N LEU A 48 -3.14 2.22 -13.07
CA LEU A 48 -3.37 0.77 -13.14
C LEU A 48 -4.48 0.41 -12.15
N GLU A 49 -5.45 -0.41 -12.56
CA GLU A 49 -6.52 -0.91 -11.66
C GLU A 49 -5.97 -2.00 -10.74
N LEU A 50 -5.96 -1.75 -9.42
CA LEU A 50 -5.36 -2.65 -8.44
C LEU A 50 -6.02 -4.05 -8.44
N VAL A 51 -7.35 -4.09 -8.48
CA VAL A 51 -8.17 -5.31 -8.57
C VAL A 51 -9.33 -5.07 -9.54
N THR A 52 -9.46 -5.96 -10.53
CA THR A 52 -10.47 -5.89 -11.59
C THR A 52 -11.90 -5.80 -11.05
N GLY A 53 -12.59 -4.70 -11.36
CA GLY A 53 -14.00 -4.45 -11.02
C GLY A 53 -14.18 -3.59 -9.76
N THR A 54 -13.15 -3.48 -8.91
CA THR A 54 -13.17 -2.55 -7.76
C THR A 54 -13.06 -1.09 -8.19
N ASN A 55 -12.55 -0.83 -9.40
CA ASN A 55 -12.28 0.52 -9.92
C ASN A 55 -11.38 1.35 -8.98
N VAL A 56 -10.42 0.68 -8.35
CA VAL A 56 -9.40 1.28 -7.48
C VAL A 56 -8.12 1.47 -8.29
N TYR A 57 -7.73 2.72 -8.55
CA TYR A 57 -6.62 3.06 -9.44
C TYR A 57 -5.42 3.63 -8.67
N ILE A 58 -4.25 3.06 -8.95
CA ILE A 58 -2.95 3.51 -8.42
C ILE A 58 -2.01 3.91 -9.57
N THR A 59 -1.24 4.97 -9.34
CA THR A 59 -0.19 5.45 -10.24
C THR A 59 0.87 4.35 -10.43
N ARG A 60 1.28 4.03 -11.67
CA ARG A 60 2.30 2.99 -11.93
C ARG A 60 3.54 3.17 -11.07
N ALA A 61 4.11 4.36 -11.04
CA ALA A 61 5.34 4.67 -10.28
C ALA A 61 5.18 4.47 -8.76
N GLN A 62 3.96 4.58 -8.21
CA GLN A 62 3.67 4.28 -6.81
C GLN A 62 3.53 2.77 -6.54
N LEU A 63 2.97 2.01 -7.48
CA LEU A 63 2.91 0.55 -7.37
C LEU A 63 4.31 -0.06 -7.55
N MET A 64 5.15 0.53 -8.41
CA MET A 64 6.58 0.22 -8.51
C MET A 64 7.30 0.53 -7.20
N ASN A 65 7.02 1.70 -6.58
CA ASN A 65 7.57 2.05 -5.27
C ASN A 65 7.20 1.02 -4.19
N CYS A 66 5.95 0.57 -4.15
CA CYS A 66 5.49 -0.51 -3.28
C CYS A 66 6.31 -1.80 -3.52
N HIS A 67 6.54 -2.20 -4.78
CA HIS A 67 7.29 -3.41 -5.12
C HIS A 67 8.80 -3.34 -4.80
N VAL A 68 9.48 -2.20 -4.96
CA VAL A 68 10.93 -2.11 -4.65
C VAL A 68 11.19 -2.04 -3.14
N SER A 69 10.23 -1.51 -2.38
CA SER A 69 10.28 -1.37 -0.91
C SER A 69 9.91 -2.67 -0.18
N ALA A 70 8.85 -3.34 -0.63
CA ALA A 70 8.23 -4.47 0.03
C ALA A 70 8.33 -5.80 -0.75
N GLY A 71 9.18 -5.86 -1.78
CA GLY A 71 9.26 -6.99 -2.72
C GLY A 71 9.47 -8.38 -2.08
N THR A 72 10.03 -8.43 -0.88
CA THR A 72 10.22 -9.66 -0.07
C THR A 72 9.36 -9.72 1.20
N ARG A 73 8.61 -8.64 1.53
CA ARG A 73 7.86 -8.48 2.79
C ARG A 73 6.40 -8.07 2.55
N HIS A 74 5.48 -9.04 2.44
CA HIS A 74 4.05 -8.79 2.22
C HIS A 74 3.38 -7.87 3.28
N LYS A 75 3.85 -7.91 4.53
CA LYS A 75 3.37 -7.05 5.63
C LYS A 75 3.84 -5.59 5.52
N VAL A 76 4.94 -5.35 4.81
CA VAL A 76 5.40 -4.01 4.41
C VAL A 76 4.56 -3.52 3.24
N LEU A 77 4.27 -4.38 2.25
CA LEU A 77 3.45 -4.04 1.09
C LEU A 77 2.05 -3.59 1.52
N LEU A 78 1.49 -4.25 2.55
CA LEU A 78 0.26 -3.86 3.22
C LEU A 78 0.32 -2.40 3.67
N ARG A 79 1.26 -2.02 4.55
CA ARG A 79 1.47 -0.62 4.97
C ARG A 79 1.67 0.36 3.82
N ARG A 80 2.59 0.02 2.91
CA ARG A 80 2.94 0.83 1.71
C ARG A 80 1.71 1.16 0.85
N LEU A 81 0.96 0.14 0.45
CA LEU A 81 -0.20 0.28 -0.43
C LEU A 81 -1.40 0.94 0.28
N LEU A 82 -1.64 0.62 1.56
CA LEU A 82 -2.65 1.27 2.40
C LEU A 82 -2.40 2.77 2.56
N ALA A 83 -1.17 3.15 2.92
CA ALA A 83 -0.74 4.55 3.03
C ALA A 83 -0.83 5.32 1.70
N SER A 84 -0.73 4.61 0.56
CA SER A 84 -0.87 5.21 -0.79
C SER A 84 -2.31 5.58 -1.15
N PHE A 85 -3.31 5.16 -0.37
CA PHE A 85 -4.72 5.57 -0.54
C PHE A 85 -5.31 6.38 0.63
N PHE A 86 -4.88 6.14 1.87
CA PHE A 86 -5.46 6.76 3.10
C PHE A 86 -4.62 7.92 3.66
N ASP A 87 -4.04 8.75 2.78
CA ASP A 87 -3.09 9.82 3.11
C ASP A 87 -3.73 11.07 3.72
N ARG A 88 -5.07 11.20 3.65
CA ARG A 88 -5.92 12.28 4.20
C ARG A 88 -5.99 12.30 5.75
N ASN A 89 -5.05 11.66 6.45
CA ASN A 89 -5.08 11.36 7.89
C ASN A 89 -6.41 10.69 8.33
N THR A 90 -6.98 9.89 7.42
CA THR A 90 -8.35 9.37 7.52
C THR A 90 -8.49 8.12 8.40
N LEU A 91 -7.44 7.32 8.57
CA LEU A 91 -7.43 6.21 9.56
C LEU A 91 -7.41 6.69 11.02
N ALA A 92 -7.07 7.98 11.26
CA ALA A 92 -7.20 8.63 12.57
C ALA A 92 -8.58 9.29 12.80
N ASN A 93 -9.44 9.34 11.77
CA ASN A 93 -10.77 9.96 11.80
C ASN A 93 -11.92 9.00 11.43
N SER A 94 -11.60 7.74 11.09
CA SER A 94 -12.53 6.68 10.70
C SER A 94 -12.15 5.37 11.42
N CYS A 95 -13.13 4.61 11.89
CA CYS A 95 -12.93 3.44 12.79
C CYS A 95 -12.42 2.15 12.08
N GLY A 96 -11.44 2.29 11.16
CA GLY A 96 -10.85 1.18 10.41
C GLY A 96 -11.80 0.50 9.42
N THR A 97 -11.40 -0.68 8.93
CA THR A 97 -12.21 -1.56 8.07
C THR A 97 -13.29 -2.34 8.86
N GLY A 98 -14.11 -3.13 8.16
CA GLY A 98 -15.21 -3.90 8.76
C GLY A 98 -16.46 -3.07 9.10
N ILE A 99 -16.69 -1.97 8.37
CA ILE A 99 -17.79 -1.04 8.58
C ILE A 99 -19.11 -1.66 8.07
N ARG A 100 -20.12 -1.63 8.93
CA ARG A 100 -21.50 -2.11 8.69
C ARG A 100 -22.44 -0.91 8.54
N SER A 101 -22.19 -0.13 7.49
CA SER A 101 -22.73 1.22 7.20
C SER A 101 -22.30 2.30 8.23
N SER A 102 -22.22 3.55 7.77
CA SER A 102 -21.79 4.70 8.58
C SER A 102 -22.32 6.03 8.01
N THR A 103 -22.38 7.06 8.85
CA THR A 103 -22.81 8.44 8.53
C THR A 103 -21.85 9.44 9.17
N ASN A 104 -21.57 10.57 8.50
CA ASN A 104 -20.71 11.66 9.01
C ASN A 104 -21.45 12.56 10.02
N ASP A 105 -21.97 11.96 11.09
CA ASP A 105 -22.74 12.59 12.17
C ASP A 105 -21.98 12.74 13.51
N PRO A 106 -21.24 11.73 14.01
CA PRO A 106 -20.39 11.88 15.20
C PRO A 106 -19.04 12.55 14.86
N ARG A 107 -18.05 12.48 15.77
CA ARG A 107 -16.68 12.98 15.56
C ARG A 107 -15.92 12.22 14.46
N ARG A 108 -16.31 10.96 14.23
CA ARG A 108 -15.82 10.03 13.21
C ARG A 108 -16.61 10.14 11.91
N LYS A 109 -16.01 9.69 10.81
CA LYS A 109 -16.54 9.72 9.44
C LYS A 109 -16.45 8.35 8.75
N PRO A 110 -17.23 8.10 7.67
CA PRO A 110 -17.09 6.90 6.83
C PRO A 110 -15.71 6.83 6.15
N LEU A 111 -15.16 5.62 6.01
CA LEU A 111 -13.87 5.36 5.35
C LEU A 111 -14.05 5.01 3.87
N ASP A 112 -13.03 5.24 3.04
CA ASP A 112 -12.97 4.82 1.62
C ASP A 112 -12.79 3.31 1.46
N SER A 113 -13.78 2.54 1.91
CA SER A 113 -13.73 1.09 2.08
C SER A 113 -13.59 0.29 0.78
N ARG A 114 -13.77 0.93 -0.37
CA ARG A 114 -13.57 0.32 -1.70
C ARG A 114 -12.11 -0.07 -1.93
N VAL A 115 -11.16 0.68 -1.35
CA VAL A 115 -9.71 0.42 -1.56
C VAL A 115 -9.20 -0.66 -0.60
N LEU A 116 -9.73 -0.73 0.62
CA LEU A 116 -9.40 -1.78 1.60
C LEU A 116 -9.66 -3.19 1.07
N HIS A 117 -10.80 -3.39 0.41
CA HIS A 117 -11.12 -4.66 -0.26
C HIS A 117 -10.00 -5.06 -1.24
N ALA A 118 -9.66 -4.18 -2.20
CA ALA A 118 -8.58 -4.43 -3.16
C ALA A 118 -7.21 -4.63 -2.49
N VAL A 119 -6.81 -3.75 -1.55
CA VAL A 119 -5.52 -3.82 -0.84
C VAL A 119 -5.39 -5.13 -0.06
N LYS A 120 -6.36 -5.50 0.79
CA LYS A 120 -6.24 -6.68 1.66
C LYS A 120 -6.21 -7.98 0.84
N TYR A 121 -7.04 -8.07 -0.20
CA TYR A 121 -7.01 -9.18 -1.17
C TYR A 121 -5.66 -9.25 -1.91
N TYR A 122 -5.22 -8.16 -2.53
CA TYR A 122 -3.95 -8.13 -3.27
C TYR A 122 -2.75 -8.47 -2.37
N CYS A 123 -2.74 -8.01 -1.11
CA CYS A 123 -1.66 -8.31 -0.16
C CYS A 123 -1.68 -9.78 0.29
N GLN A 124 -2.88 -10.37 0.44
CA GLN A 124 -3.03 -11.81 0.70
C GLN A 124 -2.57 -12.65 -0.50
N ASN A 125 -2.77 -12.16 -1.73
CA ASN A 125 -2.30 -12.82 -2.96
C ASN A 125 -0.79 -12.70 -3.19
N PHE A 126 -0.14 -11.70 -2.59
CA PHE A 126 1.33 -11.56 -2.58
C PHE A 126 1.99 -12.31 -1.41
N ALA A 127 1.22 -12.64 -0.37
CA ALA A 127 1.68 -13.37 0.82
C ALA A 127 1.63 -14.91 0.64
N PRO A 128 2.40 -15.69 1.45
CA PRO A 128 2.28 -17.15 1.48
C PRO A 128 0.97 -17.64 2.11
N ASN A 129 0.64 -17.14 3.31
CA ASN A 129 -0.55 -17.53 4.10
C ASN A 129 -0.99 -16.48 5.14
N PHE A 130 -0.75 -15.18 4.88
CA PHE A 130 -1.02 -14.10 5.84
C PHE A 130 -2.54 -13.82 5.94
N LYS A 131 -3.12 -13.94 7.14
CA LYS A 131 -4.59 -13.92 7.31
C LYS A 131 -5.20 -12.52 7.22
N GLU A 132 -6.51 -12.46 6.96
CA GLU A 132 -7.25 -11.20 6.90
C GLU A 132 -7.38 -10.54 8.28
N SER A 133 -7.27 -11.31 9.37
CA SER A 133 -7.30 -10.78 10.73
C SER A 133 -6.10 -9.88 11.04
N GLU A 134 -4.93 -10.13 10.40
CA GLU A 134 -3.79 -9.20 10.46
C GLU A 134 -4.15 -7.87 9.77
N MET A 135 -4.71 -7.94 8.56
CA MET A 135 -5.05 -6.78 7.72
C MET A 135 -6.13 -5.91 8.38
N ASN A 136 -7.16 -6.56 8.94
CA ASN A 136 -8.27 -5.89 9.62
C ASN A 136 -7.84 -5.24 10.94
N ALA A 137 -6.85 -5.81 11.64
CA ALA A 137 -6.23 -5.19 12.82
C ALA A 137 -5.36 -3.98 12.44
N ILE A 138 -4.44 -4.13 11.47
CA ILE A 138 -3.53 -3.06 11.02
C ILE A 138 -4.31 -1.86 10.48
N ALA A 139 -5.36 -2.08 9.68
CA ALA A 139 -6.23 -1.01 9.15
C ALA A 139 -6.93 -0.15 10.23
N ALA A 140 -7.19 -0.72 11.42
CA ALA A 140 -7.76 -0.01 12.57
C ALA A 140 -6.67 0.58 13.50
N ASP A 141 -5.52 -0.09 13.61
CA ASP A 141 -4.38 0.31 14.44
C ASP A 141 -3.60 1.50 13.86
N MET A 142 -3.32 1.47 12.56
CA MET A 142 -2.56 2.42 11.74
C MET A 142 -1.14 2.81 12.21
N CYS A 143 -0.65 2.27 13.34
CA CYS A 143 0.66 2.58 13.92
C CYS A 143 1.71 1.49 13.64
N THR A 144 1.33 0.22 13.77
CA THR A 144 2.22 -0.96 13.72
C THR A 144 2.34 -1.61 12.34
N ASN A 145 3.37 -2.45 12.20
CA ASN A 145 3.54 -3.35 11.05
C ASN A 145 2.77 -4.68 11.24
N ALA A 146 2.61 -5.12 12.50
CA ALA A 146 1.76 -6.20 12.99
C ALA A 146 1.56 -6.04 14.50
N ARG A 147 0.42 -6.49 15.06
CA ARG A 147 0.10 -6.40 16.50
C ARG A 147 0.55 -7.62 17.31
N ARG A 148 0.58 -7.46 18.64
CA ARG A 148 0.92 -8.54 19.61
C ARG A 148 -0.15 -8.84 20.66
N VAL A 149 -0.95 -7.85 21.06
CA VAL A 149 -1.89 -7.96 22.21
C VAL A 149 -3.09 -8.89 21.97
N VAL A 150 -3.36 -9.26 20.72
CA VAL A 150 -4.46 -10.16 20.31
C VAL A 150 -4.10 -11.65 20.32
N ARG A 151 -2.83 -12.01 20.59
CA ARG A 151 -2.27 -13.37 20.44
C ARG A 151 -2.30 -14.20 21.73
N LYS A 152 -2.18 -15.52 21.58
CA LYS A 152 -2.23 -16.53 22.65
C LYS A 152 -0.92 -17.35 22.72
N SER A 153 -0.67 -18.02 23.85
CA SER A 153 0.51 -18.84 24.16
C SER A 153 0.92 -19.80 23.04
N TRP A 154 2.22 -19.84 22.79
CA TRP A 154 2.90 -20.73 21.85
C TRP A 154 3.85 -21.66 22.62
N MET A 155 3.54 -22.95 22.55
CA MET A 155 4.38 -24.07 22.99
C MET A 155 5.38 -24.47 21.89
N PRO A 156 6.69 -24.15 22.01
CA PRO A 156 7.72 -24.56 21.03
C PRO A 156 8.09 -26.06 21.06
N LYS A 157 7.70 -26.80 22.11
CA LYS A 157 7.94 -28.24 22.28
C LYS A 157 7.21 -29.10 21.24
N VAL A 158 7.67 -30.34 21.05
CA VAL A 158 7.07 -31.32 20.14
C VAL A 158 5.63 -31.69 20.55
N LYS A 159 4.74 -31.84 19.56
CA LYS A 159 3.30 -32.10 19.71
C LYS A 159 2.82 -33.17 18.73
N VAL A 160 1.68 -33.81 19.03
CA VAL A 160 1.07 -34.85 18.19
C VAL A 160 0.50 -34.28 16.88
N LEU A 161 0.49 -35.10 15.82
CA LEU A 161 -0.04 -34.76 14.49
C LEU A 161 -1.48 -35.29 14.30
N LYS A 162 -2.39 -34.43 13.85
CA LYS A 162 -3.83 -34.76 13.69
C LYS A 162 -4.15 -35.40 12.33
N ALA A 163 -3.51 -34.94 11.25
CA ALA A 163 -3.74 -35.38 9.88
C ALA A 163 -2.48 -35.25 9.00
N GLU A 164 -2.42 -36.00 7.89
CA GLU A 164 -1.33 -36.02 6.90
C GLU A 164 -1.86 -36.02 5.45
N LEU A 1 -3.72 -20.95 -47.88
CA LEU A 1 -5.01 -20.21 -47.84
C LEU A 1 -4.86 -18.95 -46.98
N PRO A 2 -5.21 -17.74 -47.49
CA PRO A 2 -5.12 -16.49 -46.73
C PRO A 2 -6.18 -16.39 -45.61
N GLU A 3 -5.91 -15.55 -44.61
CA GLU A 3 -6.80 -15.30 -43.47
C GLU A 3 -6.69 -13.83 -42.99
N GLN A 4 -7.75 -13.29 -42.38
CA GLN A 4 -7.85 -11.91 -41.91
C GLN A 4 -7.00 -11.62 -40.65
N VAL A 5 -6.58 -12.66 -39.92
CA VAL A 5 -5.78 -12.59 -38.69
C VAL A 5 -4.63 -13.62 -38.71
N ALA A 6 -3.54 -13.33 -37.99
CA ALA A 6 -2.32 -14.15 -37.93
C ALA A 6 -1.84 -14.32 -36.47
N PRO A 7 -1.11 -15.42 -36.15
CA PRO A 7 -0.65 -15.73 -34.78
C PRO A 7 0.47 -14.80 -34.27
N GLU A 8 1.10 -14.01 -35.14
CA GLU A 8 2.18 -13.05 -34.82
C GLU A 8 1.72 -11.78 -34.06
N SER A 9 0.47 -11.77 -33.61
CA SER A 9 -0.11 -10.76 -32.70
C SER A 9 0.33 -10.94 -31.24
N ARG A 10 0.94 -12.09 -30.89
CA ARG A 10 1.46 -12.44 -29.56
C ARG A 10 2.48 -11.43 -29.03
N ASN A 11 2.53 -11.25 -27.70
CA ASN A 11 3.49 -10.40 -27.00
C ASN A 11 4.93 -10.94 -27.12
N ARG A 12 5.92 -10.06 -26.93
CA ARG A 12 7.37 -10.30 -27.13
C ARG A 12 8.20 -9.77 -25.96
N ILE A 13 9.38 -10.36 -25.74
CA ILE A 13 10.33 -10.01 -24.68
C ILE A 13 11.37 -9.02 -25.20
N ARG A 14 11.83 -8.10 -24.34
CA ARG A 14 12.78 -7.00 -24.66
C ARG A 14 13.97 -6.96 -23.70
N VAL A 15 15.12 -6.49 -24.20
CA VAL A 15 16.42 -6.49 -23.48
C VAL A 15 16.83 -5.09 -22.99
N ARG A 16 16.33 -4.02 -23.64
CA ARG A 16 16.68 -2.62 -23.35
C ARG A 16 16.03 -2.09 -22.06
N GLN A 17 16.58 -0.99 -21.53
CA GLN A 17 16.03 -0.26 -20.37
C GLN A 17 14.65 0.35 -20.67
N ASP A 18 13.86 0.61 -19.62
CA ASP A 18 12.46 1.04 -19.72
C ASP A 18 12.15 2.34 -18.96
N LEU A 19 10.98 2.91 -19.22
CA LEU A 19 10.39 4.03 -18.49
C LEU A 19 9.86 3.58 -17.12
N ALA A 20 9.23 2.40 -17.08
CA ALA A 20 8.68 1.76 -15.88
C ALA A 20 8.92 0.24 -15.90
N SER A 21 9.81 -0.25 -15.02
CA SER A 21 10.14 -1.67 -14.84
C SER A 21 11.06 -1.84 -13.61
N LEU A 22 11.11 -3.07 -13.12
CA LEU A 22 11.73 -3.49 -11.86
C LEU A 22 13.01 -4.30 -12.10
N PRO A 23 13.87 -4.43 -11.07
CA PRO A 23 15.12 -5.16 -11.21
C PRO A 23 14.88 -6.67 -11.25
N ALA A 24 15.80 -7.39 -11.90
CA ALA A 24 15.69 -8.82 -12.22
C ALA A 24 15.46 -9.68 -10.96
N GLU A 25 16.00 -9.26 -9.83
CA GLU A 25 15.85 -9.89 -8.51
C GLU A 25 14.43 -9.88 -7.94
N LEU A 26 13.56 -8.95 -8.34
CA LEU A 26 12.12 -9.02 -8.01
C LEU A 26 11.40 -9.93 -9.00
N ILE A 27 11.74 -9.76 -10.27
CA ILE A 27 11.23 -10.54 -11.41
C ILE A 27 11.50 -12.04 -11.18
N ASN A 28 12.58 -12.40 -10.47
CA ASN A 28 12.92 -13.80 -10.16
C ASN A 28 11.95 -14.42 -9.14
N GLN A 29 11.19 -13.61 -8.41
CA GLN A 29 10.28 -14.02 -7.32
C GLN A 29 8.83 -14.01 -7.79
N ILE A 30 8.43 -12.95 -8.51
CA ILE A 30 7.04 -12.71 -8.92
C ILE A 30 6.79 -13.01 -10.41
N GLY A 31 7.74 -12.68 -11.28
CA GLY A 31 7.58 -12.74 -12.73
C GLY A 31 6.34 -11.97 -13.22
N ASN A 32 5.72 -12.44 -14.31
CA ASN A 32 4.48 -11.86 -14.85
C ASN A 32 3.20 -12.20 -14.02
N ARG A 33 3.34 -12.77 -12.81
CA ARG A 33 2.21 -13.28 -12.01
C ARG A 33 1.57 -12.21 -11.13
N CYS A 34 2.35 -11.22 -10.70
CA CYS A 34 1.89 -10.09 -9.89
C CYS A 34 1.85 -8.81 -10.75
N HIS A 35 0.63 -8.36 -11.10
CA HIS A 35 0.35 -7.12 -11.84
C HIS A 35 1.26 -6.87 -13.06
N PRO A 36 1.15 -7.67 -14.15
CA PRO A 36 2.11 -7.69 -15.27
C PRO A 36 2.36 -6.36 -16.02
N LYS A 37 1.48 -5.36 -15.86
CA LYS A 37 1.61 -3.99 -16.37
C LYS A 37 2.76 -3.20 -15.71
N LEU A 38 3.30 -3.70 -14.60
CA LEU A 38 4.56 -3.24 -13.99
C LEU A 38 5.80 -3.70 -14.79
N TYR A 39 5.64 -4.60 -15.76
CA TYR A 39 6.67 -5.03 -16.71
C TYR A 39 6.29 -4.72 -18.17
N ASP A 40 5.19 -4.00 -18.40
CA ASP A 40 4.78 -3.42 -19.69
C ASP A 40 5.49 -2.09 -19.96
N GLU A 41 5.98 -1.87 -21.18
CA GLU A 41 6.59 -0.60 -21.57
C GLU A 41 5.57 0.56 -21.56
N GLY A 42 5.85 1.59 -20.76
CA GLY A 42 4.98 2.76 -20.61
C GLY A 42 5.37 3.69 -19.46
N ASP A 43 4.74 4.86 -19.39
CA ASP A 43 5.15 5.94 -18.48
C ASP A 43 4.79 5.65 -16.99
N PRO A 44 5.58 6.12 -16.00
CA PRO A 44 5.27 5.94 -14.58
C PRO A 44 4.02 6.68 -14.08
N SER A 45 3.54 7.72 -14.77
CA SER A 45 2.33 8.46 -14.39
C SER A 45 1.01 7.80 -14.84
N GLU A 46 1.07 6.70 -15.62
CA GLU A 46 -0.10 5.89 -16.00
C GLU A 46 -0.75 5.26 -14.75
N LYS A 47 -2.07 5.47 -14.55
CA LYS A 47 -2.82 4.84 -13.45
C LYS A 47 -3.22 3.41 -13.80
N LEU A 48 -3.20 2.54 -12.80
CA LEU A 48 -3.34 1.09 -12.92
C LEU A 48 -4.50 0.60 -12.05
N GLU A 49 -5.40 -0.23 -12.59
CA GLU A 49 -6.50 -0.80 -11.80
C GLU A 49 -5.99 -1.89 -10.86
N LEU A 50 -5.98 -1.61 -9.55
CA LEU A 50 -5.32 -2.45 -8.54
C LEU A 50 -5.96 -3.86 -8.45
N VAL A 51 -7.29 -3.94 -8.56
CA VAL A 51 -8.06 -5.19 -8.73
C VAL A 51 -9.15 -4.97 -9.78
N THR A 52 -9.23 -5.85 -10.77
CA THR A 52 -10.20 -5.76 -11.87
C THR A 52 -11.64 -5.71 -11.36
N GLY A 53 -12.42 -4.74 -11.86
CA GLY A 53 -13.83 -4.54 -11.52
C GLY A 53 -14.05 -3.57 -10.34
N THR A 54 -13.07 -3.42 -9.44
CA THR A 54 -13.18 -2.49 -8.29
C THR A 54 -13.05 -1.03 -8.71
N ASN A 55 -12.45 -0.77 -9.89
CA ASN A 55 -12.18 0.57 -10.42
C ASN A 55 -11.39 1.47 -9.44
N VAL A 56 -10.46 0.84 -8.71
CA VAL A 56 -9.53 1.50 -7.78
C VAL A 56 -8.18 1.66 -8.49
N TYR A 57 -7.78 2.90 -8.77
CA TYR A 57 -6.62 3.21 -9.61
C TYR A 57 -5.45 3.80 -8.81
N ILE A 58 -4.25 3.22 -8.99
CA ILE A 58 -2.98 3.69 -8.40
C ILE A 58 -1.97 4.04 -9.49
N THR A 59 -1.20 5.11 -9.30
CA THR A 59 -0.12 5.53 -10.20
C THR A 59 0.96 4.45 -10.30
N ARG A 60 1.43 4.10 -11.51
CA ARG A 60 2.47 3.07 -11.71
C ARG A 60 3.73 3.35 -10.88
N ALA A 61 4.22 4.58 -10.86
CA ALA A 61 5.35 5.01 -10.01
C ALA A 61 5.15 4.66 -8.52
N GLN A 62 3.91 4.75 -8.01
CA GLN A 62 3.58 4.45 -6.62
C GLN A 62 3.46 2.94 -6.37
N LEU A 63 2.79 2.17 -7.24
CA LEU A 63 2.75 0.72 -7.10
C LEU A 63 4.15 0.09 -7.24
N MET A 64 5.00 0.64 -8.10
CA MET A 64 6.44 0.30 -8.17
C MET A 64 7.15 0.63 -6.85
N ASN A 65 6.95 1.83 -6.32
CA ASN A 65 7.52 2.24 -5.02
C ASN A 65 7.07 1.33 -3.86
N CYS A 66 5.85 0.78 -3.93
CA CYS A 66 5.37 -0.25 -3.00
C CYS A 66 6.16 -1.56 -3.22
N HIS A 67 6.28 -2.05 -4.46
CA HIS A 67 6.92 -3.34 -4.77
C HIS A 67 8.46 -3.38 -4.62
N VAL A 68 9.18 -2.26 -4.73
CA VAL A 68 10.65 -2.24 -4.46
C VAL A 68 10.94 -2.25 -2.96
N SER A 69 10.01 -1.70 -2.16
CA SER A 69 10.09 -1.62 -0.70
C SER A 69 9.62 -2.91 -0.02
N ALA A 70 8.50 -3.47 -0.49
CA ALA A 70 7.84 -4.65 0.04
C ALA A 70 8.18 -5.96 -0.70
N GLY A 71 9.14 -5.93 -1.62
CA GLY A 71 9.45 -7.04 -2.55
C GLY A 71 9.68 -8.41 -1.91
N THR A 72 9.99 -8.47 -0.61
CA THR A 72 10.14 -9.71 0.17
C THR A 72 9.26 -9.78 1.43
N ARG A 73 8.42 -8.77 1.70
CA ARG A 73 7.53 -8.68 2.88
C ARG A 73 6.11 -8.21 2.55
N HIS A 74 5.12 -9.09 2.73
CA HIS A 74 3.69 -8.77 2.49
C HIS A 74 3.09 -7.81 3.54
N LYS A 75 3.64 -7.79 4.76
CA LYS A 75 3.22 -6.84 5.82
C LYS A 75 3.64 -5.40 5.50
N VAL A 76 4.77 -5.23 4.81
CA VAL A 76 5.22 -3.95 4.28
C VAL A 76 4.32 -3.50 3.13
N LEU A 77 3.97 -4.40 2.20
CA LEU A 77 3.10 -4.07 1.07
C LEU A 77 1.72 -3.57 1.55
N LEU A 78 1.13 -4.21 2.57
CA LEU A 78 -0.11 -3.75 3.19
C LEU A 78 0.01 -2.29 3.66
N ARG A 79 1.06 -1.95 4.42
CA ARG A 79 1.28 -0.59 4.94
C ARG A 79 1.52 0.42 3.81
N ARG A 80 2.43 0.12 2.88
CA ARG A 80 2.74 0.95 1.71
C ARG A 80 1.51 1.23 0.84
N LEU A 81 0.76 0.19 0.48
CA LEU A 81 -0.38 0.31 -0.43
C LEU A 81 -1.60 0.97 0.23
N LEU A 82 -1.88 0.73 1.52
CA LEU A 82 -2.89 1.47 2.29
C LEU A 82 -2.57 2.97 2.32
N ALA A 83 -1.33 3.32 2.69
CA ALA A 83 -0.81 4.69 2.66
C ALA A 83 -0.76 5.34 1.25
N SER A 84 -0.97 4.54 0.19
CA SER A 84 -1.07 5.02 -1.20
C SER A 84 -2.51 5.35 -1.65
N PHE A 85 -3.52 5.07 -0.81
CA PHE A 85 -4.92 5.44 -1.04
C PHE A 85 -5.52 6.34 0.06
N PHE A 86 -5.24 6.06 1.34
CA PHE A 86 -5.73 6.86 2.46
C PHE A 86 -4.76 7.99 2.82
N ASP A 87 -5.30 9.20 3.05
CA ASP A 87 -4.53 10.41 3.37
C ASP A 87 -4.63 10.78 4.87
N ARG A 88 -3.99 11.88 5.28
CA ARG A 88 -3.89 12.39 6.66
C ARG A 88 -5.25 12.58 7.35
N ASN A 89 -5.28 12.32 8.66
CA ASN A 89 -6.45 12.31 9.56
C ASN A 89 -7.56 11.27 9.22
N THR A 90 -7.68 10.82 7.98
CA THR A 90 -8.51 9.68 7.55
C THR A 90 -7.76 8.37 7.88
N LEU A 91 -8.47 7.24 7.93
CA LEU A 91 -8.03 5.92 8.45
C LEU A 91 -7.76 5.90 9.97
N ALA A 92 -7.28 7.01 10.55
CA ALA A 92 -7.10 7.22 11.98
C ALA A 92 -8.44 7.40 12.73
N ASN A 93 -9.40 8.13 12.14
CA ASN A 93 -10.68 8.46 12.78
C ASN A 93 -11.79 7.42 12.59
N SER A 94 -11.76 6.65 11.48
CA SER A 94 -12.76 5.58 11.25
C SER A 94 -12.46 4.31 12.06
N CYS A 95 -13.35 3.32 12.02
CA CYS A 95 -13.24 2.06 12.76
C CYS A 95 -12.23 1.07 12.12
N GLY A 96 -10.98 1.51 11.92
CA GLY A 96 -9.94 0.74 11.25
C GLY A 96 -10.26 0.59 9.77
N THR A 97 -10.63 -0.61 9.33
CA THR A 97 -11.19 -0.88 7.98
C THR A 97 -12.63 -0.40 7.80
N GLY A 98 -13.31 -0.16 8.92
CA GLY A 98 -14.76 0.02 9.02
C GLY A 98 -15.44 -1.24 9.58
N ILE A 99 -14.67 -2.12 10.24
CA ILE A 99 -15.04 -3.46 10.72
C ILE A 99 -15.57 -4.35 9.59
N ARG A 100 -14.71 -4.53 8.60
CA ARG A 100 -15.00 -5.25 7.32
C ARG A 100 -14.69 -6.75 7.36
N SER A 101 -14.11 -7.24 8.46
CA SER A 101 -13.97 -8.67 8.77
C SER A 101 -15.33 -9.38 8.92
N SER A 102 -16.39 -8.61 9.20
CA SER A 102 -17.81 -9.02 9.21
C SER A 102 -18.65 -8.08 8.33
N THR A 103 -19.91 -8.44 8.08
CA THR A 103 -20.89 -7.57 7.40
C THR A 103 -21.34 -6.42 8.30
N ASN A 104 -20.50 -5.39 8.45
CA ASN A 104 -20.66 -4.28 9.38
C ASN A 104 -20.02 -2.97 8.85
N ASP A 105 -20.36 -1.82 9.45
CA ASP A 105 -19.97 -0.47 9.01
C ASP A 105 -19.69 0.51 10.19
N PRO A 106 -18.83 1.54 10.00
CA PRO A 106 -18.33 2.38 11.09
C PRO A 106 -19.39 3.29 11.72
N ARG A 107 -19.22 3.51 13.03
CA ARG A 107 -19.97 4.46 13.87
C ARG A 107 -19.27 5.83 14.03
N ARG A 108 -18.10 5.96 13.40
CA ARG A 108 -17.31 7.19 13.19
C ARG A 108 -17.57 7.72 11.78
N LYS A 109 -16.72 8.62 11.27
CA LYS A 109 -16.78 9.06 9.86
C LYS A 109 -16.65 7.89 8.86
N PRO A 110 -17.17 8.01 7.62
CA PRO A 110 -17.04 6.99 6.60
C PRO A 110 -15.58 6.78 6.15
N LEU A 111 -15.32 5.62 5.57
CA LEU A 111 -14.05 5.23 4.96
C LEU A 111 -14.29 4.70 3.54
N ASP A 112 -13.30 4.86 2.64
CA ASP A 112 -13.38 4.38 1.26
C ASP A 112 -13.01 2.90 1.15
N SER A 113 -13.82 2.04 1.78
CA SER A 113 -13.55 0.61 1.96
C SER A 113 -13.49 -0.21 0.67
N ARG A 114 -13.81 0.41 -0.48
CA ARG A 114 -13.59 -0.18 -1.82
C ARG A 114 -12.10 -0.35 -2.13
N VAL A 115 -11.22 0.49 -1.56
CA VAL A 115 -9.76 0.35 -1.76
C VAL A 115 -9.19 -0.75 -0.85
N LEU A 116 -9.69 -0.86 0.39
CA LEU A 116 -9.41 -1.99 1.28
C LEU A 116 -9.79 -3.33 0.67
N HIS A 117 -10.97 -3.44 0.06
CA HIS A 117 -11.40 -4.65 -0.65
C HIS A 117 -10.37 -5.11 -1.69
N ALA A 118 -9.88 -4.20 -2.53
CA ALA A 118 -8.84 -4.50 -3.51
C ALA A 118 -7.47 -4.80 -2.86
N VAL A 119 -6.97 -3.92 -1.99
CA VAL A 119 -5.65 -4.01 -1.32
C VAL A 119 -5.52 -5.30 -0.49
N LYS A 120 -6.51 -5.65 0.35
CA LYS A 120 -6.41 -6.82 1.24
C LYS A 120 -6.35 -8.12 0.45
N TYR A 121 -7.19 -8.26 -0.57
CA TYR A 121 -7.16 -9.35 -1.54
C TYR A 121 -5.81 -9.40 -2.29
N TYR A 122 -5.41 -8.29 -2.91
CA TYR A 122 -4.19 -8.18 -3.71
C TYR A 122 -2.92 -8.51 -2.89
N CYS A 123 -2.85 -8.08 -1.63
CA CYS A 123 -1.76 -8.40 -0.72
C CYS A 123 -1.82 -9.86 -0.25
N GLN A 124 -3.00 -10.45 -0.07
CA GLN A 124 -3.15 -11.88 0.23
C GLN A 124 -2.68 -12.77 -0.93
N ASN A 125 -2.82 -12.29 -2.18
CA ASN A 125 -2.29 -12.95 -3.38
C ASN A 125 -0.77 -12.83 -3.55
N PHE A 126 -0.15 -11.87 -2.86
CA PHE A 126 1.32 -11.70 -2.77
C PHE A 126 1.91 -12.43 -1.54
N ALA A 127 1.07 -12.75 -0.55
CA ALA A 127 1.44 -13.45 0.69
C ALA A 127 1.38 -14.98 0.55
N PRO A 128 2.11 -15.75 1.39
CA PRO A 128 2.03 -17.21 1.39
C PRO A 128 0.74 -17.75 2.05
N ASN A 129 0.38 -17.22 3.23
CA ASN A 129 -0.80 -17.65 4.01
C ASN A 129 -1.30 -16.57 5.01
N PHE A 130 -1.07 -15.28 4.75
CA PHE A 130 -1.32 -14.20 5.72
C PHE A 130 -2.82 -13.87 5.84
N LYS A 131 -3.33 -13.86 7.08
CA LYS A 131 -4.78 -13.72 7.36
C LYS A 131 -5.30 -12.29 7.25
N GLU A 132 -6.60 -12.14 7.08
CA GLU A 132 -7.26 -10.82 7.03
C GLU A 132 -7.32 -10.15 8.42
N SER A 133 -7.26 -10.92 9.51
CA SER A 133 -7.29 -10.35 10.87
C SER A 133 -6.04 -9.50 11.17
N GLU A 134 -4.90 -9.83 10.54
CA GLU A 134 -3.71 -8.97 10.57
C GLU A 134 -3.90 -7.71 9.72
N MET A 135 -4.57 -7.82 8.56
CA MET A 135 -4.85 -6.70 7.67
C MET A 135 -5.81 -5.68 8.32
N ASN A 136 -6.80 -6.16 9.09
CA ASN A 136 -7.69 -5.31 9.90
C ASN A 136 -6.94 -4.63 11.06
N ALA A 137 -5.99 -5.33 11.69
CA ALA A 137 -5.17 -4.77 12.77
C ALA A 137 -4.16 -3.73 12.26
N ILE A 138 -3.56 -3.94 11.09
CA ILE A 138 -2.69 -2.96 10.41
C ILE A 138 -3.48 -1.70 10.05
N ALA A 139 -4.67 -1.84 9.44
CA ALA A 139 -5.54 -0.71 9.13
C ALA A 139 -5.93 0.12 10.37
N ALA A 140 -6.08 -0.51 11.54
CA ALA A 140 -6.31 0.17 12.82
C ALA A 140 -5.02 0.80 13.41
N ASP A 141 -3.85 0.18 13.22
CA ASP A 141 -2.54 0.67 13.67
C ASP A 141 -2.05 1.90 12.87
N MET A 142 -2.51 2.04 11.62
CA MET A 142 -2.27 3.18 10.73
C MET A 142 -3.12 4.41 11.09
N CYS A 143 -2.95 4.88 12.34
CA CYS A 143 -3.59 6.05 12.92
C CYS A 143 -2.55 7.14 13.26
N THR A 144 -3.02 8.26 13.82
CA THR A 144 -2.20 9.41 14.23
C THR A 144 -1.39 9.15 15.51
N ASN A 145 -0.40 10.01 15.79
CA ASN A 145 0.54 9.86 16.91
C ASN A 145 -0.11 10.01 18.30
N ALA A 146 -1.34 10.53 18.36
CA ALA A 146 -2.22 10.55 19.54
C ALA A 146 -3.58 9.95 19.19
N ARG A 147 -4.26 9.35 20.18
CA ARG A 147 -5.52 8.59 20.03
C ARG A 147 -6.64 9.37 19.32
N ARG A 148 -6.91 10.58 19.81
CA ARG A 148 -7.85 11.59 19.27
C ARG A 148 -9.29 11.07 19.05
N VAL A 149 -9.71 10.11 19.86
CA VAL A 149 -11.01 9.40 19.77
C VAL A 149 -12.21 10.19 20.35
N VAL A 150 -11.97 11.33 20.99
CA VAL A 150 -12.99 12.10 21.73
C VAL A 150 -13.85 12.92 20.77
N ARG A 151 -15.18 12.75 20.90
CA ARG A 151 -16.30 13.47 20.24
C ARG A 151 -16.06 14.03 18.82
N LYS A 152 -16.61 13.30 17.86
CA LYS A 152 -16.78 13.67 16.43
C LYS A 152 -17.96 12.88 15.82
N SER A 153 -18.45 13.31 14.65
CA SER A 153 -19.71 12.84 14.06
C SER A 153 -19.69 11.36 13.62
N TRP A 154 -20.88 10.78 13.62
CA TRP A 154 -21.19 9.41 13.16
C TRP A 154 -21.58 9.32 11.68
N MET A 155 -21.81 10.48 11.04
CA MET A 155 -22.21 10.73 9.68
C MET A 155 -23.54 10.06 9.24
N PRO A 156 -24.61 10.84 9.04
CA PRO A 156 -25.85 10.37 8.42
C PRO A 156 -25.58 9.67 7.07
N LYS A 157 -26.24 8.52 6.86
CA LYS A 157 -25.98 7.58 5.77
C LYS A 157 -27.25 6.99 5.16
N VAL A 158 -27.18 6.65 3.87
CA VAL A 158 -28.30 6.12 3.06
C VAL A 158 -28.03 4.74 2.43
N LYS A 159 -26.80 4.23 2.53
CA LYS A 159 -26.38 2.92 1.99
C LYS A 159 -26.67 1.78 2.97
N VAL A 160 -27.00 0.61 2.43
CA VAL A 160 -27.36 -0.61 3.18
C VAL A 160 -26.22 -1.63 3.24
N LEU A 161 -26.27 -2.54 4.22
CA LEU A 161 -25.39 -3.71 4.31
C LEU A 161 -25.77 -4.79 3.29
N LYS A 162 -24.85 -5.73 3.03
CA LYS A 162 -25.03 -6.84 2.07
C LYS A 162 -26.21 -7.75 2.43
N ALA A 163 -26.93 -8.22 1.40
CA ALA A 163 -27.96 -9.25 1.44
C ALA A 163 -27.51 -10.55 0.73
N GLU A 164 -28.30 -11.62 0.89
CA GLU A 164 -28.08 -12.96 0.30
C GLU A 164 -29.37 -13.53 -0.33
N LEU A 1 -0.24 -23.26 20.98
CA LEU A 1 0.45 -23.53 19.69
C LEU A 1 1.86 -22.92 19.71
N PRO A 2 2.82 -23.45 18.91
CA PRO A 2 4.18 -22.91 18.79
C PRO A 2 4.23 -21.47 18.27
N GLU A 3 5.30 -20.75 18.60
CA GLU A 3 5.59 -19.38 18.16
C GLU A 3 7.07 -19.22 17.75
N GLN A 4 7.34 -18.37 16.75
CA GLN A 4 8.68 -18.03 16.26
C GLN A 4 8.79 -16.54 15.93
N VAL A 5 9.95 -15.94 16.18
CA VAL A 5 10.24 -14.50 16.00
C VAL A 5 11.64 -14.28 15.42
N ALA A 6 11.76 -13.32 14.50
CA ALA A 6 13.02 -12.81 13.95
C ALA A 6 12.97 -11.27 13.84
N PRO A 7 14.12 -10.55 13.83
CA PRO A 7 14.14 -9.09 13.77
C PRO A 7 13.73 -8.53 12.40
N GLU A 8 13.94 -9.29 11.32
CA GLU A 8 13.54 -8.94 9.94
C GLU A 8 13.96 -7.52 9.54
N SER A 9 15.23 -7.17 9.70
CA SER A 9 15.80 -5.81 9.54
C SER A 9 15.23 -5.07 8.33
N ARG A 10 14.78 -3.81 8.53
CA ARG A 10 13.96 -3.03 7.58
C ARG A 10 14.75 -2.37 6.42
N ASN A 11 15.58 -3.16 5.73
CA ASN A 11 16.28 -2.75 4.51
C ASN A 11 15.27 -2.38 3.39
N ARG A 12 15.68 -1.48 2.51
CA ARG A 12 14.86 -0.83 1.46
C ARG A 12 15.63 -0.73 0.14
N ILE A 13 15.00 -1.13 -0.97
CA ILE A 13 15.66 -1.32 -2.27
C ILE A 13 15.43 -0.13 -3.21
N ARG A 14 16.52 0.45 -3.72
CA ARG A 14 16.55 1.42 -4.83
C ARG A 14 17.98 1.48 -5.38
N VAL A 15 18.15 1.18 -6.66
CA VAL A 15 19.42 1.33 -7.40
C VAL A 15 19.21 2.21 -8.63
N ARG A 16 18.27 1.83 -9.51
CA ARG A 16 17.79 2.57 -10.69
C ARG A 16 16.26 2.50 -10.80
N GLN A 17 15.68 3.38 -11.61
CA GLN A 17 14.25 3.44 -11.93
C GLN A 17 14.01 3.54 -13.45
N ASP A 18 12.80 3.19 -13.89
CA ASP A 18 12.35 3.18 -15.29
C ASP A 18 10.93 3.76 -15.42
N LEU A 19 10.47 4.03 -16.64
CA LEU A 19 9.09 4.42 -16.95
C LEU A 19 8.08 3.39 -16.42
N ALA A 20 8.38 2.11 -16.66
CA ALA A 20 7.60 0.96 -16.20
C ALA A 20 8.39 -0.36 -16.28
N SER A 21 9.30 -0.55 -15.33
CA SER A 21 10.08 -1.78 -15.18
C SER A 21 10.85 -1.85 -13.87
N LEU A 22 10.83 -3.04 -13.28
CA LEU A 22 11.49 -3.43 -12.05
C LEU A 22 12.77 -4.24 -12.32
N PRO A 23 13.67 -4.37 -11.33
CA PRO A 23 14.93 -5.08 -11.51
C PRO A 23 14.72 -6.60 -11.51
N ALA A 24 15.63 -7.33 -12.15
CA ALA A 24 15.53 -8.79 -12.33
C ALA A 24 15.45 -9.53 -10.99
N GLU A 25 16.13 -9.01 -9.96
CA GLU A 25 16.11 -9.51 -8.59
C GLU A 25 14.77 -9.37 -7.85
N LEU A 26 13.89 -8.42 -8.23
CA LEU A 26 12.50 -8.33 -7.77
C LEU A 26 11.63 -9.32 -8.56
N ILE A 27 11.83 -9.34 -9.87
CA ILE A 27 11.18 -10.27 -10.80
C ILE A 27 11.40 -11.73 -10.36
N ASN A 28 12.57 -12.05 -9.77
CA ASN A 28 12.88 -13.39 -9.29
C ASN A 28 12.04 -13.82 -8.07
N GLN A 29 11.38 -12.86 -7.39
CA GLN A 29 10.63 -13.09 -6.15
C GLN A 29 9.11 -13.06 -6.35
N ILE A 30 8.65 -12.36 -7.40
CA ILE A 30 7.23 -12.05 -7.61
C ILE A 30 6.67 -12.60 -8.94
N GLY A 31 7.42 -12.51 -10.04
CA GLY A 31 6.98 -12.98 -11.37
C GLY A 31 5.57 -12.51 -11.75
N ASN A 32 4.72 -13.45 -12.18
CA ASN A 32 3.32 -13.23 -12.54
C ASN A 32 2.34 -13.12 -11.35
N ARG A 33 2.82 -13.01 -10.09
CA ARG A 33 1.97 -12.81 -8.89
C ARG A 33 1.38 -11.39 -8.84
N CYS A 34 2.07 -10.43 -9.45
CA CYS A 34 1.60 -9.07 -9.73
C CYS A 34 1.08 -9.02 -11.19
N HIS A 35 0.21 -8.06 -11.52
CA HIS A 35 -0.25 -7.92 -12.92
C HIS A 35 0.89 -7.39 -13.83
N PRO A 36 0.88 -7.68 -15.15
CA PRO A 36 2.05 -7.49 -16.03
C PRO A 36 2.39 -6.04 -16.41
N LYS A 37 1.55 -5.06 -16.04
CA LYS A 37 1.64 -3.66 -16.44
C LYS A 37 2.79 -2.90 -15.76
N LEU A 38 3.32 -3.48 -14.70
CA LEU A 38 4.57 -3.08 -14.03
C LEU A 38 5.83 -3.52 -14.81
N TYR A 39 5.68 -4.34 -15.84
CA TYR A 39 6.74 -4.73 -16.79
C TYR A 39 6.44 -4.25 -18.23
N ASP A 40 5.19 -3.89 -18.52
CA ASP A 40 4.74 -3.36 -19.82
C ASP A 40 5.13 -1.89 -20.00
N GLU A 41 5.66 -1.52 -21.16
CA GLU A 41 6.07 -0.15 -21.46
C GLU A 41 4.90 0.85 -21.32
N GLY A 42 5.06 1.85 -20.46
CA GLY A 42 4.06 2.88 -20.16
C GLY A 42 4.69 4.17 -19.63
N ASP A 43 4.08 4.77 -18.61
CA ASP A 43 4.55 6.00 -17.95
C ASP A 43 4.33 5.94 -16.42
N PRO A 44 5.17 6.57 -15.58
CA PRO A 44 5.01 6.52 -14.12
C PRO A 44 3.71 7.18 -13.61
N SER A 45 3.21 8.22 -14.28
CA SER A 45 1.99 8.95 -13.88
C SER A 45 0.68 8.30 -14.35
N GLU A 46 0.75 7.25 -15.16
CA GLU A 46 -0.43 6.48 -15.61
C GLU A 46 -1.04 5.67 -14.46
N LYS A 47 -2.38 5.55 -14.41
CA LYS A 47 -3.10 4.74 -13.41
C LYS A 47 -3.23 3.27 -13.83
N LEU A 48 -3.19 2.38 -12.84
CA LEU A 48 -3.25 0.92 -12.95
C LEU A 48 -4.40 0.40 -12.09
N GLU A 49 -5.22 -0.50 -12.64
CA GLU A 49 -6.34 -1.13 -11.92
C GLU A 49 -5.82 -2.19 -10.95
N LEU A 50 -5.99 -1.93 -9.65
CA LEU A 50 -5.47 -2.79 -8.57
C LEU A 50 -6.23 -4.12 -8.50
N VAL A 51 -7.57 -4.06 -8.52
CA VAL A 51 -8.47 -5.22 -8.64
C VAL A 51 -9.65 -4.89 -9.57
N THR A 52 -9.85 -5.70 -10.61
CA THR A 52 -10.88 -5.55 -11.66
C THR A 52 -12.29 -5.36 -11.09
N GLY A 53 -12.72 -6.27 -10.22
CA GLY A 53 -14.05 -6.29 -9.59
C GLY A 53 -14.41 -5.09 -8.71
N THR A 54 -13.42 -4.26 -8.34
CA THR A 54 -13.59 -3.07 -7.47
C THR A 54 -13.56 -1.75 -8.25
N ASN A 55 -13.01 -1.75 -9.47
CA ASN A 55 -12.72 -0.55 -10.28
C ASN A 55 -11.84 0.49 -9.54
N VAL A 56 -10.88 0.01 -8.74
CA VAL A 56 -9.95 0.83 -7.94
C VAL A 56 -8.62 0.95 -8.68
N TYR A 57 -8.20 2.19 -8.94
CA TYR A 57 -6.96 2.53 -9.64
C TYR A 57 -5.94 3.25 -8.74
N ILE A 58 -4.66 2.90 -8.89
CA ILE A 58 -3.49 3.54 -8.26
C ILE A 58 -2.46 3.96 -9.31
N THR A 59 -1.74 5.06 -9.08
CA THR A 59 -0.65 5.53 -9.96
C THR A 59 0.49 4.51 -10.05
N ARG A 60 1.02 4.24 -11.26
CA ARG A 60 2.12 3.27 -11.46
C ARG A 60 3.33 3.59 -10.57
N ALA A 61 3.78 4.84 -10.53
CA ALA A 61 4.90 5.27 -9.69
C ALA A 61 4.72 4.87 -8.21
N GLN A 62 3.47 4.93 -7.71
CA GLN A 62 3.12 4.54 -6.35
C GLN A 62 3.08 3.01 -6.16
N LEU A 63 2.47 2.27 -7.09
CA LEU A 63 2.46 0.80 -7.05
C LEU A 63 3.89 0.22 -7.12
N MET A 64 4.76 0.84 -7.93
CA MET A 64 6.19 0.53 -8.02
C MET A 64 6.93 0.90 -6.73
N ASN A 65 6.68 2.08 -6.17
CA ASN A 65 7.22 2.49 -4.87
C ASN A 65 6.88 1.47 -3.76
N CYS A 66 5.62 1.02 -3.71
CA CYS A 66 5.19 -0.06 -2.82
C CYS A 66 6.02 -1.34 -3.05
N HIS A 67 6.18 -1.80 -4.30
CA HIS A 67 6.92 -3.03 -4.64
C HIS A 67 8.45 -2.95 -4.47
N VAL A 68 9.10 -1.78 -4.54
CA VAL A 68 10.55 -1.67 -4.24
C VAL A 68 10.82 -1.54 -2.74
N SER A 69 9.91 -0.93 -2.00
CA SER A 69 10.00 -0.76 -0.55
C SER A 69 9.61 -2.04 0.22
N ALA A 70 8.71 -2.85 -0.35
CA ALA A 70 8.26 -4.15 0.15
C ALA A 70 8.86 -5.33 -0.65
N GLY A 71 9.94 -5.12 -1.41
CA GLY A 71 10.47 -6.07 -2.40
C GLY A 71 10.86 -7.47 -1.89
N THR A 72 10.90 -7.69 -0.58
CA THR A 72 11.21 -8.99 0.07
C THR A 72 10.15 -9.49 1.07
N ARG A 73 9.10 -8.70 1.39
CA ARG A 73 8.04 -9.05 2.37
C ARG A 73 6.62 -8.67 1.93
N HIS A 74 5.67 -9.59 2.08
CA HIS A 74 4.24 -9.36 1.74
C HIS A 74 3.48 -8.55 2.81
N LYS A 75 3.86 -8.66 4.09
CA LYS A 75 3.26 -7.90 5.21
C LYS A 75 3.70 -6.43 5.27
N VAL A 76 4.66 -6.04 4.42
CA VAL A 76 5.07 -4.65 4.15
C VAL A 76 4.28 -4.09 2.97
N LEU A 77 4.09 -4.84 1.88
CA LEU A 77 3.33 -4.38 0.72
C LEU A 77 1.90 -3.97 1.09
N LEU A 78 1.29 -4.76 1.98
CA LEU A 78 -0.01 -4.50 2.59
C LEU A 78 -0.07 -3.19 3.38
N ARG A 79 1.01 -2.82 4.10
CA ARG A 79 1.14 -1.54 4.83
C ARG A 79 1.41 -0.37 3.90
N ARG A 80 2.27 -0.56 2.89
CA ARG A 80 2.62 0.44 1.88
C ARG A 80 1.41 0.86 1.04
N LEU A 81 0.64 -0.11 0.53
CA LEU A 81 -0.61 0.18 -0.17
C LEU A 81 -1.65 0.88 0.74
N LEU A 82 -1.79 0.49 2.01
CA LEU A 82 -2.68 1.17 2.98
C LEU A 82 -2.31 2.66 3.13
N ALA A 83 -1.03 2.95 3.38
CA ALA A 83 -0.50 4.30 3.47
C ALA A 83 -0.62 5.09 2.15
N SER A 84 -0.56 4.41 1.00
CA SER A 84 -0.59 5.04 -0.33
C SER A 84 -2.00 5.39 -0.81
N PHE A 85 -3.01 4.61 -0.44
CA PHE A 85 -4.42 4.92 -0.72
C PHE A 85 -5.01 5.96 0.24
N PHE A 86 -4.66 5.88 1.53
CA PHE A 86 -5.10 6.83 2.56
C PHE A 86 -3.91 7.73 2.99
N ASP A 87 -3.54 8.64 2.08
CA ASP A 87 -2.32 9.47 2.18
C ASP A 87 -2.49 10.66 3.15
N ARG A 88 -3.70 11.22 3.19
CA ARG A 88 -4.13 12.22 4.20
C ARG A 88 -4.27 11.57 5.58
N ASN A 89 -4.53 12.38 6.61
CA ASN A 89 -4.76 11.89 7.99
C ASN A 89 -6.10 11.13 8.17
N THR A 90 -6.90 11.01 7.10
CA THR A 90 -8.22 10.33 7.05
C THR A 90 -8.25 8.95 7.71
N LEU A 91 -7.20 8.14 7.59
CA LEU A 91 -7.11 6.81 8.21
C LEU A 91 -7.02 6.88 9.75
N ALA A 92 -6.30 7.87 10.27
CA ALA A 92 -6.13 8.13 11.70
C ALA A 92 -7.30 8.90 12.31
N ASN A 93 -7.98 9.76 11.53
CA ASN A 93 -9.26 10.38 11.93
C ASN A 93 -10.35 9.31 12.08
N SER A 94 -10.49 8.43 11.08
CA SER A 94 -11.47 7.35 11.05
C SER A 94 -11.12 6.17 11.97
N CYS A 95 -12.00 5.18 12.04
CA CYS A 95 -11.88 3.98 12.89
C CYS A 95 -11.09 2.82 12.24
N GLY A 96 -10.40 3.06 11.12
CA GLY A 96 -9.82 2.01 10.28
C GLY A 96 -10.92 1.27 9.49
N THR A 97 -10.67 0.04 9.08
CA THR A 97 -11.64 -0.76 8.33
C THR A 97 -12.86 -1.16 9.17
N GLY A 98 -13.95 -1.55 8.50
CA GLY A 98 -15.22 -2.01 9.08
C GLY A 98 -16.13 -0.90 9.62
N ILE A 99 -15.55 0.13 10.27
CA ILE A 99 -16.22 1.26 10.95
C ILE A 99 -17.06 0.83 12.18
N ARG A 100 -16.99 1.62 13.26
CA ARG A 100 -17.64 1.32 14.56
C ARG A 100 -19.14 1.64 14.58
N SER A 101 -19.53 2.73 13.90
CA SER A 101 -20.90 3.29 13.80
C SER A 101 -21.53 3.75 15.13
N SER A 102 -22.48 4.68 15.04
CA SER A 102 -23.24 5.27 16.15
C SER A 102 -22.41 5.96 17.25
N THR A 103 -21.11 6.18 17.02
CA THR A 103 -20.19 6.91 17.91
C THR A 103 -20.51 8.41 17.97
N ASN A 104 -20.37 9.00 19.17
CA ASN A 104 -20.82 10.37 19.46
C ASN A 104 -19.82 11.48 19.08
N ASP A 105 -18.54 11.14 18.90
CA ASP A 105 -17.45 12.13 18.72
C ASP A 105 -17.44 12.81 17.33
N PRO A 106 -16.91 14.04 17.21
CA PRO A 106 -16.85 14.79 15.95
C PRO A 106 -15.54 14.64 15.15
N ARG A 107 -14.64 13.68 15.44
CA ARG A 107 -13.27 13.65 14.88
C ARG A 107 -13.13 12.80 13.61
N ARG A 108 -14.04 11.86 13.38
CA ARG A 108 -13.99 10.86 12.30
C ARG A 108 -14.26 11.43 10.91
N LYS A 109 -13.82 10.67 9.90
CA LYS A 109 -14.06 10.88 8.46
C LYS A 109 -14.56 9.58 7.80
N PRO A 110 -15.39 9.64 6.74
CA PRO A 110 -15.84 8.44 6.03
C PRO A 110 -14.68 7.83 5.22
N LEU A 111 -14.20 6.66 5.64
CA LEU A 111 -13.10 5.94 4.97
C LEU A 111 -13.61 5.27 3.68
N ASP A 112 -12.83 5.36 2.60
CA ASP A 112 -13.23 4.83 1.28
C ASP A 112 -12.90 3.33 1.16
N SER A 113 -13.70 2.53 1.84
CA SER A 113 -13.46 1.10 2.11
C SER A 113 -13.46 0.16 0.91
N ARG A 114 -13.78 0.66 -0.29
CA ARG A 114 -13.63 -0.11 -1.54
C ARG A 114 -12.17 -0.43 -1.86
N VAL A 115 -11.22 0.39 -1.36
CA VAL A 115 -9.79 0.19 -1.65
C VAL A 115 -9.13 -0.77 -0.67
N LEU A 116 -9.62 -0.84 0.58
CA LEU A 116 -9.21 -1.82 1.59
C LEU A 116 -9.42 -3.25 1.08
N HIS A 117 -10.60 -3.52 0.50
CA HIS A 117 -10.91 -4.81 -0.11
C HIS A 117 -9.91 -5.17 -1.22
N ALA A 118 -9.70 -4.27 -2.19
CA ALA A 118 -8.79 -4.52 -3.30
C ALA A 118 -7.35 -4.78 -2.84
N VAL A 119 -6.79 -3.88 -2.02
CA VAL A 119 -5.44 -4.01 -1.43
C VAL A 119 -5.29 -5.31 -0.66
N LYS A 120 -6.20 -5.63 0.27
CA LYS A 120 -6.03 -6.80 1.15
C LYS A 120 -6.17 -8.12 0.41
N TYR A 121 -7.12 -8.22 -0.54
CA TYR A 121 -7.22 -9.34 -1.47
C TYR A 121 -5.95 -9.48 -2.33
N TYR A 122 -5.51 -8.41 -3.00
CA TYR A 122 -4.31 -8.42 -3.83
C TYR A 122 -3.05 -8.82 -3.05
N CYS A 123 -2.95 -8.40 -1.78
CA CYS A 123 -1.90 -8.81 -0.84
C CYS A 123 -2.04 -10.27 -0.36
N GLN A 124 -3.26 -10.79 -0.22
CA GLN A 124 -3.50 -12.22 0.06
C GLN A 124 -3.04 -13.09 -1.12
N ASN A 125 -3.16 -12.56 -2.34
CA ASN A 125 -2.57 -13.13 -3.55
C ASN A 125 -1.04 -13.02 -3.59
N PHE A 126 -0.48 -11.90 -3.13
CA PHE A 126 0.95 -11.68 -3.06
C PHE A 126 1.66 -12.50 -1.97
N ALA A 127 0.90 -12.97 -0.96
CA ALA A 127 1.40 -13.74 0.17
C ALA A 127 1.28 -15.27 -0.06
N PRO A 128 2.11 -16.10 0.61
CA PRO A 128 1.94 -17.55 0.62
C PRO A 128 0.75 -17.99 1.51
N ASN A 129 0.61 -17.39 2.70
CA ASN A 129 -0.48 -17.61 3.65
C ASN A 129 -0.56 -16.48 4.70
N PHE A 130 -1.21 -15.35 4.35
CA PHE A 130 -1.49 -14.25 5.27
C PHE A 130 -3.01 -14.06 5.47
N LYS A 131 -3.44 -14.01 6.73
CA LYS A 131 -4.87 -13.98 7.12
C LYS A 131 -5.50 -12.59 7.08
N GLU A 132 -6.83 -12.55 7.03
CA GLU A 132 -7.58 -11.28 7.00
C GLU A 132 -7.61 -10.58 8.37
N SER A 133 -7.44 -11.31 9.46
CA SER A 133 -7.40 -10.72 10.82
C SER A 133 -6.18 -9.83 11.02
N GLU A 134 -5.06 -10.13 10.35
CA GLU A 134 -3.89 -9.25 10.30
C GLU A 134 -4.16 -8.03 9.39
N MET A 135 -4.72 -8.24 8.20
CA MET A 135 -5.10 -7.16 7.26
C MET A 135 -6.03 -6.12 7.91
N ASN A 136 -7.02 -6.60 8.66
CA ASN A 136 -8.01 -5.76 9.34
C ASN A 136 -7.43 -5.02 10.55
N ALA A 137 -6.39 -5.58 11.20
CA ALA A 137 -5.63 -4.89 12.24
C ALA A 137 -4.65 -3.85 11.66
N ILE A 138 -4.01 -4.14 10.52
CA ILE A 138 -3.10 -3.22 9.80
C ILE A 138 -3.80 -1.92 9.40
N ALA A 139 -5.03 -2.03 8.91
CA ALA A 139 -5.90 -0.88 8.61
C ALA A 139 -6.15 0.07 9.82
N ALA A 140 -5.90 -0.37 11.06
CA ALA A 140 -5.89 0.47 12.27
C ALA A 140 -4.47 0.77 12.80
N ASP A 141 -3.50 -0.13 12.58
CA ASP A 141 -2.09 -0.01 13.03
C ASP A 141 -1.32 1.09 12.28
N MET A 142 -1.68 1.36 11.01
CA MET A 142 -1.02 2.36 10.14
C MET A 142 -1.43 3.82 10.44
N CYS A 143 -1.65 4.15 11.71
CA CYS A 143 -2.04 5.49 12.19
C CYS A 143 -0.98 6.13 13.11
N THR A 144 0.29 5.73 12.95
CA THR A 144 1.44 6.18 13.77
C THR A 144 2.08 7.48 13.27
N ASN A 145 2.70 8.22 14.20
CA ASN A 145 3.30 9.54 13.95
C ASN A 145 4.84 9.53 13.84
N ALA A 146 5.50 8.48 14.33
CA ALA A 146 6.96 8.37 14.40
C ALA A 146 7.61 8.02 13.04
N ARG A 147 8.89 8.42 12.87
CA ARG A 147 9.76 8.09 11.72
C ARG A 147 10.61 6.82 11.97
N ARG A 148 11.32 6.38 10.93
CA ARG A 148 12.35 5.32 10.99
C ARG A 148 13.50 5.63 10.03
N VAL A 149 14.65 6.07 10.57
CA VAL A 149 15.86 6.48 9.84
C VAL A 149 16.76 5.30 9.40
N VAL A 150 16.16 4.15 9.09
CA VAL A 150 16.87 2.90 8.74
C VAL A 150 17.76 3.03 7.49
N ARG A 151 18.98 2.49 7.57
CA ARG A 151 20.01 2.51 6.51
C ARG A 151 19.77 1.45 5.42
N LYS A 152 20.34 1.67 4.24
CA LYS A 152 20.34 0.73 3.11
C LYS A 152 21.50 -0.27 3.23
N SER A 153 21.25 -1.53 2.87
CA SER A 153 22.23 -2.64 2.93
C SER A 153 22.18 -3.51 1.67
N TRP A 154 23.25 -4.27 1.41
CA TRP A 154 23.48 -5.00 0.15
C TRP A 154 22.66 -6.30 -0.02
N MET A 155 21.75 -6.60 0.91
CA MET A 155 20.84 -7.76 0.92
C MET A 155 21.57 -9.13 0.73
N PRO A 156 22.40 -9.57 1.70
CA PRO A 156 23.10 -10.86 1.66
C PRO A 156 22.17 -12.05 1.44
N LYS A 157 22.70 -13.09 0.77
CA LYS A 157 21.97 -14.31 0.34
C LYS A 157 21.71 -15.35 1.43
N VAL A 158 22.12 -15.09 2.67
CA VAL A 158 21.91 -15.98 3.84
C VAL A 158 20.41 -16.11 4.16
N LYS A 159 19.95 -17.35 4.42
CA LYS A 159 18.54 -17.66 4.70
C LYS A 159 18.07 -17.07 6.04
N VAL A 160 16.82 -16.58 6.08
CA VAL A 160 16.20 -15.95 7.24
C VAL A 160 15.67 -16.96 8.27
N LEU A 161 15.55 -16.53 9.52
CA LEU A 161 14.90 -17.29 10.60
C LEU A 161 13.37 -17.17 10.53
N LYS A 162 12.66 -18.11 11.15
CA LYS A 162 11.18 -18.17 11.18
C LYS A 162 10.58 -17.00 11.98
N ALA A 163 9.44 -16.48 11.51
CA ALA A 163 8.70 -15.38 12.12
C ALA A 163 7.19 -15.46 11.78
N GLU A 164 6.36 -14.69 12.50
CA GLU A 164 4.92 -14.52 12.24
C GLU A 164 4.63 -13.73 10.94
N LEU A 1 15.34 12.26 4.49
CA LEU A 1 13.86 12.23 4.71
C LEU A 1 13.32 10.79 4.68
N PRO A 2 12.15 10.50 5.28
CA PRO A 2 11.60 9.14 5.40
C PRO A 2 11.33 8.42 4.07
N GLU A 3 11.03 9.17 3.01
CA GLU A 3 10.95 8.66 1.63
C GLU A 3 11.51 9.70 0.64
N GLN A 4 12.32 9.22 -0.32
CA GLN A 4 12.94 10.01 -1.39
C GLN A 4 13.02 9.12 -2.66
N VAL A 5 12.05 9.27 -3.56
CA VAL A 5 11.88 8.44 -4.76
C VAL A 5 11.52 9.27 -6.01
N ALA A 6 12.04 8.86 -7.17
CA ALA A 6 11.72 9.41 -8.49
C ALA A 6 11.85 8.31 -9.57
N PRO A 7 11.11 8.39 -10.70
CA PRO A 7 11.19 7.40 -11.78
C PRO A 7 12.45 7.55 -12.66
N GLU A 8 13.09 8.74 -12.64
CA GLU A 8 14.30 9.07 -13.41
C GLU A 8 14.19 8.75 -14.92
N SER A 9 13.04 9.09 -15.52
CA SER A 9 12.71 8.86 -16.93
C SER A 9 13.76 9.41 -17.90
N ARG A 10 14.11 8.61 -18.93
CA ARG A 10 15.05 9.00 -20.00
C ARG A 10 14.44 10.02 -20.97
N ASN A 11 15.28 10.93 -21.49
CA ASN A 11 14.91 11.90 -22.54
C ASN A 11 15.33 11.45 -23.96
N ARG A 12 16.28 10.49 -24.04
CA ARG A 12 16.74 9.81 -25.26
C ARG A 12 16.99 8.32 -24.94
N ILE A 13 16.55 7.41 -25.80
CA ILE A 13 16.52 5.96 -25.51
C ILE A 13 17.92 5.32 -25.57
N ARG A 14 18.21 4.43 -24.60
CA ARG A 14 19.42 3.60 -24.47
C ARG A 14 19.07 2.29 -23.76
N VAL A 15 19.98 1.31 -23.76
CA VAL A 15 19.81 0.00 -23.10
C VAL A 15 19.98 0.05 -21.57
N ARG A 16 20.46 1.18 -21.02
CA ARG A 16 20.67 1.45 -19.59
C ARG A 16 19.68 2.52 -19.11
N GLN A 17 19.08 2.33 -17.93
CA GLN A 17 17.96 3.12 -17.39
C GLN A 17 16.68 3.06 -18.26
N ASP A 18 15.51 3.39 -17.69
CA ASP A 18 14.20 3.17 -18.32
C ASP A 18 13.16 4.25 -17.92
N LEU A 19 11.96 4.18 -18.49
CA LEU A 19 10.78 4.95 -18.09
C LEU A 19 10.08 4.26 -16.91
N ALA A 20 9.92 2.94 -17.00
CA ALA A 20 9.33 2.07 -15.98
C ALA A 20 9.81 0.61 -16.15
N SER A 21 10.72 0.17 -15.27
CA SER A 21 11.24 -1.20 -15.24
C SER A 21 11.88 -1.50 -13.88
N LEU A 22 11.54 -2.66 -13.31
CA LEU A 22 12.05 -3.21 -12.05
C LEU A 22 13.23 -4.19 -12.30
N PRO A 23 14.04 -4.53 -11.28
CA PRO A 23 15.24 -5.36 -11.46
C PRO A 23 14.88 -6.86 -11.57
N ALA A 24 15.79 -7.65 -12.14
CA ALA A 24 15.56 -9.07 -12.45
C ALA A 24 15.20 -9.90 -11.21
N GLU A 25 15.74 -9.54 -10.05
CA GLU A 25 15.47 -10.15 -8.74
C GLU A 25 14.07 -9.88 -8.19
N LEU A 26 13.42 -8.78 -8.57
CA LEU A 26 12.00 -8.51 -8.32
C LEU A 26 11.16 -9.26 -9.35
N ILE A 27 11.56 -9.19 -10.61
CA ILE A 27 10.93 -9.93 -11.72
C ILE A 27 10.84 -11.43 -11.43
N ASN A 28 11.82 -11.99 -10.72
CA ASN A 28 11.81 -13.39 -10.26
C ASN A 28 10.64 -13.72 -9.30
N GLN A 29 10.00 -12.71 -8.72
CA GLN A 29 8.96 -12.81 -7.67
C GLN A 29 7.58 -12.39 -8.21
N ILE A 30 7.55 -11.27 -8.93
CA ILE A 30 6.33 -10.56 -9.38
C ILE A 30 6.19 -10.40 -10.90
N GLY A 31 7.26 -10.61 -11.67
CA GLY A 31 7.30 -10.47 -13.14
C GLY A 31 6.28 -11.34 -13.91
N ASN A 32 5.76 -12.39 -13.27
CA ASN A 32 4.69 -13.25 -13.78
C ASN A 32 3.41 -13.23 -12.92
N ARG A 33 3.30 -12.30 -11.94
CA ARG A 33 2.19 -12.25 -10.94
C ARG A 33 1.53 -10.87 -10.79
N CYS A 34 2.25 -9.78 -11.06
CA CYS A 34 1.76 -8.40 -10.94
C CYS A 34 1.44 -7.74 -12.30
N HIS A 35 0.97 -6.49 -12.28
CA HIS A 35 0.55 -5.70 -13.44
C HIS A 35 1.74 -5.50 -14.41
N PRO A 36 1.55 -5.55 -15.75
CA PRO A 36 2.66 -5.49 -16.71
C PRO A 36 3.25 -4.08 -16.90
N LYS A 37 2.49 -3.04 -16.53
CA LYS A 37 2.86 -1.62 -16.61
C LYS A 37 4.11 -1.24 -15.82
N LEU A 38 4.44 -2.02 -14.80
CA LEU A 38 5.69 -1.93 -14.03
C LEU A 38 6.95 -2.27 -14.85
N TYR A 39 6.78 -2.85 -16.05
CA TYR A 39 7.84 -3.28 -16.97
C TYR A 39 7.66 -2.69 -18.38
N ASP A 40 6.47 -2.20 -18.72
CA ASP A 40 6.13 -1.61 -20.02
C ASP A 40 6.47 -0.11 -20.07
N GLU A 41 7.16 0.31 -21.12
CA GLU A 41 7.57 1.71 -21.35
C GLU A 41 6.36 2.65 -21.46
N GLY A 42 6.20 3.54 -20.47
CA GLY A 42 5.09 4.52 -20.42
C GLY A 42 5.23 5.52 -19.28
N ASP A 43 4.27 6.44 -19.18
CA ASP A 43 4.28 7.56 -18.24
C ASP A 43 4.17 7.10 -16.76
N PRO A 44 5.14 7.39 -15.88
CA PRO A 44 5.10 6.99 -14.46
C PRO A 44 3.88 7.50 -13.66
N SER A 45 3.19 8.54 -14.14
CA SER A 45 1.96 9.08 -13.53
C SER A 45 0.67 8.34 -13.94
N GLU A 46 0.74 7.40 -14.90
CA GLU A 46 -0.42 6.62 -15.36
C GLU A 46 -0.99 5.71 -14.25
N LYS A 47 -2.32 5.52 -14.23
CA LYS A 47 -3.02 4.65 -13.28
C LYS A 47 -3.06 3.18 -13.70
N LEU A 48 -2.95 2.30 -12.71
CA LEU A 48 -2.99 0.84 -12.81
C LEU A 48 -4.17 0.35 -11.93
N GLU A 49 -4.99 -0.57 -12.43
CA GLU A 49 -6.09 -1.14 -11.65
C GLU A 49 -5.56 -2.23 -10.70
N LEU A 50 -5.59 -1.98 -9.40
CA LEU A 50 -4.96 -2.83 -8.39
C LEU A 50 -5.61 -4.23 -8.32
N VAL A 51 -6.94 -4.30 -8.44
CA VAL A 51 -7.71 -5.55 -8.62
C VAL A 51 -8.78 -5.34 -9.69
N THR A 52 -8.76 -6.19 -10.72
CA THR A 52 -9.69 -6.18 -11.85
C THR A 52 -11.16 -6.23 -11.43
N GLY A 53 -11.92 -5.19 -11.78
CA GLY A 53 -13.36 -5.07 -11.55
C GLY A 53 -13.72 -4.25 -10.31
N THR A 54 -12.77 -4.05 -9.38
CA THR A 54 -12.97 -3.15 -8.23
C THR A 54 -12.91 -1.68 -8.62
N ASN A 55 -12.30 -1.36 -9.77
CA ASN A 55 -12.04 0.01 -10.23
C ASN A 55 -11.25 0.84 -9.19
N VAL A 56 -10.31 0.18 -8.49
CA VAL A 56 -9.39 0.81 -7.51
C VAL A 56 -8.05 1.03 -8.19
N TYR A 57 -7.66 2.30 -8.37
CA TYR A 57 -6.50 2.70 -9.16
C TYR A 57 -5.34 3.24 -8.32
N ILE A 58 -4.13 2.78 -8.61
CA ILE A 58 -2.86 3.26 -8.05
C ILE A 58 -1.93 3.78 -9.16
N THR A 59 -1.18 4.86 -8.89
CA THR A 59 -0.17 5.41 -9.80
C THR A 59 0.98 4.42 -10.03
N ARG A 60 1.45 4.27 -11.28
CA ARG A 60 2.53 3.34 -11.65
C ARG A 60 3.77 3.49 -10.76
N ALA A 61 4.29 4.71 -10.64
CA ALA A 61 5.43 5.02 -9.79
C ALA A 61 5.25 4.61 -8.32
N GLN A 62 4.01 4.66 -7.80
CA GLN A 62 3.70 4.29 -6.42
C GLN A 62 3.67 2.77 -6.22
N LEU A 63 3.17 1.99 -7.19
CA LEU A 63 3.21 0.53 -7.09
C LEU A 63 4.64 -0.01 -7.29
N MET A 64 5.43 0.62 -8.18
CA MET A 64 6.88 0.38 -8.28
C MET A 64 7.59 0.68 -6.95
N ASN A 65 7.28 1.81 -6.32
CA ASN A 65 7.80 2.19 -4.99
C ASN A 65 7.41 1.17 -3.90
N CYS A 66 6.17 0.67 -3.90
CA CYS A 66 5.76 -0.43 -3.03
C CYS A 66 6.65 -1.68 -3.23
N HIS A 67 6.93 -2.08 -4.47
CA HIS A 67 7.71 -3.30 -4.75
C HIS A 67 9.22 -3.19 -4.45
N VAL A 68 9.85 -2.03 -4.57
CA VAL A 68 11.30 -1.91 -4.22
C VAL A 68 11.52 -1.86 -2.70
N SER A 69 10.47 -1.45 -1.97
CA SER A 69 10.46 -1.40 -0.50
C SER A 69 10.06 -2.71 0.17
N ALA A 70 9.00 -3.35 -0.36
CA ALA A 70 8.32 -4.49 0.25
C ALA A 70 8.45 -5.80 -0.54
N GLY A 71 9.28 -5.82 -1.59
CA GLY A 71 9.36 -6.93 -2.56
C GLY A 71 9.55 -8.34 -1.97
N THR A 72 10.08 -8.45 -0.74
CA THR A 72 10.31 -9.71 -0.01
C THR A 72 9.42 -9.90 1.25
N ARG A 73 8.73 -8.86 1.71
CA ARG A 73 7.86 -8.87 2.91
C ARG A 73 6.43 -8.40 2.61
N HIS A 74 5.45 -9.29 2.76
CA HIS A 74 4.04 -8.99 2.47
C HIS A 74 3.38 -8.09 3.53
N LYS A 75 3.86 -8.10 4.78
CA LYS A 75 3.37 -7.23 5.85
C LYS A 75 3.82 -5.77 5.66
N VAL A 76 4.99 -5.57 5.07
CA VAL A 76 5.45 -4.24 4.59
C VAL A 76 4.62 -3.82 3.38
N LEU A 77 4.33 -4.73 2.44
CA LEU A 77 3.56 -4.44 1.24
C LEU A 77 2.16 -3.91 1.57
N LEU A 78 1.45 -4.56 2.49
CA LEU A 78 0.14 -4.07 2.94
C LEU A 78 0.25 -2.66 3.52
N ARG A 79 1.23 -2.37 4.38
CA ARG A 79 1.42 -1.04 4.99
C ARG A 79 1.70 0.02 3.92
N ARG A 80 2.65 -0.25 3.01
CA ARG A 80 2.94 0.60 1.83
C ARG A 80 1.69 0.85 0.97
N LEU A 81 0.98 -0.19 0.55
CA LEU A 81 -0.15 -0.09 -0.37
C LEU A 81 -1.39 0.55 0.26
N LEU A 82 -1.65 0.31 1.55
CA LEU A 82 -2.74 0.91 2.32
C LEU A 82 -2.50 2.40 2.57
N ALA A 83 -1.29 2.78 2.99
CA ALA A 83 -0.86 4.18 3.08
C ALA A 83 -0.79 4.90 1.71
N SER A 84 -0.81 4.15 0.61
CA SER A 84 -0.92 4.70 -0.76
C SER A 84 -2.37 5.02 -1.18
N PHE A 85 -3.37 4.57 -0.40
CA PHE A 85 -4.78 4.91 -0.59
C PHE A 85 -5.32 5.85 0.50
N PHE A 86 -4.99 5.61 1.77
CA PHE A 86 -5.47 6.39 2.92
C PHE A 86 -4.38 7.28 3.55
N ASP A 87 -4.73 8.53 3.84
CA ASP A 87 -3.93 9.43 4.67
C ASP A 87 -4.28 9.25 6.16
N ARG A 88 -3.33 9.50 7.06
CA ARG A 88 -3.53 9.35 8.51
C ARG A 88 -4.61 10.30 9.08
N ASN A 89 -4.85 11.46 8.48
CA ASN A 89 -5.96 12.34 8.86
C ASN A 89 -7.33 11.76 8.44
N THR A 90 -7.43 11.26 7.20
CA THR A 90 -8.63 10.56 6.69
C THR A 90 -8.96 9.34 7.55
N LEU A 91 -7.96 8.51 7.85
CA LEU A 91 -8.12 7.32 8.69
C LEU A 91 -8.44 7.67 10.15
N ALA A 92 -7.88 8.74 10.71
CA ALA A 92 -8.21 9.26 12.04
C ALA A 92 -9.66 9.72 12.18
N ASN A 93 -10.27 10.27 11.13
CA ASN A 93 -11.69 10.65 11.11
C ASN A 93 -12.63 9.41 11.15
N SER A 94 -12.10 8.24 10.77
CA SER A 94 -12.71 6.92 10.89
C SER A 94 -12.18 6.15 12.11
N CYS A 95 -12.49 4.86 12.23
CA CYS A 95 -11.90 3.95 13.21
C CYS A 95 -11.46 2.65 12.52
N GLY A 96 -10.22 2.64 12.01
CA GLY A 96 -9.68 1.49 11.26
C GLY A 96 -10.48 1.26 9.97
N THR A 97 -10.74 0.00 9.63
CA THR A 97 -11.53 -0.40 8.45
C THR A 97 -12.94 0.20 8.42
N GLY A 98 -13.54 0.40 9.60
CA GLY A 98 -14.88 0.99 9.78
C GLY A 98 -15.72 0.36 10.90
N ILE A 99 -15.11 -0.36 11.85
CA ILE A 99 -15.79 -1.02 12.97
C ILE A 99 -15.78 -0.13 14.23
N ARG A 100 -16.54 -0.55 15.25
CA ARG A 100 -16.66 0.12 16.56
C ARG A 100 -16.83 -0.91 17.69
N SER A 101 -16.17 -0.69 18.82
CA SER A 101 -16.09 -1.66 19.94
C SER A 101 -17.37 -1.79 20.78
N SER A 102 -18.18 -0.73 20.84
CA SER A 102 -19.31 -0.59 21.78
C SER A 102 -20.52 0.12 21.15
N THR A 103 -21.69 0.01 21.79
CA THR A 103 -22.96 0.68 21.43
C THR A 103 -22.98 2.20 21.65
N ASN A 104 -21.87 2.80 22.13
CA ASN A 104 -21.64 4.24 22.22
C ASN A 104 -21.77 4.92 20.84
N ASP A 105 -22.10 6.21 20.80
CA ASP A 105 -22.45 6.95 19.58
C ASP A 105 -21.31 6.99 18.55
N PRO A 106 -21.57 6.74 17.24
CA PRO A 106 -20.56 6.78 16.18
C PRO A 106 -20.18 8.22 15.80
N ARG A 107 -19.27 8.81 16.59
CA ARG A 107 -18.68 10.15 16.36
C ARG A 107 -17.76 10.18 15.13
N ARG A 108 -17.17 9.04 14.77
CA ARG A 108 -16.33 8.82 13.59
C ARG A 108 -17.17 8.60 12.32
N LYS A 109 -16.60 8.90 11.16
CA LYS A 109 -17.24 8.80 9.83
C LYS A 109 -16.70 7.62 9.00
N PRO A 110 -17.48 7.06 8.05
CA PRO A 110 -17.04 5.90 7.26
C PRO A 110 -15.77 6.16 6.43
N LEU A 111 -14.90 5.15 6.34
CA LEU A 111 -13.72 5.13 5.47
C LEU A 111 -14.12 4.78 4.02
N ASP A 112 -13.27 5.10 3.02
CA ASP A 112 -13.48 4.72 1.61
C ASP A 112 -13.22 3.22 1.37
N SER A 113 -14.10 2.40 1.94
CA SER A 113 -13.96 0.94 2.10
C SER A 113 -13.91 0.12 0.82
N ARG A 114 -14.26 0.71 -0.33
CA ARG A 114 -14.10 0.11 -1.66
C ARG A 114 -12.64 -0.28 -1.98
N VAL A 115 -11.66 0.35 -1.32
CA VAL A 115 -10.22 0.04 -1.56
C VAL A 115 -9.67 -1.03 -0.63
N LEU A 116 -10.33 -1.28 0.51
CA LEU A 116 -9.95 -2.31 1.50
C LEU A 116 -10.11 -3.71 0.94
N HIS A 117 -11.14 -3.94 0.12
CA HIS A 117 -11.32 -5.20 -0.60
C HIS A 117 -10.09 -5.53 -1.47
N ALA A 118 -9.70 -4.60 -2.35
CA ALA A 118 -8.61 -4.83 -3.30
C ALA A 118 -7.23 -4.94 -2.63
N VAL A 119 -6.82 -3.96 -1.80
CA VAL A 119 -5.51 -3.93 -1.11
C VAL A 119 -5.26 -5.21 -0.31
N LYS A 120 -6.25 -5.71 0.46
CA LYS A 120 -6.13 -6.92 1.28
C LYS A 120 -6.05 -8.17 0.41
N TYR A 121 -7.00 -8.36 -0.51
CA TYR A 121 -7.00 -9.51 -1.42
C TYR A 121 -5.73 -9.60 -2.28
N TYR A 122 -5.29 -8.50 -2.87
CA TYR A 122 -4.04 -8.42 -3.64
C TYR A 122 -2.82 -8.82 -2.81
N CYS A 123 -2.77 -8.41 -1.53
CA CYS A 123 -1.69 -8.81 -0.62
C CYS A 123 -1.81 -10.30 -0.22
N GLN A 124 -3.02 -10.86 -0.19
CA GLN A 124 -3.26 -12.29 -0.01
C GLN A 124 -2.93 -13.13 -1.25
N ASN A 125 -3.00 -12.55 -2.45
CA ASN A 125 -2.51 -13.16 -3.70
C ASN A 125 -0.98 -13.19 -3.76
N PHE A 126 -0.34 -12.13 -3.25
CA PHE A 126 1.10 -12.04 -3.04
C PHE A 126 1.62 -12.95 -1.89
N ALA A 127 0.74 -13.35 -0.96
CA ALA A 127 1.03 -14.17 0.22
C ALA A 127 -0.18 -15.01 0.66
N PRO A 128 -0.37 -16.24 0.15
CA PRO A 128 -1.48 -17.12 0.55
C PRO A 128 -1.56 -17.39 2.06
N ASN A 129 -0.42 -17.32 2.74
CA ASN A 129 -0.27 -17.42 4.20
C ASN A 129 -0.75 -16.19 5.00
N PHE A 130 -0.95 -15.04 4.35
CA PHE A 130 -1.20 -13.74 4.99
C PHE A 130 -2.69 -13.57 5.31
N LYS A 131 -3.04 -13.82 6.57
CA LYS A 131 -4.43 -13.83 7.05
C LYS A 131 -5.04 -12.42 7.13
N GLU A 132 -6.36 -12.34 6.99
CA GLU A 132 -7.07 -11.05 7.03
C GLU A 132 -7.09 -10.44 8.43
N SER A 133 -6.93 -11.27 9.47
CA SER A 133 -6.81 -10.83 10.87
C SER A 133 -5.53 -10.02 11.14
N GLU A 134 -4.46 -10.20 10.33
CA GLU A 134 -3.31 -9.29 10.36
C GLU A 134 -3.70 -7.98 9.69
N MET A 135 -4.34 -8.06 8.53
CA MET A 135 -4.64 -6.93 7.66
C MET A 135 -5.59 -5.92 8.31
N ASN A 136 -6.65 -6.41 8.97
CA ASN A 136 -7.61 -5.58 9.69
C ASN A 136 -7.01 -4.94 10.96
N ALA A 137 -6.05 -5.61 11.61
CA ALA A 137 -5.31 -5.07 12.75
C ALA A 137 -4.28 -4.00 12.32
N ILE A 138 -3.61 -4.19 11.18
CA ILE A 138 -2.72 -3.19 10.55
C ILE A 138 -3.49 -1.92 10.17
N ALA A 139 -4.67 -2.06 9.57
CA ALA A 139 -5.55 -0.92 9.25
C ALA A 139 -5.96 -0.08 10.48
N ALA A 140 -6.08 -0.71 11.66
CA ALA A 140 -6.27 -0.03 12.95
C ALA A 140 -4.96 0.57 13.51
N ASP A 141 -3.85 -0.17 13.48
CA ASP A 141 -2.52 0.29 13.91
C ASP A 141 -2.02 1.52 13.12
N MET A 142 -2.48 1.69 11.87
CA MET A 142 -2.17 2.82 11.00
C MET A 142 -2.87 4.14 11.42
N CYS A 143 -3.84 4.11 12.34
CA CYS A 143 -4.50 5.28 12.89
C CYS A 143 -3.54 6.13 13.72
N THR A 144 -4.01 7.33 14.05
CA THR A 144 -3.29 8.32 14.87
C THR A 144 -3.15 7.90 16.34
N ASN A 145 -2.05 8.34 16.94
CA ASN A 145 -1.59 7.91 18.27
C ASN A 145 -2.02 8.86 19.41
N ALA A 146 -2.44 10.08 19.06
CA ALA A 146 -3.00 11.11 19.94
C ALA A 146 -4.00 12.00 19.17
N ARG A 147 -4.80 12.80 19.92
CA ARG A 147 -5.86 13.70 19.41
C ARG A 147 -7.02 12.97 18.68
N ARG A 148 -8.07 13.71 18.32
CA ARG A 148 -9.24 13.28 17.53
C ARG A 148 -9.65 14.42 16.60
N VAL A 149 -9.76 14.11 15.32
CA VAL A 149 -9.93 15.07 14.21
C VAL A 149 -11.39 15.34 13.81
N VAL A 150 -12.35 14.71 14.51
CA VAL A 150 -13.81 14.89 14.29
C VAL A 150 -14.26 16.35 14.47
N ARG A 151 -15.32 16.75 13.74
CA ARG A 151 -15.85 18.14 13.72
C ARG A 151 -16.59 18.51 15.01
N LYS A 152 -16.59 19.81 15.33
CA LYS A 152 -17.23 20.40 16.52
C LYS A 152 -18.76 20.53 16.39
N SER A 153 -19.44 20.76 17.51
CA SER A 153 -20.87 21.09 17.58
C SER A 153 -21.14 22.55 17.17
N TRP A 154 -22.39 22.83 16.83
CA TRP A 154 -22.95 24.17 16.57
C TRP A 154 -23.81 24.71 17.75
N MET A 155 -23.87 23.97 18.86
CA MET A 155 -24.61 24.27 20.10
C MET A 155 -26.10 24.62 19.88
N PRO A 156 -26.95 23.60 19.65
CA PRO A 156 -28.41 23.73 19.57
C PRO A 156 -29.04 24.56 20.69
N LYS A 157 -30.06 25.36 20.34
CA LYS A 157 -30.77 26.31 21.23
C LYS A 157 -29.88 27.32 21.95
N VAL A 158 -28.72 27.64 21.35
CA VAL A 158 -27.73 28.66 21.78
C VAL A 158 -27.28 28.47 23.24
N LYS A 159 -26.46 27.43 23.49
CA LYS A 159 -25.83 27.17 24.78
C LYS A 159 -24.87 28.31 25.19
N VAL A 160 -24.77 28.56 26.50
CA VAL A 160 -23.92 29.61 27.10
C VAL A 160 -23.38 29.17 28.47
N LEU A 161 -22.15 29.57 28.79
CA LEU A 161 -21.45 29.25 30.05
C LEU A 161 -21.36 30.48 30.97
N LYS A 162 -21.26 30.25 32.28
CA LYS A 162 -21.07 31.30 33.31
C LYS A 162 -19.63 31.84 33.35
N ALA A 163 -18.65 30.99 33.04
CA ALA A 163 -17.23 31.34 33.00
C ALA A 163 -16.85 32.23 31.79
N GLU A 164 -15.75 32.98 31.90
CA GLU A 164 -15.20 33.88 30.88
C GLU A 164 -13.66 33.83 30.86
N LEU A 1 -7.39 6.76 23.19
CA LEU A 1 -7.64 5.69 22.19
C LEU A 1 -6.53 5.67 21.12
N PRO A 2 -6.19 4.50 20.54
CA PRO A 2 -5.14 4.37 19.52
C PRO A 2 -5.55 4.89 18.13
N GLU A 3 -6.85 4.93 17.82
CA GLU A 3 -7.40 5.38 16.53
C GLU A 3 -7.43 6.91 16.33
N GLN A 4 -6.46 7.61 16.93
CA GLN A 4 -6.30 9.06 16.90
C GLN A 4 -5.49 9.55 15.69
N VAL A 5 -5.68 10.82 15.31
CA VAL A 5 -4.83 11.51 14.31
C VAL A 5 -3.50 11.90 14.97
N ALA A 6 -2.38 11.40 14.43
CA ALA A 6 -1.05 11.66 14.98
C ALA A 6 -0.51 13.07 14.67
N PRO A 7 0.39 13.62 15.51
CA PRO A 7 1.03 14.93 15.28
C PRO A 7 2.11 14.91 14.18
N GLU A 8 2.55 13.73 13.76
CA GLU A 8 3.58 13.49 12.74
C GLU A 8 3.01 12.63 11.60
N SER A 9 3.43 12.94 10.38
CA SER A 9 3.20 12.16 9.16
C SER A 9 4.47 12.05 8.32
N ARG A 10 4.64 10.91 7.63
CA ARG A 10 5.84 10.53 6.86
C ARG A 10 5.55 10.22 5.38
N ASN A 11 4.34 10.55 4.91
CA ASN A 11 3.93 10.48 3.50
C ASN A 11 4.63 11.60 2.68
N ARG A 12 5.42 11.23 1.67
CA ARG A 12 6.21 12.17 0.83
C ARG A 12 6.44 11.61 -0.59
N ILE A 13 6.36 12.49 -1.60
CA ILE A 13 6.65 12.17 -3.01
C ILE A 13 8.15 12.35 -3.30
N ARG A 14 8.73 11.41 -4.06
CA ARG A 14 10.16 11.35 -4.43
C ARG A 14 10.38 11.26 -5.94
N VAL A 15 11.54 11.78 -6.40
CA VAL A 15 11.88 11.96 -7.84
C VAL A 15 12.91 10.93 -8.35
N ARG A 16 13.61 10.24 -7.44
CA ARG A 16 14.68 9.27 -7.75
C ARG A 16 14.15 7.96 -8.38
N GLN A 17 15.09 7.17 -8.91
CA GLN A 17 14.87 5.91 -9.66
C GLN A 17 14.20 6.08 -11.03
N ASP A 18 14.30 5.06 -11.89
CA ASP A 18 13.82 5.05 -13.28
C ASP A 18 12.28 5.11 -13.42
N LEU A 19 11.81 5.39 -14.64
CA LEU A 19 10.39 5.58 -14.98
C LEU A 19 9.53 4.37 -14.60
N ALA A 20 10.02 3.18 -14.95
CA ALA A 20 9.43 1.88 -14.67
C ALA A 20 10.51 0.76 -14.61
N SER A 21 10.06 -0.50 -14.59
CA SER A 21 10.84 -1.76 -14.61
C SER A 21 11.57 -2.07 -13.30
N LEU A 22 11.09 -3.12 -12.63
CA LEU A 22 11.62 -3.66 -11.39
C LEU A 22 12.92 -4.46 -11.63
N PRO A 23 13.81 -4.59 -10.62
CA PRO A 23 15.08 -5.29 -10.78
C PRO A 23 14.90 -6.81 -10.82
N ALA A 24 15.89 -7.51 -11.39
CA ALA A 24 15.85 -8.95 -11.69
C ALA A 24 15.56 -9.80 -10.44
N GLU A 25 16.00 -9.34 -9.27
CA GLU A 25 15.79 -9.96 -7.97
C GLU A 25 14.33 -9.97 -7.49
N LEU A 26 13.46 -9.06 -7.94
CA LEU A 26 12.01 -9.14 -7.68
C LEU A 26 11.32 -10.00 -8.75
N ILE A 27 11.79 -9.87 -9.99
CA ILE A 27 11.40 -10.70 -11.14
C ILE A 27 11.64 -12.19 -10.83
N ASN A 28 12.64 -12.53 -10.01
CA ASN A 28 12.94 -13.90 -9.58
C ASN A 28 11.86 -14.48 -8.63
N GLN A 29 10.98 -13.63 -8.09
CA GLN A 29 9.98 -13.98 -7.06
C GLN A 29 8.54 -13.88 -7.57
N ILE A 30 8.30 -13.03 -8.59
CA ILE A 30 6.95 -12.69 -9.10
C ILE A 30 6.81 -12.86 -10.63
N GLY A 31 7.91 -12.76 -11.38
CA GLY A 31 7.92 -12.76 -12.84
C GLY A 31 7.45 -11.40 -13.38
N ASN A 32 6.53 -11.42 -14.35
CA ASN A 32 5.82 -10.23 -14.84
C ASN A 32 4.31 -10.25 -14.51
N ARG A 33 3.90 -11.05 -13.51
CA ARG A 33 2.48 -11.34 -13.21
C ARG A 33 1.74 -10.20 -12.50
N CYS A 34 2.42 -9.44 -11.63
CA CYS A 34 1.80 -8.43 -10.76
C CYS A 34 1.56 -7.11 -11.51
N HIS A 35 0.38 -6.98 -12.13
CA HIS A 35 -0.05 -5.79 -12.90
C HIS A 35 1.00 -5.34 -13.93
N PRO A 36 1.18 -6.02 -15.09
CA PRO A 36 2.31 -5.91 -16.03
C PRO A 36 2.85 -4.51 -16.43
N LYS A 37 2.10 -3.43 -16.21
CA LYS A 37 2.57 -2.03 -16.31
C LYS A 37 3.82 -1.73 -15.46
N LEU A 38 4.03 -2.49 -14.38
CA LEU A 38 5.25 -2.44 -13.55
C LEU A 38 6.54 -2.89 -14.27
N TYR A 39 6.43 -3.47 -15.47
CA TYR A 39 7.55 -3.93 -16.31
C TYR A 39 7.54 -3.29 -17.72
N ASP A 40 6.41 -2.70 -18.13
CA ASP A 40 6.27 -1.86 -19.32
C ASP A 40 7.06 -0.54 -19.15
N GLU A 41 7.78 -0.11 -20.18
CA GLU A 41 8.38 1.23 -20.23
C GLU A 41 7.32 2.27 -20.65
N GLY A 42 7.06 3.26 -19.80
CA GLY A 42 5.95 4.20 -19.99
C GLY A 42 5.80 5.26 -18.89
N ASP A 43 4.66 5.95 -18.88
CA ASP A 43 4.40 7.13 -18.05
C ASP A 43 4.25 6.78 -16.54
N PRO A 44 5.11 7.31 -15.65
CA PRO A 44 4.97 7.12 -14.20
C PRO A 44 3.67 7.71 -13.62
N SER A 45 3.07 8.69 -14.28
CA SER A 45 1.81 9.34 -13.86
C SER A 45 0.54 8.58 -14.30
N GLU A 46 0.65 7.52 -15.09
CA GLU A 46 -0.50 6.71 -15.52
C GLU A 46 -1.13 5.95 -14.34
N LYS A 47 -2.47 5.75 -14.34
CA LYS A 47 -3.20 4.97 -13.33
C LYS A 47 -3.32 3.49 -13.71
N LEU A 48 -3.18 2.62 -12.72
CA LEU A 48 -3.20 1.15 -12.83
C LEU A 48 -4.38 0.60 -12.02
N GLU A 49 -5.14 -0.33 -12.60
CA GLU A 49 -6.37 -0.90 -12.03
C GLU A 49 -6.06 -2.02 -11.04
N LEU A 50 -6.06 -1.74 -9.73
CA LEU A 50 -5.56 -2.68 -8.73
C LEU A 50 -6.38 -3.98 -8.70
N VAL A 51 -7.71 -3.86 -8.59
CA VAL A 51 -8.67 -4.97 -8.67
C VAL A 51 -9.86 -4.54 -9.53
N THR A 52 -10.02 -5.19 -10.68
CA THR A 52 -11.10 -4.97 -11.67
C THR A 52 -12.49 -4.91 -11.07
N GLY A 53 -12.80 -5.85 -10.17
CA GLY A 53 -14.08 -6.00 -9.47
C GLY A 53 -14.45 -4.84 -8.53
N THR A 54 -13.47 -4.01 -8.14
CA THR A 54 -13.67 -2.83 -7.28
C THR A 54 -13.63 -1.52 -8.07
N ASN A 55 -12.80 -1.45 -9.11
CA ASN A 55 -12.60 -0.31 -10.02
C ASN A 55 -11.84 0.83 -9.34
N VAL A 56 -10.79 0.46 -8.61
CA VAL A 56 -9.92 1.35 -7.85
C VAL A 56 -8.55 1.40 -8.51
N TYR A 57 -7.95 2.58 -8.52
CA TYR A 57 -6.76 2.87 -9.33
C TYR A 57 -5.64 3.58 -8.53
N ILE A 58 -4.40 3.16 -8.76
CA ILE A 58 -3.17 3.73 -8.19
C ILE A 58 -2.19 4.19 -9.27
N THR A 59 -1.48 5.30 -9.03
CA THR A 59 -0.45 5.84 -9.93
C THR A 59 0.72 4.86 -10.09
N ARG A 60 1.25 4.68 -11.32
CA ARG A 60 2.35 3.74 -11.63
C ARG A 60 3.57 3.98 -10.74
N ALA A 61 4.01 5.24 -10.61
CA ALA A 61 5.13 5.63 -9.74
C ALA A 61 4.93 5.20 -8.28
N GLN A 62 3.68 5.25 -7.78
CA GLN A 62 3.34 4.88 -6.40
C GLN A 62 3.31 3.36 -6.20
N LEU A 63 2.73 2.59 -7.13
CA LEU A 63 2.71 1.14 -7.01
C LEU A 63 4.12 0.56 -7.22
N MET A 64 4.93 1.15 -8.09
CA MET A 64 6.37 0.85 -8.19
C MET A 64 7.09 1.15 -6.86
N ASN A 65 6.86 2.33 -6.27
CA ASN A 65 7.45 2.68 -4.96
C ASN A 65 7.02 1.71 -3.83
N CYS A 66 5.81 1.15 -3.90
CA CYS A 66 5.39 0.06 -3.01
C CYS A 66 6.18 -1.23 -3.31
N HIS A 67 6.30 -1.65 -4.58
CA HIS A 67 6.95 -2.91 -4.95
C HIS A 67 8.48 -2.93 -4.82
N VAL A 68 9.20 -1.79 -4.91
CA VAL A 68 10.66 -1.77 -4.65
C VAL A 68 10.99 -1.83 -3.15
N SER A 69 10.05 -1.37 -2.33
CA SER A 69 10.17 -1.31 -0.86
C SER A 69 9.72 -2.61 -0.19
N ALA A 70 8.58 -3.15 -0.63
CA ALA A 70 7.89 -4.28 -0.01
C ALA A 70 7.87 -5.56 -0.87
N GLY A 71 8.37 -5.53 -2.11
CA GLY A 71 8.26 -6.66 -3.06
C GLY A 71 9.04 -7.93 -2.66
N THR A 72 9.99 -7.83 -1.73
CA THR A 72 10.71 -8.95 -1.10
C THR A 72 10.05 -9.47 0.18
N ARG A 73 8.91 -8.86 0.58
CA ARG A 73 8.08 -9.16 1.77
C ARG A 73 6.59 -9.25 1.35
N HIS A 74 5.66 -9.17 2.32
CA HIS A 74 4.22 -9.02 2.03
C HIS A 74 3.44 -8.25 3.12
N LYS A 75 3.83 -8.35 4.40
CA LYS A 75 3.15 -7.66 5.52
C LYS A 75 3.37 -6.14 5.53
N VAL A 76 4.47 -5.68 4.93
CA VAL A 76 4.77 -4.25 4.68
C VAL A 76 4.15 -3.74 3.39
N LEU A 77 3.91 -4.61 2.39
CA LEU A 77 3.18 -4.23 1.16
C LEU A 77 1.77 -3.74 1.51
N LEU A 78 1.12 -4.40 2.48
CA LEU A 78 -0.13 -3.94 3.10
C LEU A 78 0.02 -2.50 3.61
N ARG A 79 0.98 -2.22 4.51
CA ARG A 79 1.21 -0.88 5.08
C ARG A 79 1.44 0.19 3.99
N ARG A 80 2.33 -0.09 3.05
CA ARG A 80 2.68 0.77 1.91
C ARG A 80 1.46 1.08 1.03
N LEU A 81 0.74 0.06 0.54
CA LEU A 81 -0.35 0.23 -0.40
C LEU A 81 -1.62 0.82 0.23
N LEU A 82 -1.96 0.42 1.46
CA LEU A 82 -3.09 0.96 2.21
C LEU A 82 -2.96 2.47 2.45
N ALA A 83 -1.79 2.91 2.91
CA ALA A 83 -1.44 4.32 3.07
C ALA A 83 -1.45 5.08 1.71
N SER A 84 -0.97 4.44 0.63
CA SER A 84 -0.97 5.00 -0.73
C SER A 84 -2.38 5.28 -1.28
N PHE A 85 -3.38 4.46 -0.92
CA PHE A 85 -4.79 4.72 -1.28
C PHE A 85 -5.45 5.74 -0.35
N PHE A 86 -5.23 5.66 0.97
CA PHE A 86 -5.80 6.56 1.97
C PHE A 86 -4.95 7.83 2.18
N ASP A 87 -4.67 8.53 1.08
CA ASP A 87 -3.76 9.67 0.99
C ASP A 87 -4.29 10.94 1.67
N ARG A 88 -5.62 11.01 1.91
CA ARG A 88 -6.32 12.04 2.68
C ARG A 88 -5.99 12.06 4.19
N ASN A 89 -5.12 11.14 4.66
CA ASN A 89 -4.89 10.80 6.07
C ASN A 89 -6.17 10.24 6.77
N THR A 90 -7.15 9.83 5.96
CA THR A 90 -8.46 9.28 6.34
C THR A 90 -8.34 7.99 7.17
N LEU A 91 -7.28 7.21 6.96
CA LEU A 91 -6.98 5.97 7.69
C LEU A 91 -6.70 6.22 9.18
N ALA A 92 -6.17 7.40 9.54
CA ALA A 92 -5.97 7.85 10.93
C ALA A 92 -7.18 8.62 11.52
N ASN A 93 -8.22 8.88 10.72
CA ASN A 93 -9.45 9.58 11.12
C ASN A 93 -10.62 8.61 11.40
N SER A 94 -10.51 7.34 10.98
CA SER A 94 -11.47 6.28 11.31
C SER A 94 -10.77 5.04 11.92
N CYS A 95 -11.54 3.99 12.22
CA CYS A 95 -11.10 2.81 12.99
C CYS A 95 -10.23 1.80 12.19
N GLY A 96 -9.41 2.29 11.24
CA GLY A 96 -8.60 1.45 10.33
C GLY A 96 -9.39 0.76 9.22
N THR A 97 -10.65 0.38 9.47
CA THR A 97 -11.56 -0.25 8.51
C THR A 97 -12.75 0.66 8.19
N GLY A 98 -13.55 1.06 9.19
CA GLY A 98 -14.63 2.08 9.11
C GLY A 98 -15.86 1.72 8.25
N ILE A 99 -15.65 0.93 7.19
CA ILE A 99 -16.63 0.32 6.27
C ILE A 99 -17.76 1.27 5.83
N ARG A 100 -17.34 2.50 5.51
CA ARG A 100 -18.16 3.68 5.15
C ARG A 100 -19.34 3.98 6.12
N SER A 101 -19.33 3.40 7.32
CA SER A 101 -20.46 3.41 8.27
C SER A 101 -20.31 4.35 9.46
N SER A 102 -19.08 4.66 9.89
CA SER A 102 -18.78 5.55 11.04
C SER A 102 -19.49 5.14 12.34
N THR A 103 -19.58 3.83 12.61
CA THR A 103 -20.40 3.22 13.68
C THR A 103 -19.61 2.98 14.98
N ASN A 104 -20.35 2.70 16.06
CA ASN A 104 -19.88 2.42 17.44
C ASN A 104 -19.14 3.58 18.16
N ASP A 105 -18.60 4.57 17.45
CA ASP A 105 -18.08 5.82 18.01
C ASP A 105 -18.27 6.98 17.00
N PRO A 106 -18.85 8.14 17.40
CA PRO A 106 -19.23 9.21 16.48
C PRO A 106 -18.07 10.06 15.93
N ARG A 107 -16.85 9.89 16.44
CA ARG A 107 -15.63 10.57 15.95
C ARG A 107 -15.11 9.99 14.63
N ARG A 108 -15.44 8.73 14.33
CA ARG A 108 -15.05 7.98 13.13
C ARG A 108 -15.63 8.59 11.85
N LYS A 109 -15.03 8.26 10.71
CA LYS A 109 -15.32 8.82 9.37
C LYS A 109 -15.56 7.73 8.31
N PRO A 110 -16.19 8.06 7.15
CA PRO A 110 -16.52 7.07 6.11
C PRO A 110 -15.29 6.59 5.29
N LEU A 111 -14.45 5.76 5.91
CA LEU A 111 -13.27 5.16 5.28
C LEU A 111 -13.68 4.17 4.18
N ASP A 112 -13.10 4.30 2.98
CA ASP A 112 -13.57 3.63 1.77
C ASP A 112 -13.33 2.10 1.76
N SER A 113 -14.41 1.34 1.94
CA SER A 113 -14.41 -0.13 1.95
C SER A 113 -14.00 -0.77 0.63
N ARG A 114 -14.13 -0.03 -0.48
CA ARG A 114 -13.82 -0.53 -1.83
C ARG A 114 -12.32 -0.64 -2.11
N VAL A 115 -11.52 0.25 -1.50
CA VAL A 115 -10.05 0.22 -1.63
C VAL A 115 -9.44 -0.73 -0.59
N LEU A 116 -10.02 -0.82 0.62
CA LEU A 116 -9.71 -1.84 1.63
C LEU A 116 -9.85 -3.25 1.05
N HIS A 117 -11.00 -3.56 0.43
CA HIS A 117 -11.21 -4.85 -0.22
C HIS A 117 -10.12 -5.14 -1.26
N ALA A 118 -9.82 -4.19 -2.14
CA ALA A 118 -8.85 -4.40 -3.22
C ALA A 118 -7.42 -4.59 -2.69
N VAL A 119 -6.92 -3.69 -1.84
CA VAL A 119 -5.58 -3.75 -1.23
C VAL A 119 -5.40 -5.04 -0.42
N LYS A 120 -6.35 -5.39 0.47
CA LYS A 120 -6.28 -6.61 1.28
C LYS A 120 -6.20 -7.87 0.41
N TYR A 121 -7.12 -8.03 -0.55
CA TYR A 121 -7.12 -9.14 -1.51
C TYR A 121 -5.81 -9.19 -2.32
N TYR A 122 -5.40 -8.08 -2.93
CA TYR A 122 -4.20 -7.97 -3.74
C TYR A 122 -2.93 -8.34 -2.96
N CYS A 123 -2.83 -7.93 -1.68
CA CYS A 123 -1.74 -8.31 -0.79
C CYS A 123 -1.82 -9.77 -0.35
N GLN A 124 -3.03 -10.32 -0.16
CA GLN A 124 -3.25 -11.74 0.15
C GLN A 124 -2.84 -12.65 -1.01
N ASN A 125 -3.04 -12.20 -2.26
CA ASN A 125 -2.60 -12.90 -3.47
C ASN A 125 -1.06 -12.86 -3.64
N PHE A 126 -0.41 -11.80 -3.17
CA PHE A 126 1.04 -11.67 -3.14
C PHE A 126 1.72 -12.49 -2.02
N ALA A 127 0.96 -12.89 -0.99
CA ALA A 127 1.46 -13.56 0.21
C ALA A 127 1.28 -15.10 0.19
N PRO A 128 2.08 -15.87 0.95
CA PRO A 128 1.95 -17.32 1.04
C PRO A 128 0.89 -17.80 2.05
N ASN A 129 0.71 -17.09 3.18
CA ASN A 129 -0.11 -17.54 4.32
C ASN A 129 -0.76 -16.39 5.14
N PHE A 130 -0.67 -15.14 4.66
CA PHE A 130 -1.07 -13.93 5.41
C PHE A 130 -2.60 -13.80 5.50
N LYS A 131 -3.15 -13.61 6.71
CA LYS A 131 -4.61 -13.62 6.97
C LYS A 131 -5.22 -12.20 7.03
N GLU A 132 -6.53 -12.11 6.82
CA GLU A 132 -7.24 -10.82 6.87
C GLU A 132 -7.37 -10.26 8.31
N SER A 133 -7.33 -11.14 9.31
CA SER A 133 -7.34 -10.73 10.73
C SER A 133 -6.09 -9.94 11.14
N GLU A 134 -4.95 -10.17 10.46
CA GLU A 134 -3.78 -9.30 10.57
C GLU A 134 -4.02 -7.99 9.81
N MET A 135 -4.53 -8.07 8.59
CA MET A 135 -4.76 -6.90 7.74
C MET A 135 -5.67 -5.85 8.39
N ASN A 136 -6.77 -6.27 9.00
CA ASN A 136 -7.72 -5.39 9.69
C ASN A 136 -7.14 -4.78 10.99
N ALA A 137 -6.25 -5.50 11.69
CA ALA A 137 -5.55 -5.01 12.87
C ALA A 137 -4.45 -4.00 12.51
N ILE A 138 -3.61 -4.33 11.53
CA ILE A 138 -2.55 -3.47 10.98
C ILE A 138 -3.15 -2.17 10.40
N ALA A 139 -4.28 -2.26 9.71
CA ALA A 139 -5.01 -1.08 9.23
C ALA A 139 -5.37 -0.08 10.35
N ALA A 140 -5.71 -0.56 11.56
CA ALA A 140 -5.94 0.28 12.73
C ALA A 140 -4.64 0.73 13.42
N ASP A 141 -3.61 -0.12 13.44
CA ASP A 141 -2.25 0.22 13.91
C ASP A 141 -1.59 1.36 13.13
N MET A 142 -2.06 1.66 11.91
CA MET A 142 -1.56 2.74 11.06
C MET A 142 -1.85 4.17 11.59
N CYS A 143 -2.76 4.31 12.56
CA CYS A 143 -3.20 5.61 13.10
C CYS A 143 -2.05 6.38 13.78
N THR A 144 -1.25 5.68 14.59
CA THR A 144 -0.07 6.21 15.30
C THR A 144 1.26 5.87 14.61
N ASN A 145 2.32 6.62 14.94
CA ASN A 145 3.68 6.38 14.43
C ASN A 145 4.45 5.30 15.21
N ALA A 146 3.89 4.81 16.33
CA ALA A 146 4.43 3.76 17.18
C ALA A 146 3.34 2.76 17.63
N ARG A 147 3.76 1.57 18.06
CA ARG A 147 2.90 0.46 18.53
C ARG A 147 2.20 0.74 19.85
N ARG A 148 1.18 -0.08 20.15
CA ARG A 148 0.27 -0.01 21.30
C ARG A 148 0.23 -1.34 22.05
N VAL A 149 0.92 -1.39 23.19
CA VAL A 149 1.18 -2.61 24.00
C VAL A 149 -0.04 -3.17 24.77
N VAL A 150 -1.16 -2.44 24.84
CA VAL A 150 -2.34 -2.78 25.67
C VAL A 150 -3.64 -2.66 24.88
N ARG A 151 -4.62 -3.50 25.23
CA ARG A 151 -5.98 -3.57 24.64
C ARG A 151 -7.06 -3.84 25.70
N LYS A 152 -8.34 -3.73 25.31
CA LYS A 152 -9.50 -4.13 26.11
C LYS A 152 -9.48 -5.64 26.41
N SER A 153 -9.92 -6.03 27.61
CA SER A 153 -9.99 -7.43 28.06
C SER A 153 -10.95 -8.28 27.22
N TRP A 154 -10.38 -9.26 26.53
CA TRP A 154 -11.08 -10.32 25.80
C TRP A 154 -10.15 -11.51 25.60
N MET A 155 -10.56 -12.67 26.10
CA MET A 155 -9.90 -13.96 25.88
C MET A 155 -10.49 -14.67 24.64
N PRO A 156 -9.80 -14.70 23.48
CA PRO A 156 -10.23 -15.45 22.30
C PRO A 156 -10.30 -16.97 22.55
N LYS A 157 -11.16 -17.66 21.80
CA LYS A 157 -11.30 -19.13 21.83
C LYS A 157 -10.12 -19.82 21.14
N VAL A 158 -9.58 -20.87 21.78
CA VAL A 158 -8.49 -21.72 21.24
C VAL A 158 -8.80 -23.20 21.46
N LYS A 159 -9.14 -23.59 22.69
CA LYS A 159 -9.62 -24.93 23.07
C LYS A 159 -11.15 -25.00 23.10
N VAL A 160 -11.69 -26.22 23.23
CA VAL A 160 -13.13 -26.50 23.35
C VAL A 160 -13.75 -25.88 24.62
N LEU A 161 -15.07 -25.65 24.60
CA LEU A 161 -15.82 -25.06 25.71
C LEU A 161 -15.95 -25.99 26.93
N LYS A 162 -16.31 -25.43 28.09
CA LYS A 162 -16.27 -26.06 29.43
C LYS A 162 -17.52 -26.86 29.84
N ALA A 163 -18.42 -27.17 28.89
CA ALA A 163 -19.63 -27.97 29.16
C ALA A 163 -19.31 -29.44 29.49
N GLU A 164 -20.22 -30.10 30.23
CA GLU A 164 -20.12 -31.52 30.65
C GLU A 164 -20.57 -32.50 29.55
#